data_6PE5
#
_entry.id   6PE5
#
_cell.length_a   1.00
_cell.length_b   1.00
_cell.length_c   1.00
_cell.angle_alpha   90.00
_cell.angle_beta   90.00
_cell.angle_gamma   90.00
#
_symmetry.space_group_name_H-M   'P 1'
#
loop_
_entity.id
_entity.type
_entity.pdbx_description
1 polymer 'V-type proton ATPase subunit a, vacuolar isoform'
2 polymer 'V0 assembly protein 1'
3 polymer 'V-type proton ATPase subunit d'
4 polymer 'V-type proton ATPase subunit e'
5 polymer 'Uncharacterized protein YPR170W-B'
6 polymer "V-type proton ATPase subunit c''"
7 polymer "V-type proton ATPase subunit c'"
8 polymer 'V-type proton ATPase subunit c'
9 polymer 'Cation transporter'
#
loop_
_entity_poly.entity_id
_entity_poly.type
_entity_poly.pdbx_seq_one_letter_code
_entity_poly.pdbx_strand_id
1 'polypeptide(L)'
;MAEKEEAIFRSAEMALVQFYIPQEISRDSAYTLGQLGLVQFRDLNSKVRAFQRTFVNEIRRLDNVERQYRYFYSLLKKHD
IKLYEGDTDKYLDGSGELYVPPSGSVIDDYVRNASYLEERLIQMEDATDQIEVQKNDLEQYRFILQSGDEFFLKGDNTDS
TSYMDEDMIDANGENIAAAIGASVNYVTGVIARDKVATLEQILWRVLRGNLFFKTVEIEQPVYDVKTREYKHKNAFIVFS
HGDLIIKRIRKIAESLDANLYDVDSSNEGRSQQLAKVNKNLSDLYTVLKTTSTTLESELYAIAKELDSWFQDVTREKAIF
EILNKSNYDTNRKILIAEGWIPRDELATLQARLGEMIARLGIDVPSIIQVLDTNHTPPTFHRTNKFTAGFQSICDCYGIA
QYREINAGLPTIVTFPFMFAIMFGDMGHGFLMTLAALSLVLNEKKINKMKRGEIFDMAFTGRYIILLMGVFSMYTGFLYN
DIFSKTMTIFKSGWKWPDHWKKGESITATSVGTYPIGLDWAWHGTENALLFSNSYKMKLSILMGFIHMTYSYFFSLANHL
YFNSMIDIIGNFIPGLLFMQGIFGYLSVCIVYKWAVDWVKDGKPAPGLLNMLINMFLSPGTIDDELYPHQAKVQVFLLLM
ALVCIPWLLLVKPLHFKFTHKKKSHEPLPSTEADASSEDLEAQQLISAMDADDAEEEEVGSGSHGEDFGDIMIHQVIHTI
EFCLNCVSHTASYLRLWALSLAHAQLSSVLWTMTIQIAFGFRGFVGVFMTVALFAMWFALTCAVLVLMEGTSAMLHSLRL
HWVESMSKFFVGEGLPYEPFAFEYKDMEVAVASASSSASSSMEKRRWKKNFIAVSAANRFKKISSSGALDYDIPTTASEN
LYFQGELKTAALAQHDEAVDNFNKEQQNAFYEILHLPNLNEEQRNAFIQSLKDDPSQSANLLAEAKKLNDAQAPKVDNFN
KEQQNAFYEILHLPNLNEEQRNAFIQSLKDDPSQSANLLAEAKKLNDAQAPK
;
A
2 'polypeptide(L)'
;MVFGQLYALFIFTLSCCISKTVQADSSKESSSFISFDKESNWDTISTISSTADVISSVDSAIAVFEFDNFSLLDNLMIDE
EYPFFNRFFANDVSLTVHDDSPLNISQSLSPIMEQFTVDELPESASDLLYEYSLDDKSIVLFKFTSDAYDLKKLDEFIDS
CLSFLEDKSGDNLTVVINSLGWAFEDEDGDDEYATEETLSHHDNNKGKEGDDDILSSIWTEGLLMCLIVSALLLFILIVA
LSWISNLDITYGALEKSTNPIKKNN
;
B
3 'polypeptide(L)'
;MEGVYFNIDNGFIEGVVRGYRNGLLSNNQYINLTQCDTLEDLKLQLSSTDYGNFLSSVSSESLTTSLIQEYASSKLYHEF
NYIRDQSSGSTRKFMDYITYGYMIDNVALMITGTIHDRDKGEILQRCHPLGWFDTLPTLSVATDLESLYETVLVDTPLAP
YFKNCFDTAEELDDMNIEIIRNKLYKAYLEDFYNFVTEEIPEPAKECMQTLLGFEADRRSINIALNSLQSSDIDPDLKSD
LLPNIGKLYPLATFHLAQAQDFEGVRAALANVYEYRGFLETGNLEDHFYQLEMELCRDAFTQQFAISTVWAWMKSKEQEV
RNITWIAECIAQNQRERINNYISVY
;
D
4 'polypeptide(L)' MSSFYTVVGVFIVVSAMSVLFWIMAPKNNQAVWRSTVILTLAMMFLMWAITFLCQLHPLVAPRRSDLRPEFAE E
5 'polypeptide(L)'
;MRPVVSTGKAWCCTVLSAFGVVILSVIAHLFNTNHESFVGSINDPEDGPAVAHTVYLAALVYLVFFVFCGFQVYLARRKP
SIELR
;
F
6 'polypeptide(L)'
;MNKESKDDDMSLGKFSFSHFLYYLVLIVVIVYGLYKLFTGHGSDINFGKFLLRTSPYMWANLGIALCVGLSVVGAAWGIF
ITGSSMIGAGVRAPRITTKNLISIIFCEVVAIYGLIIAIVFSSKLTVATAENMYSKSNLYTGYSLFWAGITVGASNLICG
IAVGITGATAAISDAADSALFVKILVIEIFGSILGLLGLIVGLLMAGKASEFQ
;
G
7 'polypeptide(L)'
;MSTQLASNIYAPLYAPFFGFAGCAAAMVLSCLGAAIGTAKSGIGIAGIGTFKPELIMKSLIPVVMSGILAIYGLVVAVLI
AGNLSPTEDYTLFNGFMHLSCGLCVGFACLSSGYAIGMVGDVGVRKYMHQPRLFVGIVLILIFSEVLGLYGMIVALILNT
RGSE
;
H
8 'polypeptide(L)'
;MTELCPVYAPFFGAIGCASAIIFTSLGAAYGTAKSGVGICATCVLRPDLLFKNIVPVIMAGIIAIYGLVVSVLVCYSLGQ
KQALYTGFIQLGAGLSVGLSGLAAGFAIGIVGDAGVRGSSQQPRLFVGMILILIFAEVLGLYGLIVALLLNSRATQDVVC
;
I,J,K,L,M,N,O,P
9 'polypeptide(L)'
;MGSSHHHHHHSQDLDEVDAGSMVNTTQKISQSPVPDLEQFRAIAAQKDDRVISKRGEVKEPSTFHKGHKFASVSEGVLRK
KYTKFFQENIKTHLDLKQALLKEEKPETALLAYSLVSPSGYRGEPLTERKILEVVSLLDEVKVDGDTYQQLKNTFDSISK
DPRMQVSLENQYPGKMDGFGAQLLEMGKEKLKGSGVNAAINLALPGVGLLVATGRELHKASVNGDAEAYHHQLEQISQLP
GRDQRLSMPMQQTLAIGHAMLSAEGAVGATLGMATGGLGTFGVSSVATAGVTPIAKEAIGTALTTGIISGGGFVAGQAGA
YGLNNEVQDQLKQGPMSGVLPRLEISNVKGDFTFSMQEPAAVRALMAYLGPKEDTSMSSPQAPKEAQEMEAARLTLKQML
GSSPNEHLVPDVDSLLKLSDEDMPSQTESTANGAFKKLLSEDWDWLMPAVRAMDKGEAGKINEKLTYKLPLDAANGRVYL
DKSPNLSDAQLDALDKLGSPSQLRLMYLAEGWI
;
Q,R
#
# COMPACT_ATOMS: atom_id res chain seq x y z
N GLU A 3 41.92 -46.73 -37.25
CA GLU A 3 42.32 -45.34 -37.47
C GLU A 3 41.11 -44.41 -37.38
N LYS A 4 40.96 -43.78 -36.22
CA LYS A 4 39.92 -42.80 -35.99
C LYS A 4 40.54 -41.53 -35.43
N GLU A 5 40.08 -40.38 -35.90
CA GLU A 5 40.59 -39.12 -35.39
C GLU A 5 40.12 -38.91 -33.94
N GLU A 6 40.91 -38.16 -33.19
CA GLU A 6 40.69 -38.07 -31.76
C GLU A 6 39.55 -37.11 -31.42
N ALA A 7 39.54 -35.93 -32.06
CA ALA A 7 38.50 -34.92 -31.93
C ALA A 7 38.31 -34.45 -30.49
N ILE A 8 39.44 -34.15 -29.83
CA ILE A 8 39.39 -33.48 -28.54
C ILE A 8 39.93 -32.04 -28.64
N PHE A 9 40.78 -31.74 -29.62
CA PHE A 9 41.18 -30.36 -29.85
C PHE A 9 40.10 -29.60 -30.61
N ARG A 10 39.52 -30.23 -31.63
CA ARG A 10 38.39 -29.68 -32.36
C ARG A 10 37.26 -30.68 -32.37
N SER A 11 36.24 -30.45 -33.19
CA SER A 11 35.12 -31.37 -33.33
C SER A 11 35.54 -32.55 -34.21
N ALA A 12 34.60 -33.44 -34.50
CA ALA A 12 34.84 -34.51 -35.45
C ALA A 12 34.22 -34.16 -36.79
N GLU A 13 34.86 -34.61 -37.87
CA GLU A 13 34.39 -34.30 -39.21
C GLU A 13 33.17 -35.14 -39.54
N MET A 14 32.15 -34.50 -40.11
CA MET A 14 30.85 -35.12 -40.31
C MET A 14 30.59 -35.40 -41.79
N ALA A 15 29.52 -36.19 -42.01
CA ALA A 15 29.01 -36.47 -43.33
C ALA A 15 27.50 -36.49 -43.28
N LEU A 16 26.86 -36.11 -44.38
CA LEU A 16 25.42 -36.25 -44.55
C LEU A 16 25.19 -37.35 -45.57
N VAL A 17 24.46 -38.39 -45.16
CA VAL A 17 24.27 -39.59 -45.95
C VAL A 17 22.78 -39.78 -46.20
N GLN A 18 22.41 -40.01 -47.46
CA GLN A 18 21.03 -40.21 -47.87
C GLN A 18 20.75 -41.70 -48.03
N PHE A 19 19.70 -42.19 -47.38
CA PHE A 19 19.35 -43.61 -47.34
C PHE A 19 18.23 -43.88 -48.33
N TYR A 20 18.41 -44.90 -49.17
CA TYR A 20 17.39 -45.34 -50.12
C TYR A 20 16.88 -46.68 -49.64
N ILE A 21 15.90 -46.66 -48.75
CA ILE A 21 15.43 -47.86 -48.06
C ILE A 21 14.16 -48.35 -48.73
N PRO A 22 14.10 -49.59 -49.21
CA PRO A 22 12.84 -50.14 -49.71
C PRO A 22 11.85 -50.33 -48.57
N GLN A 23 10.56 -50.40 -48.95
CA GLN A 23 9.50 -50.46 -47.95
C GLN A 23 9.48 -51.82 -47.26
N GLU A 24 9.71 -52.90 -48.00
CA GLU A 24 9.53 -54.24 -47.44
C GLU A 24 10.62 -54.61 -46.44
N ILE A 25 11.73 -53.88 -46.42
CA ILE A 25 12.78 -54.09 -45.44
C ILE A 25 13.00 -52.86 -44.57
N SER A 26 12.06 -51.90 -44.57
CA SER A 26 12.29 -50.63 -43.89
C SER A 26 12.20 -50.78 -42.37
N ARG A 27 11.14 -51.44 -41.92
CA ARG A 27 10.94 -51.75 -40.50
C ARG A 27 12.14 -52.52 -39.96
N ASP A 28 12.62 -53.49 -40.74
CA ASP A 28 13.75 -54.32 -40.30
C ASP A 28 15.06 -53.54 -40.33
N SER A 29 15.20 -52.62 -41.29
CA SER A 29 16.46 -51.90 -41.43
C SER A 29 16.62 -50.82 -40.37
N ALA A 30 15.51 -50.28 -39.87
CA ALA A 30 15.61 -49.25 -38.83
C ALA A 30 16.10 -49.83 -37.50
N TYR A 31 15.91 -51.13 -37.25
CA TYR A 31 16.52 -51.74 -36.08
C TYR A 31 18.02 -51.80 -36.19
N THR A 32 18.54 -52.15 -37.36
CA THR A 32 19.99 -52.20 -37.55
C THR A 32 20.59 -50.79 -37.48
N LEU A 33 19.88 -49.81 -38.04
CA LEU A 33 20.28 -48.41 -37.90
C LEU A 33 20.21 -47.91 -36.46
N GLY A 34 19.38 -48.53 -35.63
CA GLY A 34 19.32 -48.16 -34.22
C GLY A 34 20.26 -48.92 -33.31
N GLN A 35 20.68 -50.13 -33.71
CA GLN A 35 21.58 -50.92 -32.86
C GLN A 35 22.99 -50.35 -32.88
N LEU A 36 23.40 -49.76 -34.00
CA LEU A 36 24.56 -48.89 -34.01
C LEU A 36 24.09 -47.49 -33.68
N GLY A 37 24.62 -46.92 -32.61
CA GLY A 37 24.16 -45.62 -32.18
C GLY A 37 25.03 -44.50 -32.70
N LEU A 38 25.07 -44.29 -34.01
CA LEU A 38 25.91 -43.22 -34.52
C LEU A 38 25.33 -42.49 -35.73
N VAL A 39 24.00 -42.47 -35.88
CA VAL A 39 23.35 -41.68 -36.93
C VAL A 39 22.31 -40.78 -36.29
N GLN A 40 22.42 -39.49 -36.55
CA GLN A 40 21.43 -38.51 -36.12
C GLN A 40 20.57 -38.12 -37.31
N PHE A 41 19.29 -38.46 -37.27
CA PHE A 41 18.38 -38.18 -38.38
C PHE A 41 17.83 -36.77 -38.29
N ARG A 42 17.80 -36.09 -39.42
CA ARG A 42 17.16 -34.79 -39.51
C ARG A 42 15.74 -34.97 -40.04
N ASP A 43 14.87 -34.02 -39.70
CA ASP A 43 13.45 -34.13 -40.02
C ASP A 43 13.22 -33.67 -41.45
N LEU A 44 12.87 -34.61 -42.32
CA LEU A 44 12.56 -34.28 -43.70
C LEU A 44 11.11 -33.89 -43.90
N ASN A 45 10.21 -34.36 -43.03
CA ASN A 45 8.80 -34.03 -43.12
C ASN A 45 8.44 -32.83 -42.26
N SER A 46 9.17 -31.73 -42.44
CA SER A 46 8.76 -30.48 -41.84
C SER A 46 7.57 -29.92 -42.60
N LYS A 47 6.86 -28.98 -41.95
CA LYS A 47 5.67 -28.30 -42.45
C LYS A 47 4.53 -29.27 -42.77
N VAL A 48 4.53 -30.44 -42.14
CA VAL A 48 3.45 -31.41 -42.22
C VAL A 48 2.95 -31.64 -40.79
N ARG A 49 1.64 -31.55 -40.60
CA ARG A 49 1.04 -31.58 -39.28
C ARG A 49 1.20 -32.97 -38.66
N ALA A 50 1.14 -33.03 -37.33
CA ALA A 50 1.45 -34.23 -36.59
C ALA A 50 0.45 -35.36 -36.82
N PHE A 51 -0.78 -35.04 -37.21
CA PHE A 51 -1.77 -36.06 -37.50
C PHE A 51 -1.82 -36.43 -38.97
N GLN A 52 -1.23 -35.61 -39.85
CA GLN A 52 -1.26 -35.87 -41.28
C GLN A 52 -0.11 -36.73 -41.76
N ARG A 53 0.87 -37.02 -40.89
CA ARG A 53 2.05 -37.74 -41.31
C ARG A 53 1.74 -39.21 -41.56
N THR A 54 2.65 -39.88 -42.25
CA THR A 54 2.55 -41.32 -42.35
C THR A 54 3.00 -41.96 -41.05
N PHE A 55 2.60 -43.21 -40.85
CA PHE A 55 2.83 -44.00 -39.63
C PHE A 55 2.32 -43.27 -38.38
N VAL A 56 1.00 -43.03 -38.35
CA VAL A 56 0.37 -42.49 -37.16
C VAL A 56 -0.49 -43.51 -36.43
N ASN A 57 -1.15 -44.44 -37.14
CA ASN A 57 -1.90 -45.47 -36.47
C ASN A 57 -0.96 -46.50 -35.84
N GLU A 58 0.23 -46.67 -36.42
CA GLU A 58 1.29 -47.46 -35.81
C GLU A 58 1.95 -46.76 -34.63
N ILE A 59 1.61 -45.50 -34.37
CA ILE A 59 1.96 -44.86 -33.10
C ILE A 59 0.80 -44.96 -32.12
N ARG A 60 -0.44 -44.85 -32.62
CA ARG A 60 -1.61 -44.88 -31.74
C ARG A 60 -1.81 -46.24 -31.09
N ARG A 61 -1.64 -47.32 -31.86
CA ARG A 61 -1.75 -48.66 -31.30
C ARG A 61 -0.66 -48.92 -30.25
N LEU A 62 0.56 -48.50 -30.56
CA LEU A 62 1.69 -48.80 -29.69
C LEU A 62 1.65 -47.98 -28.41
N ASP A 63 1.22 -46.72 -28.47
CA ASP A 63 1.14 -46.00 -27.20
C ASP A 63 -0.18 -46.25 -26.47
N ASN A 64 -1.17 -46.86 -27.11
CA ASN A 64 -2.26 -47.48 -26.35
C ASN A 64 -1.73 -48.64 -25.51
N VAL A 65 -0.83 -49.44 -26.09
CA VAL A 65 -0.19 -50.52 -25.33
C VAL A 65 0.66 -49.95 -24.20
N GLU A 66 1.38 -48.85 -24.47
CA GLU A 66 2.12 -48.13 -23.43
C GLU A 66 1.23 -47.65 -22.30
N ARG A 67 0.06 -47.10 -22.66
CA ARG A 67 -0.90 -46.60 -21.67
C ARG A 67 -1.45 -47.74 -20.80
N GLN A 68 -1.71 -48.90 -21.40
CA GLN A 68 -2.18 -50.02 -20.60
C GLN A 68 -1.08 -50.58 -19.72
N TYR A 69 0.18 -50.53 -20.17
CA TYR A 69 1.27 -50.91 -19.27
C TYR A 69 1.43 -49.93 -18.12
N ARG A 70 1.16 -48.64 -18.37
CA ARG A 70 1.20 -47.65 -17.28
C ARG A 70 0.08 -47.91 -16.28
N TYR A 71 -1.11 -48.28 -16.77
CA TYR A 71 -2.20 -48.64 -15.87
C TYR A 71 -1.86 -49.88 -15.03
N PHE A 72 -1.19 -50.86 -15.67
CA PHE A 72 -0.76 -52.06 -14.94
C PHE A 72 0.25 -51.72 -13.84
N TYR A 73 1.25 -50.91 -14.17
CA TYR A 73 2.27 -50.59 -13.17
C TYR A 73 1.73 -49.68 -12.07
N SER A 74 0.71 -48.88 -12.38
CA SER A 74 0.03 -48.15 -11.31
C SER A 74 -0.73 -49.12 -10.41
N LEU A 75 -1.27 -50.19 -11.00
CA LEU A 75 -1.96 -51.20 -10.21
C LEU A 75 -0.99 -52.10 -9.44
N LEU A 76 0.29 -52.13 -9.83
CA LEU A 76 1.27 -52.92 -9.07
C LEU A 76 1.72 -52.26 -7.78
N LYS A 77 1.65 -50.93 -7.68
CA LYS A 77 2.11 -50.26 -6.47
C LYS A 77 1.16 -50.48 -5.30
N LYS A 78 -0.13 -50.31 -5.54
CA LYS A 78 -1.13 -50.92 -4.67
C LYS A 78 -0.97 -52.44 -4.72
N HIS A 79 -1.22 -53.08 -3.58
CA HIS A 79 -1.00 -54.52 -3.37
C HIS A 79 0.47 -54.87 -3.67
N ASP A 80 1.33 -54.39 -2.75
CA ASP A 80 2.78 -54.27 -2.93
C ASP A 80 3.44 -55.55 -3.42
N ILE A 81 3.90 -55.50 -4.68
CA ILE A 81 4.61 -56.58 -5.34
C ILE A 81 5.80 -55.96 -6.04
N LYS A 82 6.99 -56.47 -5.80
CA LYS A 82 8.18 -55.95 -6.45
C LYS A 82 8.20 -56.37 -7.92
N LEU A 83 8.45 -55.40 -8.80
CA LEU A 83 8.70 -55.69 -10.20
C LEU A 83 10.00 -56.48 -10.34
N TYR A 84 10.05 -57.36 -11.34
CA TYR A 84 11.14 -58.34 -11.39
C TYR A 84 12.45 -57.70 -11.80
N GLU A 85 12.41 -56.76 -12.75
CA GLU A 85 13.56 -56.07 -13.39
C GLU A 85 14.66 -57.06 -13.78
N GLY A 86 14.33 -57.84 -14.82
CA GLY A 86 15.24 -58.78 -15.44
C GLY A 86 16.59 -58.19 -15.78
N ASP A 87 17.62 -58.66 -15.07
CA ASP A 87 18.90 -57.98 -14.98
C ASP A 87 19.71 -58.05 -16.27
N THR A 88 19.40 -58.99 -17.15
CA THR A 88 20.18 -59.20 -18.38
C THR A 88 19.85 -58.10 -19.39
N ASP A 89 20.39 -56.91 -19.15
CA ASP A 89 20.41 -55.86 -20.16
C ASP A 89 21.64 -55.98 -21.05
N LYS A 90 21.87 -57.18 -21.57
CA LYS A 90 23.06 -57.49 -22.34
C LYS A 90 22.81 -58.32 -23.59
N TYR A 91 21.62 -58.92 -23.75
CA TYR A 91 21.30 -59.58 -25.00
C TYR A 91 20.76 -58.62 -26.04
N LEU A 92 20.55 -57.36 -25.66
CA LEU A 92 20.23 -56.29 -26.58
C LEU A 92 21.39 -55.32 -26.75
N ASP A 93 22.16 -55.10 -25.69
CA ASP A 93 23.37 -54.30 -25.71
C ASP A 93 24.54 -55.24 -25.97
N GLY A 94 25.77 -54.77 -25.78
CA GLY A 94 26.93 -55.63 -25.76
C GLY A 94 27.60 -55.80 -27.11
N SER A 95 28.56 -56.72 -27.14
CA SER A 95 29.26 -57.06 -28.37
C SER A 95 28.35 -57.85 -29.29
N GLY A 96 28.76 -57.94 -30.54
CA GLY A 96 27.91 -58.52 -31.58
C GLY A 96 27.09 -57.46 -32.30
N GLU A 97 26.45 -56.57 -31.52
CA GLU A 97 25.65 -55.43 -32.00
C GLU A 97 24.55 -55.88 -32.97
N LEU A 98 23.98 -57.06 -32.70
CA LEU A 98 23.08 -57.68 -33.64
C LEU A 98 22.16 -58.62 -32.85
N TYR A 99 20.92 -58.19 -32.65
CA TYR A 99 19.86 -59.09 -32.23
C TYR A 99 18.75 -59.05 -33.27
N VAL A 100 18.09 -60.18 -33.44
CA VAL A 100 16.95 -60.24 -34.37
C VAL A 100 15.75 -59.58 -33.71
N PRO A 101 15.11 -58.61 -34.37
CA PRO A 101 13.94 -57.97 -33.78
C PRO A 101 12.76 -58.91 -33.81
N PRO A 102 11.82 -58.76 -32.88
CA PRO A 102 10.58 -59.54 -32.95
C PRO A 102 9.72 -59.11 -34.13
N SER A 103 9.13 -60.07 -34.82
CA SER A 103 8.60 -59.87 -36.15
C SER A 103 7.07 -59.96 -36.18
N GLY A 104 6.41 -58.81 -36.10
CA GLY A 104 5.03 -58.66 -36.55
C GLY A 104 3.98 -59.35 -35.69
N SER A 105 3.98 -60.68 -35.72
CA SER A 105 3.03 -61.46 -34.93
C SER A 105 3.30 -61.33 -33.45
N VAL A 106 4.56 -61.11 -33.05
CA VAL A 106 4.88 -60.89 -31.65
C VAL A 106 4.31 -59.55 -31.18
N ILE A 107 4.37 -58.53 -32.05
CA ILE A 107 3.81 -57.23 -31.73
C ILE A 107 2.28 -57.30 -31.66
N ASP A 108 1.66 -58.05 -32.58
CA ASP A 108 0.21 -58.24 -32.52
C ASP A 108 -0.20 -59.04 -31.29
N ASP A 109 0.66 -59.98 -30.86
CA ASP A 109 0.40 -60.71 -29.64
C ASP A 109 0.48 -59.80 -28.42
N TYR A 110 1.44 -58.85 -28.43
CA TYR A 110 1.53 -57.87 -27.35
C TYR A 110 0.30 -56.99 -27.28
N VAL A 111 -0.17 -56.52 -28.44
CA VAL A 111 -1.34 -55.64 -28.50
C VAL A 111 -2.60 -56.35 -28.00
N ARG A 112 -2.87 -57.55 -28.54
CA ARG A 112 -4.11 -58.22 -28.14
C ARG A 112 -4.01 -58.82 -26.74
N ASN A 113 -2.80 -59.16 -26.27
CA ASN A 113 -2.63 -59.64 -24.91
C ASN A 113 -2.91 -58.54 -23.91
N ALA A 114 -2.38 -57.33 -24.16
CA ALA A 114 -2.63 -56.22 -23.25
C ALA A 114 -4.09 -55.78 -23.30
N SER A 115 -4.68 -55.75 -24.49
CA SER A 115 -6.07 -55.33 -24.61
C SER A 115 -7.03 -56.36 -24.02
N TYR A 116 -6.66 -57.64 -24.00
CA TYR A 116 -7.45 -58.63 -23.30
C TYR A 116 -7.25 -58.54 -21.80
N LEU A 117 -6.04 -58.17 -21.38
CA LEU A 117 -5.70 -58.22 -19.97
C LEU A 117 -6.27 -57.02 -19.21
N GLU A 118 -6.46 -55.89 -19.89
CA GLU A 118 -6.85 -54.65 -19.22
C GLU A 118 -8.25 -54.73 -18.62
N GLU A 119 -9.26 -55.08 -19.42
CA GLU A 119 -10.63 -55.10 -18.93
C GLU A 119 -10.85 -56.18 -17.89
N ARG A 120 -10.10 -57.28 -17.99
CA ARG A 120 -10.10 -58.32 -16.97
C ARG A 120 -9.61 -57.77 -15.64
N LEU A 121 -8.48 -57.05 -15.66
CA LEU A 121 -7.98 -56.43 -14.43
C LEU A 121 -8.90 -55.33 -13.92
N ILE A 122 -9.58 -54.62 -14.82
CA ILE A 122 -10.51 -53.55 -14.42
C ILE A 122 -11.69 -54.15 -13.66
N GLN A 123 -12.28 -55.22 -14.17
CA GLN A 123 -13.42 -55.81 -13.47
C GLN A 123 -12.99 -56.56 -12.22
N MET A 124 -11.78 -57.14 -12.20
CA MET A 124 -11.33 -57.76 -10.96
C MET A 124 -11.02 -56.73 -9.89
N GLU A 125 -10.57 -55.53 -10.27
CA GLU A 125 -10.34 -54.49 -9.28
C GLU A 125 -11.64 -53.86 -8.82
N ASP A 126 -12.61 -53.71 -9.74
CA ASP A 126 -13.90 -53.14 -9.38
C ASP A 126 -14.72 -54.10 -8.51
N ALA A 127 -14.47 -55.40 -8.63
CA ALA A 127 -15.18 -56.36 -7.80
C ALA A 127 -14.72 -56.31 -6.35
N THR A 128 -13.42 -56.11 -6.13
CA THR A 128 -12.89 -56.11 -4.77
C THR A 128 -12.93 -54.74 -4.12
N ASP A 129 -13.48 -53.74 -4.78
CA ASP A 129 -13.68 -52.43 -4.18
C ASP A 129 -15.13 -52.15 -3.83
N GLN A 130 -16.06 -52.97 -4.31
CA GLN A 130 -17.42 -52.94 -3.79
C GLN A 130 -17.51 -53.61 -2.43
N ILE A 131 -16.50 -54.39 -2.06
CA ILE A 131 -16.48 -55.07 -0.76
C ILE A 131 -15.89 -54.14 0.31
N GLU A 132 -14.88 -53.34 -0.07
CA GLU A 132 -14.23 -52.45 0.88
C GLU A 132 -15.16 -51.32 1.32
N VAL A 133 -15.97 -50.81 0.40
CA VAL A 133 -16.92 -49.76 0.74
C VAL A 133 -18.07 -50.26 1.59
N GLN A 134 -18.27 -51.58 1.69
CA GLN A 134 -19.21 -52.14 2.65
C GLN A 134 -18.51 -52.87 3.78
N LYS A 135 -17.17 -52.96 3.74
CA LYS A 135 -16.41 -53.25 4.94
C LYS A 135 -16.40 -52.04 5.85
N ASN A 136 -16.25 -50.86 5.24
CA ASN A 136 -15.98 -49.63 5.99
C ASN A 136 -17.17 -49.23 6.86
N ASP A 137 -18.37 -49.21 6.30
CA ASP A 137 -19.53 -48.77 7.07
C ASP A 137 -19.92 -49.78 8.13
N LEU A 138 -19.76 -51.08 7.86
CA LEU A 138 -20.01 -52.09 8.88
C LEU A 138 -19.00 -51.99 10.02
N GLU A 139 -17.74 -51.68 9.71
CA GLU A 139 -16.75 -51.61 10.78
C GLU A 139 -16.95 -50.37 11.64
N GLN A 140 -17.27 -49.23 11.02
CA GLN A 140 -17.51 -48.04 11.83
C GLN A 140 -18.85 -48.12 12.57
N TYR A 141 -19.81 -48.85 12.03
CA TYR A 141 -21.05 -49.11 12.76
C TYR A 141 -20.79 -50.03 13.95
N ARG A 142 -19.86 -50.98 13.80
CA ARG A 142 -19.42 -51.80 14.91
C ARG A 142 -18.72 -50.97 15.99
N PHE A 143 -18.01 -49.92 15.58
CA PHE A 143 -17.47 -49.01 16.61
C PHE A 143 -18.57 -48.23 17.31
N ILE A 144 -19.63 -47.85 16.58
CA ILE A 144 -20.74 -47.13 17.19
C ILE A 144 -21.46 -48.00 18.22
N LEU A 145 -21.61 -49.30 17.92
CA LEU A 145 -22.36 -50.18 18.80
C LEU A 145 -21.66 -50.49 20.13
N GLN A 146 -20.38 -50.19 20.27
CA GLN A 146 -19.69 -50.34 21.56
C GLN A 146 -19.35 -48.94 22.09
N SER A 147 -20.25 -48.39 22.91
CA SER A 147 -20.03 -47.08 23.51
C SER A 147 -20.54 -46.96 24.95
N GLY A 148 -21.07 -48.03 25.54
CA GLY A 148 -21.59 -47.91 26.89
C GLY A 148 -22.92 -47.17 26.92
N ASP A 149 -23.17 -46.49 28.04
CA ASP A 149 -24.39 -45.70 28.20
C ASP A 149 -24.12 -44.21 28.26
N GLU A 150 -22.92 -43.80 28.70
CA GLU A 150 -22.59 -42.38 28.84
C GLU A 150 -22.54 -41.65 27.50
N PHE A 151 -22.42 -42.38 26.40
CA PHE A 151 -22.56 -41.80 25.06
C PHE A 151 -24.02 -41.63 24.68
N PHE A 152 -24.93 -42.39 25.29
CA PHE A 152 -26.33 -42.39 24.89
C PHE A 152 -27.25 -41.80 25.94
N LEU A 153 -26.72 -41.05 26.90
CA LEU A 153 -27.52 -40.58 28.03
C LEU A 153 -27.21 -39.11 28.28
N LYS A 154 -28.02 -38.23 27.69
CA LYS A 154 -28.03 -36.80 27.98
C LYS A 154 -29.31 -36.21 27.44
N GLY A 155 -29.98 -35.39 28.24
CA GLY A 155 -31.24 -34.79 27.84
C GLY A 155 -31.12 -33.74 26.75
N VAL A 184 -37.53 -42.50 18.71
CA VAL A 184 -36.14 -42.09 18.70
C VAL A 184 -36.07 -40.58 18.91
N ASN A 185 -35.06 -40.12 19.66
CA ASN A 185 -34.89 -38.70 19.90
C ASN A 185 -33.47 -38.22 19.65
N TYR A 186 -32.71 -38.92 18.80
CA TYR A 186 -31.35 -38.50 18.50
C TYR A 186 -30.92 -39.02 17.14
N VAL A 187 -29.84 -38.44 16.63
CA VAL A 187 -29.15 -38.93 15.44
C VAL A 187 -27.74 -39.33 15.85
N THR A 188 -27.16 -40.26 15.10
CA THR A 188 -25.85 -40.80 15.41
C THR A 188 -25.12 -41.09 14.10
N GLY A 189 -23.87 -40.66 14.01
CA GLY A 189 -23.11 -40.93 12.80
C GLY A 189 -21.63 -40.86 13.06
N VAL A 190 -20.86 -41.05 12.00
CA VAL A 190 -19.42 -40.89 12.00
C VAL A 190 -19.07 -39.82 10.99
N ILE A 191 -18.35 -38.80 11.43
CA ILE A 191 -17.93 -37.71 10.55
C ILE A 191 -16.43 -37.54 10.72
N ALA A 192 -15.78 -36.98 9.69
CA ALA A 192 -14.36 -36.67 9.78
C ALA A 192 -14.13 -35.59 10.83
N ARG A 193 -12.92 -35.58 11.38
CA ARG A 193 -12.60 -34.67 12.48
C ARG A 193 -12.55 -33.22 12.03
N ASP A 194 -12.32 -32.97 10.74
CA ASP A 194 -12.23 -31.61 10.21
C ASP A 194 -13.57 -30.88 10.20
N LYS A 195 -14.69 -31.56 10.41
CA LYS A 195 -16.01 -30.97 10.23
C LYS A 195 -16.84 -30.97 11.50
N VAL A 196 -16.26 -31.34 12.64
CA VAL A 196 -17.00 -31.39 13.89
C VAL A 196 -17.32 -29.99 14.38
N ALA A 197 -16.36 -29.07 14.24
CA ALA A 197 -16.59 -27.68 14.63
C ALA A 197 -17.63 -27.02 13.74
N THR A 198 -17.64 -27.37 12.45
CA THR A 198 -18.64 -26.83 11.54
C THR A 198 -20.04 -27.37 11.86
N LEU A 199 -20.13 -28.68 12.16
CA LEU A 199 -21.36 -29.28 12.68
C LEU A 199 -21.90 -28.55 13.89
N GLU A 200 -21.05 -28.34 14.89
CA GLU A 200 -21.57 -27.77 16.13
C GLU A 200 -21.88 -26.28 15.98
N GLN A 201 -21.14 -25.57 15.11
CA GLN A 201 -21.47 -24.17 14.82
C GLN A 201 -22.84 -24.06 14.16
N ILE A 202 -23.10 -24.89 13.14
CA ILE A 202 -24.39 -24.86 12.45
C ILE A 202 -25.51 -25.30 13.39
N LEU A 203 -25.31 -26.40 14.12
CA LEU A 203 -26.39 -26.88 14.98
C LEU A 203 -26.60 -26.01 16.21
N TRP A 204 -25.62 -25.19 16.61
CA TRP A 204 -25.91 -24.18 17.61
C TRP A 204 -26.70 -23.03 17.03
N ARG A 205 -26.43 -22.66 15.77
CA ARG A 205 -27.18 -21.59 15.15
C ARG A 205 -28.55 -22.03 14.67
N VAL A 206 -28.83 -23.34 14.68
CA VAL A 206 -30.08 -23.89 14.18
C VAL A 206 -31.00 -24.32 15.32
N LEU A 207 -30.45 -25.02 16.31
CA LEU A 207 -31.19 -25.39 17.52
C LEU A 207 -31.29 -24.25 18.53
N ARG A 208 -30.79 -23.07 18.16
CA ARG A 208 -30.90 -21.79 18.93
C ARG A 208 -30.20 -21.83 20.31
N GLY A 209 -29.52 -22.89 20.70
CA GLY A 209 -28.87 -22.93 21.99
C GLY A 209 -29.37 -24.05 22.86
N ASN A 210 -30.13 -24.97 22.29
CA ASN A 210 -30.65 -26.12 23.02
C ASN A 210 -30.05 -27.41 22.49
N LEU A 211 -28.76 -27.37 22.15
CA LEU A 211 -28.11 -28.56 21.61
C LEU A 211 -27.38 -29.31 22.71
N PHE A 212 -27.33 -30.63 22.57
CA PHE A 212 -26.63 -31.49 23.50
C PHE A 212 -25.65 -32.36 22.72
N PHE A 213 -24.85 -31.69 21.89
CA PHE A 213 -23.84 -32.34 21.07
C PHE A 213 -22.80 -33.01 21.94
N LYS A 214 -22.27 -34.12 21.44
CA LYS A 214 -21.30 -34.93 22.18
C LYS A 214 -20.51 -35.73 21.17
N THR A 215 -19.20 -35.83 21.36
CA THR A 215 -18.36 -36.54 20.41
C THR A 215 -17.25 -37.30 21.14
N VAL A 216 -16.90 -38.47 20.60
CA VAL A 216 -15.76 -39.24 21.05
C VAL A 216 -14.95 -39.63 19.84
N GLU A 217 -13.62 -39.69 20.01
CA GLU A 217 -12.71 -39.83 18.88
C GLU A 217 -12.49 -41.29 18.51
N ILE A 218 -12.35 -41.52 17.20
CA ILE A 218 -11.79 -42.77 16.69
C ILE A 218 -10.30 -42.57 16.53
N GLU A 219 -9.51 -43.42 17.19
CA GLU A 219 -8.08 -43.17 17.27
C GLU A 219 -7.37 -43.47 15.96
N GLN A 220 -7.63 -44.63 15.39
CA GLN A 220 -6.98 -45.00 14.15
C GLN A 220 -7.60 -44.27 12.97
N PRO A 221 -6.81 -43.98 11.93
CA PRO A 221 -7.40 -43.41 10.71
C PRO A 221 -8.24 -44.45 9.98
N VAL A 222 -9.26 -43.96 9.30
CA VAL A 222 -10.24 -44.80 8.62
C VAL A 222 -10.03 -44.63 7.13
N TYR A 223 -9.50 -45.67 6.48
CA TYR A 223 -9.04 -45.57 5.10
C TYR A 223 -10.21 -45.44 4.14
N ASP A 224 -10.11 -44.50 3.20
CA ASP A 224 -11.16 -44.19 2.26
C ASP A 224 -10.89 -44.90 0.94
N VAL A 225 -11.97 -45.23 0.22
CA VAL A 225 -11.89 -45.88 -1.07
C VAL A 225 -12.24 -44.92 -2.20
N LYS A 226 -13.30 -44.11 -2.03
CA LYS A 226 -13.71 -43.16 -3.07
C LYS A 226 -12.67 -42.06 -3.26
N THR A 227 -11.98 -41.67 -2.19
CA THR A 227 -10.77 -40.86 -2.26
C THR A 227 -9.66 -41.65 -1.58
N ARG A 228 -8.51 -41.02 -1.40
CA ARG A 228 -7.34 -41.72 -0.89
C ARG A 228 -6.77 -41.05 0.35
N GLU A 229 -7.60 -40.31 1.07
CA GLU A 229 -7.20 -39.67 2.31
C GLU A 229 -7.46 -40.63 3.47
N TYR A 230 -6.62 -40.55 4.51
CA TYR A 230 -6.68 -41.49 5.61
C TYR A 230 -7.73 -41.13 6.65
N LYS A 231 -8.08 -39.85 6.77
CA LYS A 231 -9.35 -39.37 7.32
C LYS A 231 -9.58 -39.81 8.77
N HIS A 232 -8.84 -39.19 9.68
CA HIS A 232 -9.19 -39.21 11.10
C HIS A 232 -10.64 -38.81 11.30
N LYS A 233 -11.43 -39.73 11.86
CA LYS A 233 -12.86 -39.55 12.04
C LYS A 233 -13.21 -39.61 13.52
N ASN A 234 -14.46 -39.28 13.81
CA ASN A 234 -15.01 -39.46 15.15
C ASN A 234 -16.52 -39.61 15.07
N ALA A 235 -17.11 -40.02 16.19
CA ALA A 235 -18.54 -40.20 16.28
C ALA A 235 -19.22 -38.96 16.84
N PHE A 236 -20.55 -38.91 16.72
CA PHE A 236 -21.30 -37.81 17.31
C PHE A 236 -22.71 -38.28 17.65
N ILE A 237 -23.39 -37.47 18.46
CA ILE A 237 -24.77 -37.72 18.85
C ILE A 237 -25.41 -36.39 19.21
N VAL A 238 -26.65 -36.18 18.75
CA VAL A 238 -27.36 -34.91 18.92
C VAL A 238 -28.79 -35.21 19.35
N PHE A 239 -29.17 -34.77 20.55
CA PHE A 239 -30.50 -35.05 21.09
C PHE A 239 -31.47 -33.93 20.80
N SER A 240 -32.69 -34.28 20.36
CA SER A 240 -33.79 -33.32 20.23
C SER A 240 -35.12 -34.05 20.18
N HIS A 241 -36.21 -33.28 20.09
CA HIS A 241 -37.58 -33.80 20.21
C HIS A 241 -38.45 -33.29 19.07
N GLY A 242 -39.10 -34.21 18.35
CA GLY A 242 -40.02 -33.84 17.29
C GLY A 242 -39.75 -34.64 16.03
N ASP A 243 -40.36 -34.22 14.92
CA ASP A 243 -40.15 -34.93 13.66
C ASP A 243 -39.58 -34.06 12.55
N LEU A 244 -40.01 -32.79 12.45
CA LEU A 244 -39.39 -31.89 11.49
C LEU A 244 -38.03 -31.41 11.98
N ILE A 245 -37.72 -31.67 13.24
CA ILE A 245 -36.43 -31.32 13.77
C ILE A 245 -35.39 -32.38 13.41
N ILE A 246 -35.79 -33.65 13.30
CA ILE A 246 -34.82 -34.73 13.10
C ILE A 246 -34.44 -34.84 11.64
N LYS A 247 -35.40 -34.62 10.74
CA LYS A 247 -35.07 -34.46 9.32
C LYS A 247 -34.19 -33.25 9.09
N ARG A 248 -34.37 -32.19 9.89
CA ARG A 248 -33.56 -30.98 9.75
C ARG A 248 -32.11 -31.27 10.14
N ILE A 249 -31.91 -31.85 11.33
CA ILE A 249 -30.57 -32.21 11.80
C ILE A 249 -29.94 -33.28 10.90
N ARG A 250 -30.76 -34.18 10.37
CA ARG A 250 -30.26 -35.26 9.53
C ARG A 250 -29.75 -34.77 8.19
N LYS A 251 -30.51 -33.86 7.54
CA LYS A 251 -30.06 -33.28 6.28
C LYS A 251 -28.83 -32.41 6.48
N ILE A 252 -28.78 -31.65 7.58
CA ILE A 252 -27.61 -30.82 7.86
C ILE A 252 -26.37 -31.70 8.12
N ALA A 253 -26.56 -32.81 8.81
CA ALA A 253 -25.44 -33.69 9.13
C ALA A 253 -24.91 -34.40 7.89
N GLU A 254 -25.80 -35.00 7.09
CA GLU A 254 -25.31 -35.75 5.95
C GLU A 254 -25.00 -34.87 4.74
N SER A 255 -25.32 -33.57 4.79
CA SER A 255 -24.82 -32.67 3.77
C SER A 255 -23.33 -32.39 3.91
N LEU A 256 -22.77 -32.61 5.10
CA LEU A 256 -21.34 -32.48 5.35
C LEU A 256 -20.62 -33.82 5.28
N ASP A 257 -21.16 -34.77 4.51
CA ASP A 257 -20.61 -36.12 4.30
C ASP A 257 -20.42 -36.86 5.62
N ALA A 258 -21.53 -37.12 6.28
CA ALA A 258 -21.56 -37.93 7.50
C ALA A 258 -22.42 -39.16 7.24
N ASN A 259 -21.95 -40.30 7.75
CA ASN A 259 -22.64 -41.57 7.55
C ASN A 259 -23.48 -41.86 8.78
N LEU A 260 -24.80 -41.68 8.66
CA LEU A 260 -25.70 -41.79 9.79
C LEU A 260 -26.24 -43.21 9.92
N TYR A 261 -26.61 -43.59 11.14
CA TYR A 261 -27.01 -44.96 11.44
C TYR A 261 -28.24 -44.95 12.35
N ASP A 262 -28.63 -46.16 12.79
CA ASP A 262 -29.76 -46.37 13.69
C ASP A 262 -29.29 -47.27 14.81
N VAL A 263 -29.32 -46.75 16.04
CA VAL A 263 -28.87 -47.47 17.23
C VAL A 263 -30.01 -47.46 18.25
N ASP A 264 -30.30 -48.63 18.82
CA ASP A 264 -31.36 -48.75 19.81
C ASP A 264 -31.02 -48.00 21.09
N SER A 265 -32.06 -47.55 21.79
CA SER A 265 -31.87 -46.78 23.01
C SER A 265 -31.48 -47.67 24.18
N SER A 266 -32.05 -48.86 24.26
CA SER A 266 -31.76 -49.78 25.35
C SER A 266 -30.40 -50.44 25.15
N ASN A 267 -29.89 -51.02 26.23
CA ASN A 267 -28.60 -51.71 26.17
C ASN A 267 -28.73 -53.04 25.42
N GLU A 268 -29.86 -53.73 25.62
CA GLU A 268 -30.02 -55.06 25.08
C GLU A 268 -30.22 -55.05 23.57
N GLY A 269 -30.88 -54.00 23.05
CA GLY A 269 -30.98 -53.85 21.61
C GLY A 269 -29.64 -53.55 20.97
N ARG A 270 -28.79 -52.79 21.68
CA ARG A 270 -27.44 -52.55 21.20
C ARG A 270 -26.60 -53.82 21.21
N SER A 271 -26.82 -54.70 22.20
CA SER A 271 -26.10 -55.97 22.21
C SER A 271 -26.60 -56.91 21.12
N GLN A 272 -27.91 -56.90 20.83
CA GLN A 272 -28.43 -57.69 19.72
C GLN A 272 -27.89 -57.20 18.38
N GLN A 273 -27.79 -55.87 18.21
CA GLN A 273 -27.24 -55.34 16.97
C GLN A 273 -25.75 -55.63 16.83
N LEU A 274 -25.00 -55.58 17.94
CA LEU A 274 -23.58 -55.92 17.89
C LEU A 274 -23.37 -57.40 17.61
N ALA A 275 -24.28 -58.27 18.07
CA ALA A 275 -24.19 -59.67 17.70
C ALA A 275 -24.65 -59.90 16.26
N LYS A 276 -25.49 -59.01 15.72
CA LYS A 276 -25.93 -59.17 14.33
C LYS A 276 -24.87 -58.69 13.34
N VAL A 277 -24.09 -57.67 13.70
CA VAL A 277 -23.08 -57.15 12.77
C VAL A 277 -21.92 -58.11 12.65
N ASN A 278 -21.47 -58.68 13.76
CA ASN A 278 -20.66 -59.89 13.70
C ASN A 278 -21.48 -61.00 13.08
N LYS A 279 -20.77 -61.91 12.37
CA LYS A 279 -21.24 -63.05 11.55
C LYS A 279 -21.83 -62.56 10.22
N ASN A 280 -22.02 -61.26 10.08
CA ASN A 280 -22.20 -60.61 8.79
C ASN A 280 -20.88 -60.01 8.32
N LEU A 281 -20.18 -59.33 9.23
CA LEU A 281 -18.87 -58.77 8.93
C LEU A 281 -17.81 -59.84 8.85
N SER A 282 -17.96 -60.93 9.61
CA SER A 282 -17.06 -62.08 9.44
C SER A 282 -17.34 -62.82 8.14
N ASP A 283 -18.60 -62.83 7.70
CA ASP A 283 -18.92 -63.35 6.38
C ASP A 283 -18.29 -62.51 5.29
N LEU A 284 -18.23 -61.19 5.52
CA LEU A 284 -17.53 -60.31 4.57
C LEU A 284 -16.02 -60.55 4.61
N TYR A 285 -15.47 -60.89 5.78
CA TYR A 285 -14.06 -61.31 5.85
C TYR A 285 -13.82 -62.56 5.00
N THR A 286 -14.74 -63.52 5.04
CA THR A 286 -14.55 -64.73 4.25
C THR A 286 -14.75 -64.49 2.76
N VAL A 287 -15.64 -63.58 2.40
CA VAL A 287 -15.86 -63.28 0.97
C VAL A 287 -14.71 -62.45 0.42
N LEU A 288 -14.09 -61.60 1.25
CA LEU A 288 -12.99 -60.75 0.79
C LEU A 288 -11.77 -61.57 0.40
N LYS A 289 -11.40 -62.55 1.21
CA LYS A 289 -10.44 -63.54 0.79
C LYS A 289 -11.06 -64.41 -0.31
N THR A 290 -10.20 -64.85 -1.24
CA THR A 290 -10.57 -65.57 -2.48
C THR A 290 -11.51 -64.76 -3.37
N THR A 291 -11.48 -63.45 -3.24
CA THR A 291 -11.90 -62.44 -4.21
C THR A 291 -10.78 -61.45 -4.45
N SER A 292 -10.07 -61.07 -3.38
CA SER A 292 -8.80 -60.34 -3.47
C SER A 292 -7.61 -61.28 -3.40
N THR A 293 -7.73 -62.48 -3.93
CA THR A 293 -6.63 -63.43 -4.02
C THR A 293 -6.31 -63.80 -5.46
N THR A 294 -7.35 -64.05 -6.27
CA THR A 294 -7.13 -64.34 -7.69
C THR A 294 -6.63 -63.11 -8.43
N LEU A 295 -7.13 -61.93 -8.05
CA LEU A 295 -6.57 -60.66 -8.52
C LEU A 295 -5.10 -60.54 -8.17
N GLU A 296 -4.73 -60.89 -6.93
CA GLU A 296 -3.34 -60.76 -6.52
C GLU A 296 -2.45 -61.77 -7.24
N SER A 297 -2.95 -62.98 -7.47
CA SER A 297 -2.16 -63.97 -8.19
C SER A 297 -1.99 -63.60 -9.65
N GLU A 298 -3.01 -62.98 -10.24
CA GLU A 298 -2.86 -62.41 -11.58
C GLU A 298 -1.83 -61.30 -11.60
N LEU A 299 -1.77 -60.49 -10.54
CA LEU A 299 -0.74 -59.46 -10.47
C LEU A 299 0.65 -60.04 -10.24
N TYR A 300 0.74 -61.19 -9.55
CA TYR A 300 2.03 -61.87 -9.44
C TYR A 300 2.47 -62.44 -10.79
N ALA A 301 1.51 -62.85 -11.61
CA ALA A 301 1.84 -63.31 -12.96
C ALA A 301 2.27 -62.16 -13.86
N ILE A 302 1.62 -61.01 -13.74
CA ILE A 302 1.94 -59.86 -14.59
C ILE A 302 3.24 -59.20 -14.16
N ALA A 303 3.50 -59.14 -12.86
CA ALA A 303 4.64 -58.40 -12.33
C ALA A 303 5.97 -59.04 -12.73
N LYS A 304 5.97 -60.34 -12.99
CA LYS A 304 7.09 -60.97 -13.65
C LYS A 304 6.85 -60.94 -15.15
N GLU A 305 7.92 -60.65 -15.90
CA GLU A 305 7.91 -60.48 -17.36
C GLU A 305 6.90 -59.41 -17.81
N LEU A 306 6.97 -58.25 -17.17
CA LEU A 306 6.36 -57.03 -17.68
C LEU A 306 7.40 -56.06 -18.24
N ASP A 307 8.58 -56.06 -17.64
CA ASP A 307 9.65 -55.16 -18.06
C ASP A 307 10.12 -55.49 -19.47
N SER A 308 10.16 -56.77 -19.84
CA SER A 308 10.59 -57.16 -21.18
C SER A 308 9.56 -56.77 -22.23
N TRP A 309 8.27 -56.91 -21.90
CA TRP A 309 7.19 -56.40 -22.74
C TRP A 309 7.34 -54.91 -22.98
N PHE A 310 7.61 -54.17 -21.89
CA PHE A 310 7.75 -52.73 -21.95
C PHE A 310 8.93 -52.30 -22.79
N GLN A 311 10.06 -53.00 -22.67
CA GLN A 311 11.23 -52.68 -23.48
C GLN A 311 10.96 -52.93 -24.96
N ASP A 312 10.30 -54.05 -25.27
CA ASP A 312 10.02 -54.37 -26.68
C ASP A 312 9.07 -53.36 -27.30
N VAL A 313 8.06 -52.91 -26.54
CA VAL A 313 7.09 -51.98 -27.10
C VAL A 313 7.69 -50.58 -27.24
N THR A 314 8.55 -50.16 -26.29
CA THR A 314 9.23 -48.86 -26.43
C THR A 314 10.18 -48.85 -27.61
N ARG A 315 10.90 -49.95 -27.86
CA ARG A 315 11.77 -50.03 -29.04
C ARG A 315 10.98 -50.00 -30.33
N GLU A 316 9.86 -50.73 -30.37
CA GLU A 316 8.99 -50.75 -31.55
C GLU A 316 8.41 -49.37 -31.82
N LYS A 317 8.10 -48.60 -30.78
CA LYS A 317 7.57 -47.25 -30.96
C LYS A 317 8.64 -46.29 -31.45
N ALA A 318 9.87 -46.43 -30.94
CA ALA A 318 10.97 -45.57 -31.37
C ALA A 318 11.34 -45.79 -32.83
N ILE A 319 11.20 -47.03 -33.33
CA ILE A 319 11.46 -47.31 -34.74
C ILE A 319 10.51 -46.53 -35.66
N PHE A 320 9.21 -46.49 -35.31
CA PHE A 320 8.28 -45.73 -36.14
C PHE A 320 8.44 -44.24 -35.94
N GLU A 321 8.88 -43.80 -34.75
CA GLU A 321 9.19 -42.38 -34.59
C GLU A 321 10.37 -41.94 -35.45
N ILE A 322 11.30 -42.84 -35.73
CA ILE A 322 12.38 -42.50 -36.66
C ILE A 322 11.94 -42.63 -38.11
N LEU A 323 11.10 -43.62 -38.45
CA LEU A 323 10.61 -43.70 -39.82
C LEU A 323 9.57 -42.63 -40.14
N ASN A 324 9.07 -41.90 -39.15
CA ASN A 324 8.09 -40.86 -39.38
C ASN A 324 8.68 -39.67 -40.13
N LYS A 325 9.98 -39.41 -39.97
CA LYS A 325 10.63 -38.24 -40.52
C LYS A 325 11.32 -38.50 -41.85
N SER A 326 10.88 -39.51 -42.59
CA SER A 326 11.47 -39.87 -43.87
C SER A 326 10.45 -39.66 -44.98
N ASN A 327 10.93 -39.26 -46.16
CA ASN A 327 10.04 -39.07 -47.30
C ASN A 327 9.49 -40.40 -47.79
N TYR A 328 8.20 -40.41 -48.09
CA TYR A 328 7.53 -41.60 -48.62
C TYR A 328 7.27 -41.40 -50.10
N ASP A 329 7.63 -42.39 -50.90
CA ASP A 329 7.41 -42.38 -52.34
C ASP A 329 6.28 -43.33 -52.69
N THR A 330 5.52 -42.97 -53.72
CA THR A 330 4.35 -43.73 -54.16
C THR A 330 4.58 -44.43 -55.50
N ASN A 331 5.32 -43.80 -56.42
CA ASN A 331 5.64 -44.44 -57.69
C ASN A 331 6.49 -45.69 -57.51
N ARG A 332 7.37 -45.69 -56.51
CA ARG A 332 8.09 -46.88 -56.08
C ARG A 332 8.09 -46.87 -54.56
N LYS A 333 8.22 -48.06 -53.97
CA LYS A 333 8.10 -48.19 -52.52
C LYS A 333 9.48 -48.05 -51.88
N ILE A 334 9.97 -46.81 -51.89
CA ILE A 334 11.29 -46.45 -51.37
C ILE A 334 11.12 -45.34 -50.35
N LEU A 335 11.66 -45.55 -49.15
CA LEU A 335 11.76 -44.49 -48.15
C LEU A 335 13.09 -43.78 -48.28
N ILE A 336 13.07 -42.46 -48.26
CA ILE A 336 14.28 -41.64 -48.38
C ILE A 336 14.51 -40.96 -47.04
N ALA A 337 15.68 -41.22 -46.45
CA ALA A 337 16.03 -40.66 -45.15
C ALA A 337 17.43 -40.09 -45.20
N GLU A 338 17.65 -39.02 -44.43
CA GLU A 338 18.95 -38.37 -44.32
C GLU A 338 19.41 -38.44 -42.87
N GLY A 339 20.73 -38.41 -42.67
CA GLY A 339 21.28 -38.50 -41.34
C GLY A 339 22.72 -38.03 -41.29
N TRP A 340 23.08 -37.43 -40.17
CA TRP A 340 24.45 -36.99 -39.94
C TRP A 340 25.27 -38.13 -39.34
N ILE A 341 26.56 -38.15 -39.68
CA ILE A 341 27.44 -39.23 -39.28
C ILE A 341 28.90 -38.77 -39.34
N PRO A 342 29.74 -39.17 -38.40
CA PRO A 342 31.18 -38.91 -38.54
C PRO A 342 31.82 -39.79 -39.60
N ARG A 343 32.91 -39.27 -40.17
CA ARG A 343 33.52 -39.82 -41.39
C ARG A 343 34.17 -41.19 -41.18
N ASP A 344 34.56 -41.53 -39.96
CA ASP A 344 35.27 -42.78 -39.72
C ASP A 344 34.35 -43.98 -39.61
N GLU A 345 33.05 -43.80 -39.84
CA GLU A 345 32.06 -44.87 -39.72
C GLU A 345 31.33 -45.14 -41.02
N LEU A 346 31.78 -44.54 -42.13
CA LEU A 346 31.26 -44.95 -43.44
C LEU A 346 31.74 -46.34 -43.81
N ALA A 347 32.84 -46.81 -43.22
CA ALA A 347 33.25 -48.20 -43.35
C ALA A 347 32.51 -49.11 -42.37
N THR A 348 31.84 -48.54 -41.36
CA THR A 348 31.05 -49.31 -40.42
C THR A 348 29.63 -49.50 -40.92
N LEU A 349 29.08 -48.46 -41.56
CA LEU A 349 27.74 -48.55 -42.18
C LEU A 349 27.67 -49.66 -43.20
N GLN A 350 28.63 -49.70 -44.13
CA GLN A 350 28.58 -50.67 -45.21
C GLN A 350 28.79 -52.08 -44.68
N ALA A 351 29.59 -52.23 -43.63
CA ALA A 351 29.79 -53.55 -43.01
C ALA A 351 28.52 -54.04 -42.32
N ARG A 352 27.88 -53.18 -41.53
CA ARG A 352 26.69 -53.61 -40.79
C ARG A 352 25.50 -53.82 -41.71
N LEU A 353 25.32 -52.94 -42.70
CA LEU A 353 24.21 -53.13 -43.63
C LEU A 353 24.49 -54.29 -44.59
N GLY A 354 25.76 -54.59 -44.87
CA GLY A 354 26.07 -55.79 -45.64
C GLY A 354 25.79 -57.05 -44.85
N GLU A 355 26.04 -57.02 -43.54
CA GLU A 355 25.68 -58.14 -42.67
C GLU A 355 24.16 -58.32 -42.61
N MET A 356 23.42 -57.21 -42.64
CA MET A 356 21.96 -57.29 -42.65
C MET A 356 21.44 -57.86 -43.96
N ILE A 357 21.97 -57.40 -45.11
CA ILE A 357 21.50 -57.96 -46.38
C ILE A 357 22.11 -59.32 -46.68
N ALA A 358 23.06 -59.78 -45.87
CA ALA A 358 23.47 -61.18 -45.92
C ALA A 358 22.64 -62.06 -45.00
N ARG A 359 21.98 -61.48 -44.00
CA ARG A 359 21.11 -62.28 -43.16
C ARG A 359 19.83 -62.66 -43.90
N LEU A 360 19.20 -61.71 -44.59
CA LEU A 360 18.04 -61.99 -45.44
C LEU A 360 18.41 -61.85 -46.91
N GLY A 361 17.99 -62.80 -47.72
CA GLY A 361 18.38 -62.86 -49.12
C GLY A 361 17.60 -61.95 -50.03
N ILE A 362 18.23 -60.86 -50.48
CA ILE A 362 17.63 -59.90 -51.39
C ILE A 362 18.66 -59.40 -52.39
N ASP A 363 18.27 -58.42 -53.19
CA ASP A 363 19.19 -57.65 -54.01
C ASP A 363 18.72 -56.20 -54.03
N VAL A 364 19.40 -55.32 -53.31
CA VAL A 364 19.09 -53.90 -53.35
C VAL A 364 20.27 -53.13 -53.95
N PRO A 365 20.01 -52.08 -54.74
CA PRO A 365 21.09 -51.26 -55.34
C PRO A 365 21.62 -50.08 -54.51
N SER A 366 22.56 -50.41 -53.59
CA SER A 366 23.48 -49.45 -52.95
C SER A 366 22.73 -48.36 -52.16
N ILE A 367 22.16 -48.80 -51.03
CA ILE A 367 21.28 -47.97 -50.21
C ILE A 367 21.97 -46.81 -49.48
N ILE A 368 23.29 -46.68 -49.62
CA ILE A 368 24.06 -45.64 -48.95
C ILE A 368 24.59 -44.68 -50.02
N GLN A 369 24.45 -43.38 -49.77
CA GLN A 369 25.01 -42.36 -50.67
C GLN A 369 25.42 -41.15 -49.85
N VAL A 370 26.69 -40.77 -49.94
CA VAL A 370 27.20 -39.62 -49.23
C VAL A 370 26.80 -38.36 -49.99
N LEU A 371 26.20 -37.41 -49.29
CA LEU A 371 25.58 -36.23 -49.89
C LEU A 371 26.42 -34.99 -49.59
N ASP A 372 26.47 -34.08 -50.56
CA ASP A 372 27.14 -32.79 -50.40
C ASP A 372 26.11 -31.73 -50.02
N THR A 373 26.38 -31.01 -48.93
CA THR A 373 25.35 -30.19 -48.30
C THR A 373 25.91 -28.83 -47.91
N ASN A 374 25.03 -27.99 -47.39
CA ASN A 374 25.39 -26.69 -46.80
C ASN A 374 24.75 -26.50 -45.43
N HIS A 375 24.24 -27.56 -44.81
CA HIS A 375 23.62 -27.46 -43.49
C HIS A 375 24.69 -27.39 -42.41
N THR A 376 24.24 -27.33 -41.15
CA THR A 376 25.16 -27.23 -40.03
C THR A 376 25.27 -28.59 -39.35
N PRO A 377 26.44 -29.23 -39.38
CA PRO A 377 26.57 -30.55 -38.79
C PRO A 377 26.71 -30.49 -37.26
N PRO A 378 26.49 -31.61 -36.57
CA PRO A 378 26.66 -31.63 -35.11
C PRO A 378 28.13 -31.65 -34.70
N THR A 379 28.34 -31.61 -33.37
CA THR A 379 29.66 -31.30 -32.82
C THR A 379 30.49 -32.53 -32.46
N PHE A 380 30.05 -33.35 -31.50
CA PHE A 380 30.65 -34.64 -31.15
C PHE A 380 32.13 -34.62 -30.75
N HIS A 381 32.42 -34.21 -29.51
CA HIS A 381 33.75 -34.44 -28.94
C HIS A 381 33.81 -35.82 -28.27
N ARG A 382 34.97 -36.47 -28.38
CA ARG A 382 35.19 -37.78 -27.78
C ARG A 382 35.81 -37.65 -26.40
N THR A 383 35.47 -38.57 -25.49
CA THR A 383 35.56 -38.30 -24.06
C THR A 383 36.54 -39.17 -23.27
N ASN A 384 36.56 -40.49 -23.52
CA ASN A 384 37.43 -41.54 -22.93
C ASN A 384 37.80 -41.37 -21.44
N LYS A 385 36.78 -41.13 -20.61
CA LYS A 385 36.75 -41.40 -19.16
C LYS A 385 37.60 -40.47 -18.31
N PHE A 386 38.53 -39.74 -18.92
CA PHE A 386 39.31 -38.74 -18.19
C PHE A 386 38.98 -37.33 -18.64
N THR A 387 38.80 -37.16 -19.94
CA THR A 387 38.38 -35.90 -20.51
C THR A 387 36.86 -35.78 -20.58
N ALA A 388 36.13 -36.66 -19.89
CA ALA A 388 34.68 -36.68 -19.95
C ALA A 388 34.03 -35.70 -18.98
N GLY A 389 34.55 -35.62 -17.75
CA GLY A 389 33.97 -34.74 -16.76
C GLY A 389 34.19 -33.27 -17.07
N PHE A 390 35.38 -32.95 -17.59
CA PHE A 390 35.65 -31.57 -17.99
C PHE A 390 34.86 -31.19 -19.25
N GLN A 391 34.60 -32.16 -20.12
CA GLN A 391 33.73 -31.90 -21.26
C GLN A 391 32.30 -31.65 -20.81
N SER A 392 31.83 -32.37 -19.80
CA SER A 392 30.50 -32.13 -19.25
C SER A 392 30.45 -30.79 -18.50
N ILE A 393 31.58 -30.37 -17.94
CA ILE A 393 31.69 -29.03 -17.36
C ILE A 393 31.49 -27.97 -18.44
N CYS A 394 32.26 -28.04 -19.53
CA CYS A 394 32.23 -26.98 -20.52
C CYS A 394 30.97 -27.00 -21.38
N ASP A 395 30.35 -28.17 -21.54
CA ASP A 395 29.09 -28.27 -22.29
C ASP A 395 27.89 -27.79 -21.49
N CYS A 396 28.03 -27.60 -20.18
CA CYS A 396 26.94 -27.05 -19.39
C CYS A 396 26.69 -25.58 -19.73
N TYR A 397 27.73 -24.89 -20.19
CA TYR A 397 27.58 -23.49 -20.58
C TYR A 397 27.03 -23.36 -22.00
N GLY A 398 27.62 -24.08 -22.95
CA GLY A 398 27.15 -24.02 -24.32
C GLY A 398 27.80 -25.06 -25.20
N ILE A 399 27.06 -25.56 -26.19
CA ILE A 399 27.57 -26.55 -27.13
C ILE A 399 28.29 -25.80 -28.25
N ALA A 400 29.57 -26.12 -28.45
CA ALA A 400 30.44 -25.31 -29.30
C ALA A 400 30.08 -25.46 -30.78
N GLN A 401 30.57 -24.50 -31.56
CA GLN A 401 30.39 -24.47 -33.00
C GLN A 401 31.19 -25.60 -33.64
N TYR A 402 30.76 -26.00 -34.85
CA TYR A 402 31.41 -27.08 -35.57
C TYR A 402 32.83 -26.73 -35.95
N ARG A 403 33.77 -27.62 -35.57
CA ARG A 403 35.22 -27.50 -35.77
C ARG A 403 35.83 -26.29 -35.08
N GLU A 404 35.13 -25.70 -34.12
CA GLU A 404 35.72 -24.70 -33.25
C GLU A 404 36.67 -25.40 -32.28
N ILE A 405 37.63 -24.65 -31.73
CA ILE A 405 38.54 -25.22 -30.74
C ILE A 405 37.76 -25.54 -29.47
N ASN A 406 37.88 -26.78 -29.01
CA ASN A 406 37.24 -27.21 -27.79
C ASN A 406 37.85 -26.48 -26.59
N ALA A 407 36.99 -26.04 -25.69
CA ALA A 407 37.44 -25.41 -24.46
C ALA A 407 37.56 -26.40 -23.31
N GLY A 408 37.22 -27.66 -23.54
CA GLY A 408 37.38 -28.68 -22.53
C GLY A 408 38.75 -29.29 -22.47
N LEU A 409 39.62 -28.98 -23.41
CA LEU A 409 40.99 -29.49 -23.38
C LEU A 409 41.91 -28.67 -22.46
N PRO A 410 41.91 -27.32 -22.46
CA PRO A 410 42.73 -26.63 -21.45
C PRO A 410 42.09 -26.60 -20.07
N THR A 411 40.78 -26.83 -20.00
CA THR A 411 40.05 -26.80 -18.74
C THR A 411 40.54 -27.87 -17.78
N ILE A 412 41.03 -29.00 -18.34
CA ILE A 412 41.49 -30.18 -17.59
C ILE A 412 42.52 -29.81 -16.53
N VAL A 413 43.38 -28.84 -16.83
CA VAL A 413 44.43 -28.47 -15.90
C VAL A 413 44.26 -27.02 -15.43
N THR A 414 43.66 -26.16 -16.25
CA THR A 414 43.49 -24.79 -15.78
C THR A 414 42.34 -24.63 -14.79
N PHE A 415 41.43 -25.60 -14.69
CA PHE A 415 40.35 -25.55 -13.72
C PHE A 415 40.76 -25.99 -12.31
N PRO A 416 41.44 -27.14 -12.09
CA PRO A 416 41.90 -27.43 -10.72
C PRO A 416 43.02 -26.55 -10.23
N PHE A 417 43.80 -25.90 -11.11
CA PHE A 417 44.85 -25.01 -10.60
C PHE A 417 44.28 -23.70 -10.08
N MET A 418 43.33 -23.11 -10.82
CA MET A 418 42.64 -21.94 -10.32
C MET A 418 41.77 -22.27 -9.12
N PHE A 419 41.34 -23.51 -8.99
CA PHE A 419 40.83 -23.95 -7.71
C PHE A 419 41.91 -23.92 -6.64
N ALA A 420 43.11 -24.40 -6.99
CA ALA A 420 44.14 -24.65 -6.00
C ALA A 420 44.71 -23.38 -5.40
N ILE A 421 44.74 -22.28 -6.18
CA ILE A 421 45.21 -21.00 -5.67
C ILE A 421 44.34 -20.51 -4.51
N MET A 422 43.03 -20.76 -4.59
CA MET A 422 42.11 -20.39 -3.52
C MET A 422 42.10 -21.37 -2.37
N PHE A 423 42.66 -22.57 -2.55
CA PHE A 423 42.58 -23.68 -1.62
C PHE A 423 43.98 -24.13 -1.27
N GLY A 424 44.82 -23.16 -0.93
CA GLY A 424 46.23 -23.41 -0.74
C GLY A 424 46.57 -23.95 0.62
N ASP A 425 46.29 -25.23 0.84
CA ASP A 425 46.66 -25.90 2.07
C ASP A 425 47.20 -27.28 1.72
N MET A 426 48.21 -27.70 2.48
CA MET A 426 48.74 -29.05 2.30
C MET A 426 47.74 -30.10 2.77
N GLY A 427 47.27 -29.96 4.01
CA GLY A 427 46.49 -31.01 4.63
C GLY A 427 45.08 -31.10 4.10
N HIS A 428 44.49 -29.97 3.71
CA HIS A 428 43.17 -30.00 3.13
C HIS A 428 43.19 -30.57 1.71
N GLY A 429 44.23 -30.29 0.94
CA GLY A 429 44.37 -30.97 -0.34
C GLY A 429 44.70 -32.44 -0.19
N PHE A 430 45.36 -32.80 0.92
CA PHE A 430 45.65 -34.20 1.21
C PHE A 430 44.38 -34.97 1.57
N LEU A 431 43.52 -34.37 2.39
CA LEU A 431 42.21 -34.95 2.66
C LEU A 431 41.34 -35.03 1.41
N MET A 432 41.46 -34.05 0.52
CA MET A 432 40.70 -34.10 -0.72
C MET A 432 41.21 -35.20 -1.65
N THR A 433 42.51 -35.44 -1.69
CA THR A 433 43.04 -36.58 -2.45
C THR A 433 42.59 -37.91 -1.86
N LEU A 434 42.56 -38.03 -0.53
CA LEU A 434 42.06 -39.26 0.08
C LEU A 434 40.58 -39.48 -0.24
N ALA A 435 39.77 -38.41 -0.21
CA ALA A 435 38.37 -38.53 -0.59
C ALA A 435 38.20 -38.89 -2.06
N ALA A 436 39.12 -38.43 -2.92
CA ALA A 436 39.05 -38.76 -4.34
C ALA A 436 39.48 -40.19 -4.60
N LEU A 437 40.51 -40.67 -3.91
CA LEU A 437 40.98 -42.03 -4.10
C LEU A 437 40.03 -43.05 -3.49
N SER A 438 39.18 -42.64 -2.55
CA SER A 438 38.11 -43.53 -2.12
C SER A 438 37.07 -43.76 -3.21
N LEU A 439 36.99 -42.90 -4.21
CA LEU A 439 36.07 -43.05 -5.33
C LEU A 439 36.72 -43.57 -6.60
N VAL A 440 38.01 -43.28 -6.81
CA VAL A 440 38.67 -43.72 -8.02
C VAL A 440 39.08 -45.19 -7.91
N LEU A 441 39.47 -45.66 -6.72
CA LEU A 441 39.99 -47.01 -6.58
C LEU A 441 38.93 -48.10 -6.66
N ASN A 442 37.64 -47.76 -6.65
CA ASN A 442 36.59 -48.73 -7.01
C ASN A 442 35.63 -48.08 -8.00
N GLU A 443 36.01 -48.11 -9.29
CA GLU A 443 35.15 -47.59 -10.34
C GLU A 443 34.13 -48.63 -10.79
N LYS A 444 34.51 -49.91 -10.77
CA LYS A 444 33.66 -50.95 -11.29
C LYS A 444 32.49 -51.25 -10.36
N LYS A 445 32.69 -51.05 -9.05
CA LYS A 445 31.62 -51.33 -8.10
C LYS A 445 30.53 -50.26 -8.15
N ILE A 446 30.88 -49.03 -8.51
CA ILE A 446 29.95 -47.91 -8.35
C ILE A 446 29.11 -47.64 -9.59
N ASN A 447 29.59 -47.97 -10.79
CA ASN A 447 28.81 -47.68 -12.00
C ASN A 447 27.68 -48.69 -12.26
N LYS A 448 27.25 -49.45 -11.25
CA LYS A 448 26.11 -50.37 -11.35
C LYS A 448 25.06 -50.11 -10.27
N MET A 449 25.04 -48.92 -9.67
CA MET A 449 24.11 -48.62 -8.59
C MET A 449 23.25 -47.40 -8.91
N LYS A 450 22.15 -47.26 -8.15
CA LYS A 450 21.22 -46.15 -8.25
C LYS A 450 21.36 -45.27 -7.03
N ARG A 451 21.69 -43.99 -7.24
CA ARG A 451 22.24 -43.15 -6.18
C ARG A 451 21.42 -41.90 -5.86
N GLY A 452 21.23 -40.99 -6.82
CA GLY A 452 20.44 -39.79 -6.67
C GLY A 452 21.23 -38.51 -6.41
N GLU A 453 21.59 -37.83 -7.50
CA GLU A 453 21.77 -36.38 -7.62
C GLU A 453 22.88 -35.71 -6.80
N ILE A 454 23.52 -36.41 -5.88
CA ILE A 454 24.57 -35.80 -5.08
C ILE A 454 25.81 -36.67 -5.20
N PHE A 455 25.62 -37.97 -4.94
CA PHE A 455 26.64 -38.97 -5.22
C PHE A 455 26.89 -39.12 -6.71
N ASP A 456 25.93 -38.69 -7.55
CA ASP A 456 26.16 -38.61 -8.99
C ASP A 456 27.20 -37.56 -9.32
N MET A 457 27.05 -36.35 -8.77
CA MET A 457 28.04 -35.29 -9.01
C MET A 457 29.35 -35.61 -8.31
N ALA A 458 29.30 -36.41 -7.24
CA ALA A 458 30.53 -36.88 -6.63
C ALA A 458 31.26 -37.86 -7.53
N PHE A 459 30.54 -38.78 -8.16
CA PHE A 459 31.22 -39.86 -8.87
C PHE A 459 31.61 -39.47 -10.30
N THR A 460 30.80 -38.68 -10.99
CA THR A 460 31.15 -38.34 -12.36
C THR A 460 32.30 -37.34 -12.45
N GLY A 461 32.65 -36.70 -11.34
CA GLY A 461 33.78 -35.79 -11.31
C GLY A 461 34.87 -36.23 -10.36
N ARG A 462 35.20 -37.52 -10.35
CA ARG A 462 36.20 -38.01 -9.41
C ARG A 462 37.61 -37.61 -9.81
N TYR A 463 37.89 -37.52 -11.12
CA TYR A 463 39.22 -37.11 -11.56
C TYR A 463 39.41 -35.62 -11.40
N ILE A 464 38.32 -34.87 -11.42
CA ILE A 464 38.36 -33.45 -11.12
C ILE A 464 38.81 -33.25 -9.67
N ILE A 465 38.24 -34.02 -8.75
CA ILE A 465 38.58 -33.92 -7.34
C ILE A 465 40.00 -34.41 -7.09
N LEU A 466 40.45 -35.42 -7.83
CA LEU A 466 41.82 -35.90 -7.70
C LEU A 466 42.83 -34.84 -8.15
N LEU A 467 42.61 -34.23 -9.32
CA LEU A 467 43.51 -33.18 -9.79
C LEU A 467 43.46 -31.93 -8.91
N MET A 468 42.27 -31.60 -8.38
CA MET A 468 42.15 -30.47 -7.45
C MET A 468 42.96 -30.72 -6.18
N GLY A 469 42.91 -31.94 -5.64
CA GLY A 469 43.66 -32.23 -4.44
C GLY A 469 45.17 -32.22 -4.66
N VAL A 470 45.64 -32.76 -5.79
CA VAL A 470 47.08 -32.80 -6.04
C VAL A 470 47.63 -31.40 -6.31
N PHE A 471 46.92 -30.60 -7.10
CA PHE A 471 47.37 -29.24 -7.34
C PHE A 471 47.25 -28.38 -6.09
N SER A 472 46.31 -28.70 -5.20
CA SER A 472 46.23 -27.99 -3.93
C SER A 472 47.36 -28.37 -3.00
N MET A 473 47.86 -29.62 -3.10
CA MET A 473 49.09 -29.97 -2.38
C MET A 473 50.26 -29.12 -2.86
N TYR A 474 50.40 -28.95 -4.18
CA TYR A 474 51.51 -28.14 -4.69
C TYR A 474 51.38 -26.67 -4.30
N THR A 475 50.17 -26.13 -4.35
CA THR A 475 49.95 -24.73 -4.00
C THR A 475 50.12 -24.49 -2.51
N GLY A 476 49.61 -25.39 -1.67
CA GLY A 476 49.81 -25.27 -0.24
C GLY A 476 51.24 -25.51 0.19
N PHE A 477 52.03 -26.23 -0.62
CA PHE A 477 53.46 -26.28 -0.36
C PHE A 477 54.12 -24.95 -0.68
N LEU A 478 53.72 -24.31 -1.77
CA LEU A 478 54.30 -23.02 -2.10
C LEU A 478 53.82 -21.88 -1.20
N TYR A 479 52.68 -22.04 -0.52
CA TYR A 479 52.25 -21.02 0.43
C TYR A 479 52.86 -21.21 1.82
N ASN A 480 53.52 -22.36 2.04
CA ASN A 480 54.09 -22.78 3.33
C ASN A 480 53.01 -22.81 4.41
N ASP A 481 52.05 -23.72 4.21
CA ASP A 481 50.85 -23.76 5.05
C ASP A 481 50.33 -25.19 5.12
N ILE A 482 50.48 -25.83 6.29
CA ILE A 482 49.88 -27.12 6.56
C ILE A 482 49.14 -27.04 7.88
N PHE A 483 47.81 -27.18 7.83
CA PHE A 483 46.90 -27.06 8.98
C PHE A 483 47.08 -25.71 9.69
N SER A 484 47.30 -24.67 8.87
CA SER A 484 47.67 -23.31 9.31
C SER A 484 48.94 -23.31 10.16
N LYS A 485 49.93 -24.11 9.77
CA LYS A 485 51.25 -24.11 10.40
C LYS A 485 52.31 -24.14 9.31
N THR A 486 53.54 -23.83 9.68
CA THR A 486 54.65 -23.78 8.73
C THR A 486 55.39 -25.11 8.72
N MET A 487 56.54 -25.16 8.03
CA MET A 487 57.22 -26.43 7.78
C MET A 487 58.61 -26.52 8.38
N THR A 488 59.49 -25.55 8.09
CA THR A 488 60.92 -25.54 8.42
C THR A 488 61.62 -26.77 7.81
N ILE A 489 61.72 -26.76 6.48
CA ILE A 489 62.43 -27.80 5.76
C ILE A 489 63.65 -27.27 5.01
N PHE A 490 63.93 -25.97 5.10
CA PHE A 490 65.16 -25.40 4.56
C PHE A 490 65.67 -24.37 5.56
N LYS A 491 66.85 -23.84 5.30
CA LYS A 491 67.35 -22.76 6.13
C LYS A 491 66.76 -21.43 5.66
N SER A 492 66.54 -20.54 6.62
CA SER A 492 65.80 -19.32 6.33
C SER A 492 66.69 -18.28 5.65
N GLY A 493 66.04 -17.31 5.02
CA GLY A 493 66.72 -16.17 4.46
C GLY A 493 66.78 -14.97 5.36
N TRP A 494 66.12 -15.03 6.51
CA TRP A 494 66.13 -13.96 7.49
C TRP A 494 66.87 -14.43 8.74
N LYS A 495 67.50 -13.49 9.44
CA LYS A 495 68.29 -13.81 10.63
C LYS A 495 67.88 -12.88 11.77
N TRP A 496 67.53 -13.47 12.90
CA TRP A 496 67.17 -12.72 14.09
C TRP A 496 68.42 -12.15 14.75
N PRO A 497 68.28 -11.09 15.56
CA PRO A 497 69.43 -10.52 16.25
C PRO A 497 70.02 -11.46 17.29
N ASP A 498 71.14 -11.01 17.87
CA ASP A 498 71.90 -11.87 18.76
C ASP A 498 71.25 -11.99 20.13
N HIS A 499 70.81 -10.88 20.72
CA HIS A 499 70.24 -10.90 22.06
C HIS A 499 69.10 -9.90 22.13
N TRP A 500 68.13 -10.21 22.99
CA TRP A 500 67.01 -9.31 23.25
C TRP A 500 66.38 -9.65 24.60
N LYS A 501 65.81 -8.64 25.23
CA LYS A 501 64.99 -8.83 26.41
C LYS A 501 63.66 -9.45 26.01
N LYS A 502 63.03 -10.15 26.95
CA LYS A 502 61.72 -10.76 26.73
C LYS A 502 60.65 -9.69 26.59
N GLY A 503 60.36 -9.29 25.35
CA GLY A 503 59.36 -8.28 25.09
C GLY A 503 59.81 -7.16 24.18
N GLU A 504 60.99 -7.30 23.57
CA GLU A 504 61.53 -6.28 22.67
C GLU A 504 61.06 -6.54 21.25
N SER A 505 60.60 -5.50 20.57
CA SER A 505 60.24 -5.59 19.17
C SER A 505 61.51 -5.45 18.33
N ILE A 506 61.88 -6.51 17.62
CA ILE A 506 63.12 -6.58 16.87
C ILE A 506 62.80 -6.84 15.39
N THR A 507 63.84 -6.78 14.55
CA THR A 507 63.68 -7.03 13.12
C THR A 507 64.74 -8.01 12.66
N ALA A 508 64.50 -8.62 11.50
CA ALA A 508 65.42 -9.57 10.90
C ALA A 508 66.24 -8.92 9.79
N THR A 509 67.33 -9.59 9.41
CA THR A 509 68.43 -8.91 8.73
C THR A 509 68.75 -9.40 7.32
N SER A 510 67.94 -10.30 6.74
CA SER A 510 67.96 -10.62 5.30
C SER A 510 69.30 -11.19 4.83
N VAL A 511 69.61 -12.40 5.30
CA VAL A 511 70.88 -13.04 5.01
C VAL A 511 70.80 -13.98 3.81
N GLY A 512 69.80 -13.82 2.95
CA GLY A 512 69.70 -14.61 1.74
C GLY A 512 68.25 -14.77 1.33
N THR A 513 68.04 -15.66 0.36
CA THR A 513 66.71 -15.96 -0.14
C THR A 513 66.40 -17.44 0.03
N TYR A 514 65.10 -17.73 0.12
CA TYR A 514 64.53 -19.04 0.43
C TYR A 514 64.13 -19.74 -0.85
N PRO A 515 64.54 -21.01 -1.04
CA PRO A 515 64.47 -21.64 -2.37
C PRO A 515 63.07 -21.91 -2.93
N ILE A 516 62.19 -22.61 -2.22
CA ILE A 516 60.89 -23.01 -2.75
C ILE A 516 59.83 -22.68 -1.70
N GLY A 517 59.02 -21.67 -1.96
CA GLY A 517 57.92 -21.34 -1.08
C GLY A 517 58.17 -20.02 -0.35
N LEU A 518 57.22 -19.69 0.53
CA LEU A 518 57.42 -18.58 1.43
C LEU A 518 58.33 -19.01 2.58
N ASP A 519 59.07 -18.05 3.11
CA ASP A 519 59.96 -18.34 4.22
C ASP A 519 59.16 -18.58 5.49
N TRP A 520 59.67 -19.49 6.32
CA TRP A 520 59.01 -19.81 7.58
C TRP A 520 59.28 -18.79 8.67
N ALA A 521 60.09 -17.76 8.38
CA ALA A 521 60.32 -16.64 9.27
C ALA A 521 59.26 -15.56 9.13
N TRP A 522 58.10 -15.89 8.55
CA TRP A 522 56.96 -14.99 8.47
C TRP A 522 55.78 -15.50 9.28
N HIS A 523 56.01 -16.39 10.24
CA HIS A 523 54.90 -17.13 10.83
C HIS A 523 54.10 -16.29 11.82
N GLY A 524 54.68 -15.93 12.95
CA GLY A 524 53.93 -15.03 13.81
C GLY A 524 54.07 -13.59 13.39
N THR A 525 55.23 -13.01 13.71
CA THR A 525 55.86 -11.84 13.08
C THR A 525 55.07 -10.54 13.00
N GLU A 526 53.78 -10.54 13.37
CA GLU A 526 52.85 -9.42 13.54
C GLU A 526 52.80 -8.40 12.38
N ASN A 527 53.37 -8.73 11.23
CA ASN A 527 53.14 -8.01 9.99
C ASN A 527 53.12 -8.97 8.80
N ALA A 528 52.70 -10.21 9.05
CA ALA A 528 52.70 -11.23 8.01
C ALA A 528 51.68 -10.94 6.93
N LEU A 529 50.54 -10.33 7.30
CA LEU A 529 49.56 -9.96 6.30
C LEU A 529 50.05 -8.84 5.41
N LEU A 530 50.88 -7.94 5.97
CA LEU A 530 51.37 -6.80 5.19
C LEU A 530 52.27 -7.24 4.04
N PHE A 531 52.99 -8.35 4.21
CA PHE A 531 53.74 -8.94 3.11
C PHE A 531 52.85 -9.82 2.25
N SER A 532 52.05 -10.67 2.88
CA SER A 532 51.30 -11.70 2.17
C SER A 532 50.23 -11.13 1.25
N ASN A 533 49.61 -10.00 1.63
CA ASN A 533 48.56 -9.43 0.79
C ASN A 533 49.12 -8.85 -0.49
N SER A 534 50.15 -8.00 -0.37
CA SER A 534 50.76 -7.42 -1.56
C SER A 534 51.48 -8.48 -2.39
N TYR A 535 51.88 -9.58 -1.76
CA TYR A 535 52.44 -10.72 -2.47
C TYR A 535 51.39 -11.42 -3.34
N LYS A 536 50.35 -11.95 -2.71
CA LYS A 536 49.38 -12.78 -3.42
C LYS A 536 48.44 -11.97 -4.32
N MET A 537 48.22 -10.67 -4.06
CA MET A 537 47.48 -9.84 -5.01
C MET A 537 48.20 -9.76 -6.35
N LYS A 538 49.51 -9.56 -6.32
CA LYS A 538 50.29 -9.52 -7.54
C LYS A 538 50.36 -10.88 -8.20
N LEU A 539 50.39 -11.95 -7.39
CA LEU A 539 50.26 -13.31 -7.93
C LEU A 539 48.95 -13.50 -8.69
N SER A 540 47.84 -13.02 -8.13
CA SER A 540 46.54 -13.20 -8.77
C SER A 540 46.42 -12.38 -10.05
N ILE A 541 46.94 -11.15 -10.04
CA ILE A 541 46.90 -10.31 -11.25
C ILE A 541 47.75 -10.91 -12.36
N LEU A 542 48.96 -11.40 -12.04
CA LEU A 542 49.83 -12.02 -13.05
C LEU A 542 49.20 -13.29 -13.63
N MET A 543 48.66 -14.16 -12.78
CA MET A 543 48.05 -15.39 -13.28
C MET A 543 46.80 -15.11 -14.10
N GLY A 544 46.02 -14.11 -13.71
CA GLY A 544 44.84 -13.77 -14.49
C GLY A 544 45.19 -13.19 -15.85
N PHE A 545 46.26 -12.39 -15.92
CA PHE A 545 46.64 -11.86 -17.22
C PHE A 545 47.18 -12.94 -18.14
N ILE A 546 47.96 -13.88 -17.59
CA ILE A 546 48.50 -14.96 -18.42
C ILE A 546 47.38 -15.86 -18.92
N HIS A 547 46.36 -16.10 -18.09
CA HIS A 547 45.19 -16.88 -18.50
C HIS A 547 44.40 -16.18 -19.60
N MET A 548 44.17 -14.87 -19.47
CA MET A 548 43.42 -14.14 -20.50
C MET A 548 44.19 -14.08 -21.81
N THR A 549 45.49 -13.77 -21.76
CA THR A 549 46.25 -13.66 -23.01
C THR A 549 46.56 -15.02 -23.62
N TYR A 550 46.44 -16.12 -22.87
CA TYR A 550 46.54 -17.43 -23.50
C TYR A 550 45.22 -17.82 -24.15
N SER A 551 44.10 -17.55 -23.49
CA SER A 551 42.80 -17.86 -24.09
C SER A 551 42.47 -16.97 -25.28
N TYR A 552 43.11 -15.81 -25.40
CA TYR A 552 42.81 -14.92 -26.51
C TYR A 552 43.42 -15.39 -27.82
N PHE A 553 44.51 -16.17 -27.77
CA PHE A 553 45.16 -16.66 -28.98
C PHE A 553 44.40 -17.78 -29.66
N PHE A 554 43.45 -18.40 -28.96
CA PHE A 554 42.57 -19.38 -29.59
C PHE A 554 41.66 -18.72 -30.61
N SER A 555 41.38 -17.42 -30.45
CA SER A 555 40.64 -16.69 -31.47
C SER A 555 41.45 -16.54 -32.75
N LEU A 556 42.76 -16.35 -32.61
CA LEU A 556 43.62 -16.30 -33.79
C LEU A 556 43.71 -17.67 -34.44
N ALA A 557 43.81 -18.73 -33.63
CA ALA A 557 43.83 -20.07 -34.19
C ALA A 557 42.48 -20.49 -34.78
N ASN A 558 41.38 -19.84 -34.37
CA ASN A 558 40.10 -20.05 -35.04
C ASN A 558 40.07 -19.34 -36.39
N HIS A 559 40.35 -18.02 -36.38
CA HIS A 559 40.22 -17.20 -37.58
C HIS A 559 41.18 -17.63 -38.69
N LEU A 560 42.32 -18.20 -38.32
CA LEU A 560 43.25 -18.72 -39.29
C LEU A 560 42.77 -20.03 -39.91
N TYR A 561 41.86 -20.73 -39.23
CA TYR A 561 41.38 -22.03 -39.68
C TYR A 561 40.15 -21.92 -40.58
N PHE A 562 39.26 -20.96 -40.32
CA PHE A 562 38.03 -20.81 -41.07
C PHE A 562 38.18 -19.98 -42.33
N ASN A 563 39.41 -19.58 -42.68
CA ASN A 563 39.74 -18.68 -43.79
C ASN A 563 38.96 -17.38 -43.68
N SER A 564 39.22 -16.66 -42.59
CA SER A 564 38.46 -15.48 -42.19
C SER A 564 39.40 -14.31 -41.92
N MET A 565 40.26 -14.00 -42.90
CA MET A 565 41.33 -13.02 -42.78
C MET A 565 40.84 -11.60 -42.49
N ILE A 566 39.56 -11.29 -42.68
CA ILE A 566 39.09 -9.98 -42.26
C ILE A 566 38.89 -9.92 -40.76
N ASP A 567 38.59 -11.06 -40.12
CA ASP A 567 38.40 -11.08 -38.67
C ASP A 567 39.70 -10.85 -37.92
N ILE A 568 40.83 -11.27 -38.49
CA ILE A 568 42.13 -11.02 -37.87
C ILE A 568 42.41 -9.52 -37.81
N ILE A 569 42.46 -8.88 -38.98
CA ILE A 569 42.77 -7.46 -39.09
C ILE A 569 41.67 -6.57 -38.48
N GLY A 570 40.46 -7.09 -38.29
CA GLY A 570 39.42 -6.27 -37.71
C GLY A 570 39.16 -6.48 -36.23
N ASN A 571 39.54 -7.64 -35.68
CA ASN A 571 39.16 -7.92 -34.30
C ASN A 571 40.34 -8.40 -33.45
N PHE A 572 41.30 -9.12 -34.05
CA PHE A 572 42.35 -9.69 -33.23
C PHE A 572 43.40 -8.64 -32.90
N ILE A 573 43.93 -7.97 -33.93
CA ILE A 573 44.95 -6.94 -33.71
C ILE A 573 44.45 -5.75 -32.88
N PRO A 574 43.25 -5.16 -33.11
CA PRO A 574 42.80 -4.08 -32.21
C PRO A 574 42.70 -4.47 -30.73
N GLY A 575 42.10 -5.63 -30.45
CA GLY A 575 41.97 -6.06 -29.07
C GLY A 575 43.29 -6.46 -28.45
N LEU A 576 44.18 -7.07 -29.23
CA LEU A 576 45.50 -7.45 -28.74
C LEU A 576 46.31 -6.22 -28.36
N LEU A 577 46.38 -5.23 -29.26
CA LEU A 577 47.14 -4.02 -28.95
C LEU A 577 46.52 -3.26 -27.78
N PHE A 578 45.19 -3.16 -27.75
CA PHE A 578 44.50 -2.40 -26.71
C PHE A 578 44.70 -3.00 -25.34
N MET A 579 44.60 -4.33 -25.20
CA MET A 579 44.71 -4.85 -23.84
C MET A 579 46.13 -5.20 -23.45
N GLN A 580 47.02 -5.54 -24.39
CA GLN A 580 48.43 -5.71 -24.03
C GLN A 580 49.03 -4.37 -23.60
N GLY A 581 48.89 -3.33 -24.41
CA GLY A 581 49.49 -2.03 -24.10
C GLY A 581 48.94 -1.34 -22.87
N ILE A 582 47.85 -1.83 -22.28
CA ILE A 582 47.38 -1.30 -21.00
C ILE A 582 47.76 -2.26 -19.88
N PHE A 583 47.34 -3.52 -19.97
CA PHE A 583 47.40 -4.39 -18.80
C PHE A 583 48.57 -5.35 -18.78
N GLY A 584 49.23 -5.63 -19.90
CA GLY A 584 50.47 -6.39 -19.83
C GLY A 584 51.66 -5.54 -19.47
N TYR A 585 51.58 -4.25 -19.78
CA TYR A 585 52.57 -3.30 -19.31
C TYR A 585 52.60 -3.22 -17.80
N LEU A 586 51.43 -3.35 -17.16
CA LEU A 586 51.36 -3.41 -15.70
C LEU A 586 52.05 -4.65 -15.16
N SER A 587 51.90 -5.78 -15.85
CA SER A 587 52.54 -7.01 -15.39
C SER A 587 54.05 -6.96 -15.56
N VAL A 588 54.50 -6.37 -16.67
CA VAL A 588 55.93 -6.15 -16.89
C VAL A 588 56.50 -5.20 -15.82
N CYS A 589 55.72 -4.19 -15.43
CA CYS A 589 56.17 -3.29 -14.37
C CYS A 589 56.20 -3.97 -13.00
N ILE A 590 55.28 -4.91 -12.75
CA ILE A 590 55.31 -5.66 -11.47
C ILE A 590 56.57 -6.53 -11.39
N VAL A 591 56.87 -7.25 -12.47
CA VAL A 591 58.05 -8.11 -12.48
C VAL A 591 59.33 -7.27 -12.44
N TYR A 592 59.33 -6.11 -13.10
CA TYR A 592 60.50 -5.25 -13.09
C TYR A 592 60.73 -4.60 -11.73
N LYS A 593 59.64 -4.26 -11.02
CA LYS A 593 59.80 -3.74 -9.66
C LYS A 593 60.30 -4.82 -8.73
N TRP A 594 59.94 -6.08 -8.99
CA TRP A 594 60.52 -7.17 -8.23
C TRP A 594 62.00 -7.36 -8.51
N ALA A 595 62.44 -7.10 -9.74
CA ALA A 595 63.81 -7.42 -10.11
C ALA A 595 64.84 -6.41 -9.62
N VAL A 596 64.41 -5.21 -9.21
CA VAL A 596 65.32 -4.09 -8.93
C VAL A 596 65.46 -3.90 -7.44
N ASP A 597 66.70 -3.82 -6.95
CA ASP A 597 66.97 -3.51 -5.55
C ASP A 597 66.92 -2.00 -5.36
N TRP A 598 66.00 -1.53 -4.53
CA TRP A 598 65.76 -0.10 -4.39
C TRP A 598 66.54 0.53 -3.25
N VAL A 599 66.89 -0.23 -2.23
CA VAL A 599 67.63 0.33 -1.10
C VAL A 599 69.11 0.49 -1.46
N LYS A 600 69.66 -0.50 -2.15
CA LYS A 600 71.07 -0.44 -2.56
C LYS A 600 71.29 0.66 -3.60
N ASP A 601 70.33 0.87 -4.48
CA ASP A 601 70.46 1.94 -5.46
C ASP A 601 70.12 3.31 -4.89
N GLY A 602 69.45 3.37 -3.74
CA GLY A 602 69.14 4.64 -3.12
C GLY A 602 68.03 5.42 -3.79
N LYS A 603 67.19 4.76 -4.57
CA LYS A 603 66.06 5.37 -5.24
C LYS A 603 64.76 4.98 -4.55
N PRO A 604 63.77 5.87 -4.50
CA PRO A 604 62.49 5.50 -3.87
C PRO A 604 61.69 4.56 -4.76
N ALA A 605 61.14 3.51 -4.14
CA ALA A 605 60.34 2.54 -4.87
C ALA A 605 58.98 3.14 -5.19
N PRO A 606 58.58 3.16 -6.46
CA PRO A 606 57.29 3.78 -6.81
C PRO A 606 56.08 2.95 -6.41
N GLY A 607 54.89 3.49 -6.65
CA GLY A 607 53.66 2.75 -6.46
C GLY A 607 53.04 2.40 -7.79
N LEU A 608 52.83 1.11 -8.04
CA LEU A 608 52.35 0.69 -9.35
C LEU A 608 50.88 0.99 -9.54
N LEU A 609 50.12 0.97 -8.45
CA LEU A 609 48.71 1.33 -8.52
C LEU A 609 48.55 2.83 -8.76
N ASN A 610 49.41 3.63 -8.13
CA ASN A 610 49.38 5.08 -8.31
C ASN A 610 49.73 5.45 -9.74
N MET A 611 50.77 4.83 -10.30
CA MET A 611 51.15 5.17 -11.66
C MET A 611 50.21 4.56 -12.70
N LEU A 612 49.52 3.47 -12.37
CA LEU A 612 48.47 2.98 -13.25
C LEU A 612 47.30 3.95 -13.30
N ILE A 613 46.95 4.55 -12.16
CA ILE A 613 45.88 5.55 -12.16
C ILE A 613 46.33 6.82 -12.88
N ASN A 614 47.55 7.28 -12.61
CA ASN A 614 48.06 8.51 -13.23
C ASN A 614 48.47 8.33 -14.68
N MET A 615 48.51 7.10 -15.19
CA MET A 615 48.71 6.90 -16.62
C MET A 615 47.51 7.37 -17.42
N PHE A 616 46.30 7.31 -16.84
CA PHE A 616 45.07 7.71 -17.51
C PHE A 616 44.50 9.02 -17.00
N LEU A 617 44.65 9.32 -15.71
CA LEU A 617 43.96 10.45 -15.09
C LEU A 617 44.84 11.69 -14.94
N SER A 618 46.14 11.59 -15.26
CA SER A 618 47.04 12.73 -15.33
C SER A 618 48.27 12.37 -16.15
N PRO A 619 48.17 12.37 -17.48
CA PRO A 619 49.26 11.80 -18.30
C PRO A 619 50.46 12.73 -18.36
N GLY A 620 51.65 12.12 -18.32
CA GLY A 620 52.90 12.82 -18.44
C GLY A 620 53.62 13.07 -17.13
N THR A 621 52.89 13.14 -16.02
CA THR A 621 53.46 13.50 -14.73
C THR A 621 53.75 12.25 -13.92
N ILE A 622 54.99 12.12 -13.46
CA ILE A 622 55.48 10.94 -12.75
C ILE A 622 56.13 11.38 -11.46
N ASP A 623 55.71 10.80 -10.34
CA ASP A 623 56.29 11.20 -9.06
C ASP A 623 57.57 10.45 -8.74
N ASP A 624 57.60 9.13 -8.94
CA ASP A 624 58.77 8.30 -8.67
C ASP A 624 59.11 7.52 -9.92
N GLU A 625 60.38 7.56 -10.32
CA GLU A 625 60.80 7.02 -11.60
C GLU A 625 61.17 5.55 -11.46
N LEU A 626 60.74 4.76 -12.44
CA LEU A 626 60.96 3.32 -12.45
C LEU A 626 62.04 2.89 -13.43
N TYR A 627 62.08 3.48 -14.61
CA TYR A 627 63.05 3.16 -15.66
C TYR A 627 63.19 4.42 -16.51
N PRO A 628 64.34 4.63 -17.19
CA PRO A 628 64.77 6.01 -17.50
C PRO A 628 63.86 6.84 -18.41
N HIS A 629 63.31 6.30 -19.49
CA HIS A 629 62.62 7.11 -20.48
C HIS A 629 61.12 6.88 -20.44
N GLN A 630 60.55 6.75 -19.24
CA GLN A 630 59.16 6.35 -19.11
C GLN A 630 58.20 7.52 -19.17
N ALA A 631 58.67 8.76 -19.29
CA ALA A 631 57.73 9.87 -19.43
C ALA A 631 57.06 9.88 -20.79
N LYS A 632 57.68 9.26 -21.79
CA LYS A 632 57.16 9.22 -23.15
C LYS A 632 56.46 7.90 -23.47
N VAL A 633 56.86 6.82 -22.80
CA VAL A 633 56.25 5.51 -23.04
C VAL A 633 54.81 5.48 -22.55
N GLN A 634 54.52 6.17 -21.44
CA GLN A 634 53.14 6.27 -20.95
C GLN A 634 52.25 6.96 -21.98
N VAL A 635 52.74 8.05 -22.56
CA VAL A 635 51.96 8.81 -23.53
C VAL A 635 51.79 8.02 -24.82
N PHE A 636 52.83 7.27 -25.22
CA PHE A 636 52.74 6.46 -26.43
C PHE A 636 51.75 5.33 -26.28
N LEU A 637 51.79 4.62 -25.14
CA LEU A 637 50.84 3.54 -24.91
C LEU A 637 49.41 4.07 -24.74
N LEU A 638 49.26 5.26 -24.15
CA LEU A 638 47.94 5.87 -24.03
C LEU A 638 47.37 6.23 -25.39
N LEU A 639 48.18 6.80 -26.28
CA LEU A 639 47.64 7.15 -27.59
C LEU A 639 47.45 5.93 -28.48
N MET A 640 48.21 4.85 -28.24
CA MET A 640 47.97 3.62 -29.01
C MET A 640 46.68 2.94 -28.57
N ALA A 641 46.44 2.87 -27.26
CA ALA A 641 45.15 2.37 -26.76
C ALA A 641 44.01 3.29 -27.13
N LEU A 642 44.28 4.58 -27.32
CA LEU A 642 43.25 5.48 -27.81
C LEU A 642 42.92 5.19 -29.27
N VAL A 643 43.95 5.06 -30.12
CA VAL A 643 43.72 4.91 -31.56
C VAL A 643 43.21 3.52 -31.89
N CYS A 644 43.35 2.54 -30.98
CA CYS A 644 42.68 1.27 -31.19
C CYS A 644 41.18 1.32 -30.99
N ILE A 645 40.63 2.42 -30.49
CA ILE A 645 39.18 2.55 -30.33
C ILE A 645 38.52 2.95 -31.66
N PRO A 646 39.00 3.92 -32.45
CA PRO A 646 38.39 4.10 -33.78
C PRO A 646 38.92 3.14 -34.82
N TRP A 647 39.99 2.40 -34.55
CA TRP A 647 40.42 1.39 -35.51
C TRP A 647 39.59 0.13 -35.37
N LEU A 648 39.22 -0.21 -34.13
CA LEU A 648 38.08 -1.09 -33.92
C LEU A 648 36.81 -0.30 -34.22
N LEU A 649 35.68 -1.01 -34.35
CA LEU A 649 34.38 -0.50 -34.82
C LEU A 649 34.43 0.20 -36.19
N LEU A 650 35.47 0.02 -36.97
CA LEU A 650 35.49 0.70 -38.27
C LEU A 650 35.84 -0.21 -39.44
N VAL A 651 36.77 -1.15 -39.25
CA VAL A 651 37.32 -1.88 -40.39
C VAL A 651 36.40 -3.04 -40.78
N LYS A 652 35.94 -3.80 -39.80
CA LYS A 652 35.03 -4.92 -40.08
C LYS A 652 33.69 -4.49 -40.69
N PRO A 653 33.01 -3.38 -40.27
CA PRO A 653 31.83 -2.95 -41.05
C PRO A 653 32.15 -2.35 -42.41
N LEU A 654 33.14 -1.45 -42.48
CA LEU A 654 33.40 -0.76 -43.74
C LEU A 654 34.11 -1.62 -44.76
N HIS A 655 34.60 -2.80 -44.38
CA HIS A 655 34.99 -3.77 -45.41
C HIS A 655 33.78 -4.49 -45.98
N PHE A 656 32.75 -4.69 -45.16
CA PHE A 656 31.49 -5.25 -45.66
C PHE A 656 30.76 -4.24 -46.53
N LYS A 657 30.97 -2.94 -46.28
CA LYS A 657 30.37 -1.92 -47.12
C LYS A 657 30.96 -1.93 -48.52
N PHE A 658 32.29 -2.01 -48.62
CA PHE A 658 32.95 -2.01 -49.93
C PHE A 658 33.14 -3.42 -50.47
N THR A 659 32.08 -4.22 -50.43
CA THR A 659 32.10 -5.61 -50.92
C THR A 659 30.68 -6.09 -51.17
N ASP A 707 26.45 1.48 -42.50
CA ASP A 707 26.59 0.54 -43.61
C ASP A 707 25.33 -0.27 -43.78
N PHE A 708 25.41 -1.57 -43.48
CA PHE A 708 24.22 -2.42 -43.48
C PHE A 708 23.30 -2.10 -42.32
N GLY A 709 23.83 -1.50 -41.25
CA GLY A 709 23.08 -1.26 -40.05
C GLY A 709 23.30 -2.34 -39.02
N ASP A 710 23.04 -3.60 -39.37
CA ASP A 710 23.12 -4.68 -38.38
C ASP A 710 24.56 -5.03 -38.04
N ILE A 711 25.43 -5.10 -39.06
CA ILE A 711 26.86 -5.30 -38.82
C ILE A 711 27.45 -4.10 -38.07
N MET A 712 26.99 -2.89 -38.41
CA MET A 712 27.53 -1.69 -37.77
C MET A 712 27.13 -1.60 -36.30
N ILE A 713 25.85 -1.83 -36.00
CA ILE A 713 25.39 -1.75 -34.61
C ILE A 713 25.95 -2.91 -33.80
N HIS A 714 26.03 -4.10 -34.41
CA HIS A 714 26.64 -5.24 -33.71
C HIS A 714 28.12 -5.02 -33.44
N GLN A 715 28.82 -4.31 -34.32
CA GLN A 715 30.24 -4.03 -34.10
C GLN A 715 30.43 -2.93 -33.06
N VAL A 716 29.50 -1.97 -32.98
CA VAL A 716 29.54 -0.99 -31.89
C VAL A 716 29.28 -1.67 -30.54
N ILE A 717 28.37 -2.63 -30.50
CA ILE A 717 28.12 -3.38 -29.27
C ILE A 717 29.33 -4.23 -28.91
N HIS A 718 29.97 -4.84 -29.91
CA HIS A 718 31.17 -5.64 -29.64
C HIS A 718 32.33 -4.77 -29.17
N THR A 719 32.42 -3.52 -29.63
CA THR A 719 33.49 -2.65 -29.15
C THR A 719 33.22 -2.15 -27.73
N ILE A 720 31.99 -1.73 -27.45
CA ILE A 720 31.66 -1.26 -26.10
C ILE A 720 31.60 -2.41 -25.10
N GLU A 721 31.53 -3.66 -25.58
CA GLU A 721 31.54 -4.82 -24.69
C GLU A 721 32.93 -5.41 -24.52
N PHE A 722 33.76 -5.43 -25.57
CA PHE A 722 35.12 -5.93 -25.42
C PHE A 722 35.95 -5.01 -24.53
N CYS A 723 36.00 -3.74 -24.86
CA CYS A 723 36.44 -2.74 -23.92
C CYS A 723 35.41 -2.66 -22.80
N LEU A 724 35.87 -2.25 -21.61
CA LEU A 724 35.17 -2.22 -20.32
C LEU A 724 34.98 -3.63 -19.75
N ASN A 725 35.30 -4.67 -20.52
CA ASN A 725 35.54 -5.99 -19.96
C ASN A 725 37.01 -6.28 -19.76
N CYS A 726 37.90 -5.48 -20.35
CA CYS A 726 39.31 -5.56 -19.98
C CYS A 726 39.49 -5.19 -18.52
N VAL A 727 38.97 -4.02 -18.13
CA VAL A 727 39.07 -3.52 -16.76
C VAL A 727 38.31 -4.44 -15.80
N SER A 728 37.07 -4.77 -16.15
CA SER A 728 36.22 -5.59 -15.29
C SER A 728 36.75 -7.01 -15.13
N HIS A 729 37.19 -7.63 -16.21
CA HIS A 729 37.67 -9.00 -16.12
C HIS A 729 39.01 -9.07 -15.40
N THR A 730 39.91 -8.10 -15.60
CA THR A 730 41.15 -8.18 -14.85
C THR A 730 40.98 -7.72 -13.40
N ALA A 731 39.88 -7.03 -13.08
CA ALA A 731 39.57 -6.80 -11.68
C ALA A 731 38.97 -8.04 -11.04
N SER A 732 38.32 -8.87 -11.86
CA SER A 732 37.67 -10.06 -11.34
C SER A 732 38.63 -11.17 -10.93
N TYR A 733 39.92 -11.08 -11.26
CA TYR A 733 40.88 -12.08 -10.82
C TYR A 733 41.43 -11.80 -9.44
N LEU A 734 40.88 -10.83 -8.72
CA LEU A 734 41.23 -10.65 -7.32
C LEU A 734 40.63 -11.72 -6.42
N ARG A 735 39.76 -12.58 -6.95
CA ARG A 735 39.17 -13.65 -6.15
C ARG A 735 40.18 -14.72 -5.80
N LEU A 736 41.21 -14.90 -6.63
CA LEU A 736 42.27 -15.85 -6.32
C LEU A 736 43.04 -15.41 -5.07
N TRP A 737 43.30 -14.11 -4.95
CA TRP A 737 43.85 -13.58 -3.71
C TRP A 737 42.84 -13.67 -2.57
N ALA A 738 41.59 -13.40 -2.89
CA ALA A 738 40.52 -13.24 -1.92
C ALA A 738 40.27 -14.50 -1.11
N LEU A 739 39.91 -15.58 -1.80
CA LEU A 739 39.56 -16.81 -1.11
C LEU A 739 40.77 -17.45 -0.46
N SER A 740 41.97 -17.22 -1.01
CA SER A 740 43.19 -17.73 -0.39
C SER A 740 43.42 -17.08 0.97
N LEU A 741 43.31 -15.74 1.02
CA LEU A 741 43.47 -15.01 2.27
C LEU A 741 42.45 -15.44 3.31
N ALA A 742 41.19 -15.61 2.88
CA ALA A 742 40.16 -15.93 3.84
C ALA A 742 40.19 -17.38 4.30
N HIS A 743 40.59 -18.31 3.42
CA HIS A 743 40.78 -19.69 3.83
C HIS A 743 41.90 -19.81 4.86
N ALA A 744 43.01 -19.10 4.62
CA ALA A 744 44.11 -19.11 5.57
C ALA A 744 43.70 -18.53 6.91
N GLN A 745 42.94 -17.43 6.90
CA GLN A 745 42.55 -16.79 8.15
C GLN A 745 41.55 -17.62 8.95
N LEU A 746 40.54 -18.19 8.27
CA LEU A 746 39.57 -19.03 8.98
C LEU A 746 40.20 -20.31 9.51
N SER A 747 41.14 -20.91 8.78
CA SER A 747 41.79 -22.08 9.31
C SER A 747 42.70 -21.75 10.49
N SER A 748 43.32 -20.56 10.47
CA SER A 748 44.16 -20.14 11.60
C SER A 748 43.33 -19.86 12.84
N VAL A 749 42.17 -19.23 12.69
CA VAL A 749 41.29 -18.99 13.83
C VAL A 749 40.71 -20.30 14.35
N LEU A 750 40.46 -21.28 13.46
CA LEU A 750 39.99 -22.58 13.94
C LEU A 750 41.07 -23.33 14.70
N TRP A 751 42.33 -23.21 14.28
CA TRP A 751 43.40 -23.84 15.05
C TRP A 751 43.60 -23.17 16.39
N THR A 752 43.55 -21.84 16.44
CA THR A 752 43.80 -21.17 17.71
C THR A 752 42.57 -21.12 18.60
N MET A 753 41.42 -21.57 18.13
CA MET A 753 40.19 -21.49 18.91
C MET A 753 39.86 -22.76 19.67
N THR A 754 40.13 -23.94 19.11
CA THR A 754 39.70 -25.18 19.75
C THR A 754 40.88 -25.99 20.29
N ILE A 755 41.81 -26.42 19.45
CA ILE A 755 42.82 -27.35 19.92
C ILE A 755 43.97 -26.64 20.63
N GLN A 756 44.14 -25.33 20.39
CA GLN A 756 45.17 -24.55 21.08
C GLN A 756 44.84 -24.36 22.56
N ILE A 757 43.56 -24.48 22.93
CA ILE A 757 43.15 -24.34 24.32
C ILE A 757 43.69 -25.49 25.16
N ALA A 758 43.77 -26.69 24.59
CA ALA A 758 44.04 -27.91 25.34
C ALA A 758 45.51 -28.24 25.43
N PHE A 759 46.39 -27.24 25.46
CA PHE A 759 47.83 -27.48 25.52
C PHE A 759 48.46 -27.07 26.84
N GLY A 760 47.71 -26.49 27.77
CA GLY A 760 48.27 -26.10 29.05
C GLY A 760 47.50 -26.66 30.24
N PHE A 761 47.08 -27.91 30.16
CA PHE A 761 46.03 -28.48 31.01
C PHE A 761 46.53 -29.77 31.68
N ARG A 762 47.62 -29.69 32.44
CA ARG A 762 48.20 -30.87 33.10
C ARG A 762 47.21 -31.57 34.01
N GLY A 763 47.12 -32.89 33.86
CA GLY A 763 46.31 -33.72 34.73
C GLY A 763 45.61 -34.80 33.94
N PHE A 764 44.74 -35.54 34.63
CA PHE A 764 43.87 -36.50 33.97
C PHE A 764 42.72 -35.85 33.23
N VAL A 765 42.41 -34.58 33.55
CA VAL A 765 41.38 -33.86 32.84
C VAL A 765 41.89 -33.40 31.47
N GLY A 766 43.20 -33.22 31.34
CA GLY A 766 43.76 -32.77 30.08
C GLY A 766 43.71 -33.80 28.97
N VAL A 767 43.76 -35.09 29.34
CA VAL A 767 43.67 -36.17 28.36
C VAL A 767 42.31 -36.15 27.68
N PHE A 768 41.24 -36.16 28.48
CA PHE A 768 39.90 -36.09 27.89
C PHE A 768 39.63 -34.74 27.24
N MET A 769 40.29 -33.69 27.74
CA MET A 769 40.09 -32.36 27.16
C MET A 769 40.66 -32.29 25.75
N THR A 770 41.88 -32.78 25.55
CA THR A 770 42.42 -32.77 24.20
C THR A 770 41.79 -33.84 23.31
N VAL A 771 41.25 -34.92 23.88
CA VAL A 771 40.49 -35.88 23.07
C VAL A 771 39.23 -35.22 22.50
N ALA A 772 38.42 -34.60 23.36
CA ALA A 772 37.18 -34.00 22.91
C ALA A 772 37.43 -32.79 22.01
N LEU A 773 38.47 -32.01 22.31
CA LEU A 773 38.75 -30.84 21.50
C LEU A 773 39.40 -31.18 20.16
N PHE A 774 40.17 -32.27 20.07
CA PHE A 774 40.61 -32.70 18.75
C PHE A 774 39.45 -33.27 17.94
N ALA A 775 38.50 -33.95 18.60
CA ALA A 775 37.33 -34.43 17.87
C ALA A 775 36.52 -33.28 17.29
N MET A 776 36.35 -32.22 18.08
CA MET A 776 35.64 -31.03 17.60
C MET A 776 36.42 -30.33 16.49
N TRP A 777 37.74 -30.27 16.61
CA TRP A 777 38.55 -29.61 15.59
C TRP A 777 38.56 -30.37 14.28
N PHE A 778 38.64 -31.70 14.32
CA PHE A 778 38.63 -32.46 13.08
C PHE A 778 37.26 -32.41 12.42
N ALA A 779 36.19 -32.43 13.23
CA ALA A 779 34.84 -32.33 12.67
C ALA A 779 34.62 -30.98 12.00
N LEU A 780 35.14 -29.90 12.59
CA LEU A 780 34.99 -28.59 11.97
C LEU A 780 35.88 -28.44 10.75
N THR A 781 37.13 -28.93 10.80
CA THR A 781 38.01 -28.76 9.65
C THR A 781 37.65 -29.71 8.51
N CYS A 782 36.82 -30.71 8.75
CA CYS A 782 36.32 -31.52 7.64
C CYS A 782 34.97 -31.03 7.14
N ALA A 783 34.14 -30.45 8.02
CA ALA A 783 32.80 -30.04 7.60
C ALA A 783 32.79 -28.65 6.96
N VAL A 784 33.19 -27.61 7.70
CA VAL A 784 33.02 -26.25 7.22
C VAL A 784 34.19 -25.78 6.37
N LEU A 785 35.31 -26.51 6.39
CA LEU A 785 36.56 -25.97 5.91
C LEU A 785 37.13 -26.72 4.71
N VAL A 786 36.67 -27.94 4.45
CA VAL A 786 36.99 -28.66 3.20
C VAL A 786 35.77 -28.73 2.29
N LEU A 787 34.63 -29.18 2.83
CA LEU A 787 33.44 -29.41 2.03
C LEU A 787 32.74 -28.11 1.65
N MET A 788 32.69 -27.16 2.57
CA MET A 788 31.91 -25.95 2.37
C MET A 788 32.70 -24.80 1.77
N GLU A 789 34.04 -24.87 1.80
CA GLU A 789 34.88 -23.93 1.08
C GLU A 789 35.48 -24.52 -0.18
N GLY A 790 35.32 -25.82 -0.40
CA GLY A 790 35.76 -26.43 -1.63
C GLY A 790 34.74 -26.26 -2.73
N THR A 791 33.45 -26.35 -2.36
CA THR A 791 32.38 -26.14 -3.33
C THR A 791 32.37 -24.71 -3.85
N SER A 792 32.64 -23.74 -2.96
CA SER A 792 32.69 -22.34 -3.33
C SER A 792 33.80 -22.07 -4.34
N ALA A 793 35.05 -22.42 -3.97
CA ALA A 793 36.19 -22.16 -4.82
C ALA A 793 36.15 -23.00 -6.09
N MET A 794 35.49 -24.16 -6.04
CA MET A 794 35.28 -24.94 -7.25
C MET A 794 34.40 -24.19 -8.23
N LEU A 795 33.28 -23.64 -7.76
CA LEU A 795 32.48 -22.89 -8.73
C LEU A 795 33.01 -21.49 -8.99
N HIS A 796 34.04 -21.05 -8.25
CA HIS A 796 34.76 -19.84 -8.63
C HIS A 796 35.77 -20.07 -9.74
N SER A 797 36.52 -21.17 -9.67
CA SER A 797 37.29 -21.61 -10.81
C SER A 797 36.38 -21.90 -12.01
N LEU A 798 35.11 -22.23 -11.78
CA LEU A 798 34.22 -22.37 -12.92
C LEU A 798 33.73 -21.03 -13.47
N ARG A 799 33.48 -20.03 -12.61
CA ARG A 799 33.12 -18.70 -13.12
C ARG A 799 34.29 -18.07 -13.87
N LEU A 800 35.52 -18.28 -13.42
CA LEU A 800 36.69 -17.72 -14.10
C LEU A 800 36.92 -18.32 -15.48
N HIS A 801 36.32 -19.47 -15.79
CA HIS A 801 36.40 -20.04 -17.13
C HIS A 801 35.15 -19.77 -17.96
N TRP A 802 33.97 -19.67 -17.33
CA TRP A 802 32.77 -19.39 -18.11
C TRP A 802 32.72 -17.94 -18.58
N VAL A 803 33.14 -17.00 -17.76
CA VAL A 803 32.95 -15.59 -18.07
C VAL A 803 34.24 -14.95 -18.56
N GLU A 804 35.29 -15.02 -17.76
CA GLU A 804 36.50 -14.27 -18.07
C GLU A 804 37.34 -14.94 -19.14
N SER A 805 37.24 -16.25 -19.29
CA SER A 805 38.10 -16.98 -20.22
C SER A 805 37.41 -17.33 -21.53
N MET A 806 36.16 -17.79 -21.50
CA MET A 806 35.47 -18.15 -22.73
C MET A 806 34.63 -17.02 -23.30
N SER A 807 34.92 -15.77 -22.97
CA SER A 807 34.35 -14.67 -23.71
C SER A 807 35.32 -14.12 -24.73
N LYS A 808 36.45 -14.80 -24.92
CA LYS A 808 37.49 -14.32 -25.81
C LYS A 808 37.73 -15.23 -27.01
N PHE A 809 37.32 -16.49 -26.95
CA PHE A 809 37.47 -17.38 -28.09
C PHE A 809 36.21 -18.16 -28.39
N PHE A 810 35.39 -18.41 -27.37
CA PHE A 810 34.25 -19.31 -27.50
C PHE A 810 33.12 -18.57 -28.22
N VAL A 811 32.83 -18.99 -29.45
CA VAL A 811 31.83 -18.31 -30.26
C VAL A 811 30.42 -18.59 -29.72
N GLY A 812 30.07 -19.86 -29.57
CA GLY A 812 28.77 -20.17 -29.03
C GLY A 812 28.00 -21.26 -29.75
N GLU A 813 26.86 -20.89 -30.34
CA GLU A 813 25.76 -21.82 -30.58
C GLU A 813 26.07 -22.84 -31.66
N GLY A 814 25.76 -24.11 -31.36
CA GLY A 814 25.77 -25.19 -32.31
C GLY A 814 24.80 -26.24 -31.82
N LEU A 815 24.59 -27.28 -32.63
CA LEU A 815 23.64 -28.30 -32.21
C LEU A 815 24.37 -29.54 -31.75
N PRO A 816 24.00 -30.09 -30.59
CA PRO A 816 24.73 -31.24 -30.04
C PRO A 816 24.51 -32.48 -30.88
N TYR A 817 25.33 -33.50 -30.61
CA TYR A 817 25.38 -34.65 -31.50
C TYR A 817 24.17 -35.56 -31.31
N GLU A 818 24.05 -36.21 -30.14
CA GLU A 818 22.95 -37.05 -29.64
C GLU A 818 22.32 -37.97 -30.70
N PRO A 819 23.00 -39.05 -31.07
CA PRO A 819 22.53 -39.89 -32.17
C PRO A 819 21.32 -40.71 -31.77
N PHE A 820 20.73 -41.40 -32.74
CA PHE A 820 19.67 -42.35 -32.41
C PHE A 820 20.30 -43.65 -31.94
N ALA A 821 19.98 -44.05 -30.71
CA ALA A 821 20.56 -45.25 -30.11
C ALA A 821 19.51 -45.93 -29.25
N PHE A 822 19.78 -47.17 -28.88
CA PHE A 822 18.89 -47.97 -28.04
C PHE A 822 19.33 -47.90 -26.58
N GLU A 823 18.36 -47.72 -25.68
CA GLU A 823 18.64 -47.58 -24.26
C GLU A 823 17.63 -48.35 -23.44
N TYR A 824 18.02 -48.68 -22.22
CA TYR A 824 17.09 -49.10 -21.18
C TYR A 824 16.21 -47.92 -20.78
N LYS A 825 14.97 -48.21 -20.37
CA LYS A 825 13.95 -47.17 -20.35
C LYS A 825 13.48 -46.76 -18.95
N ASP A 826 13.65 -47.63 -17.93
CA ASP A 826 13.41 -47.31 -16.52
C ASP A 826 11.95 -46.92 -16.24
N MET A 827 11.07 -47.92 -16.19
CA MET A 827 9.61 -47.80 -16.15
C MET A 827 9.02 -46.70 -15.25
N GLU A 828 9.48 -46.60 -14.01
CA GLU A 828 8.85 -45.67 -13.07
C GLU A 828 9.21 -44.22 -13.36
N VAL A 829 10.26 -43.98 -14.14
CA VAL A 829 10.49 -42.64 -14.67
C VAL A 829 9.46 -42.31 -15.74
N ALA A 830 9.15 -43.29 -16.59
CA ALA A 830 8.17 -43.09 -17.66
C ALA A 830 6.74 -42.95 -17.15
N VAL A 831 6.45 -43.51 -15.97
CA VAL A 831 5.13 -43.30 -15.37
C VAL A 831 5.03 -41.89 -14.81
N ALA A 832 6.11 -41.41 -14.19
CA ALA A 832 6.12 -40.02 -13.72
C ALA A 832 6.23 -39.04 -14.86
N SER A 833 6.79 -39.46 -16.00
CA SER A 833 6.85 -38.58 -17.17
C SER A 833 5.48 -38.38 -17.79
N ALA A 834 4.62 -39.41 -17.75
CA ALA A 834 3.26 -39.25 -18.25
C ALA A 834 2.42 -38.46 -17.26
N SER A 835 2.27 -38.97 -16.05
CA SER A 835 1.50 -38.29 -15.02
C SER A 835 2.32 -37.16 -14.38
N GLY B 210 42.40 25.38 22.34
CA GLY B 210 42.13 24.33 23.29
C GLY B 210 41.69 24.84 24.65
N ASP B 211 41.83 26.14 24.86
CA ASP B 211 41.44 26.78 26.12
C ASP B 211 40.35 27.82 25.95
N ASP B 212 40.42 28.66 24.92
CA ASP B 212 39.40 29.65 24.64
C ASP B 212 38.59 29.36 23.39
N ASP B 213 39.16 28.64 22.43
CA ASP B 213 38.47 28.29 21.19
C ASP B 213 37.84 26.91 21.25
N ILE B 214 37.37 26.49 22.43
CA ILE B 214 36.69 25.20 22.53
C ILE B 214 35.31 25.31 21.90
N LEU B 215 34.80 24.15 21.48
CA LEU B 215 33.48 24.11 20.85
C LEU B 215 32.39 24.30 21.89
N SER B 216 32.34 23.43 22.89
CA SER B 216 31.44 23.58 24.03
C SER B 216 32.06 22.94 25.25
N SER B 217 31.54 23.29 26.41
CA SER B 217 31.97 22.64 27.65
C SER B 217 31.16 21.40 27.95
N ILE B 218 29.95 21.28 27.39
CA ILE B 218 29.14 20.10 27.56
C ILE B 218 28.96 19.32 26.26
N TRP B 219 28.91 19.99 25.11
CA TRP B 219 28.84 19.31 23.82
C TRP B 219 30.22 19.26 23.18
N THR B 220 31.11 18.52 23.83
CA THR B 220 32.49 18.47 23.37
C THR B 220 32.62 17.61 22.12
N GLU B 221 33.84 17.58 21.57
CA GLU B 221 34.06 16.92 20.29
C GLU B 221 34.01 15.40 20.42
N GLY B 222 34.51 14.87 21.53
CA GLY B 222 34.43 13.43 21.74
C GLY B 222 33.01 12.96 21.90
N LEU B 223 32.20 13.74 22.62
CA LEU B 223 30.79 13.40 22.81
C LEU B 223 30.01 13.48 21.51
N LEU B 224 30.34 14.45 20.64
CA LEU B 224 29.65 14.53 19.36
C LEU B 224 30.10 13.46 18.38
N MET B 225 31.38 13.08 18.38
CA MET B 225 31.80 11.96 17.54
C MET B 225 31.13 10.66 17.97
N CYS B 226 31.07 10.42 19.28
CA CYS B 226 30.39 9.23 19.80
C CYS B 226 28.91 9.22 19.45
N LEU B 227 28.23 10.37 19.58
CA LEU B 227 26.82 10.46 19.25
C LEU B 227 26.53 10.32 17.75
N ILE B 228 27.41 10.86 16.89
CA ILE B 228 27.18 10.72 15.45
C ILE B 228 27.35 9.26 15.00
N VAL B 229 28.39 8.59 15.50
CA VAL B 229 28.57 7.17 15.19
C VAL B 229 27.42 6.33 15.74
N SER B 230 26.98 6.62 16.97
CA SER B 230 25.86 5.89 17.56
C SER B 230 24.56 6.11 16.80
N ALA B 231 24.36 7.32 16.28
CA ALA B 231 23.15 7.60 15.51
C ALA B 231 23.15 6.88 14.17
N LEU B 232 24.31 6.80 13.52
CA LEU B 232 24.42 6.03 12.28
C LEU B 232 24.13 4.55 12.51
N LEU B 233 24.71 3.96 13.56
CA LEU B 233 24.46 2.54 13.81
C LEU B 233 23.04 2.26 14.27
N LEU B 234 22.42 3.16 15.05
CA LEU B 234 21.01 2.98 15.39
C LEU B 234 20.12 3.09 14.17
N PHE B 235 20.45 3.98 13.23
CA PHE B 235 19.68 4.11 11.99
C PHE B 235 19.70 2.82 11.20
N ILE B 236 20.88 2.22 11.07
CA ILE B 236 20.95 1.01 10.26
C ILE B 236 20.32 -0.18 10.98
N LEU B 237 20.39 -0.23 12.31
CA LEU B 237 19.70 -1.27 13.06
C LEU B 237 18.19 -1.16 12.91
N ILE B 238 17.65 0.06 12.94
CA ILE B 238 16.21 0.26 12.77
C ILE B 238 15.75 -0.14 11.38
N VAL B 239 16.55 0.20 10.36
CA VAL B 239 16.23 -0.19 8.98
C VAL B 239 16.19 -1.71 8.84
N ALA B 240 17.23 -2.39 9.35
CA ALA B 240 17.31 -3.84 9.22
C ALA B 240 16.20 -4.55 10.00
N LEU B 241 15.82 -4.01 11.16
CA LEU B 241 14.68 -4.59 11.87
C LEU B 241 13.37 -4.36 11.14
N SER B 242 13.25 -3.27 10.38
CA SER B 242 12.06 -3.09 9.55
C SER B 242 12.05 -4.08 8.39
N TRP B 243 13.24 -4.50 7.93
CA TRP B 243 13.28 -5.60 6.95
C TRP B 243 12.84 -6.91 7.58
N ILE B 244 13.28 -7.18 8.82
CA ILE B 244 12.93 -8.44 9.49
C ILE B 244 11.44 -8.49 9.81
N SER B 245 10.81 -7.35 10.11
CA SER B 245 9.42 -7.37 10.56
C SER B 245 8.44 -7.72 9.43
N ASN B 246 8.80 -7.45 8.18
CA ASN B 246 7.96 -7.80 7.04
C ASN B 246 8.40 -9.16 6.53
N LEU B 247 7.85 -10.22 7.10
CA LEU B 247 8.39 -11.54 6.86
C LEU B 247 7.28 -12.56 7.09
N ASP B 248 6.75 -13.11 6.00
CA ASP B 248 5.54 -13.91 5.99
C ASP B 248 5.86 -15.38 5.69
N ILE B 249 4.84 -16.22 5.82
CA ILE B 249 5.03 -17.65 5.99
C ILE B 249 4.41 -18.50 4.87
N THR B 250 3.47 -17.96 4.07
CA THR B 250 2.79 -18.66 2.96
C THR B 250 2.11 -19.94 3.46
N TYR B 251 1.07 -19.73 4.27
CA TYR B 251 0.39 -20.82 4.95
C TYR B 251 -0.34 -21.78 4.01
N GLY B 252 -0.58 -21.38 2.76
CA GLY B 252 -1.33 -22.21 1.84
C GLY B 252 -0.63 -23.50 1.44
N ALA B 253 0.69 -23.53 1.50
CA ALA B 253 1.44 -24.74 1.19
C ALA B 253 1.61 -25.65 2.40
N LEU B 254 1.18 -25.21 3.57
CA LEU B 254 1.30 -25.97 4.80
C LEU B 254 -0.02 -26.59 5.25
N GLU B 255 -1.10 -26.36 4.52
CA GLU B 255 -2.42 -26.89 4.83
C GLU B 255 -2.76 -28.01 3.85
N LYS B 256 -3.96 -28.56 4.01
CA LYS B 256 -4.54 -29.48 3.04
C LYS B 256 -5.97 -29.05 2.75
N SER B 257 -6.44 -29.38 1.55
CA SER B 257 -7.79 -29.09 1.12
C SER B 257 -8.31 -30.26 0.31
N THR B 258 -9.58 -30.61 0.51
CA THR B 258 -10.13 -31.80 -0.12
C THR B 258 -10.71 -31.51 -1.49
N ASN B 259 -11.72 -30.61 -1.56
CA ASN B 259 -12.45 -30.18 -2.74
C ASN B 259 -13.02 -31.37 -3.54
N PRO B 260 -14.14 -31.97 -3.09
CA PRO B 260 -14.65 -33.19 -3.75
C PRO B 260 -15.13 -33.08 -5.19
N ILE B 261 -15.04 -31.92 -5.83
CA ILE B 261 -15.24 -31.90 -7.29
C ILE B 261 -14.00 -32.43 -8.00
N LYS B 262 -12.81 -32.07 -7.50
CA LYS B 262 -11.53 -32.50 -8.06
C LYS B 262 -11.31 -34.02 -7.98
N MET C 1 10.77 3.17 -6.97
CA MET C 1 9.85 2.78 -8.03
C MET C 1 9.26 1.41 -7.80
N GLU C 2 8.60 0.86 -8.82
CA GLU C 2 7.85 -0.38 -8.67
C GLU C 2 8.72 -1.62 -8.68
N GLY C 3 9.89 -1.58 -9.30
CA GLY C 3 10.75 -2.74 -9.38
C GLY C 3 11.65 -2.93 -8.19
N VAL C 4 11.53 -2.05 -7.20
CA VAL C 4 12.45 -2.02 -6.07
C VAL C 4 12.06 -3.07 -5.02
N TYR C 5 10.87 -2.93 -4.44
CA TYR C 5 10.46 -3.79 -3.33
C TYR C 5 9.53 -4.93 -3.74
N PHE C 6 9.32 -5.15 -5.04
CA PHE C 6 8.33 -6.12 -5.49
C PHE C 6 8.84 -7.56 -5.41
N ASN C 7 10.08 -7.78 -5.84
CA ASN C 7 10.57 -9.13 -6.07
C ASN C 7 10.78 -9.92 -4.79
N ILE C 8 11.03 -9.24 -3.66
CA ILE C 8 11.27 -9.76 -2.31
C ILE C 8 10.31 -10.88 -1.94
N ASP C 9 9.03 -10.68 -2.26
CA ASP C 9 8.09 -11.79 -2.17
C ASP C 9 7.56 -12.26 -3.51
N ASN C 10 7.39 -11.40 -4.52
CA ASN C 10 6.59 -11.81 -5.66
C ASN C 10 7.40 -12.10 -6.92
N GLY C 11 8.74 -12.17 -6.85
CA GLY C 11 9.51 -12.33 -8.07
C GLY C 11 9.40 -13.73 -8.66
N PHE C 12 9.38 -14.74 -7.78
CA PHE C 12 9.20 -16.11 -8.22
C PHE C 12 7.81 -16.34 -8.81
N ILE C 13 6.79 -15.81 -8.14
CA ILE C 13 5.41 -15.93 -8.61
C ILE C 13 5.23 -15.26 -9.96
N GLU C 14 5.82 -14.06 -10.12
CA GLU C 14 5.73 -13.34 -11.38
C GLU C 14 6.43 -14.09 -12.51
N GLY C 15 7.62 -14.65 -12.24
CA GLY C 15 8.31 -15.41 -13.26
C GLY C 15 7.58 -16.68 -13.68
N VAL C 16 6.99 -17.39 -12.71
CA VAL C 16 6.26 -18.61 -13.04
C VAL C 16 4.98 -18.29 -13.82
N VAL C 17 4.30 -17.19 -13.48
CA VAL C 17 3.09 -16.83 -14.22
C VAL C 17 3.42 -16.34 -15.64
N ARG C 18 4.57 -15.67 -15.82
CA ARG C 18 5.00 -15.36 -17.19
C ARG C 18 5.37 -16.62 -17.97
N GLY C 19 5.93 -17.62 -17.30
CA GLY C 19 6.20 -18.89 -17.96
C GLY C 19 4.93 -19.62 -18.37
N TYR C 20 3.88 -19.53 -17.52
CA TYR C 20 2.57 -20.02 -17.90
C TYR C 20 2.00 -19.24 -19.07
N ARG C 21 2.29 -17.94 -19.12
CA ARG C 21 1.78 -17.06 -20.14
C ARG C 21 2.39 -17.37 -21.51
N ASN C 22 3.64 -17.81 -21.54
CA ASN C 22 4.29 -18.11 -22.81
C ASN C 22 3.71 -19.33 -23.51
N GLY C 23 2.88 -20.12 -22.85
CA GLY C 23 2.21 -21.26 -23.43
C GLY C 23 0.80 -20.99 -23.91
N LEU C 24 0.38 -19.73 -24.00
CA LEU C 24 -0.88 -19.38 -24.62
C LEU C 24 -0.83 -19.67 -26.12
N LEU C 25 -1.95 -20.15 -26.66
CA LEU C 25 -2.01 -20.51 -28.05
C LEU C 25 -2.05 -19.27 -28.95
N SER C 26 -1.25 -19.29 -30.01
CA SER C 26 -1.27 -18.24 -31.02
C SER C 26 -2.18 -18.67 -32.17
N ASN C 27 -2.21 -17.84 -33.22
CA ASN C 27 -3.18 -18.01 -34.29
C ASN C 27 -2.90 -19.25 -35.12
N ASN C 28 -1.62 -19.53 -35.40
CA ASN C 28 -1.25 -20.69 -36.20
C ASN C 28 -1.61 -22.00 -35.50
N GLN C 29 -1.54 -22.02 -34.17
CA GLN C 29 -1.90 -23.23 -33.44
C GLN C 29 -3.40 -23.47 -33.48
N TYR C 30 -4.19 -22.39 -33.43
CA TYR C 30 -5.64 -22.56 -33.58
C TYR C 30 -6.03 -22.98 -34.99
N ILE C 31 -5.29 -22.51 -36.00
CA ILE C 31 -5.55 -22.95 -37.37
C ILE C 31 -5.21 -24.43 -37.53
N ASN C 32 -4.11 -24.87 -36.92
CA ASN C 32 -3.79 -26.29 -36.92
C ASN C 32 -4.82 -27.11 -36.16
N LEU C 33 -5.43 -26.55 -35.12
CA LEU C 33 -6.53 -27.26 -34.46
C LEU C 33 -7.78 -27.29 -35.33
N THR C 34 -7.99 -26.24 -36.12
CA THR C 34 -9.14 -26.19 -37.02
C THR C 34 -9.03 -27.25 -38.11
N GLN C 35 -7.82 -27.51 -38.60
CA GLN C 35 -7.64 -28.45 -39.70
C GLN C 35 -7.73 -29.92 -39.30
N CYS C 36 -8.14 -30.23 -38.08
CA CYS C 36 -8.27 -31.62 -37.66
C CYS C 36 -9.57 -32.23 -38.15
N ASP C 37 -9.52 -33.51 -38.50
CA ASP C 37 -10.68 -34.21 -39.05
C ASP C 37 -11.51 -34.90 -37.98
N THR C 38 -10.91 -35.82 -37.23
CA THR C 38 -11.57 -36.50 -36.15
C THR C 38 -11.13 -35.89 -34.81
N LEU C 39 -11.52 -36.53 -33.71
CA LEU C 39 -11.22 -36.00 -32.39
C LEU C 39 -9.89 -36.51 -31.85
N GLU C 40 -9.46 -37.70 -32.29
CA GLU C 40 -8.12 -38.18 -31.95
C GLU C 40 -7.04 -37.35 -32.60
N ASP C 41 -7.31 -36.78 -33.78
CA ASP C 41 -6.39 -35.83 -34.39
C ASP C 41 -6.29 -34.57 -33.56
N LEU C 42 -7.40 -34.15 -32.95
CA LEU C 42 -7.36 -33.00 -32.06
C LEU C 42 -6.55 -33.29 -30.81
N LYS C 43 -6.67 -34.51 -30.28
CA LYS C 43 -5.85 -34.93 -29.13
C LYS C 43 -4.36 -34.92 -29.47
N LEU C 44 -4.00 -35.51 -30.61
CA LEU C 44 -2.60 -35.55 -31.03
C LEU C 44 -2.06 -34.16 -31.35
N GLN C 45 -2.91 -33.28 -31.84
CA GLN C 45 -2.46 -31.93 -32.15
C GLN C 45 -2.29 -31.08 -30.89
N LEU C 46 -3.17 -31.26 -29.90
CA LEU C 46 -2.98 -30.58 -28.62
C LEU C 46 -1.79 -31.14 -27.83
N SER C 47 -1.35 -32.36 -28.13
CA SER C 47 -0.23 -32.96 -27.41
C SER C 47 1.10 -32.24 -27.65
N SER C 48 1.24 -31.44 -28.70
CA SER C 48 2.48 -30.74 -28.99
C SER C 48 2.45 -29.29 -28.55
N THR C 49 1.80 -29.01 -27.43
CA THR C 49 1.66 -27.65 -26.93
C THR C 49 1.99 -27.70 -25.44
N ASP C 50 1.73 -26.62 -24.68
CA ASP C 50 1.95 -26.62 -23.24
C ASP C 50 1.01 -27.60 -22.54
N TYR C 51 -0.10 -27.97 -23.19
CA TYR C 51 -1.05 -28.91 -22.62
C TYR C 51 -0.50 -30.31 -22.49
N GLY C 52 0.37 -30.73 -23.42
CA GLY C 52 0.67 -32.11 -23.78
C GLY C 52 0.86 -33.15 -22.69
N ASN C 53 0.42 -34.40 -22.96
CA ASN C 53 0.30 -35.48 -21.98
C ASN C 53 -0.65 -35.08 -20.85
N PHE C 54 -1.79 -34.52 -21.24
CA PHE C 54 -2.89 -34.21 -20.35
C PHE C 54 -4.10 -35.11 -20.58
N LEU C 55 -4.29 -35.57 -21.81
CA LEU C 55 -5.24 -36.62 -22.14
C LEU C 55 -4.57 -37.96 -22.28
N SER C 56 -3.28 -38.06 -21.92
CA SER C 56 -2.67 -39.36 -21.75
C SER C 56 -3.28 -40.05 -20.53
N SER C 57 -3.34 -41.38 -20.60
CA SER C 57 -4.04 -42.24 -19.65
C SER C 57 -5.50 -41.82 -19.49
N VAL C 58 -6.19 -41.73 -20.63
CA VAL C 58 -7.64 -41.61 -20.59
C VAL C 58 -8.26 -42.80 -21.31
N SER C 59 -8.12 -42.82 -22.64
CA SER C 59 -8.68 -43.82 -23.54
C SER C 59 -8.34 -43.46 -24.98
N SER C 60 -8.73 -44.31 -25.91
CA SER C 60 -8.78 -43.95 -27.31
C SER C 60 -10.20 -43.91 -27.86
N GLU C 61 -11.19 -44.27 -27.04
CA GLU C 61 -12.58 -44.33 -27.48
C GLU C 61 -13.56 -43.68 -26.53
N SER C 62 -13.14 -43.34 -25.31
CA SER C 62 -13.95 -42.59 -24.37
C SER C 62 -13.65 -41.10 -24.41
N LEU C 63 -13.29 -40.58 -25.58
CA LEU C 63 -12.89 -39.19 -25.74
C LEU C 63 -14.11 -38.39 -26.18
N THR C 64 -14.46 -37.38 -25.39
CA THR C 64 -15.69 -36.62 -25.56
C THR C 64 -15.36 -35.16 -25.32
N THR C 65 -16.13 -34.27 -25.94
CA THR C 65 -15.94 -32.83 -25.78
C THR C 65 -16.05 -32.39 -24.32
N SER C 66 -16.99 -32.99 -23.58
CA SER C 66 -17.13 -32.67 -22.17
C SER C 66 -15.93 -33.13 -21.36
N LEU C 67 -15.34 -34.26 -21.72
CA LEU C 67 -14.15 -34.75 -21.02
C LEU C 67 -12.96 -33.85 -21.30
N ILE C 68 -12.85 -33.34 -22.52
CA ILE C 68 -11.76 -32.46 -22.90
C ILE C 68 -11.87 -31.12 -22.16
N GLN C 69 -13.09 -30.56 -22.05
CA GLN C 69 -13.20 -29.31 -21.32
C GLN C 69 -13.04 -29.51 -19.82
N GLU C 70 -13.42 -30.68 -19.28
CA GLU C 70 -13.15 -30.98 -17.88
C GLU C 70 -11.66 -31.01 -17.58
N TYR C 71 -10.88 -31.69 -18.41
CA TYR C 71 -9.46 -31.81 -18.11
C TYR C 71 -8.69 -30.53 -18.41
N ALA C 72 -9.09 -29.82 -19.46
CA ALA C 72 -8.46 -28.53 -19.76
C ALA C 72 -8.81 -27.48 -18.72
N SER C 73 -9.95 -27.60 -18.05
CA SER C 73 -10.24 -26.70 -16.93
C SER C 73 -9.51 -27.12 -15.67
N SER C 74 -9.35 -28.43 -15.44
CA SER C 74 -8.67 -28.90 -14.24
C SER C 74 -7.19 -28.55 -14.25
N LYS C 75 -6.56 -28.51 -15.43
CA LYS C 75 -5.17 -28.08 -15.50
C LYS C 75 -5.00 -26.61 -15.10
N LEU C 76 -5.92 -25.77 -15.57
CA LEU C 76 -6.01 -24.36 -15.18
C LEU C 76 -6.17 -24.22 -13.67
N TYR C 77 -7.05 -25.03 -13.08
CA TYR C 77 -7.35 -24.89 -11.67
C TYR C 77 -6.21 -25.36 -10.79
N HIS C 78 -5.50 -26.41 -11.22
CA HIS C 78 -4.33 -26.85 -10.45
C HIS C 78 -3.20 -25.84 -10.53
N GLU C 79 -3.01 -25.20 -11.69
CA GLU C 79 -1.98 -24.17 -11.79
C GLU C 79 -2.32 -22.95 -10.93
N PHE C 80 -3.61 -22.55 -10.90
CA PHE C 80 -4.01 -21.44 -10.04
C PHE C 80 -3.86 -21.78 -8.58
N ASN C 81 -4.17 -23.02 -8.18
CA ASN C 81 -4.01 -23.38 -6.78
C ASN C 81 -2.55 -23.45 -6.37
N TYR C 82 -1.66 -23.85 -7.29
CA TYR C 82 -0.23 -23.80 -7.00
C TYR C 82 0.24 -22.38 -6.75
N ILE C 83 -0.11 -21.46 -7.66
CA ILE C 83 0.30 -20.06 -7.53
C ILE C 83 -0.32 -19.42 -6.29
N ARG C 84 -1.53 -19.83 -5.91
CA ARG C 84 -2.15 -19.32 -4.70
C ARG C 84 -1.49 -19.89 -3.45
N ASP C 85 -1.00 -21.12 -3.51
CA ASP C 85 -0.28 -21.67 -2.36
C ASP C 85 1.08 -21.02 -2.18
N GLN C 86 1.71 -20.53 -3.25
CA GLN C 86 3.06 -20.01 -3.14
C GLN C 86 3.10 -18.53 -2.76
N SER C 87 2.02 -17.95 -2.25
CA SER C 87 1.92 -16.51 -2.02
C SER C 87 1.62 -16.22 -0.57
N SER C 88 1.75 -14.94 -0.20
CA SER C 88 1.50 -14.50 1.16
C SER C 88 1.18 -13.02 1.16
N GLY C 89 0.66 -12.55 2.30
CA GLY C 89 0.44 -11.14 2.51
C GLY C 89 -0.71 -10.56 1.70
N SER C 90 -0.39 -9.62 0.83
CA SER C 90 -1.40 -8.98 -0.01
C SER C 90 -1.74 -9.79 -1.24
N THR C 91 -0.80 -10.61 -1.73
CA THR C 91 -1.06 -11.42 -2.91
C THR C 91 -2.00 -12.57 -2.58
N ARG C 92 -1.86 -13.14 -1.38
CA ARG C 92 -2.77 -14.17 -0.92
C ARG C 92 -4.19 -13.64 -0.78
N LYS C 93 -4.32 -12.42 -0.23
CA LYS C 93 -5.62 -11.75 -0.14
C LYS C 93 -6.21 -11.53 -1.52
N PHE C 94 -5.41 -10.98 -2.43
CA PHE C 94 -5.82 -10.69 -3.80
C PHE C 94 -6.34 -11.93 -4.52
N MET C 95 -5.69 -13.08 -4.31
CA MET C 95 -6.18 -14.29 -4.95
C MET C 95 -7.43 -14.85 -4.28
N ASP C 96 -7.57 -14.66 -2.96
CA ASP C 96 -8.83 -14.99 -2.32
C ASP C 96 -9.98 -14.12 -2.87
N TYR C 97 -9.71 -12.84 -3.11
CA TYR C 97 -10.69 -11.98 -3.75
C TYR C 97 -10.97 -12.40 -5.19
N ILE C 98 -10.02 -13.06 -5.85
CA ILE C 98 -10.36 -13.63 -7.16
C ILE C 98 -11.34 -14.80 -6.99
N THR C 99 -11.16 -15.58 -5.93
CA THR C 99 -12.00 -16.76 -5.70
C THR C 99 -13.45 -16.41 -5.34
N TYR C 100 -13.65 -15.29 -4.61
CA TYR C 100 -14.98 -14.97 -4.07
C TYR C 100 -16.03 -14.74 -5.15
N GLY C 101 -15.62 -14.27 -6.32
CA GLY C 101 -16.56 -14.02 -7.40
C GLY C 101 -17.14 -15.28 -8.01
N TYR C 102 -16.40 -16.38 -7.94
CA TYR C 102 -16.96 -17.67 -8.31
C TYR C 102 -17.74 -18.30 -7.17
N MET C 103 -17.38 -17.97 -5.92
CA MET C 103 -18.20 -18.39 -4.77
C MET C 103 -19.62 -17.86 -4.87
N ILE C 104 -19.79 -16.62 -5.36
CA ILE C 104 -21.12 -16.03 -5.55
C ILE C 104 -21.93 -16.82 -6.57
N ASP C 105 -21.31 -17.22 -7.68
CA ASP C 105 -22.00 -18.01 -8.69
C ASP C 105 -22.39 -19.38 -8.16
N ASN C 106 -21.55 -19.97 -7.30
CA ASN C 106 -21.91 -21.27 -6.73
C ASN C 106 -23.07 -21.14 -5.75
N VAL C 107 -23.15 -20.03 -5.00
CA VAL C 107 -24.29 -19.76 -4.13
C VAL C 107 -25.59 -19.71 -4.95
N ALA C 108 -25.58 -18.92 -6.02
CA ALA C 108 -26.78 -18.75 -6.84
C ALA C 108 -27.19 -20.05 -7.52
N LEU C 109 -26.20 -20.83 -7.99
CA LEU C 109 -26.50 -22.09 -8.64
C LEU C 109 -27.08 -23.11 -7.67
N MET C 110 -26.54 -23.18 -6.44
CA MET C 110 -27.04 -24.14 -5.47
C MET C 110 -28.44 -23.80 -5.00
N ILE C 111 -28.73 -22.50 -4.79
CA ILE C 111 -30.08 -22.12 -4.40
C ILE C 111 -31.09 -22.38 -5.52
N THR C 112 -30.72 -22.02 -6.76
CA THR C 112 -31.61 -22.23 -7.90
C THR C 112 -31.91 -23.70 -8.13
N GLY C 113 -30.90 -24.56 -7.98
CA GLY C 113 -31.15 -25.98 -8.08
C GLY C 113 -31.93 -26.55 -6.91
N THR C 114 -31.82 -25.91 -5.74
CA THR C 114 -32.59 -26.36 -4.59
C THR C 114 -34.08 -26.04 -4.75
N ILE C 115 -34.40 -24.95 -5.47
CA ILE C 115 -35.80 -24.61 -5.73
C ILE C 115 -36.48 -25.68 -6.58
N HIS C 116 -35.81 -26.17 -7.61
CA HIS C 116 -36.40 -27.12 -8.55
C HIS C 116 -36.27 -28.57 -8.11
N ASP C 117 -35.92 -28.81 -6.83
CA ASP C 117 -35.92 -30.14 -6.20
C ASP C 117 -34.98 -31.12 -6.89
N ARG C 118 -33.81 -30.64 -7.28
CA ARG C 118 -32.82 -31.51 -7.89
C ARG C 118 -31.97 -32.19 -6.83
N ASP C 119 -31.10 -33.09 -7.28
CA ASP C 119 -30.27 -33.88 -6.38
C ASP C 119 -29.12 -33.03 -5.84
N LYS C 120 -28.64 -33.38 -4.65
CA LYS C 120 -27.47 -32.71 -4.10
C LYS C 120 -26.23 -32.98 -4.94
N GLY C 121 -26.02 -34.25 -5.32
CA GLY C 121 -24.84 -34.63 -6.07
C GLY C 121 -24.82 -34.15 -7.51
N GLU C 122 -25.99 -33.90 -8.11
CA GLU C 122 -26.02 -33.32 -9.45
C GLU C 122 -25.57 -31.87 -9.42
N ILE C 123 -26.01 -31.12 -8.40
CA ILE C 123 -25.64 -29.72 -8.27
C ILE C 123 -24.24 -29.59 -7.66
N LEU C 124 -23.73 -30.64 -7.00
CA LEU C 124 -22.40 -30.56 -6.42
C LEU C 124 -21.33 -30.66 -7.50
N GLN C 125 -21.56 -31.47 -8.52
CA GLN C 125 -20.79 -31.34 -9.74
C GLN C 125 -21.39 -30.22 -10.57
N ARG C 126 -20.73 -29.91 -11.70
CA ARG C 126 -20.85 -28.68 -12.49
C ARG C 126 -20.98 -27.42 -11.63
N CYS C 127 -20.17 -27.33 -10.57
CA CYS C 127 -20.32 -26.28 -9.58
C CYS C 127 -18.98 -25.63 -9.29
N HIS C 128 -18.13 -25.51 -10.33
CA HIS C 128 -16.92 -24.71 -10.43
C HIS C 128 -15.97 -24.86 -9.25
N PRO C 129 -15.12 -25.90 -9.23
CA PRO C 129 -14.38 -26.29 -8.02
C PRO C 129 -13.43 -25.27 -7.39
N LEU C 130 -13.28 -24.08 -7.98
CA LEU C 130 -12.37 -23.12 -7.40
C LEU C 130 -13.02 -22.33 -6.26
N GLY C 131 -14.29 -21.97 -6.41
CA GLY C 131 -15.02 -21.32 -5.33
C GLY C 131 -15.71 -22.30 -4.40
N TRP C 132 -14.96 -22.96 -3.52
CA TRP C 132 -15.52 -24.11 -2.80
C TRP C 132 -16.32 -23.73 -1.56
N PHE C 133 -15.65 -23.15 -0.55
CA PHE C 133 -16.19 -22.80 0.78
C PHE C 133 -17.02 -23.92 1.44
N ASP C 134 -16.33 -24.78 2.20
CA ASP C 134 -16.73 -26.05 2.83
C ASP C 134 -18.21 -26.24 3.18
N THR C 135 -18.87 -25.22 3.69
CA THR C 135 -20.29 -25.31 4.03
C THR C 135 -21.23 -25.05 2.84
N LEU C 136 -20.75 -25.21 1.61
CA LEU C 136 -21.55 -25.06 0.39
C LEU C 136 -22.64 -26.09 0.18
N PRO C 137 -22.46 -27.42 0.40
CA PRO C 137 -23.59 -28.34 0.18
C PRO C 137 -24.70 -28.22 1.22
N THR C 138 -24.50 -27.46 2.30
CA THR C 138 -25.54 -27.22 3.28
C THR C 138 -26.57 -26.21 2.78
N LEU C 139 -26.29 -25.51 1.67
CA LEU C 139 -27.24 -24.58 1.08
C LEU C 139 -28.44 -25.26 0.44
N SER C 140 -28.46 -26.59 0.36
CA SER C 140 -29.58 -27.31 -0.20
C SER C 140 -30.72 -27.55 0.79
N VAL C 141 -30.60 -27.07 2.02
CA VAL C 141 -31.68 -27.21 2.99
C VAL C 141 -32.32 -25.85 3.19
N ALA C 142 -33.58 -25.88 3.66
CA ALA C 142 -34.27 -24.75 4.27
C ALA C 142 -34.39 -23.55 3.32
N THR C 143 -35.23 -23.74 2.30
CA THR C 143 -35.48 -22.87 1.14
C THR C 143 -35.47 -21.35 1.38
N ASP C 144 -36.01 -20.91 2.52
CA ASP C 144 -36.13 -19.50 2.85
C ASP C 144 -34.75 -18.85 3.00
N LEU C 145 -34.59 -17.66 2.38
CA LEU C 145 -33.28 -17.00 2.28
C LEU C 145 -32.70 -16.63 3.63
N GLU C 146 -33.57 -16.27 4.58
CA GLU C 146 -33.13 -16.01 5.95
C GLU C 146 -32.57 -17.27 6.60
N SER C 147 -33.26 -18.38 6.47
CA SER C 147 -32.82 -19.61 7.09
C SER C 147 -31.59 -20.20 6.40
N LEU C 148 -31.22 -19.67 5.23
CA LEU C 148 -29.84 -19.83 4.77
C LEU C 148 -28.91 -18.90 5.54
N TYR C 149 -29.31 -17.64 5.74
CA TYR C 149 -28.32 -16.64 6.11
C TYR C 149 -27.96 -16.68 7.59
N GLU C 150 -28.95 -16.78 8.47
CA GLU C 150 -28.72 -16.89 9.89
C GLU C 150 -28.14 -18.23 10.32
N THR C 151 -27.92 -19.16 9.40
CA THR C 151 -27.35 -20.45 9.73
C THR C 151 -25.99 -20.66 9.10
N VAL C 152 -25.83 -20.48 7.79
CA VAL C 152 -24.57 -20.88 7.17
C VAL C 152 -23.80 -19.75 6.48
N LEU C 153 -24.46 -18.68 6.06
CA LEU C 153 -23.73 -17.69 5.26
C LEU C 153 -22.98 -16.65 6.09
N VAL C 154 -23.25 -16.55 7.39
CA VAL C 154 -22.57 -15.53 8.17
C VAL C 154 -21.12 -15.91 8.44
N ASP C 155 -20.80 -17.20 8.40
CA ASP C 155 -19.46 -17.68 8.68
C ASP C 155 -18.60 -17.81 7.43
N THR C 156 -19.17 -17.56 6.27
CA THR C 156 -18.50 -17.49 4.99
C THR C 156 -17.94 -16.09 4.79
N PRO C 157 -16.96 -15.90 3.88
CA PRO C 157 -16.52 -14.54 3.55
C PRO C 157 -17.49 -13.74 2.69
N LEU C 158 -18.65 -14.29 2.34
CA LEU C 158 -19.70 -13.58 1.62
C LEU C 158 -20.69 -12.91 2.54
N ALA C 159 -20.40 -12.91 3.85
CA ALA C 159 -21.31 -12.31 4.82
C ALA C 159 -21.51 -10.78 4.71
N PRO C 160 -20.53 -9.93 4.41
CA PRO C 160 -20.82 -8.50 4.32
C PRO C 160 -21.52 -8.05 3.04
N TYR C 161 -22.00 -8.96 2.21
CA TYR C 161 -22.54 -8.62 0.90
C TYR C 161 -24.06 -8.70 0.85
N PHE C 162 -24.71 -9.13 1.93
CA PHE C 162 -26.17 -9.24 1.93
C PHE C 162 -26.82 -8.05 2.61
N LYS C 163 -26.14 -6.89 2.60
CA LYS C 163 -26.69 -5.72 3.28
C LYS C 163 -27.88 -5.11 2.55
N ASN C 164 -28.11 -5.49 1.29
CA ASN C 164 -29.26 -5.02 0.55
C ASN C 164 -30.30 -6.11 0.37
N CYS C 165 -29.91 -7.39 0.47
CA CYS C 165 -30.71 -8.51 -0.01
C CYS C 165 -31.93 -8.81 0.85
N PHE C 166 -32.06 -8.19 2.01
CA PHE C 166 -33.21 -8.43 2.87
C PHE C 166 -34.23 -7.31 2.70
N ASP C 167 -34.91 -7.36 1.56
CA ASP C 167 -36.06 -6.51 1.28
C ASP C 167 -37.33 -7.33 1.12
N THR C 168 -37.30 -8.32 0.23
CA THR C 168 -38.37 -9.31 0.13
C THR C 168 -38.10 -10.43 1.10
N ALA C 169 -39.16 -10.96 1.71
CA ALA C 169 -39.03 -11.91 2.82
C ALA C 169 -39.95 -13.10 2.62
N GLU C 170 -39.92 -13.70 1.43
CA GLU C 170 -40.74 -14.85 1.09
C GLU C 170 -39.86 -15.95 0.51
N GLU C 171 -40.49 -17.05 0.09
CA GLU C 171 -39.77 -18.11 -0.59
C GLU C 171 -39.36 -17.66 -1.99
N LEU C 172 -38.29 -18.25 -2.48
CA LEU C 172 -37.60 -17.73 -3.66
C LEU C 172 -38.04 -18.45 -4.93
N ASP C 173 -38.09 -17.71 -6.03
CA ASP C 173 -38.17 -18.32 -7.35
C ASP C 173 -37.05 -17.79 -8.23
N ASP C 174 -37.13 -18.03 -9.54
CA ASP C 174 -35.97 -17.81 -10.41
C ASP C 174 -35.63 -16.35 -10.64
N MET C 175 -36.57 -15.42 -10.46
CA MET C 175 -36.21 -14.03 -10.63
C MET C 175 -35.71 -13.39 -9.35
N ASN C 176 -36.21 -13.84 -8.19
CA ASN C 176 -35.71 -13.31 -6.92
C ASN C 176 -34.25 -13.68 -6.70
N ILE C 177 -33.86 -14.90 -7.06
CA ILE C 177 -32.48 -15.35 -6.90
C ILE C 177 -31.54 -14.54 -7.78
N GLU C 178 -32.00 -14.14 -8.98
CA GLU C 178 -31.15 -13.34 -9.85
C GLU C 178 -31.04 -11.90 -9.36
N ILE C 179 -32.12 -11.35 -8.79
CA ILE C 179 -32.04 -10.03 -8.17
C ILE C 179 -31.06 -10.05 -6.99
N ILE C 180 -31.14 -11.11 -6.18
CA ILE C 180 -30.21 -11.31 -5.07
C ILE C 180 -28.77 -11.36 -5.55
N ARG C 181 -28.50 -12.23 -6.54
CA ARG C 181 -27.16 -12.44 -7.07
C ARG C 181 -26.57 -11.19 -7.71
N ASN C 182 -27.42 -10.38 -8.35
CA ASN C 182 -26.93 -9.11 -8.90
C ASN C 182 -26.54 -8.13 -7.79
N LYS C 183 -27.31 -8.09 -6.70
CA LYS C 183 -26.92 -7.25 -5.57
C LYS C 183 -25.63 -7.73 -4.92
N LEU C 184 -25.45 -9.06 -4.82
CA LEU C 184 -24.21 -9.65 -4.35
C LEU C 184 -23.02 -9.20 -5.17
N TYR C 185 -23.12 -9.34 -6.49
CA TYR C 185 -21.99 -9.05 -7.35
C TYR C 185 -21.68 -7.55 -7.41
N LYS C 186 -22.71 -6.70 -7.27
CA LYS C 186 -22.51 -5.25 -7.15
C LYS C 186 -21.69 -4.89 -5.92
N ALA C 187 -22.15 -5.33 -4.74
CA ALA C 187 -21.42 -5.09 -3.50
C ALA C 187 -20.03 -5.71 -3.53
N TYR C 188 -19.90 -6.84 -4.23
CA TYR C 188 -18.63 -7.52 -4.36
C TYR C 188 -17.62 -6.72 -5.16
N LEU C 189 -18.01 -6.24 -6.35
CA LEU C 189 -17.11 -5.44 -7.17
C LEU C 189 -16.69 -4.17 -6.49
N GLU C 190 -17.59 -3.55 -5.71
CA GLU C 190 -17.18 -2.32 -5.05
C GLU C 190 -16.26 -2.58 -3.86
N ASP C 191 -16.44 -3.71 -3.16
CA ASP C 191 -15.48 -4.13 -2.14
C ASP C 191 -14.10 -4.37 -2.73
N PHE C 192 -14.04 -5.05 -3.87
CA PHE C 192 -12.74 -5.40 -4.44
C PHE C 192 -12.07 -4.19 -5.10
N TYR C 193 -12.87 -3.24 -5.60
CA TYR C 193 -12.31 -2.00 -6.12
C TYR C 193 -11.71 -1.15 -5.02
N ASN C 194 -12.43 -0.99 -3.90
CA ASN C 194 -11.86 -0.28 -2.76
C ASN C 194 -10.71 -1.03 -2.10
N PHE C 195 -10.62 -2.35 -2.31
CA PHE C 195 -9.42 -3.07 -1.87
C PHE C 195 -8.21 -2.72 -2.73
N VAL C 196 -8.38 -2.71 -4.05
CA VAL C 196 -7.26 -2.44 -4.95
C VAL C 196 -6.78 -0.99 -4.81
N THR C 197 -7.72 -0.07 -4.56
CA THR C 197 -7.37 1.36 -4.46
C THR C 197 -6.46 1.65 -3.27
N GLU C 198 -6.53 0.86 -2.20
CA GLU C 198 -5.82 1.21 -0.98
C GLU C 198 -4.58 0.38 -0.68
N GLU C 199 -4.40 -0.79 -1.29
CA GLU C 199 -3.27 -1.62 -0.87
C GLU C 199 -2.34 -2.02 -2.01
N ILE C 200 -2.86 -2.30 -3.19
CA ILE C 200 -2.03 -2.78 -4.31
C ILE C 200 -1.16 -1.63 -4.81
N PRO C 201 0.12 -1.85 -5.12
CA PRO C 201 0.96 -0.76 -5.64
C PRO C 201 0.53 -0.30 -7.02
N GLU C 202 1.17 0.79 -7.47
CA GLU C 202 0.54 1.67 -8.47
C GLU C 202 0.43 1.10 -9.89
N PRO C 203 1.48 0.53 -10.53
CA PRO C 203 1.27 0.05 -11.91
C PRO C 203 0.31 -1.11 -12.00
N ALA C 204 0.19 -1.90 -10.93
CA ALA C 204 -0.87 -2.89 -10.87
C ALA C 204 -2.20 -2.26 -10.47
N LYS C 205 -2.16 -1.15 -9.74
CA LYS C 205 -3.38 -0.47 -9.30
C LYS C 205 -4.17 0.06 -10.48
N GLU C 206 -3.51 0.74 -11.42
CA GLU C 206 -4.25 1.31 -12.55
C GLU C 206 -4.79 0.22 -13.49
N CYS C 207 -4.01 -0.84 -13.68
CA CYS C 207 -4.44 -1.95 -14.53
C CYS C 207 -5.63 -2.69 -13.92
N MET C 208 -5.61 -2.92 -12.60
CA MET C 208 -6.76 -3.58 -11.98
C MET C 208 -7.96 -2.67 -11.94
N GLN C 209 -7.76 -1.36 -11.83
CA GLN C 209 -8.90 -0.44 -11.87
C GLN C 209 -9.57 -0.44 -13.23
N THR C 210 -8.81 -0.48 -14.32
CA THR C 210 -9.47 -0.50 -15.62
C THR C 210 -10.08 -1.87 -15.93
N LEU C 211 -9.50 -2.97 -15.42
CA LEU C 211 -10.13 -4.27 -15.64
C LEU C 211 -11.42 -4.43 -14.84
N LEU C 212 -11.45 -3.93 -13.61
CA LEU C 212 -12.67 -3.94 -12.83
C LEU C 212 -13.71 -2.98 -13.40
N GLY C 213 -13.27 -1.86 -13.96
CA GLY C 213 -14.17 -1.00 -14.69
C GLY C 213 -14.86 -1.71 -15.83
N PHE C 214 -14.12 -2.52 -16.59
CA PHE C 214 -14.76 -3.23 -17.69
C PHE C 214 -15.69 -4.33 -17.19
N GLU C 215 -15.35 -5.00 -16.08
CA GLU C 215 -16.25 -6.01 -15.51
C GLU C 215 -17.58 -5.38 -15.10
N ALA C 216 -17.52 -4.23 -14.42
CA ALA C 216 -18.73 -3.52 -14.00
C ALA C 216 -19.53 -3.02 -15.20
N ASP C 217 -18.87 -2.55 -16.24
CA ASP C 217 -19.60 -2.02 -17.40
C ASP C 217 -20.27 -3.12 -18.19
N ARG C 218 -19.61 -4.28 -18.35
CA ARG C 218 -20.22 -5.42 -19.02
C ARG C 218 -21.44 -5.92 -18.26
N ARG C 219 -21.35 -6.01 -16.94
CA ARG C 219 -22.51 -6.49 -16.20
C ARG C 219 -23.63 -5.46 -16.14
N SER C 220 -23.30 -4.16 -16.19
CA SER C 220 -24.33 -3.14 -16.26
C SER C 220 -25.11 -3.21 -17.58
N ILE C 221 -24.39 -3.37 -18.70
CA ILE C 221 -25.07 -3.47 -19.99
C ILE C 221 -25.88 -4.76 -20.07
N ASN C 222 -25.40 -5.85 -19.46
CA ASN C 222 -26.16 -7.10 -19.48
C ASN C 222 -27.43 -7.01 -18.63
N ILE C 223 -27.37 -6.35 -17.48
CA ILE C 223 -28.57 -6.19 -16.65
C ILE C 223 -29.56 -5.25 -17.33
N ALA C 224 -29.07 -4.21 -18.00
CA ALA C 224 -29.96 -3.31 -18.71
C ALA C 224 -30.61 -3.96 -19.94
N LEU C 225 -29.92 -4.89 -20.58
CA LEU C 225 -30.48 -5.61 -21.72
C LEU C 225 -31.27 -6.85 -21.33
N ASN C 226 -31.19 -7.30 -20.08
CA ASN C 226 -32.00 -8.42 -19.64
C ASN C 226 -33.18 -7.99 -18.78
N SER C 227 -33.21 -6.74 -18.30
CA SER C 227 -34.28 -6.31 -17.42
C SER C 227 -35.53 -5.86 -18.16
N LEU C 228 -35.48 -5.69 -19.48
CA LEU C 228 -36.66 -5.29 -20.24
C LEU C 228 -37.49 -6.47 -20.71
N GLN C 229 -37.41 -7.60 -20.01
CA GLN C 229 -38.30 -8.73 -20.24
C GLN C 229 -39.63 -8.48 -19.54
N SER C 230 -40.48 -9.52 -19.47
CA SER C 230 -41.87 -9.35 -19.09
C SER C 230 -42.06 -9.08 -17.59
N SER C 231 -41.74 -7.86 -17.15
CA SER C 231 -41.94 -7.46 -15.77
C SER C 231 -42.03 -5.94 -15.71
N ASP C 232 -42.37 -5.45 -14.52
CA ASP C 232 -42.39 -4.01 -14.22
C ASP C 232 -41.35 -3.75 -13.15
N ILE C 233 -40.32 -2.99 -13.49
CA ILE C 233 -39.20 -2.73 -12.57
C ILE C 233 -39.03 -1.22 -12.43
N ASP C 234 -39.20 -0.74 -11.19
CA ASP C 234 -38.92 0.64 -10.82
C ASP C 234 -37.46 0.96 -11.11
N PRO C 235 -37.16 2.12 -11.71
CA PRO C 235 -35.75 2.54 -11.83
C PRO C 235 -35.00 2.68 -10.52
N ASP C 236 -35.72 2.71 -9.40
CA ASP C 236 -35.10 2.75 -8.09
C ASP C 236 -34.73 1.32 -7.69
N LEU C 237 -35.54 0.36 -8.14
CA LEU C 237 -35.33 -1.06 -7.90
C LEU C 237 -34.44 -1.71 -8.93
N LYS C 238 -33.99 -0.98 -9.95
CA LYS C 238 -33.03 -1.49 -10.91
C LYS C 238 -31.66 -0.85 -10.78
N SER C 239 -31.59 0.41 -10.33
CA SER C 239 -30.32 1.08 -10.12
C SER C 239 -29.58 0.58 -8.88
N ASP C 240 -30.18 -0.30 -8.08
CA ASP C 240 -29.47 -1.02 -7.03
C ASP C 240 -28.85 -2.30 -7.52
N LEU C 241 -28.73 -2.46 -8.84
CA LEU C 241 -28.10 -3.62 -9.44
C LEU C 241 -26.92 -3.24 -10.32
N LEU C 242 -26.70 -1.96 -10.56
CA LEU C 242 -25.63 -1.51 -11.43
C LEU C 242 -24.51 -0.97 -10.55
N PRO C 243 -23.27 -1.45 -10.69
CA PRO C 243 -22.23 -1.10 -9.71
C PRO C 243 -21.77 0.34 -9.84
N ASN C 244 -21.35 0.92 -8.73
CA ASN C 244 -20.90 2.35 -8.69
C ASN C 244 -19.45 2.48 -9.18
N ILE C 245 -18.96 1.55 -9.98
CA ILE C 245 -17.57 1.63 -10.50
C ILE C 245 -17.60 1.49 -12.02
N GLY C 246 -16.55 1.92 -12.72
CA GLY C 246 -16.54 1.81 -14.19
C GLY C 246 -16.47 3.17 -14.84
N LYS C 247 -16.52 3.24 -16.18
CA LYS C 247 -16.44 4.54 -16.89
C LYS C 247 -17.85 4.97 -17.33
N LEU C 248 -18.88 4.28 -16.89
CA LEU C 248 -20.27 4.66 -17.26
C LEU C 248 -21.16 4.60 -16.02
N TYR C 249 -20.78 5.29 -14.94
CA TYR C 249 -21.60 5.29 -13.70
C TYR C 249 -21.98 6.73 -13.33
N PRO C 250 -20.99 7.64 -13.32
CA PRO C 250 -21.16 9.06 -12.97
C PRO C 250 -22.42 9.65 -13.61
N LEU C 251 -22.88 9.09 -14.73
CA LEU C 251 -24.08 9.63 -15.38
C LEU C 251 -24.70 8.68 -16.40
N ALA C 252 -23.98 7.65 -16.87
CA ALA C 252 -24.50 6.79 -17.93
C ALA C 252 -25.22 5.55 -17.43
N THR C 253 -25.03 5.16 -16.17
CA THR C 253 -25.92 4.18 -15.57
C THR C 253 -27.28 4.77 -15.25
N PHE C 254 -27.39 6.10 -15.20
CA PHE C 254 -28.68 6.74 -14.99
C PHE C 254 -29.64 6.51 -16.15
N HIS C 255 -29.17 6.70 -17.38
CA HIS C 255 -30.00 6.42 -18.54
C HIS C 255 -30.20 4.93 -18.78
N LEU C 256 -29.32 4.09 -18.25
CA LEU C 256 -29.60 2.65 -18.26
C LEU C 256 -30.69 2.30 -17.26
N ALA C 257 -30.70 2.96 -16.11
CA ALA C 257 -31.75 2.74 -15.13
C ALA C 257 -33.09 3.30 -15.58
N GLN C 258 -33.08 4.34 -16.40
CA GLN C 258 -34.31 4.91 -16.94
C GLN C 258 -34.34 4.61 -18.44
N ALA C 259 -34.81 3.42 -18.78
CA ALA C 259 -34.85 2.96 -20.16
C ALA C 259 -35.91 1.89 -20.28
N GLN C 260 -36.67 1.94 -21.37
CA GLN C 260 -37.75 1.00 -21.59
C GLN C 260 -37.49 0.04 -22.74
N ASP C 261 -37.06 0.52 -23.90
CA ASP C 261 -36.87 -0.35 -25.04
C ASP C 261 -35.38 -0.56 -25.33
N PHE C 262 -35.10 -1.25 -26.43
CA PHE C 262 -33.72 -1.46 -26.88
C PHE C 262 -33.11 -0.17 -27.39
N GLU C 263 -33.92 0.70 -27.99
CA GLU C 263 -33.44 1.99 -28.47
C GLU C 263 -33.08 2.92 -27.32
N GLY C 264 -33.72 2.75 -26.15
CA GLY C 264 -33.30 3.49 -24.98
C GLY C 264 -31.91 3.12 -24.51
N VAL C 265 -31.56 1.83 -24.62
CA VAL C 265 -30.21 1.39 -24.26
C VAL C 265 -29.20 1.86 -25.30
N ARG C 266 -29.61 1.86 -26.58
CA ARG C 266 -28.74 2.37 -27.64
C ARG C 266 -28.46 3.86 -27.46
N ALA C 267 -29.47 4.63 -27.06
CA ALA C 267 -29.27 6.05 -26.82
C ALA C 267 -28.53 6.30 -25.51
N ALA C 268 -28.62 5.37 -24.55
CA ALA C 268 -27.87 5.51 -23.32
C ALA C 268 -26.38 5.29 -23.55
N LEU C 269 -26.02 4.26 -24.31
CA LEU C 269 -24.62 3.98 -24.59
C LEU C 269 -24.05 4.82 -25.71
N ALA C 270 -24.83 5.72 -26.31
CA ALA C 270 -24.40 6.45 -27.50
C ALA C 270 -23.31 7.47 -27.21
N ASN C 271 -23.18 7.90 -25.96
CA ASN C 271 -22.24 8.96 -25.62
C ASN C 271 -20.94 8.46 -25.03
N VAL C 272 -20.93 7.26 -24.43
CA VAL C 272 -19.68 6.67 -23.99
C VAL C 272 -18.89 6.22 -25.20
N TYR C 273 -17.61 6.59 -25.26
CA TYR C 273 -16.88 6.49 -26.52
C TYR C 273 -16.49 5.06 -26.86
N GLU C 274 -16.05 4.28 -25.86
CA GLU C 274 -15.60 2.92 -26.13
C GLU C 274 -16.76 2.02 -26.55
N TYR C 275 -17.96 2.32 -26.09
CA TYR C 275 -19.17 1.60 -26.40
C TYR C 275 -19.82 2.25 -27.63
N ARG C 276 -21.11 1.96 -27.85
CA ARG C 276 -21.90 2.26 -29.07
C ARG C 276 -21.22 1.83 -30.36
N GLY C 277 -20.34 0.83 -30.29
CA GLY C 277 -19.91 0.10 -31.45
C GLY C 277 -20.44 -1.32 -31.45
N PHE C 278 -21.35 -1.65 -30.53
CA PHE C 278 -21.67 -3.03 -30.18
C PHE C 278 -23.07 -3.45 -30.57
N LEU C 279 -24.07 -2.59 -30.38
CA LEU C 279 -25.46 -2.99 -30.48
C LEU C 279 -25.99 -2.98 -31.91
N GLU C 280 -25.24 -2.44 -32.88
CA GLU C 280 -25.71 -2.30 -34.25
C GLU C 280 -25.20 -3.42 -35.16
N THR C 281 -24.76 -4.52 -34.59
CA THR C 281 -24.09 -5.59 -35.33
C THR C 281 -24.45 -6.91 -34.66
N GLY C 282 -23.63 -7.93 -34.87
CA GLY C 282 -24.04 -9.30 -34.65
C GLY C 282 -23.96 -9.77 -33.21
N ASN C 283 -23.17 -10.81 -32.95
CA ASN C 283 -23.07 -11.42 -31.64
C ASN C 283 -22.55 -10.42 -30.62
N LEU C 284 -23.43 -9.99 -29.72
CA LEU C 284 -23.12 -8.93 -28.76
C LEU C 284 -22.22 -9.40 -27.63
N GLU C 285 -22.07 -10.69 -27.44
CA GLU C 285 -21.22 -11.23 -26.40
C GLU C 285 -19.76 -11.32 -26.84
N ASP C 286 -19.54 -11.57 -28.14
CA ASP C 286 -18.19 -11.66 -28.67
C ASP C 286 -17.46 -10.33 -28.64
N HIS C 287 -18.18 -9.21 -28.64
CA HIS C 287 -17.54 -7.92 -28.51
C HIS C 287 -16.98 -7.71 -27.11
N PHE C 288 -17.72 -8.15 -26.09
CA PHE C 288 -17.21 -8.10 -24.73
C PHE C 288 -16.02 -9.02 -24.55
N TYR C 289 -16.07 -10.21 -25.15
CA TYR C 289 -14.93 -11.14 -25.05
C TYR C 289 -13.69 -10.61 -25.75
N GLN C 290 -13.87 -10.02 -26.94
CA GLN C 290 -12.75 -9.44 -27.69
C GLN C 290 -12.14 -8.26 -26.95
N LEU C 291 -12.98 -7.38 -26.37
CA LEU C 291 -12.45 -6.21 -25.66
C LEU C 291 -11.80 -6.61 -24.35
N GLU C 292 -12.31 -7.64 -23.69
CA GLU C 292 -11.66 -8.17 -22.50
C GLU C 292 -10.30 -8.75 -22.85
N MET C 293 -10.19 -9.47 -23.97
CA MET C 293 -8.90 -10.05 -24.30
C MET C 293 -7.91 -8.98 -24.74
N GLU C 294 -8.37 -7.89 -25.35
CA GLU C 294 -7.47 -6.79 -25.68
C GLU C 294 -6.98 -6.06 -24.43
N LEU C 295 -7.86 -5.84 -23.45
CA LEU C 295 -7.42 -5.26 -22.18
C LEU C 295 -6.47 -6.18 -21.42
N CYS C 296 -6.74 -7.49 -21.43
CA CYS C 296 -5.83 -8.42 -20.76
C CYS C 296 -4.49 -8.51 -21.46
N ARG C 297 -4.47 -8.38 -22.79
CA ARG C 297 -3.20 -8.29 -23.52
C ARG C 297 -2.43 -7.04 -23.13
N ASP C 298 -3.14 -5.91 -22.98
CA ASP C 298 -2.47 -4.69 -22.54
C ASP C 298 -2.00 -4.77 -21.09
N ALA C 299 -2.52 -5.70 -20.30
CA ALA C 299 -2.03 -5.88 -18.94
C ALA C 299 -0.70 -6.64 -18.86
N PHE C 300 -0.28 -7.33 -19.91
CA PHE C 300 0.98 -8.08 -19.89
C PHE C 300 2.18 -7.25 -20.31
N THR C 301 2.04 -5.95 -20.48
CA THR C 301 3.17 -5.12 -20.80
C THR C 301 3.80 -4.48 -19.57
N GLN C 302 3.08 -4.44 -18.47
CA GLN C 302 3.65 -4.07 -17.17
C GLN C 302 4.33 -5.29 -16.56
N GLN C 303 5.54 -5.12 -16.04
CA GLN C 303 6.28 -6.28 -15.55
C GLN C 303 6.19 -6.44 -14.03
N PHE C 304 6.36 -5.37 -13.27
CA PHE C 304 6.31 -5.46 -11.81
C PHE C 304 4.88 -5.18 -11.35
N ALA C 305 4.00 -6.15 -11.60
CA ALA C 305 2.59 -5.97 -11.32
C ALA C 305 1.95 -7.33 -11.10
N ILE C 306 1.01 -7.39 -10.16
CA ILE C 306 0.21 -8.61 -9.96
C ILE C 306 -1.13 -8.53 -10.69
N SER C 307 -1.25 -7.63 -11.66
CA SER C 307 -2.32 -7.72 -12.63
C SER C 307 -2.11 -8.87 -13.59
N THR C 308 -0.88 -9.39 -13.65
CA THR C 308 -0.52 -10.51 -14.52
C THR C 308 -1.30 -11.77 -14.15
N VAL C 309 -1.59 -11.96 -12.87
CA VAL C 309 -2.33 -13.14 -12.43
C VAL C 309 -3.77 -13.10 -12.95
N TRP C 310 -4.42 -11.95 -12.81
CA TRP C 310 -5.79 -11.79 -13.30
C TRP C 310 -5.86 -11.88 -14.82
N ALA C 311 -4.90 -11.23 -15.51
CA ALA C 311 -4.88 -11.24 -16.96
C ALA C 311 -4.63 -12.65 -17.51
N TRP C 312 -3.73 -13.40 -16.89
CA TRP C 312 -3.45 -14.75 -17.33
C TRP C 312 -4.63 -15.68 -17.03
N MET C 313 -5.28 -15.49 -15.89
CA MET C 313 -6.47 -16.26 -15.54
C MET C 313 -7.57 -16.09 -16.58
N LYS C 314 -7.86 -14.84 -16.97
CA LYS C 314 -8.92 -14.61 -17.94
C LYS C 314 -8.52 -15.07 -19.34
N SER C 315 -7.24 -14.93 -19.70
CA SER C 315 -6.77 -15.39 -21.01
C SER C 315 -6.84 -16.90 -21.13
N LYS C 316 -6.47 -17.61 -20.07
CA LYS C 316 -6.50 -19.07 -20.10
C LYS C 316 -7.93 -19.59 -20.09
N GLU C 317 -8.86 -18.87 -19.43
CA GLU C 317 -10.28 -19.25 -19.52
C GLU C 317 -10.83 -19.07 -20.93
N GLN C 318 -10.46 -17.97 -21.61
CA GLN C 318 -10.88 -17.78 -22.99
C GLN C 318 -10.29 -18.85 -23.91
N GLU C 319 -9.05 -19.26 -23.62
CA GLU C 319 -8.40 -20.34 -24.35
C GLU C 319 -9.13 -21.66 -24.21
N VAL C 320 -9.62 -21.97 -23.00
CA VAL C 320 -10.39 -23.19 -22.79
C VAL C 320 -11.74 -23.11 -23.50
N ARG C 321 -12.36 -21.92 -23.50
CA ARG C 321 -13.61 -21.73 -24.24
C ARG C 321 -13.41 -21.93 -25.75
N ASN C 322 -12.28 -21.45 -26.29
CA ASN C 322 -11.99 -21.62 -27.71
C ASN C 322 -11.77 -23.08 -28.07
N ILE C 323 -11.02 -23.81 -27.25
CA ILE C 323 -10.77 -25.22 -27.53
C ILE C 323 -12.06 -26.04 -27.42
N THR C 324 -12.96 -25.66 -26.49
CA THR C 324 -14.27 -26.32 -26.40
C THR C 324 -15.12 -26.06 -27.64
N TRP C 325 -15.11 -24.82 -28.14
CA TRP C 325 -15.88 -24.50 -29.34
C TRP C 325 -15.36 -25.24 -30.57
N ILE C 326 -14.04 -25.32 -30.72
CA ILE C 326 -13.44 -26.04 -31.83
C ILE C 326 -13.72 -27.54 -31.73
N ALA C 327 -13.70 -28.08 -30.51
CA ALA C 327 -13.99 -29.50 -30.32
C ALA C 327 -15.45 -29.82 -30.61
N GLU C 328 -16.37 -28.91 -30.27
CA GLU C 328 -17.77 -29.09 -30.63
C GLU C 328 -17.97 -29.08 -32.14
N CYS C 329 -17.34 -28.13 -32.82
CA CYS C 329 -17.48 -28.05 -34.27
C CYS C 329 -16.84 -29.24 -34.99
N ILE C 330 -15.79 -29.82 -34.42
CA ILE C 330 -15.20 -31.03 -34.99
C ILE C 330 -16.10 -32.23 -34.76
N ALA C 331 -16.57 -32.41 -33.52
CA ALA C 331 -17.30 -33.63 -33.18
C ALA C 331 -18.71 -33.66 -33.72
N GLN C 332 -19.31 -32.51 -34.03
CA GLN C 332 -20.69 -32.49 -34.52
C GLN C 332 -20.80 -32.31 -36.03
N ASN C 333 -19.67 -32.22 -36.74
CA ASN C 333 -19.60 -31.97 -38.19
C ASN C 333 -20.35 -30.69 -38.56
N GLN C 334 -19.94 -29.60 -37.93
CA GLN C 334 -20.54 -28.28 -38.10
C GLN C 334 -19.46 -27.25 -38.40
N ARG C 335 -18.60 -27.56 -39.37
CA ARG C 335 -17.43 -26.78 -39.79
C ARG C 335 -17.76 -25.42 -40.40
N GLU C 336 -19.02 -24.96 -40.48
CA GLU C 336 -19.32 -23.69 -41.12
C GLU C 336 -18.89 -22.51 -40.27
N ARG C 337 -19.01 -22.63 -38.95
CA ARG C 337 -18.69 -21.55 -38.03
C ARG C 337 -17.59 -21.97 -37.05
N ILE C 338 -16.55 -22.63 -37.58
CA ILE C 338 -15.47 -23.09 -36.72
C ILE C 338 -14.46 -21.97 -36.45
N ASN C 339 -14.37 -20.97 -37.32
CA ASN C 339 -13.38 -19.91 -37.19
C ASN C 339 -13.86 -18.76 -36.31
N ASN C 340 -14.83 -18.99 -35.43
CA ASN C 340 -15.33 -17.96 -34.53
C ASN C 340 -14.69 -18.03 -33.15
N TYR C 341 -13.48 -18.60 -33.07
CA TYR C 341 -12.71 -18.47 -31.85
C TYR C 341 -12.16 -17.05 -31.74
N ILE C 342 -11.73 -16.69 -30.54
CA ILE C 342 -11.20 -15.37 -30.25
C ILE C 342 -9.75 -15.51 -29.85
N SER C 343 -8.85 -15.11 -30.74
CA SER C 343 -7.42 -15.23 -30.54
C SER C 343 -6.79 -13.87 -30.73
N VAL C 344 -6.04 -13.42 -29.74
CA VAL C 344 -5.40 -12.12 -29.79
C VAL C 344 -3.87 -12.25 -29.88
N TYR C 345 -3.33 -13.41 -29.53
CA TYR C 345 -1.88 -13.60 -29.52
C TYR C 345 -1.38 -14.21 -30.82
N SER D 2 71.94 -10.06 -9.99
CA SER D 2 70.74 -9.90 -9.18
C SER D 2 70.08 -11.25 -8.89
N SER D 3 70.62 -12.30 -9.51
CA SER D 3 70.10 -13.68 -9.48
C SER D 3 68.63 -13.74 -9.89
N PHE D 4 68.27 -12.91 -10.87
CA PHE D 4 67.13 -13.15 -11.74
C PHE D 4 67.47 -14.22 -12.78
N TYR D 5 68.76 -14.45 -12.99
CA TYR D 5 69.23 -15.48 -13.89
C TYR D 5 68.94 -16.89 -13.37
N THR D 6 68.68 -17.05 -12.08
CA THR D 6 68.17 -18.32 -11.57
C THR D 6 66.81 -18.65 -12.18
N VAL D 7 65.90 -17.67 -12.15
CA VAL D 7 64.58 -17.81 -12.79
C VAL D 7 64.75 -18.04 -14.29
N VAL D 8 65.69 -17.33 -14.92
CA VAL D 8 65.94 -17.50 -16.36
C VAL D 8 66.43 -18.91 -16.68
N GLY D 9 67.35 -19.44 -15.86
CA GLY D 9 67.91 -20.75 -16.16
C GLY D 9 66.94 -21.89 -15.93
N VAL D 10 66.13 -21.80 -14.87
CA VAL D 10 65.11 -22.83 -14.65
C VAL D 10 64.02 -22.73 -15.71
N PHE D 11 63.76 -21.52 -16.24
CA PHE D 11 62.86 -21.38 -17.38
C PHE D 11 63.41 -22.06 -18.62
N ILE D 12 64.73 -21.94 -18.86
CA ILE D 12 65.35 -22.61 -20.00
C ILE D 12 65.22 -24.12 -19.86
N VAL D 13 65.44 -24.65 -18.65
CA VAL D 13 65.36 -26.10 -18.43
C VAL D 13 63.93 -26.61 -18.63
N VAL D 14 62.92 -25.90 -18.10
CA VAL D 14 61.54 -26.36 -18.22
C VAL D 14 61.04 -26.23 -19.65
N SER D 15 61.44 -25.16 -20.36
CA SER D 15 61.04 -25.03 -21.76
C SER D 15 61.72 -26.09 -22.63
N ALA D 16 62.97 -26.44 -22.31
CA ALA D 16 63.66 -27.47 -23.07
C ALA D 16 63.02 -28.84 -22.88
N MET D 17 62.64 -29.18 -21.64
CA MET D 17 61.99 -30.46 -21.44
C MET D 17 60.56 -30.48 -21.96
N SER D 18 59.90 -29.32 -22.07
CA SER D 18 58.59 -29.29 -22.71
C SER D 18 58.69 -29.52 -24.21
N VAL D 19 59.69 -28.92 -24.86
CA VAL D 19 59.89 -29.19 -26.28
C VAL D 19 60.37 -30.62 -26.50
N LEU D 20 61.09 -31.18 -25.52
CA LEU D 20 61.44 -32.60 -25.58
C LEU D 20 60.21 -33.49 -25.44
N PHE D 21 59.22 -33.09 -24.65
CA PHE D 21 58.02 -33.89 -24.49
C PHE D 21 57.09 -33.79 -25.70
N TRP D 22 57.12 -32.67 -26.42
CA TRP D 22 56.29 -32.53 -27.62
C TRP D 22 56.60 -33.59 -28.68
N ILE D 23 57.87 -33.99 -28.78
CA ILE D 23 58.28 -35.00 -29.74
C ILE D 23 58.43 -36.38 -29.08
N MET D 24 57.77 -36.59 -27.95
CA MET D 24 57.90 -37.83 -27.20
C MET D 24 56.57 -38.44 -26.79
N ALA D 25 55.48 -37.66 -26.78
CA ALA D 25 54.23 -38.06 -26.13
C ALA D 25 53.55 -39.22 -26.88
N PRO D 26 52.93 -40.16 -26.16
CA PRO D 26 52.41 -41.38 -26.79
C PRO D 26 51.26 -41.10 -27.74
N LYS D 27 51.10 -42.01 -28.70
CA LYS D 27 50.21 -41.80 -29.83
C LYS D 27 48.76 -42.16 -29.56
N ASN D 28 48.42 -42.59 -28.34
CA ASN D 28 47.06 -43.07 -28.10
C ASN D 28 46.10 -41.89 -27.93
N ASN D 29 46.25 -41.15 -26.83
CA ASN D 29 45.52 -39.91 -26.60
C ASN D 29 46.50 -38.76 -26.80
N GLN D 30 46.82 -38.45 -28.06
CA GLN D 30 47.98 -37.60 -28.37
C GLN D 30 47.81 -36.18 -27.86
N ALA D 31 46.67 -35.55 -28.19
CA ALA D 31 46.45 -34.17 -27.76
C ALA D 31 46.22 -34.07 -26.26
N VAL D 32 45.72 -35.12 -25.62
CA VAL D 32 45.39 -35.04 -24.20
C VAL D 32 46.66 -35.03 -23.35
N TRP D 33 47.56 -36.01 -23.56
CA TRP D 33 48.90 -35.99 -22.98
C TRP D 33 49.63 -34.72 -23.37
N ARG D 34 49.70 -34.46 -24.68
CA ARG D 34 50.49 -33.37 -25.26
C ARG D 34 50.06 -31.99 -24.76
N SER D 35 48.81 -31.82 -24.37
CA SER D 35 48.35 -30.55 -23.84
C SER D 35 48.37 -30.48 -22.33
N THR D 36 47.94 -31.55 -21.64
CA THR D 36 47.88 -31.56 -20.18
C THR D 36 49.25 -31.41 -19.56
N VAL D 37 50.27 -32.12 -20.08
CA VAL D 37 51.60 -32.10 -19.47
C VAL D 37 52.29 -30.77 -19.72
N ILE D 38 52.26 -30.29 -20.98
CA ILE D 38 52.90 -29.03 -21.32
C ILE D 38 52.19 -27.84 -20.69
N LEU D 39 50.90 -27.96 -20.37
CA LEU D 39 50.24 -26.85 -19.71
C LEU D 39 50.30 -26.96 -18.19
N THR D 40 50.60 -28.13 -17.61
CA THR D 40 50.83 -28.15 -16.17
C THR D 40 52.26 -27.82 -15.79
N LEU D 41 53.25 -28.15 -16.64
CA LEU D 41 54.63 -27.73 -16.38
C LEU D 41 54.76 -26.23 -16.39
N ALA D 42 54.02 -25.56 -17.28
CA ALA D 42 54.09 -24.12 -17.39
C ALA D 42 53.54 -23.43 -16.16
N MET D 43 52.39 -23.88 -15.66
CA MET D 43 51.75 -23.20 -14.53
C MET D 43 52.45 -23.51 -13.22
N MET D 44 52.90 -24.77 -13.05
CA MET D 44 53.74 -25.12 -11.90
C MET D 44 55.08 -24.41 -11.94
N PHE D 45 55.57 -24.02 -13.12
CA PHE D 45 56.76 -23.18 -13.14
C PHE D 45 56.43 -21.73 -12.78
N LEU D 46 55.38 -21.17 -13.39
CA LEU D 46 55.08 -19.75 -13.24
C LEU D 46 54.76 -19.39 -11.81
N MET D 47 54.08 -20.28 -11.08
CA MET D 47 53.78 -19.96 -9.69
C MET D 47 55.03 -19.96 -8.82
N TRP D 48 55.95 -20.89 -9.06
CA TRP D 48 57.20 -20.90 -8.32
C TRP D 48 58.09 -19.72 -8.71
N ALA D 49 58.06 -19.31 -9.97
CA ALA D 49 58.89 -18.19 -10.40
C ALA D 49 58.36 -16.88 -9.84
N ILE D 50 57.05 -16.75 -9.67
CA ILE D 50 56.49 -15.61 -8.95
C ILE D 50 56.83 -15.69 -7.47
N THR D 51 56.93 -16.90 -6.91
CA THR D 51 57.28 -17.06 -5.51
C THR D 51 58.75 -16.69 -5.22
N PHE D 52 59.68 -17.10 -6.09
CA PHE D 52 61.08 -16.79 -5.88
C PHE D 52 61.37 -15.31 -6.06
N LEU D 53 60.76 -14.68 -7.06
CA LEU D 53 60.76 -13.22 -7.12
C LEU D 53 59.90 -12.66 -6.00
N CYS D 54 60.09 -11.36 -5.73
CA CYS D 54 59.52 -10.62 -4.57
C CYS D 54 59.72 -11.34 -3.24
N GLN D 55 60.78 -12.09 -3.16
CA GLN D 55 61.37 -12.53 -1.92
C GLN D 55 62.87 -12.40 -2.10
N LEU D 56 63.27 -11.97 -3.30
CA LEU D 56 64.66 -11.76 -3.68
C LEU D 56 65.19 -10.44 -3.12
N HIS D 57 64.46 -9.35 -3.36
CA HIS D 57 64.80 -8.03 -2.85
C HIS D 57 63.58 -7.51 -2.09
N PRO D 58 63.42 -7.89 -0.83
CA PRO D 58 62.23 -7.49 -0.08
C PRO D 58 62.37 -6.10 0.51
N LEU D 59 61.23 -5.44 0.69
CA LEU D 59 61.18 -4.10 1.26
C LEU D 59 60.64 -4.08 2.68
N VAL D 60 60.11 -5.20 3.17
CA VAL D 60 59.50 -5.29 4.49
C VAL D 60 60.16 -6.46 5.22
N ALA D 61 60.53 -6.24 6.50
CA ALA D 61 61.14 -7.23 7.38
C ALA D 61 60.15 -7.67 8.47
N PRO D 62 60.25 -8.89 8.98
CA PRO D 62 59.35 -9.33 10.05
C PRO D 62 59.66 -8.68 11.39
N ARG D 63 58.67 -8.74 12.31
CA ARG D 63 58.82 -8.07 13.61
C ARG D 63 58.85 -9.05 14.78
N ARG D 64 57.77 -9.80 15.07
CA ARG D 64 57.72 -10.83 16.12
C ARG D 64 58.09 -10.30 17.50
N SER D 65 57.19 -9.57 18.14
CA SER D 65 57.52 -8.87 19.39
C SER D 65 57.86 -9.81 20.54
N ASP D 66 57.21 -10.97 20.65
CA ASP D 66 57.33 -11.72 21.90
C ASP D 66 58.62 -12.55 21.99
N LEU D 67 58.75 -13.61 21.18
CA LEU D 67 60.00 -14.27 20.78
C LEU D 67 61.04 -14.55 21.86
N ARG D 68 60.83 -15.62 22.70
CA ARG D 68 61.73 -16.11 23.75
C ARG D 68 63.22 -16.02 23.39
N PRO D 69 64.06 -15.47 24.28
CA PRO D 69 65.44 -15.15 23.87
C PRO D 69 66.36 -16.35 23.76
N GLU D 70 65.99 -17.34 22.96
CA GLU D 70 66.84 -18.49 22.71
C GLU D 70 66.51 -19.11 21.36
N PRO E 3 21.60 -51.49 20.52
CA PRO E 3 22.06 -52.56 19.63
C PRO E 3 21.10 -52.82 18.48
N VAL E 4 20.76 -51.77 17.72
CA VAL E 4 19.80 -51.89 16.64
C VAL E 4 20.48 -52.31 15.36
N VAL E 5 21.38 -51.46 14.84
CA VAL E 5 22.11 -51.77 13.61
C VAL E 5 23.61 -51.69 13.88
N SER E 6 24.08 -50.48 14.24
CA SER E 6 25.47 -50.20 14.63
C SER E 6 26.48 -50.57 13.54
N THR E 7 26.21 -50.12 12.33
CA THR E 7 27.15 -50.28 11.22
C THR E 7 27.49 -48.97 10.54
N GLY E 8 26.51 -48.09 10.35
CA GLY E 8 26.77 -46.79 9.74
C GLY E 8 27.47 -45.81 10.65
N LYS E 9 27.64 -46.14 11.92
CA LYS E 9 28.39 -45.32 12.87
C LYS E 9 29.73 -45.93 13.22
N ALA E 10 30.05 -47.12 12.68
CA ALA E 10 31.36 -47.71 12.93
C ALA E 10 32.44 -47.02 12.13
N TRP E 11 32.16 -46.72 10.86
CA TRP E 11 33.14 -46.07 10.00
C TRP E 11 33.43 -44.65 10.46
N CYS E 12 32.41 -43.95 10.97
CA CYS E 12 32.55 -42.59 11.46
C CYS E 12 33.48 -42.49 12.66
N CYS E 13 33.66 -43.57 13.42
CA CYS E 13 34.59 -43.55 14.53
C CYS E 13 35.94 -44.17 14.19
N THR E 14 35.96 -45.21 13.33
CA THR E 14 37.24 -45.80 12.92
C THR E 14 38.07 -44.82 12.08
N VAL E 15 37.44 -44.11 11.14
CA VAL E 15 38.15 -43.14 10.31
C VAL E 15 38.63 -41.95 11.14
N LEU E 16 37.79 -41.49 12.06
CA LEU E 16 38.16 -40.42 12.99
C LEU E 16 39.36 -40.81 13.84
N SER E 17 39.37 -42.03 14.38
CA SER E 17 40.49 -42.48 15.19
C SER E 17 41.74 -42.71 14.35
N ALA E 18 41.58 -43.15 13.11
CA ALA E 18 42.72 -43.40 12.23
C ALA E 18 43.43 -42.11 11.86
N PHE E 19 42.67 -41.02 11.68
CA PHE E 19 43.34 -39.72 11.52
C PHE E 19 43.90 -39.23 12.86
N GLY E 20 43.21 -39.51 13.96
CA GLY E 20 43.61 -38.93 15.24
C GLY E 20 44.92 -39.46 15.78
N VAL E 21 45.15 -40.78 15.63
CA VAL E 21 46.41 -41.39 16.07
C VAL E 21 47.60 -40.75 15.38
N VAL E 22 47.54 -40.65 14.05
CA VAL E 22 48.66 -40.13 13.26
C VAL E 22 48.89 -38.66 13.55
N ILE E 23 47.81 -37.86 13.63
CA ILE E 23 47.97 -36.42 13.78
C ILE E 23 48.47 -36.08 15.19
N LEU E 24 47.88 -36.67 16.25
CA LEU E 24 48.40 -36.36 17.58
C LEU E 24 49.76 -36.98 17.83
N SER E 25 50.10 -38.08 17.14
CA SER E 25 51.44 -38.64 17.27
C SER E 25 52.49 -37.69 16.71
N VAL E 26 52.23 -37.11 15.54
CA VAL E 26 53.25 -36.22 14.97
C VAL E 26 53.29 -34.88 15.72
N ILE E 27 52.15 -34.42 16.26
CA ILE E 27 52.16 -33.19 17.07
C ILE E 27 52.88 -33.41 18.40
N ALA E 28 52.75 -34.60 19.00
CA ALA E 28 53.47 -34.89 20.23
C ALA E 28 54.97 -35.00 19.99
N HIS E 29 55.36 -35.61 18.86
CA HIS E 29 56.77 -35.65 18.48
C HIS E 29 57.32 -34.25 18.22
N LEU E 30 56.49 -33.33 17.74
CA LEU E 30 56.94 -31.95 17.59
C LEU E 30 56.93 -31.16 18.89
N PHE E 31 56.14 -31.58 19.89
CA PHE E 31 56.30 -30.98 21.22
C PHE E 31 57.60 -31.43 21.87
N ASN E 32 57.97 -32.70 21.71
CA ASN E 32 59.10 -33.29 22.41
C ASN E 32 60.41 -32.60 22.02
N THR E 33 60.80 -32.72 20.76
CA THR E 33 61.91 -31.92 20.25
C THR E 33 61.42 -30.49 20.05
N ASN E 34 62.02 -29.56 20.80
CA ASN E 34 61.53 -28.18 20.89
C ASN E 34 61.71 -27.48 19.55
N HIS E 35 60.60 -27.29 18.82
CA HIS E 35 60.64 -26.88 17.43
C HIS E 35 60.78 -25.38 17.25
N GLU E 36 60.51 -24.59 18.29
CA GLU E 36 60.47 -23.12 18.29
C GLU E 36 59.42 -22.58 17.34
N SER E 37 58.38 -23.37 17.03
CA SER E 37 57.14 -22.88 16.44
C SER E 37 55.91 -23.37 17.19
N PHE E 38 56.02 -24.43 17.98
CA PHE E 38 54.97 -24.84 18.91
C PHE E 38 55.21 -24.25 20.30
N VAL E 39 56.46 -24.25 20.76
CA VAL E 39 56.89 -23.48 21.91
C VAL E 39 58.11 -22.66 21.47
N GLY E 40 57.85 -21.45 20.98
CA GLY E 40 58.92 -20.55 20.62
C GLY E 40 58.57 -19.11 20.93
N SER E 41 57.57 -18.93 21.79
CA SER E 41 57.11 -17.62 22.20
C SER E 41 56.73 -17.66 23.67
N ILE E 42 56.32 -16.50 24.20
CA ILE E 42 55.98 -16.41 25.60
C ILE E 42 54.63 -17.04 25.93
N ASN E 43 53.85 -17.39 24.91
CA ASN E 43 52.52 -17.96 25.13
C ASN E 43 52.52 -19.48 25.19
N ASP E 44 51.35 -20.08 24.93
CA ASP E 44 50.63 -21.19 25.56
C ASP E 44 51.46 -22.31 26.22
N PRO E 45 52.46 -23.00 25.56
CA PRO E 45 53.24 -23.96 26.37
C PRO E 45 54.54 -23.37 26.90
N GLU E 46 55.05 -23.93 28.00
CA GLU E 46 56.32 -23.44 28.53
C GLU E 46 57.26 -24.60 28.82
N ASP E 47 56.71 -25.76 29.19
CA ASP E 47 57.49 -26.84 29.74
C ASP E 47 58.19 -27.70 28.67
N GLY E 48 57.52 -27.98 27.55
CA GLY E 48 58.13 -28.78 26.52
C GLY E 48 57.55 -30.17 26.44
N PRO E 49 58.29 -31.18 26.93
CA PRO E 49 57.79 -32.56 26.86
C PRO E 49 56.67 -32.89 27.84
N ALA E 50 56.33 -31.98 28.77
CA ALA E 50 55.25 -32.22 29.69
C ALA E 50 53.87 -32.17 29.03
N VAL E 51 53.76 -31.60 27.83
CA VAL E 51 52.52 -31.61 27.08
C VAL E 51 52.61 -32.70 26.01
N ALA E 52 53.84 -33.03 25.59
CA ALA E 52 54.07 -34.18 24.72
C ALA E 52 53.63 -35.46 25.39
N HIS E 53 53.77 -35.51 26.72
CA HIS E 53 53.24 -36.59 27.55
C HIS E 53 51.75 -36.85 27.34
N THR E 54 50.92 -35.83 27.57
CA THR E 54 49.49 -36.07 27.48
C THR E 54 49.00 -36.13 26.04
N VAL E 55 49.75 -35.58 25.07
CA VAL E 55 49.30 -35.76 23.71
C VAL E 55 49.63 -37.17 23.22
N TYR E 56 50.73 -37.78 23.68
CA TYR E 56 50.93 -39.20 23.40
C TYR E 56 49.92 -40.07 24.13
N LEU E 57 49.52 -39.67 25.34
CA LEU E 57 48.42 -40.37 26.03
C LEU E 57 47.12 -40.33 25.24
N ALA E 58 46.77 -39.17 24.69
CA ALA E 58 45.57 -39.07 23.86
C ALA E 58 45.71 -39.86 22.57
N ALA E 59 46.91 -39.97 22.02
CA ALA E 59 47.12 -40.82 20.85
C ALA E 59 46.92 -42.29 21.19
N LEU E 60 47.33 -42.71 22.39
CA LEU E 60 47.08 -44.08 22.84
C LEU E 60 45.58 -44.35 23.03
N VAL E 61 44.86 -43.36 23.58
CA VAL E 61 43.41 -43.49 23.77
C VAL E 61 42.69 -43.57 22.42
N TYR E 62 43.14 -42.79 21.43
CA TYR E 62 42.62 -42.94 20.07
C TYR E 62 42.95 -44.29 19.46
N LEU E 63 44.11 -44.85 19.81
CA LEU E 63 44.46 -46.18 19.32
C LEU E 63 43.52 -47.25 19.87
N VAL E 64 43.12 -47.11 21.13
CA VAL E 64 42.20 -48.13 21.65
C VAL E 64 40.76 -47.89 21.17
N PHE E 65 40.38 -46.62 20.88
CA PHE E 65 39.15 -46.38 20.12
C PHE E 65 39.18 -47.09 18.78
N PHE E 66 40.31 -46.98 18.08
CA PHE E 66 40.45 -47.53 16.73
C PHE E 66 40.39 -49.05 16.74
N VAL E 67 41.09 -49.69 17.67
CA VAL E 67 41.06 -51.14 17.68
C VAL E 67 39.79 -51.69 18.29
N PHE E 68 39.03 -50.90 19.06
CA PHE E 68 37.70 -51.36 19.46
C PHE E 68 36.71 -51.28 18.31
N CYS E 69 36.57 -50.11 17.71
CA CYS E 69 35.55 -49.94 16.68
C CYS E 69 35.95 -50.59 15.36
N GLY E 70 37.22 -50.91 15.17
CA GLY E 70 37.66 -51.57 13.94
C GLY E 70 37.35 -53.04 13.85
N PHE E 71 36.97 -53.66 14.98
CA PHE E 71 36.54 -55.04 14.98
C PHE E 71 35.02 -55.18 15.00
N GLN E 72 34.30 -54.13 15.36
CA GLN E 72 32.84 -54.14 15.27
C GLN E 72 32.39 -53.98 13.82
N VAL E 73 33.13 -53.22 13.02
CA VAL E 73 32.86 -53.14 11.59
C VAL E 73 33.27 -54.42 10.88
N TYR E 74 34.17 -55.20 11.49
CA TYR E 74 34.62 -56.46 10.91
C TYR E 74 33.52 -57.52 10.91
N LEU E 75 32.56 -57.40 11.81
CA LEU E 75 31.51 -58.40 11.95
C LEU E 75 30.48 -58.38 10.82
N ALA E 76 30.43 -57.30 10.05
CA ALA E 76 29.47 -57.21 8.94
C ALA E 76 30.04 -57.83 7.67
N PHE F 15 -1.04 8.05 15.87
CA PHE F 15 -0.65 7.41 14.62
C PHE F 15 0.55 8.10 14.01
N SER F 16 1.21 7.39 13.09
CA SER F 16 2.33 7.88 12.27
C SER F 16 3.49 8.37 13.15
N PHE F 17 4.09 7.40 13.84
CA PHE F 17 5.11 7.68 14.85
C PHE F 17 6.37 8.29 14.25
N SER F 18 6.72 7.90 13.02
CA SER F 18 7.93 8.43 12.39
C SER F 18 7.78 9.90 12.01
N HIS F 19 6.59 10.28 11.51
CA HIS F 19 6.33 11.68 11.22
C HIS F 19 6.25 12.50 12.49
N PHE F 20 5.79 11.90 13.59
CA PHE F 20 5.79 12.60 14.87
C PHE F 20 7.22 12.84 15.37
N LEU F 21 8.10 11.85 15.17
CA LEU F 21 9.51 12.03 15.53
C LEU F 21 10.15 13.12 14.69
N TYR F 22 9.85 13.14 13.39
CA TYR F 22 10.45 14.13 12.49
C TYR F 22 9.97 15.54 12.81
N TYR F 23 8.67 15.69 13.09
CA TYR F 23 8.13 17.00 13.45
C TYR F 23 8.64 17.46 14.81
N LEU F 24 8.85 16.53 15.75
CA LEU F 24 9.34 16.92 17.06
C LEU F 24 10.80 17.37 16.99
N VAL F 25 11.63 16.67 16.20
CA VAL F 25 13.01 17.08 15.99
C VAL F 25 13.08 18.43 15.30
N LEU F 26 12.17 18.67 14.33
CA LEU F 26 12.13 19.94 13.63
C LEU F 26 11.76 21.10 14.56
N ILE F 27 10.76 20.89 15.42
CA ILE F 27 10.33 21.94 16.35
C ILE F 27 11.42 22.23 17.38
N VAL F 28 12.09 21.19 17.88
CA VAL F 28 13.13 21.39 18.89
C VAL F 28 14.34 22.11 18.29
N VAL F 29 14.70 21.79 17.05
CA VAL F 29 15.82 22.48 16.40
C VAL F 29 15.49 23.93 16.11
N ILE F 30 14.25 24.22 15.67
CA ILE F 30 13.85 25.60 15.39
C ILE F 30 13.82 26.43 16.68
N VAL F 31 13.26 25.89 17.76
CA VAL F 31 13.22 26.60 19.04
C VAL F 31 14.63 26.77 19.62
N TYR F 32 15.52 25.79 19.44
CA TYR F 32 16.87 25.92 19.98
C TYR F 32 17.68 26.98 19.23
N GLY F 33 17.63 26.96 17.89
CA GLY F 33 18.35 27.97 17.13
C GLY F 33 17.78 29.35 17.30
N LEU F 34 16.46 29.45 17.44
CA LEU F 34 15.81 30.72 17.69
C LEU F 34 16.12 31.23 19.09
N TYR F 35 16.34 30.34 20.05
CA TYR F 35 16.76 30.75 21.39
C TYR F 35 18.20 31.21 21.41
N LYS F 36 19.08 30.54 20.66
CA LYS F 36 20.46 30.99 20.57
C LYS F 36 20.56 32.32 19.84
N LEU F 37 19.61 32.62 18.95
CA LEU F 37 19.44 34.01 18.55
C LEU F 37 18.97 34.87 19.72
N PHE F 38 17.90 34.44 20.42
CA PHE F 38 17.26 35.19 21.52
C PHE F 38 18.25 35.68 22.59
N THR F 39 19.27 34.89 22.88
CA THR F 39 20.27 35.32 23.83
C THR F 39 21.19 36.39 23.23
N GLY F 40 21.39 36.35 21.92
CA GLY F 40 22.43 37.13 21.28
C GLY F 40 23.71 36.35 21.04
N HIS F 41 23.65 35.03 21.10
CA HIS F 41 24.80 34.15 20.99
C HIS F 41 24.64 33.19 19.82
N GLY F 42 24.22 33.72 18.67
CA GLY F 42 23.91 32.88 17.52
C GLY F 42 25.09 32.22 16.88
N SER F 43 26.31 32.66 17.20
CA SER F 43 27.53 32.05 16.70
C SER F 43 28.06 30.96 17.61
N ASP F 44 27.35 30.63 18.71
CA ASP F 44 27.76 29.47 19.50
C ASP F 44 27.44 28.18 18.78
N ILE F 45 26.42 28.18 17.93
CA ILE F 45 26.23 27.07 17.01
C ILE F 45 27.24 27.28 15.90
N ASN F 46 28.41 26.70 16.06
CA ASN F 46 29.55 26.96 15.20
C ASN F 46 29.83 25.66 14.46
N PHE F 47 29.34 25.58 13.23
CA PHE F 47 29.50 24.37 12.43
C PHE F 47 30.91 24.25 11.89
N GLY F 48 31.63 25.36 11.75
CA GLY F 48 32.96 25.30 11.21
C GLY F 48 34.00 24.86 12.22
N LYS F 49 33.85 25.29 13.47
CA LYS F 49 34.76 24.86 14.53
C LYS F 49 34.62 23.38 14.82
N PHE F 50 33.44 22.82 14.59
CA PHE F 50 33.26 21.38 14.68
C PHE F 50 34.08 20.64 13.63
N LEU F 51 34.26 21.23 12.46
CA LEU F 51 35.03 20.57 11.40
C LEU F 51 36.53 20.64 11.66
N LEU F 52 37.00 21.68 12.36
CA LEU F 52 38.42 21.74 12.72
C LEU F 52 38.75 20.72 13.81
N ARG F 53 37.97 20.72 14.88
CA ARG F 53 38.32 20.07 16.11
C ARG F 53 37.96 18.59 16.13
N THR F 54 37.56 18.03 14.99
CA THR F 54 37.19 16.62 14.88
C THR F 54 38.31 15.87 14.19
N SER F 55 38.59 14.66 14.66
CA SER F 55 39.76 13.91 14.20
C SER F 55 39.61 13.47 12.75
N PRO F 56 40.62 13.70 11.89
CA PRO F 56 40.45 13.37 10.46
C PRO F 56 40.39 11.87 10.18
N TYR F 57 40.89 11.04 11.09
CA TYR F 57 40.81 9.60 10.89
C TYR F 57 39.39 9.09 10.99
N MET F 58 38.50 9.79 11.70
CA MET F 58 37.10 9.42 11.73
C MET F 58 36.48 9.57 10.35
N TRP F 59 36.73 10.70 9.70
CA TRP F 59 36.19 10.95 8.38
C TRP F 59 36.77 9.97 7.35
N ALA F 60 38.07 9.67 7.46
CA ALA F 60 38.69 8.72 6.54
C ALA F 60 38.14 7.31 6.71
N ASN F 61 37.97 6.85 7.96
CA ASN F 61 37.49 5.48 8.14
C ASN F 61 35.99 5.35 7.88
N LEU F 62 35.19 6.38 8.15
CA LEU F 62 33.80 6.35 7.71
C LEU F 62 33.71 6.32 6.19
N GLY F 63 34.63 7.02 5.50
CA GLY F 63 34.65 6.96 4.05
C GLY F 63 34.93 5.58 3.50
N ILE F 64 35.96 4.92 4.04
CA ILE F 64 36.32 3.58 3.55
C ILE F 64 35.24 2.56 3.88
N ALA F 65 34.76 2.56 5.13
CA ALA F 65 33.78 1.57 5.55
C ALA F 65 32.44 1.76 4.86
N LEU F 66 31.96 3.01 4.73
CA LEU F 66 30.69 3.24 4.06
C LEU F 66 30.79 3.01 2.57
N CYS F 67 31.96 3.22 1.99
CA CYS F 67 32.20 2.85 0.60
C CYS F 67 31.98 1.37 0.35
N VAL F 68 32.72 0.51 1.07
CA VAL F 68 32.61 -0.91 0.81
C VAL F 68 31.23 -1.45 1.22
N GLY F 69 30.63 -0.88 2.27
CA GLY F 69 29.32 -1.34 2.70
C GLY F 69 28.22 -1.01 1.71
N LEU F 70 28.19 0.23 1.20
CA LEU F 70 27.16 0.62 0.26
C LEU F 70 27.34 -0.07 -1.09
N SER F 71 28.59 -0.33 -1.49
CA SER F 71 28.83 -1.08 -2.71
C SER F 71 28.29 -2.50 -2.60
N VAL F 72 28.54 -3.16 -1.46
CA VAL F 72 28.06 -4.52 -1.26
C VAL F 72 26.53 -4.56 -1.17
N VAL F 73 25.92 -3.54 -0.56
CA VAL F 73 24.45 -3.48 -0.47
C VAL F 73 23.82 -3.35 -1.86
N GLY F 74 24.38 -2.50 -2.72
CA GLY F 74 23.86 -2.39 -4.07
C GLY F 74 24.06 -3.66 -4.88
N ALA F 75 25.19 -4.33 -4.69
CA ALA F 75 25.42 -5.61 -5.36
C ALA F 75 24.40 -6.67 -4.94
N ALA F 76 24.13 -6.79 -3.63
CA ALA F 76 23.19 -7.80 -3.14
C ALA F 76 21.78 -7.54 -3.61
N TRP F 77 21.41 -6.26 -3.65
CA TRP F 77 20.11 -5.84 -4.13
C TRP F 77 19.88 -6.28 -5.57
N GLY F 78 20.82 -5.93 -6.44
CA GLY F 78 20.69 -6.33 -7.83
C GLY F 78 20.71 -7.84 -8.02
N ILE F 79 21.51 -8.54 -7.22
CA ILE F 79 21.64 -9.99 -7.34
C ILE F 79 20.33 -10.68 -7.02
N PHE F 80 19.67 -10.31 -5.91
CA PHE F 80 18.43 -11.05 -5.68
C PHE F 80 17.29 -10.60 -6.58
N ILE F 81 17.27 -9.34 -7.05
CA ILE F 81 16.23 -8.94 -8.01
C ILE F 81 16.33 -9.77 -9.29
N THR F 82 17.52 -9.87 -9.88
CA THR F 82 17.59 -10.69 -11.10
C THR F 82 17.54 -12.18 -10.79
N GLY F 83 17.93 -12.61 -9.59
CA GLY F 83 17.96 -14.03 -9.29
C GLY F 83 16.59 -14.62 -9.03
N SER F 84 15.70 -13.84 -8.39
CA SER F 84 14.34 -14.32 -8.17
C SER F 84 13.60 -14.51 -9.49
N SER F 85 13.71 -13.53 -10.38
CA SER F 85 13.05 -13.62 -11.68
C SER F 85 13.66 -14.68 -12.57
N MET F 86 14.98 -14.91 -12.48
CA MET F 86 15.61 -15.92 -13.31
C MET F 86 15.29 -17.33 -12.82
N ILE F 87 15.22 -17.51 -11.50
CA ILE F 87 14.78 -18.78 -10.94
C ILE F 87 13.32 -19.05 -11.29
N GLY F 88 12.46 -18.04 -11.19
CA GLY F 88 11.07 -18.22 -11.54
C GLY F 88 10.84 -18.48 -13.01
N ALA F 89 11.58 -17.81 -13.88
CA ALA F 89 11.42 -18.00 -15.31
C ALA F 89 12.10 -19.26 -15.83
N GLY F 90 13.01 -19.84 -15.06
CA GLY F 90 13.65 -21.07 -15.49
C GLY F 90 12.90 -22.34 -15.18
N VAL F 91 11.66 -22.27 -14.70
CA VAL F 91 10.90 -23.48 -14.42
C VAL F 91 10.43 -24.13 -15.70
N ARG F 92 9.87 -23.35 -16.62
CA ARG F 92 9.44 -23.85 -17.92
C ARG F 92 10.60 -23.91 -18.91
N ALA F 93 11.48 -22.90 -18.90
CA ALA F 93 12.60 -22.81 -19.82
C ALA F 93 13.90 -22.81 -19.05
N PRO F 94 14.46 -23.97 -18.72
CA PRO F 94 15.66 -24.02 -17.88
C PRO F 94 16.96 -23.70 -18.59
N ARG F 95 16.93 -23.27 -19.84
CA ARG F 95 18.13 -22.89 -20.57
C ARG F 95 18.46 -21.41 -20.42
N ILE F 96 17.77 -20.69 -19.52
CA ILE F 96 18.08 -19.28 -19.33
C ILE F 96 19.19 -19.03 -18.31
N THR F 97 19.57 -20.05 -17.52
CA THR F 97 20.43 -19.81 -16.38
C THR F 97 21.87 -19.53 -16.80
N THR F 98 22.45 -20.42 -17.60
CA THR F 98 23.80 -20.23 -18.08
C THR F 98 23.90 -19.08 -19.07
N LYS F 99 22.79 -18.68 -19.68
CA LYS F 99 22.81 -17.51 -20.54
C LYS F 99 22.82 -16.21 -19.73
N ASN F 100 21.85 -16.05 -18.83
CA ASN F 100 21.73 -14.83 -18.05
C ASN F 100 22.54 -14.88 -16.75
N LEU F 101 23.56 -15.75 -16.68
CA LEU F 101 24.61 -15.59 -15.68
C LEU F 101 25.29 -14.22 -15.73
N ILE F 102 25.40 -13.64 -16.94
CA ILE F 102 26.09 -12.38 -17.14
C ILE F 102 25.37 -11.22 -16.47
N SER F 103 24.05 -11.33 -16.26
CA SER F 103 23.31 -10.30 -15.55
C SER F 103 23.60 -10.31 -14.06
N ILE F 104 24.17 -11.39 -13.54
CA ILE F 104 24.62 -11.45 -12.15
C ILE F 104 26.10 -11.09 -12.06
N ILE F 105 26.86 -11.36 -13.13
CA ILE F 105 28.23 -10.85 -13.26
C ILE F 105 28.24 -9.33 -13.17
N PHE F 106 27.31 -8.69 -13.90
CA PHE F 106 27.24 -7.23 -13.93
C PHE F 106 26.88 -6.62 -12.59
N CYS F 107 26.14 -7.34 -11.75
CA CYS F 107 25.84 -6.86 -10.42
C CYS F 107 26.93 -7.21 -9.42
N GLU F 108 27.75 -8.21 -9.71
CA GLU F 108 28.81 -8.59 -8.79
C GLU F 108 30.06 -7.73 -8.96
N VAL F 109 30.29 -7.14 -10.15
CA VAL F 109 31.49 -6.32 -10.34
C VAL F 109 31.44 -5.00 -9.56
N VAL F 110 30.24 -4.61 -9.09
CA VAL F 110 30.06 -3.42 -8.28
C VAL F 110 30.81 -3.52 -6.95
N ALA F 111 30.72 -4.67 -6.29
CA ALA F 111 31.45 -4.89 -5.04
C ALA F 111 32.95 -4.97 -5.27
N ILE F 112 33.38 -5.40 -6.47
CA ILE F 112 34.80 -5.41 -6.78
C ILE F 112 35.33 -4.00 -6.98
N TYR F 113 34.50 -3.12 -7.56
CA TYR F 113 34.87 -1.70 -7.64
C TYR F 113 35.01 -1.08 -6.26
N GLY F 114 34.11 -1.45 -5.33
CA GLY F 114 34.26 -1.03 -3.95
C GLY F 114 35.51 -1.58 -3.28
N LEU F 115 35.89 -2.82 -3.61
CA LEU F 115 37.15 -3.39 -3.12
C LEU F 115 38.36 -2.61 -3.60
N ILE F 116 38.38 -2.27 -4.89
CA ILE F 116 39.49 -1.51 -5.47
C ILE F 116 39.63 -0.15 -4.80
N ILE F 117 38.49 0.52 -4.54
CA ILE F 117 38.54 1.81 -3.85
C ILE F 117 39.06 1.65 -2.42
N ALA F 118 38.63 0.59 -1.72
CA ALA F 118 39.10 0.38 -0.36
C ALA F 118 40.60 0.09 -0.30
N ILE F 119 41.10 -0.66 -1.29
CA ILE F 119 42.54 -0.98 -1.35
C ILE F 119 43.35 0.27 -1.67
N VAL F 120 42.84 1.13 -2.55
CA VAL F 120 43.54 2.38 -2.84
C VAL F 120 43.54 3.30 -1.62
N PHE F 121 42.39 3.43 -0.94
CA PHE F 121 42.31 4.39 0.15
C PHE F 121 43.00 3.91 1.41
N SER F 122 43.13 2.60 1.63
CA SER F 122 43.73 2.12 2.86
C SER F 122 45.25 2.21 2.86
N SER F 123 45.87 2.60 1.75
CA SER F 123 47.30 2.83 1.74
C SER F 123 47.68 4.21 2.24
N LYS F 124 46.70 5.05 2.57
CA LYS F 124 46.92 6.42 3.03
C LYS F 124 46.65 6.58 4.51
N LEU F 125 46.39 5.49 5.23
CA LEU F 125 46.08 5.56 6.66
C LEU F 125 47.35 5.31 7.48
N THR F 126 48.24 6.31 7.44
CA THR F 126 49.45 6.27 8.24
C THR F 126 49.17 6.94 9.60
N VAL F 127 50.20 7.10 10.42
CA VAL F 127 50.06 7.65 11.76
C VAL F 127 50.73 9.01 11.80
N ALA F 128 50.02 10.01 12.32
CA ALA F 128 50.52 11.37 12.39
C ALA F 128 51.02 11.70 13.79
N THR F 129 51.73 12.81 13.88
CA THR F 129 52.31 13.33 15.11
C THR F 129 51.25 14.15 15.84
N ALA F 130 51.39 14.26 17.18
CA ALA F 130 50.53 15.14 17.94
C ALA F 130 50.72 16.60 17.53
N GLU F 131 51.98 17.01 17.33
CA GLU F 131 52.26 18.25 16.63
C GLU F 131 51.85 18.09 15.17
N ASN F 132 51.41 19.21 14.57
CA ASN F 132 50.76 19.32 13.24
C ASN F 132 49.83 18.15 12.91
N MET F 133 49.00 17.81 13.88
CA MET F 133 47.92 16.84 13.71
C MET F 133 46.81 17.41 12.86
N TYR F 134 46.33 18.61 13.21
CA TYR F 134 45.30 19.31 12.45
C TYR F 134 45.93 20.34 11.52
N SER F 135 46.79 19.86 10.63
CA SER F 135 47.37 20.74 9.63
C SER F 135 46.41 20.87 8.44
N LYS F 136 46.85 21.57 7.40
CA LYS F 136 45.99 21.73 6.22
C LYS F 136 45.88 20.45 5.42
N SER F 137 47.00 19.72 5.29
CA SER F 137 47.01 18.50 4.48
C SER F 137 46.23 17.38 5.14
N ASN F 138 46.26 17.29 6.47
CA ASN F 138 45.56 16.20 7.15
C ASN F 138 44.05 16.40 7.11
N LEU F 139 43.59 17.64 7.30
CA LEU F 139 42.18 17.93 7.20
C LEU F 139 41.68 17.75 5.77
N TYR F 140 42.49 18.17 4.79
CA TYR F 140 42.18 17.92 3.39
C TYR F 140 42.05 16.42 3.10
N THR F 141 42.96 15.60 3.65
CA THR F 141 42.95 14.17 3.39
C THR F 141 41.71 13.51 4.00
N GLY F 142 41.36 13.89 5.22
CA GLY F 142 40.14 13.35 5.82
C GLY F 142 38.88 13.69 5.04
N TYR F 143 38.75 14.95 4.62
CA TYR F 143 37.58 15.37 3.84
C TYR F 143 37.51 14.68 2.48
N SER F 144 38.66 14.57 1.80
CA SER F 144 38.70 13.95 0.48
C SER F 144 38.37 12.48 0.55
N LEU F 145 38.94 11.76 1.51
CA LEU F 145 38.65 10.33 1.64
C LEU F 145 37.21 10.07 2.03
N PHE F 146 36.63 10.91 2.90
CA PHE F 146 35.24 10.74 3.30
C PHE F 146 34.29 10.92 2.11
N TRP F 147 34.41 12.05 1.41
CA TRP F 147 33.46 12.32 0.34
C TRP F 147 33.70 11.44 -0.88
N ALA F 148 34.95 11.07 -1.18
CA ALA F 148 35.20 10.15 -2.28
C ALA F 148 34.65 8.77 -1.99
N GLY F 149 34.79 8.31 -0.74
CA GLY F 149 34.24 7.02 -0.38
C GLY F 149 32.73 6.96 -0.47
N ILE F 150 32.05 7.98 0.04
CA ILE F 150 30.60 7.92 -0.05
C ILE F 150 30.08 8.24 -1.44
N THR F 151 30.85 8.98 -2.26
CA THR F 151 30.49 9.16 -3.67
C THR F 151 30.48 7.84 -4.42
N VAL F 152 31.61 7.11 -4.35
CA VAL F 152 31.68 5.84 -5.09
C VAL F 152 30.75 4.80 -4.47
N GLY F 153 30.47 4.88 -3.17
CA GLY F 153 29.59 3.91 -2.55
C GLY F 153 28.14 4.11 -2.94
N ALA F 154 27.68 5.37 -2.96
CA ALA F 154 26.29 5.63 -3.35
C ALA F 154 26.09 5.40 -4.84
N SER F 155 27.08 5.74 -5.66
CA SER F 155 26.99 5.45 -7.09
C SER F 155 26.95 3.95 -7.36
N ASN F 156 27.72 3.17 -6.59
CA ASN F 156 27.70 1.71 -6.72
C ASN F 156 26.36 1.13 -6.27
N LEU F 157 25.77 1.69 -5.22
CA LEU F 157 24.44 1.27 -4.76
C LEU F 157 23.39 1.46 -5.84
N ILE F 158 23.34 2.66 -6.42
CA ILE F 158 22.34 2.99 -7.44
C ILE F 158 22.54 2.15 -8.70
N CYS F 159 23.81 1.96 -9.10
CA CYS F 159 24.12 1.17 -10.29
C CYS F 159 23.74 -0.29 -10.10
N GLY F 160 23.96 -0.84 -8.91
CA GLY F 160 23.55 -2.21 -8.65
C GLY F 160 22.05 -2.40 -8.69
N ILE F 161 21.29 -1.44 -8.15
CA ILE F 161 19.82 -1.50 -8.20
C ILE F 161 19.33 -1.49 -9.65
N ALA F 162 19.86 -0.57 -10.47
CA ALA F 162 19.38 -0.44 -11.84
C ALA F 162 19.74 -1.64 -12.71
N VAL F 163 20.97 -2.14 -12.58
CA VAL F 163 21.37 -3.31 -13.35
C VAL F 163 20.62 -4.56 -12.92
N GLY F 164 20.25 -4.66 -11.64
CA GLY F 164 19.42 -5.78 -11.21
C GLY F 164 18.02 -5.76 -11.78
N ILE F 165 17.39 -4.58 -11.82
CA ILE F 165 16.05 -4.45 -12.40
C ILE F 165 16.06 -4.82 -13.88
N THR F 166 17.05 -4.31 -14.62
CA THR F 166 17.16 -4.65 -16.04
C THR F 166 17.51 -6.13 -16.24
N GLY F 167 18.22 -6.74 -15.30
CA GLY F 167 18.51 -8.16 -15.41
C GLY F 167 17.31 -9.05 -15.21
N ALA F 168 16.43 -8.66 -14.28
CA ALA F 168 15.18 -9.40 -14.10
C ALA F 168 14.29 -9.32 -15.33
N THR F 169 14.19 -8.12 -15.91
CA THR F 169 13.37 -7.96 -17.11
C THR F 169 13.98 -8.68 -18.31
N ALA F 170 15.32 -8.73 -18.38
CA ALA F 170 16.00 -9.46 -19.45
C ALA F 170 15.82 -10.96 -19.30
N ALA F 171 15.77 -11.47 -18.06
CA ALA F 171 15.55 -12.89 -17.85
C ALA F 171 14.15 -13.30 -18.29
N ILE F 172 13.14 -12.48 -17.98
CA ILE F 172 11.78 -12.76 -18.45
C ILE F 172 11.70 -12.74 -19.97
N SER F 173 12.32 -11.72 -20.59
CA SER F 173 12.24 -11.60 -22.05
C SER F 173 13.01 -12.69 -22.77
N ASP F 174 14.14 -13.15 -22.22
CA ASP F 174 14.84 -14.26 -22.83
C ASP F 174 14.12 -15.58 -22.62
N ALA F 175 13.40 -15.73 -21.50
CA ALA F 175 12.59 -16.92 -21.32
C ALA F 175 11.40 -16.95 -22.28
N ALA F 176 10.96 -15.79 -22.79
CA ALA F 176 9.96 -15.78 -23.85
C ALA F 176 10.47 -16.45 -25.12
N ASP F 177 11.49 -15.88 -25.77
CA ASP F 177 12.23 -16.59 -26.81
C ASP F 177 13.68 -16.14 -26.78
N SER F 178 14.53 -16.89 -27.48
CA SER F 178 15.97 -16.74 -27.36
C SER F 178 16.52 -15.51 -28.06
N ALA F 179 15.74 -14.88 -28.95
CA ALA F 179 16.27 -13.80 -29.77
C ALA F 179 16.22 -12.45 -29.10
N LEU F 180 15.69 -12.35 -27.88
CA LEU F 180 15.49 -11.04 -27.26
C LEU F 180 16.60 -10.62 -26.31
N PHE F 181 17.43 -11.55 -25.82
CA PHE F 181 18.38 -11.17 -24.78
C PHE F 181 19.55 -10.36 -25.34
N VAL F 182 19.86 -10.52 -26.62
CA VAL F 182 20.88 -9.69 -27.25
C VAL F 182 20.41 -8.24 -27.31
N LYS F 183 19.11 -8.02 -27.45
CA LYS F 183 18.60 -6.66 -27.57
C LYS F 183 18.32 -5.99 -26.22
N ILE F 184 18.35 -6.75 -25.12
CA ILE F 184 18.04 -6.18 -23.80
C ILE F 184 19.32 -6.10 -23.00
N LEU F 185 20.30 -6.95 -23.34
CA LEU F 185 21.63 -6.91 -22.74
C LEU F 185 22.36 -5.60 -23.04
N VAL F 186 22.00 -4.94 -24.14
CA VAL F 186 22.53 -3.63 -24.48
C VAL F 186 22.16 -2.60 -23.41
N ILE F 187 20.96 -2.72 -22.84
CA ILE F 187 20.53 -1.80 -21.80
C ILE F 187 21.33 -2.04 -20.52
N GLU F 188 21.68 -3.29 -20.23
CA GLU F 188 22.57 -3.57 -19.11
C GLU F 188 23.97 -3.03 -19.36
N ILE F 189 24.42 -3.03 -20.61
CA ILE F 189 25.70 -2.40 -20.94
C ILE F 189 25.63 -0.89 -20.72
N PHE F 190 24.49 -0.27 -21.03
CA PHE F 190 24.30 1.15 -20.72
C PHE F 190 24.34 1.39 -19.21
N GLY F 191 23.61 0.60 -18.44
CA GLY F 191 23.48 0.85 -17.02
C GLY F 191 24.68 0.48 -16.18
N SER F 192 25.60 -0.32 -16.72
CA SER F 192 26.76 -0.77 -15.96
C SER F 192 27.94 0.20 -16.03
N ILE F 193 27.87 1.22 -16.90
CA ILE F 193 28.95 2.21 -16.99
C ILE F 193 28.88 3.21 -15.84
N LEU F 194 27.73 3.33 -15.18
CA LEU F 194 27.53 4.36 -14.17
C LEU F 194 28.36 4.08 -12.91
N GLY F 195 28.51 2.80 -12.55
CA GLY F 195 29.41 2.45 -11.47
C GLY F 195 30.87 2.74 -11.80
N LEU F 196 31.23 2.62 -13.07
CA LEU F 196 32.59 2.96 -13.50
C LEU F 196 32.82 4.46 -13.50
N LEU F 197 31.79 5.25 -13.79
CA LEU F 197 31.86 6.69 -13.61
C LEU F 197 32.11 7.07 -12.16
N GLY F 198 31.36 6.46 -11.24
CA GLY F 198 31.60 6.67 -9.82
C GLY F 198 32.99 6.25 -9.40
N LEU F 199 33.50 5.15 -9.98
CA LEU F 199 34.86 4.68 -9.71
C LEU F 199 35.90 5.71 -10.15
N ILE F 200 35.76 6.24 -11.37
CA ILE F 200 36.74 7.20 -11.91
C ILE F 200 36.73 8.49 -11.09
N VAL F 201 35.56 9.01 -10.77
CA VAL F 201 35.52 10.28 -10.04
C VAL F 201 35.92 10.09 -8.57
N GLY F 202 35.69 8.90 -8.01
CA GLY F 202 36.22 8.62 -6.68
C GLY F 202 37.72 8.51 -6.66
N LEU F 203 38.33 8.00 -7.74
CA LEU F 203 39.78 8.00 -7.84
C LEU F 203 40.32 9.40 -8.08
N LEU F 204 39.54 10.27 -8.72
CA LEU F 204 40.01 11.60 -9.05
C LEU F 204 39.85 12.59 -7.90
N MET F 205 38.86 12.40 -7.02
CA MET F 205 38.70 13.29 -5.87
C MET F 205 39.81 13.10 -4.85
N ALA F 206 40.28 11.87 -4.66
CA ALA F 206 41.37 11.58 -3.75
C ALA F 206 42.70 11.45 -4.48
N GLY F 207 42.87 12.18 -5.58
CA GLY F 207 44.07 12.06 -6.37
C GLY F 207 45.24 12.82 -5.79
N LYS F 208 44.98 14.02 -5.30
CA LYS F 208 46.02 14.89 -4.78
C LYS F 208 46.14 14.83 -3.26
N ALA F 209 45.33 14.02 -2.60
CA ALA F 209 45.43 13.88 -1.15
C ALA F 209 46.65 13.05 -0.79
N SER F 210 47.42 13.55 0.16
CA SER F 210 48.62 12.85 0.61
C SER F 210 48.24 11.86 1.71
N GLU F 211 49.24 11.30 2.37
CA GLU F 211 49.01 10.42 3.51
C GLU F 211 48.76 11.25 4.76
N PHE F 212 48.78 10.63 5.93
CA PHE F 212 48.72 11.36 7.19
C PHE F 212 50.13 11.46 7.73
N GLN F 213 50.69 12.67 7.70
CA GLN F 213 52.02 12.89 8.25
C GLN F 213 52.03 14.12 9.14
N SER G 7 46.12 32.81 10.46
CA SER G 7 46.60 33.13 9.12
C SER G 7 45.55 33.91 8.34
N ASN G 8 44.98 33.27 7.33
CA ASN G 8 44.00 33.92 6.48
C ASN G 8 42.61 33.65 7.05
N ILE G 9 41.81 34.71 7.20
CA ILE G 9 40.44 34.57 7.66
C ILE G 9 39.48 34.29 6.52
N TYR G 10 39.99 34.23 5.30
CA TYR G 10 39.18 33.97 4.11
C TYR G 10 39.28 32.55 3.64
N ALA G 11 40.42 31.91 3.85
CA ALA G 11 40.59 30.48 3.60
C ALA G 11 40.92 29.81 4.93
N PRO G 12 39.91 29.47 5.72
CA PRO G 12 40.15 28.57 6.85
C PRO G 12 40.23 27.14 6.36
N LEU G 13 40.61 26.24 7.26
CA LEU G 13 40.97 24.92 6.80
C LEU G 13 39.77 23.98 6.70
N TYR G 14 38.58 24.41 7.13
CA TYR G 14 37.38 23.61 6.92
C TYR G 14 36.74 23.88 5.55
N ALA G 15 37.36 24.71 4.73
CA ALA G 15 36.79 25.06 3.43
C ALA G 15 36.69 23.91 2.41
N PRO G 16 37.60 22.91 2.30
CA PRO G 16 37.40 21.87 1.27
C PRO G 16 36.20 20.96 1.48
N PHE G 17 35.62 20.91 2.68
CA PHE G 17 34.48 20.04 2.96
C PHE G 17 33.30 20.36 2.05
N PHE G 18 33.08 21.63 1.77
CA PHE G 18 31.96 22.03 0.94
C PHE G 18 32.20 21.80 -0.54
N GLY G 19 33.45 21.93 -1.00
CA GLY G 19 33.75 21.62 -2.38
C GLY G 19 33.68 20.13 -2.68
N PHE G 20 34.17 19.30 -1.74
CA PHE G 20 33.99 17.87 -1.91
C PHE G 20 32.54 17.45 -1.79
N ALA G 21 31.74 18.16 -0.98
CA ALA G 21 30.30 17.91 -0.95
C ALA G 21 29.65 18.25 -2.28
N GLY G 22 30.13 19.30 -2.95
CA GLY G 22 29.64 19.62 -4.28
C GLY G 22 29.96 18.54 -5.31
N CYS G 23 31.20 18.02 -5.28
CA CYS G 23 31.57 16.88 -6.14
C CYS G 23 30.67 15.67 -5.90
N ALA G 24 30.43 15.35 -4.63
CA ALA G 24 29.62 14.18 -4.27
C ALA G 24 28.19 14.33 -4.72
N ALA G 25 27.59 15.50 -4.51
CA ALA G 25 26.20 15.72 -4.92
C ALA G 25 26.06 15.68 -6.44
N ALA G 26 26.99 16.33 -7.15
CA ALA G 26 26.93 16.38 -8.61
C ALA G 26 27.10 15.01 -9.23
N MET G 27 27.88 14.13 -8.61
CA MET G 27 28.00 12.80 -9.20
C MET G 27 26.82 11.90 -8.81
N VAL G 28 26.49 11.84 -7.52
CA VAL G 28 25.53 10.85 -7.04
C VAL G 28 24.12 11.13 -7.55
N LEU G 29 23.69 12.39 -7.53
CA LEU G 29 22.30 12.63 -7.93
C LEU G 29 22.11 12.58 -9.45
N SER G 30 23.14 12.94 -10.22
CA SER G 30 23.08 12.75 -11.66
C SER G 30 23.06 11.27 -12.04
N CYS G 31 23.87 10.47 -11.35
CA CYS G 31 23.84 9.02 -11.55
C CYS G 31 22.49 8.42 -11.18
N LEU G 32 21.86 8.95 -10.13
CA LEU G 32 20.53 8.50 -9.73
C LEU G 32 19.48 8.82 -10.78
N GLY G 33 19.52 10.04 -11.33
CA GLY G 33 18.57 10.39 -12.37
C GLY G 33 18.76 9.58 -13.64
N ALA G 34 20.01 9.35 -14.04
CA ALA G 34 20.28 8.53 -15.21
C ALA G 34 19.82 7.09 -15.02
N ALA G 35 19.99 6.56 -13.80
CA ALA G 35 19.59 5.17 -13.56
C ALA G 35 18.08 5.02 -13.50
N ILE G 36 17.38 6.00 -12.92
CA ILE G 36 15.92 5.99 -12.91
C ILE G 36 15.37 6.02 -14.33
N GLY G 37 15.91 6.93 -15.17
CA GLY G 37 15.46 7.02 -16.55
C GLY G 37 15.73 5.75 -17.34
N THR G 38 16.94 5.19 -17.20
CA THR G 38 17.33 4.00 -17.96
C THR G 38 16.50 2.77 -17.56
N ALA G 39 16.34 2.53 -16.25
CA ALA G 39 15.61 1.36 -15.80
C ALA G 39 14.12 1.46 -16.11
N LYS G 40 13.53 2.63 -15.83
CA LYS G 40 12.10 2.82 -16.06
C LYS G 40 11.76 2.77 -17.54
N SER G 41 12.64 3.24 -18.42
CA SER G 41 12.37 3.11 -19.85
C SER G 41 12.61 1.69 -20.35
N GLY G 42 13.63 1.01 -19.81
CA GLY G 42 13.94 -0.34 -20.26
C GLY G 42 12.87 -1.36 -19.91
N ILE G 43 12.12 -1.10 -18.83
CA ILE G 43 10.97 -1.95 -18.52
C ILE G 43 9.94 -1.91 -19.65
N GLY G 44 9.64 -0.72 -20.17
CA GLY G 44 8.70 -0.65 -21.28
C GLY G 44 9.26 -1.18 -22.59
N ILE G 45 10.56 -0.96 -22.82
CA ILE G 45 11.23 -1.45 -24.03
C ILE G 45 11.21 -2.97 -24.08
N ALA G 46 11.41 -3.62 -22.95
CA ALA G 46 11.31 -5.08 -22.95
C ALA G 46 9.90 -5.59 -22.71
N GLY G 47 8.97 -4.73 -22.31
CA GLY G 47 7.57 -5.12 -22.28
C GLY G 47 6.96 -5.20 -23.67
N ILE G 48 7.39 -4.34 -24.59
CA ILE G 48 6.92 -4.46 -25.98
C ILE G 48 7.66 -5.53 -26.75
N GLY G 49 8.68 -6.16 -26.16
CA GLY G 49 9.56 -7.03 -26.90
C GLY G 49 8.99 -8.39 -27.26
N THR G 50 7.91 -8.81 -26.61
CA THR G 50 7.34 -10.11 -26.95
C THR G 50 6.50 -10.03 -28.22
N PHE G 51 5.67 -8.98 -28.35
CA PHE G 51 4.77 -8.86 -29.49
C PHE G 51 5.50 -8.41 -30.74
N LYS G 52 6.11 -7.24 -30.68
CA LYS G 52 6.78 -6.63 -31.84
C LYS G 52 8.24 -6.43 -31.48
N PRO G 53 9.09 -7.43 -31.72
CA PRO G 53 10.52 -7.28 -31.41
C PRO G 53 11.27 -6.40 -32.39
N GLU G 54 10.62 -5.99 -33.47
CA GLU G 54 11.24 -5.16 -34.50
C GLU G 54 11.26 -3.68 -34.16
N LEU G 55 10.78 -3.30 -32.98
CA LEU G 55 10.73 -1.90 -32.57
C LEU G 55 11.74 -1.57 -31.48
N ILE G 56 12.51 -2.56 -31.02
CA ILE G 56 13.40 -2.35 -29.88
C ILE G 56 14.60 -1.51 -30.29
N MET G 57 15.13 -1.72 -31.49
CA MET G 57 16.32 -1.00 -31.93
C MET G 57 16.03 0.46 -32.27
N LYS G 58 14.79 0.83 -32.54
CA LYS G 58 14.44 2.23 -32.62
C LYS G 58 14.00 2.77 -31.26
N SER G 59 13.49 1.90 -30.40
CA SER G 59 12.98 2.30 -29.10
C SER G 59 14.07 2.59 -28.06
N LEU G 60 15.35 2.56 -28.43
CA LEU G 60 16.43 2.85 -27.51
C LEU G 60 16.77 4.33 -27.43
N ILE G 61 15.88 5.20 -27.90
CA ILE G 61 16.02 6.64 -27.74
C ILE G 61 15.95 7.08 -26.28
N PRO G 62 15.00 6.65 -25.42
CA PRO G 62 15.01 7.16 -24.04
C PRO G 62 16.13 6.62 -23.18
N VAL G 63 16.79 5.54 -23.57
CA VAL G 63 17.90 5.04 -22.77
C VAL G 63 19.19 5.78 -23.10
N VAL G 64 19.46 6.01 -24.39
CA VAL G 64 20.57 6.86 -24.81
C VAL G 64 20.35 8.29 -24.35
N MET G 65 19.09 8.73 -24.34
CA MET G 65 18.75 10.09 -23.93
C MET G 65 19.03 10.32 -22.45
N SER G 66 18.75 9.33 -21.61
CA SER G 66 18.98 9.43 -20.18
C SER G 66 20.35 8.90 -19.76
N GLY G 67 21.30 8.83 -20.69
CA GLY G 67 22.66 8.47 -20.36
C GLY G 67 23.56 9.66 -20.49
N ILE G 68 23.04 10.71 -21.14
CA ILE G 68 23.74 11.98 -21.28
C ILE G 68 23.74 12.74 -19.95
N LEU G 69 22.80 12.43 -19.07
CA LEU G 69 22.68 13.12 -17.79
C LEU G 69 23.83 12.74 -16.86
N ALA G 70 24.26 11.48 -16.93
CA ALA G 70 25.45 11.06 -16.20
C ALA G 70 26.70 11.70 -16.77
N ILE G 71 26.70 12.05 -18.06
CA ILE G 71 27.82 12.77 -18.64
C ILE G 71 27.83 14.22 -18.15
N TYR G 72 26.64 14.82 -17.96
CA TYR G 72 26.54 16.16 -17.37
C TYR G 72 27.13 16.18 -15.97
N GLY G 73 26.70 15.24 -15.13
CA GLY G 73 27.26 15.13 -13.79
C GLY G 73 28.74 14.81 -13.79
N LEU G 74 29.21 14.03 -14.77
CA LEU G 74 30.63 13.70 -14.88
C LEU G 74 31.46 14.94 -15.18
N VAL G 75 31.02 15.74 -16.16
CA VAL G 75 31.73 16.97 -16.55
C VAL G 75 31.80 17.94 -15.39
N VAL G 76 30.68 18.14 -14.70
CA VAL G 76 30.70 19.12 -13.63
C VAL G 76 31.49 18.63 -12.42
N ALA G 77 31.46 17.31 -12.15
CA ALA G 77 32.23 16.77 -11.03
C ALA G 77 33.72 16.84 -11.31
N VAL G 78 34.17 16.55 -12.53
CA VAL G 78 35.61 16.63 -12.79
C VAL G 78 36.07 18.09 -12.87
N LEU G 79 35.21 19.01 -13.30
CA LEU G 79 35.58 20.43 -13.27
C LEU G 79 35.64 20.98 -11.86
N ILE G 80 34.82 20.48 -10.94
CA ILE G 80 34.95 20.92 -9.55
C ILE G 80 36.19 20.30 -8.92
N ALA G 81 36.44 19.01 -9.17
CA ALA G 81 37.56 18.34 -8.54
C ALA G 81 38.91 18.76 -9.12
N GLY G 82 38.93 19.42 -10.28
CA GLY G 82 40.18 19.95 -10.78
C GLY G 82 40.67 21.19 -10.04
N ASN G 83 39.80 21.85 -9.27
CA ASN G 83 40.18 23.08 -8.58
C ASN G 83 40.64 22.86 -7.14
N LEU G 84 40.52 21.64 -6.63
CA LEU G 84 40.87 21.34 -5.24
C LEU G 84 42.30 20.84 -5.16
N SER G 85 43.02 21.29 -4.14
CA SER G 85 44.43 20.93 -3.95
C SER G 85 44.79 21.19 -2.50
N PRO G 86 45.68 20.38 -1.92
CA PRO G 86 46.08 20.60 -0.52
C PRO G 86 47.17 21.66 -0.33
N THR G 87 47.41 22.49 -1.34
CA THR G 87 48.46 23.50 -1.32
C THR G 87 47.93 24.89 -1.63
N GLU G 88 46.87 24.99 -2.42
CA GLU G 88 46.35 26.27 -2.92
C GLU G 88 45.70 27.07 -1.79
N ASP G 89 45.23 28.28 -2.15
CA ASP G 89 44.60 29.19 -1.22
C ASP G 89 43.21 28.67 -0.85
N TYR G 90 42.29 28.66 -1.81
CA TYR G 90 40.96 28.05 -1.71
C TYR G 90 40.10 28.64 -0.60
N THR G 91 39.55 29.84 -0.81
CA THR G 91 38.71 30.50 0.18
C THR G 91 37.38 29.77 0.40
N LEU G 92 36.58 30.28 1.36
CA LEU G 92 35.25 29.69 1.62
C LEU G 92 34.24 30.03 0.53
N PHE G 93 34.42 31.16 -0.14
CA PHE G 93 33.55 31.54 -1.25
C PHE G 93 33.59 30.49 -2.36
N ASN G 94 34.78 29.95 -2.62
CA ASN G 94 34.93 28.91 -3.61
C ASN G 94 34.25 27.62 -3.19
N GLY G 95 34.21 27.33 -1.88
CA GLY G 95 33.52 26.14 -1.42
C GLY G 95 32.02 26.24 -1.49
N PHE G 96 31.47 27.41 -1.14
CA PHE G 96 30.04 27.65 -1.30
C PHE G 96 29.63 27.58 -2.77
N MET G 97 30.47 28.10 -3.67
CA MET G 97 30.15 28.02 -5.10
C MET G 97 30.21 26.59 -5.60
N HIS G 98 31.18 25.79 -5.14
CA HIS G 98 31.25 24.40 -5.57
C HIS G 98 30.07 23.59 -5.06
N LEU G 99 29.61 23.85 -3.83
CA LEU G 99 28.43 23.16 -3.32
C LEU G 99 27.18 23.56 -4.07
N SER G 100 27.10 24.82 -4.49
CA SER G 100 25.94 25.24 -5.27
C SER G 100 25.96 24.66 -6.69
N CYS G 101 27.14 24.52 -7.30
CA CYS G 101 27.29 23.81 -8.58
C CYS G 101 26.78 22.38 -8.48
N GLY G 102 27.22 21.67 -7.45
CA GLY G 102 26.82 20.28 -7.28
C GLY G 102 25.33 20.12 -7.06
N LEU G 103 24.73 20.98 -6.24
CA LEU G 103 23.29 20.91 -6.01
C LEU G 103 22.49 21.23 -7.28
N CYS G 104 22.93 22.22 -8.07
CA CYS G 104 22.25 22.57 -9.31
C CYS G 104 22.21 21.39 -10.28
N VAL G 105 23.40 20.83 -10.59
CA VAL G 105 23.46 19.73 -11.56
C VAL G 105 22.74 18.50 -11.05
N GLY G 106 22.89 18.20 -9.75
CA GLY G 106 22.29 16.99 -9.21
C GLY G 106 20.79 17.00 -9.23
N PHE G 107 20.17 18.08 -8.74
CA PHE G 107 18.71 18.06 -8.71
C PHE G 107 18.09 18.32 -10.07
N ALA G 108 18.76 19.08 -10.95
CA ALA G 108 18.24 19.22 -12.31
C ALA G 108 18.28 17.91 -13.06
N CYS G 109 19.36 17.14 -12.94
CA CYS G 109 19.43 15.86 -13.64
C CYS G 109 18.52 14.81 -13.00
N LEU G 110 18.28 14.89 -11.69
CA LEU G 110 17.32 13.98 -11.06
C LEU G 110 15.91 14.19 -11.59
N SER G 111 15.47 15.45 -11.64
CA SER G 111 14.14 15.76 -12.17
C SER G 111 14.01 15.41 -13.65
N SER G 112 15.05 15.69 -14.43
CA SER G 112 15.02 15.38 -15.85
C SER G 112 14.98 13.88 -16.10
N GLY G 113 15.74 13.10 -15.33
CA GLY G 113 15.72 11.66 -15.49
C GLY G 113 14.40 11.03 -15.10
N TYR G 114 13.74 11.57 -14.07
CA TYR G 114 12.40 11.11 -13.73
C TYR G 114 11.41 11.36 -14.85
N ALA G 115 11.44 12.55 -15.45
CA ALA G 115 10.53 12.85 -16.56
C ALA G 115 10.79 11.97 -17.78
N ILE G 116 12.07 11.77 -18.13
CA ILE G 116 12.44 10.90 -19.25
C ILE G 116 11.97 9.48 -19.01
N GLY G 117 12.09 8.99 -17.77
CA GLY G 117 11.65 7.64 -17.47
C GLY G 117 10.16 7.43 -17.62
N MET G 118 9.37 8.37 -17.07
CA MET G 118 7.91 8.30 -17.18
C MET G 118 7.45 8.34 -18.64
N VAL G 119 7.90 9.36 -19.38
CA VAL G 119 7.43 9.56 -20.75
C VAL G 119 7.94 8.46 -21.66
N GLY G 120 9.17 7.97 -21.44
CA GLY G 120 9.70 6.91 -22.28
C GLY G 120 9.00 5.58 -22.07
N ASP G 121 8.66 5.26 -20.83
CA ASP G 121 7.91 4.04 -20.55
C ASP G 121 6.54 4.07 -21.22
N VAL G 122 5.76 5.12 -20.99
CA VAL G 122 4.40 5.10 -21.54
C VAL G 122 4.40 5.26 -23.06
N GLY G 123 5.37 6.01 -23.60
CA GLY G 123 5.40 6.23 -25.03
C GLY G 123 5.93 5.06 -25.81
N VAL G 124 6.79 4.24 -25.20
CA VAL G 124 7.22 3.02 -25.88
C VAL G 124 6.19 1.92 -25.74
N ARG G 125 5.53 1.81 -24.58
CA ARG G 125 4.48 0.79 -24.42
C ARG G 125 3.29 1.06 -25.34
N LYS G 126 2.91 2.32 -25.53
CA LYS G 126 1.82 2.63 -26.45
C LYS G 126 2.31 2.94 -27.86
N TYR G 127 3.47 2.41 -28.25
CA TYR G 127 4.00 2.54 -29.60
C TYR G 127 3.78 1.29 -30.43
N MET G 128 3.49 0.14 -29.81
CA MET G 128 3.20 -1.07 -30.55
C MET G 128 1.88 -1.01 -31.32
N HIS G 129 1.02 -0.03 -31.01
CA HIS G 129 -0.24 0.16 -31.70
C HIS G 129 -0.13 1.20 -32.81
N GLN G 130 0.41 2.38 -32.51
CA GLN G 130 0.42 3.49 -33.47
C GLN G 130 1.85 3.84 -33.87
N PRO G 131 2.27 3.52 -35.09
CA PRO G 131 3.62 3.89 -35.53
C PRO G 131 3.81 5.36 -35.88
N ARG G 132 2.75 6.16 -35.86
CA ARG G 132 2.86 7.60 -36.11
C ARG G 132 3.09 8.39 -34.83
N LEU G 133 3.22 7.70 -33.70
CA LEU G 133 3.36 8.32 -32.39
C LEU G 133 4.81 8.63 -32.05
N PHE G 134 5.75 8.37 -32.96
CA PHE G 134 7.18 8.39 -32.64
C PHE G 134 7.75 9.80 -32.55
N VAL G 135 7.30 10.70 -33.43
CA VAL G 135 7.84 12.06 -33.42
C VAL G 135 7.37 12.81 -32.19
N GLY G 136 6.17 12.48 -31.69
CA GLY G 136 5.74 13.02 -30.41
C GLY G 136 6.59 12.54 -29.24
N ILE G 137 6.97 11.25 -29.26
CA ILE G 137 7.88 10.69 -28.26
C ILE G 137 9.20 11.46 -28.26
N VAL G 138 9.79 11.60 -29.45
CA VAL G 138 11.09 12.24 -29.52
C VAL G 138 11.00 13.70 -29.15
N LEU G 139 9.87 14.34 -29.46
CA LEU G 139 9.68 15.75 -29.15
C LEU G 139 9.54 15.99 -27.65
N ILE G 140 8.73 15.18 -26.96
CA ILE G 140 8.59 15.33 -25.52
C ILE G 140 9.87 14.94 -24.79
N LEU G 141 10.61 13.94 -25.30
CA LEU G 141 11.92 13.62 -24.72
C LEU G 141 12.94 14.74 -24.90
N ILE G 142 12.91 15.45 -26.02
CA ILE G 142 13.75 16.63 -26.18
C ILE G 142 13.37 17.71 -25.19
N PHE G 143 12.06 17.90 -24.94
CA PHE G 143 11.66 18.85 -23.90
C PHE G 143 12.08 18.40 -22.50
N SER G 144 12.19 17.10 -22.26
CA SER G 144 12.61 16.63 -20.94
C SER G 144 14.13 16.69 -20.76
N GLU G 145 14.89 16.64 -21.84
CA GLU G 145 16.34 16.57 -21.74
C GLU G 145 16.96 17.91 -21.31
N VAL G 146 16.31 19.03 -21.64
CA VAL G 146 16.92 20.36 -21.51
C VAL G 146 16.98 20.85 -20.07
N LEU G 147 16.29 20.19 -19.13
CA LEU G 147 16.33 20.59 -17.72
C LEU G 147 17.70 20.38 -17.11
N GLY G 148 18.30 19.21 -17.36
CA GLY G 148 19.66 18.96 -16.92
C GLY G 148 20.67 19.85 -17.62
N LEU G 149 20.39 20.26 -18.85
CA LEU G 149 21.23 21.22 -19.54
C LEU G 149 21.21 22.58 -18.85
N TYR G 150 20.03 23.02 -18.40
CA TYR G 150 19.91 24.28 -17.66
C TYR G 150 20.70 24.23 -16.35
N GLY G 151 20.61 23.10 -15.63
CA GLY G 151 21.41 22.93 -14.42
C GLY G 151 22.90 22.95 -14.70
N MET G 152 23.33 22.35 -15.81
CA MET G 152 24.75 22.35 -16.14
C MET G 152 25.23 23.73 -16.58
N ILE G 153 24.36 24.53 -17.19
CA ILE G 153 24.75 25.88 -17.57
C ILE G 153 24.96 26.75 -16.32
N VAL G 154 24.04 26.67 -15.34
CA VAL G 154 24.24 27.49 -14.14
C VAL G 154 25.42 26.98 -13.31
N ALA G 155 25.75 25.68 -13.40
CA ALA G 155 26.93 25.23 -12.67
C ALA G 155 28.22 25.65 -13.37
N LEU G 156 28.25 25.68 -14.70
CA LEU G 156 29.42 26.23 -15.40
C LEU G 156 29.63 27.71 -15.07
N ILE G 157 28.54 28.48 -14.99
CA ILE G 157 28.70 29.90 -14.67
C ILE G 157 29.14 30.09 -13.22
N LEU G 158 28.59 29.31 -12.29
CA LEU G 158 29.05 29.37 -10.89
C LEU G 158 30.49 28.91 -10.73
N ASN G 159 30.94 27.96 -11.55
CA ASN G 159 32.33 27.50 -11.49
C ASN G 159 33.28 28.59 -11.97
N THR G 160 32.96 29.23 -13.11
CA THR G 160 33.84 30.30 -13.56
C THR G 160 33.68 31.58 -12.76
N ARG G 161 32.62 31.70 -11.95
CA ARG G 161 32.46 32.86 -11.09
C ARG G 161 33.20 32.70 -9.77
N GLY G 162 33.23 31.47 -9.24
CA GLY G 162 33.74 31.26 -7.89
C GLY G 162 35.24 31.34 -7.74
N SER G 163 35.99 31.17 -8.82
CA SER G 163 37.46 31.21 -8.77
C SER G 163 37.94 32.61 -9.14
N GLU G 164 37.70 33.54 -8.22
CA GLU G 164 38.07 34.94 -8.44
C GLU G 164 38.60 35.58 -7.16
N MET H 1 35.50 39.26 9.18
CA MET H 1 35.79 40.36 8.27
C MET H 1 35.30 41.67 8.88
N THR H 2 34.01 41.93 8.68
CA THR H 2 33.34 43.11 9.18
C THR H 2 32.05 42.64 9.84
N GLU H 3 31.50 43.45 10.75
CA GLU H 3 30.25 43.06 11.40
C GLU H 3 29.08 43.13 10.41
N LEU H 4 29.11 44.07 9.47
CA LEU H 4 28.07 44.12 8.44
C LEU H 4 28.28 43.08 7.36
N CYS H 5 29.52 42.70 7.08
CA CYS H 5 29.86 41.78 6.00
C CYS H 5 30.67 40.63 6.58
N PRO H 6 30.02 39.63 7.16
CA PRO H 6 30.76 38.50 7.75
C PRO H 6 31.23 37.55 6.66
N VAL H 7 31.84 36.45 7.10
CA VAL H 7 32.44 35.51 6.16
C VAL H 7 31.42 34.49 5.66
N TYR H 8 30.41 34.17 6.47
CA TYR H 8 29.36 33.23 6.10
C TYR H 8 28.32 33.81 5.16
N ALA H 9 28.48 35.06 4.71
CA ALA H 9 27.50 35.75 3.87
C ALA H 9 27.25 35.18 2.47
N PRO H 10 28.23 34.66 1.70
CA PRO H 10 27.87 34.10 0.39
C PRO H 10 27.13 32.76 0.43
N PHE H 11 26.98 32.15 1.61
CA PHE H 11 26.26 30.89 1.71
C PHE H 11 24.80 31.03 1.31
N PHE H 12 24.16 32.11 1.77
CA PHE H 12 22.75 32.32 1.46
C PHE H 12 22.55 32.65 0.00
N GLY H 13 23.49 33.37 -0.61
CA GLY H 13 23.40 33.66 -2.03
C GLY H 13 23.58 32.42 -2.89
N ALA H 14 24.51 31.54 -2.50
CA ALA H 14 24.70 30.30 -3.26
C ALA H 14 23.51 29.36 -3.10
N ILE H 15 22.91 29.32 -1.90
CA ILE H 15 21.72 28.50 -1.68
C ILE H 15 20.54 29.03 -2.47
N GLY H 16 20.37 30.35 -2.57
CA GLY H 16 19.30 30.90 -3.38
C GLY H 16 19.50 30.67 -4.87
N CYS H 17 20.74 30.85 -5.35
CA CYS H 17 21.06 30.63 -6.75
C CYS H 17 20.90 29.17 -7.15
N ALA H 18 21.12 28.24 -6.21
CA ALA H 18 20.84 26.84 -6.51
C ALA H 18 19.34 26.55 -6.48
N SER H 19 18.66 27.04 -5.44
CA SER H 19 17.29 26.63 -5.17
C SER H 19 16.31 27.13 -6.20
N ALA H 20 16.63 28.25 -6.86
CA ALA H 20 15.79 28.75 -7.96
C ALA H 20 15.66 27.72 -9.07
N ILE H 21 16.79 27.29 -9.65
CA ILE H 21 16.75 26.35 -10.76
C ILE H 21 16.34 24.96 -10.29
N ILE H 22 16.61 24.61 -9.02
CA ILE H 22 16.21 23.30 -8.50
C ILE H 22 14.69 23.18 -8.43
N PHE H 23 14.02 24.13 -7.77
CA PHE H 23 12.58 23.97 -7.62
C PHE H 23 11.83 24.26 -8.91
N THR H 24 12.34 25.14 -9.78
CA THR H 24 11.68 25.30 -11.07
C THR H 24 11.88 24.07 -11.95
N SER H 25 13.01 23.36 -11.83
CA SER H 25 13.19 22.14 -12.59
C SER H 25 12.29 21.02 -12.08
N LEU H 26 12.06 20.94 -10.76
CA LEU H 26 11.10 19.96 -10.24
C LEU H 26 9.68 20.24 -10.72
N GLY H 27 9.26 21.52 -10.72
CA GLY H 27 7.93 21.84 -11.22
C GLY H 27 7.77 21.57 -12.71
N ALA H 28 8.78 21.93 -13.51
CA ALA H 28 8.76 21.65 -14.94
C ALA H 28 8.78 20.16 -15.23
N ALA H 29 9.49 19.38 -14.42
CA ALA H 29 9.55 17.95 -14.63
C ALA H 29 8.22 17.28 -14.32
N TYR H 30 7.55 17.72 -13.25
CA TYR H 30 6.23 17.17 -12.95
C TYR H 30 5.22 17.51 -14.04
N GLY H 31 5.25 18.76 -14.51
CA GLY H 31 4.34 19.15 -15.58
C GLY H 31 4.58 18.39 -16.88
N THR H 32 5.85 18.26 -17.27
CA THR H 32 6.19 17.53 -18.48
C THR H 32 5.84 16.05 -18.37
N ALA H 33 6.07 15.43 -17.21
CA ALA H 33 5.80 14.01 -17.04
C ALA H 33 4.30 13.71 -17.07
N LYS H 34 3.51 14.48 -16.32
CA LYS H 34 2.07 14.24 -16.27
C LYS H 34 1.41 14.53 -17.61
N SER H 35 1.77 15.65 -18.25
CA SER H 35 1.20 15.98 -19.55
C SER H 35 1.65 15.00 -20.63
N GLY H 36 2.87 14.49 -20.55
CA GLY H 36 3.34 13.53 -21.53
C GLY H 36 2.68 12.18 -21.42
N VAL H 37 2.38 11.74 -20.19
CA VAL H 37 1.58 10.53 -20.02
C VAL H 37 0.18 10.73 -20.59
N GLY H 38 -0.39 11.92 -20.40
CA GLY H 38 -1.70 12.21 -20.99
C GLY H 38 -1.69 12.22 -22.51
N ILE H 39 -0.64 12.79 -23.11
CA ILE H 39 -0.52 12.82 -24.57
C ILE H 39 -0.31 11.42 -25.14
N CYS H 40 0.54 10.62 -24.50
CA CYS H 40 0.81 9.28 -25.02
C CYS H 40 -0.38 8.34 -24.83
N ALA H 41 -1.22 8.58 -23.83
CA ALA H 41 -2.45 7.80 -23.72
C ALA H 41 -3.51 8.28 -24.70
N THR H 42 -3.53 9.57 -25.01
CA THR H 42 -4.56 10.11 -25.90
C THR H 42 -4.27 9.77 -27.36
N CYS H 43 -3.05 10.02 -27.82
CA CYS H 43 -2.74 10.04 -29.25
C CYS H 43 -2.49 8.67 -29.84
N VAL H 44 -2.93 7.59 -29.19
CA VAL H 44 -2.97 6.29 -29.86
C VAL H 44 -4.11 6.26 -30.85
N LEU H 45 -5.25 6.84 -30.48
CA LEU H 45 -6.45 6.88 -31.31
C LEU H 45 -6.46 8.05 -32.28
N ARG H 46 -6.02 9.22 -31.84
CA ARG H 46 -6.02 10.38 -32.77
C ARG H 46 -4.60 10.92 -32.93
N PRO H 47 -3.77 10.26 -33.76
CA PRO H 47 -2.38 10.72 -33.98
C PRO H 47 -2.31 12.06 -34.68
N ASP H 48 -3.40 12.54 -35.26
CA ASP H 48 -3.45 13.85 -35.88
C ASP H 48 -3.56 14.99 -34.89
N LEU H 49 -3.90 14.70 -33.63
CA LEU H 49 -3.93 15.71 -32.57
C LEU H 49 -2.65 15.72 -31.76
N LEU H 50 -1.56 15.16 -32.30
CA LEU H 50 -0.34 14.98 -31.53
C LEU H 50 0.40 16.31 -31.35
N PHE H 51 0.54 17.08 -32.41
CA PHE H 51 1.26 18.34 -32.35
C PHE H 51 0.37 19.49 -31.92
N LYS H 52 -0.93 19.24 -31.77
CA LYS H 52 -1.84 20.23 -31.21
C LYS H 52 -1.84 20.17 -29.69
N ASN H 53 -1.62 18.99 -29.11
CA ASN H 53 -1.66 18.79 -27.67
C ASN H 53 -0.32 19.05 -26.99
N ILE H 54 0.65 19.61 -27.70
CA ILE H 54 2.01 19.74 -27.15
C ILE H 54 2.16 20.96 -26.27
N VAL H 55 1.12 21.79 -26.18
CA VAL H 55 1.09 23.06 -25.44
C VAL H 55 1.40 22.96 -23.93
N PRO H 56 0.87 21.99 -23.15
CA PRO H 56 1.24 21.97 -21.72
C PRO H 56 2.71 21.67 -21.45
N VAL H 57 3.37 20.95 -22.34
CA VAL H 57 4.79 20.67 -22.17
C VAL H 57 5.62 21.94 -22.38
N ILE H 58 5.20 22.78 -23.33
CA ILE H 58 5.87 24.04 -23.58
C ILE H 58 5.63 25.01 -22.42
N MET H 59 4.40 25.08 -21.93
CA MET H 59 4.11 25.93 -20.78
C MET H 59 4.75 25.41 -19.50
N ALA H 60 5.13 24.14 -19.44
CA ALA H 60 5.96 23.66 -18.35
C ALA H 60 7.42 24.06 -18.53
N GLY H 61 7.92 24.08 -19.76
CA GLY H 61 9.31 24.47 -19.99
C GLY H 61 9.58 25.95 -19.75
N ILE H 62 8.56 26.79 -19.91
CA ILE H 62 8.72 28.23 -19.65
C ILE H 62 9.04 28.50 -18.17
N ILE H 63 8.57 27.65 -17.27
CA ILE H 63 8.88 27.79 -15.84
C ILE H 63 10.36 27.54 -15.57
N ALA H 64 10.94 26.54 -16.21
CA ALA H 64 12.38 26.29 -16.08
C ALA H 64 13.19 27.42 -16.69
N ILE H 65 12.67 28.06 -17.73
CA ILE H 65 13.33 29.26 -18.27
C ILE H 65 13.30 30.40 -17.26
N TYR H 66 12.19 30.56 -16.52
CA TYR H 66 12.11 31.57 -15.46
C TYR H 66 13.16 31.33 -14.39
N GLY H 67 13.28 30.08 -13.95
CA GLY H 67 14.29 29.75 -12.95
C GLY H 67 15.71 29.97 -13.43
N LEU H 68 15.97 29.69 -14.72
CA LEU H 68 17.28 29.94 -15.31
C LEU H 68 17.61 31.43 -15.34
N VAL H 69 16.62 32.26 -15.65
CA VAL H 69 16.82 33.72 -15.66
C VAL H 69 17.19 34.23 -14.27
N VAL H 70 16.45 33.79 -13.25
CA VAL H 70 16.72 34.27 -11.89
C VAL H 70 18.06 33.73 -11.38
N SER H 71 18.43 32.49 -11.75
CA SER H 71 19.70 31.95 -11.31
C SER H 71 20.89 32.67 -11.93
N VAL H 72 20.79 33.05 -13.21
CA VAL H 72 21.87 33.82 -13.84
C VAL H 72 21.98 35.21 -13.21
N LEU H 73 20.85 35.87 -12.97
CA LEU H 73 20.89 37.22 -12.40
C LEU H 73 21.38 37.22 -10.96
N VAL H 74 21.08 36.18 -10.18
CA VAL H 74 21.65 36.10 -8.84
C VAL H 74 23.13 35.75 -8.90
N CYS H 75 23.51 34.85 -9.81
CA CYS H 75 24.89 34.38 -9.91
C CYS H 75 25.86 35.48 -10.31
N TYR H 76 25.42 36.46 -11.08
CA TYR H 76 26.28 37.59 -11.40
C TYR H 76 26.25 38.70 -10.35
N SER H 77 25.93 38.38 -9.10
CA SER H 77 26.03 39.33 -8.00
C SER H 77 26.71 38.76 -6.77
N LEU H 78 27.17 37.51 -6.82
CA LEU H 78 27.92 36.94 -5.72
C LEU H 78 29.29 37.59 -5.59
N GLY H 79 29.82 37.57 -4.38
CA GLY H 79 31.15 38.11 -4.13
C GLY H 79 31.64 37.59 -2.80
N GLN H 80 32.96 37.67 -2.62
CA GLN H 80 33.56 37.18 -1.39
C GLN H 80 33.27 38.11 -0.22
N LYS H 81 33.17 39.40 -0.49
CA LYS H 81 33.08 40.43 0.54
C LYS H 81 31.73 41.14 0.50
N GLN H 82 30.65 40.39 0.34
CA GLN H 82 29.33 40.99 0.33
C GLN H 82 28.73 40.97 1.74
N ALA H 83 27.61 41.67 1.89
CA ALA H 83 26.96 41.81 3.19
C ALA H 83 25.98 40.66 3.43
N LEU H 84 25.44 40.60 4.64
CA LEU H 84 24.35 39.68 4.91
C LEU H 84 23.06 40.14 4.26
N TYR H 85 22.89 41.45 4.07
CA TYR H 85 21.71 41.97 3.41
C TYR H 85 21.58 41.44 2.00
N THR H 86 22.68 41.40 1.26
CA THR H 86 22.67 40.89 -0.11
C THR H 86 22.38 39.40 -0.14
N GLY H 87 22.94 38.63 0.78
CA GLY H 87 22.69 37.21 0.82
C GLY H 87 21.26 36.86 1.21
N PHE H 88 20.69 37.62 2.12
CA PHE H 88 19.28 37.42 2.50
C PHE H 88 18.34 37.77 1.36
N ILE H 89 18.64 38.84 0.62
CA ILE H 89 17.83 39.21 -0.54
C ILE H 89 17.92 38.16 -1.64
N GLN H 90 19.12 37.62 -1.88
CA GLN H 90 19.30 36.59 -2.90
C GLN H 90 18.61 35.29 -2.52
N LEU H 91 18.67 34.91 -1.23
CA LEU H 91 17.96 33.73 -0.76
C LEU H 91 16.44 33.89 -0.87
N GLY H 92 15.93 35.08 -0.55
CA GLY H 92 14.50 35.31 -0.68
C GLY H 92 14.02 35.30 -2.12
N ALA H 93 14.82 35.84 -3.04
CA ALA H 93 14.46 35.83 -4.45
C ALA H 93 14.47 34.42 -5.01
N GLY H 94 15.47 33.62 -4.63
CA GLY H 94 15.52 32.24 -5.07
C GLY H 94 14.37 31.41 -4.57
N LEU H 95 14.02 31.55 -3.28
CA LEU H 95 12.89 30.80 -2.73
C LEU H 95 11.57 31.22 -3.35
N SER H 96 11.40 32.53 -3.62
CA SER H 96 10.19 33.05 -4.25
C SER H 96 9.96 32.41 -5.62
N VAL H 97 10.95 32.54 -6.50
CA VAL H 97 10.75 32.04 -7.86
C VAL H 97 10.70 30.51 -7.88
N GLY H 98 11.42 29.85 -6.97
CA GLY H 98 11.44 28.39 -6.98
C GLY H 98 10.13 27.79 -6.54
N LEU H 99 9.58 28.26 -5.41
CA LEU H 99 8.36 27.64 -4.94
C LEU H 99 7.14 28.10 -5.73
N SER H 100 7.17 29.31 -6.29
CA SER H 100 6.10 29.70 -7.22
C SER H 100 6.12 28.85 -8.49
N GLY H 101 7.32 28.57 -9.02
CA GLY H 101 7.41 27.70 -10.17
C GLY H 101 7.03 26.26 -9.89
N LEU H 102 7.27 25.80 -8.67
CA LEU H 102 6.86 24.45 -8.28
C LEU H 102 5.34 24.32 -8.25
N ALA H 103 4.67 25.30 -7.64
CA ALA H 103 3.20 25.28 -7.61
C ALA H 103 2.59 25.40 -9.00
N ALA H 104 3.15 26.30 -9.83
CA ALA H 104 2.66 26.44 -11.20
C ALA H 104 2.89 25.18 -12.02
N GLY H 105 4.00 24.48 -11.79
CA GLY H 105 4.25 23.25 -12.52
C GLY H 105 3.30 22.13 -12.15
N PHE H 106 2.96 22.02 -10.86
CA PHE H 106 1.97 21.03 -10.43
C PHE H 106 0.61 21.31 -11.07
N ALA H 107 0.18 22.57 -11.07
CA ALA H 107 -1.11 22.93 -11.66
C ALA H 107 -1.13 22.69 -13.17
N ILE H 108 -0.04 23.03 -13.86
CA ILE H 108 0.03 22.84 -15.32
C ILE H 108 0.00 21.35 -15.66
N GLY H 109 0.68 20.52 -14.87
CA GLY H 109 0.67 19.09 -15.13
C GLY H 109 -0.71 18.47 -14.99
N ILE H 110 -1.41 18.78 -13.88
CA ILE H 110 -2.71 18.17 -13.64
C ILE H 110 -3.76 18.67 -14.63
N VAL H 111 -3.79 19.98 -14.89
CA VAL H 111 -4.77 20.55 -15.82
C VAL H 111 -4.47 20.10 -17.25
N GLY H 112 -3.19 19.96 -17.62
CA GLY H 112 -2.85 19.53 -18.96
C GLY H 112 -3.22 18.08 -19.23
N ASP H 113 -3.01 17.20 -18.24
CA ASP H 113 -3.44 15.81 -18.36
C ASP H 113 -4.95 15.72 -18.55
N ALA H 114 -5.72 16.38 -17.68
CA ALA H 114 -7.17 16.32 -17.77
C ALA H 114 -7.68 16.96 -19.06
N GLY H 115 -7.02 18.03 -19.50
CA GLY H 115 -7.50 18.74 -20.68
C GLY H 115 -7.22 18.00 -21.97
N VAL H 116 -6.07 17.33 -22.08
CA VAL H 116 -5.78 16.53 -23.26
C VAL H 116 -6.71 15.33 -23.33
N ARG H 117 -6.91 14.64 -22.21
CA ARG H 117 -7.81 13.49 -22.19
C ARG H 117 -9.26 13.89 -22.47
N GLY H 118 -9.65 15.09 -22.06
CA GLY H 118 -11.00 15.55 -22.36
C GLY H 118 -11.18 16.05 -23.78
N SER H 119 -10.16 16.73 -24.31
CA SER H 119 -10.22 17.27 -25.66
C SER H 119 -9.99 16.23 -26.74
N SER H 120 -9.63 15.00 -26.37
CA SER H 120 -9.63 13.92 -27.35
C SER H 120 -11.03 13.64 -27.90
N GLN H 121 -12.07 13.88 -27.11
CA GLN H 121 -13.44 13.56 -27.50
C GLN H 121 -14.37 14.76 -27.46
N GLN H 122 -13.82 15.96 -27.35
CA GLN H 122 -14.62 17.19 -27.39
C GLN H 122 -13.72 18.28 -27.94
N PRO H 123 -13.89 18.65 -29.22
CA PRO H 123 -12.97 19.63 -29.83
C PRO H 123 -13.11 21.05 -29.33
N ARG H 124 -14.17 21.38 -28.59
CA ARG H 124 -14.34 22.73 -28.08
C ARG H 124 -13.67 22.95 -26.75
N LEU H 125 -13.07 21.93 -26.16
CA LEU H 125 -12.48 22.02 -24.84
C LEU H 125 -11.03 22.48 -24.88
N PHE H 126 -10.45 22.56 -26.08
CA PHE H 126 -9.04 22.91 -26.22
C PHE H 126 -8.78 24.36 -25.82
N VAL H 127 -9.68 25.27 -26.19
CA VAL H 127 -9.51 26.66 -25.84
C VAL H 127 -9.75 26.89 -24.33
N GLY H 128 -10.63 26.09 -23.71
CA GLY H 128 -10.78 26.17 -22.27
C GLY H 128 -9.57 25.64 -21.53
N MET H 129 -8.94 24.60 -22.08
CA MET H 129 -7.68 24.13 -21.55
C MET H 129 -6.59 25.19 -21.64
N ILE H 130 -6.55 25.93 -22.74
CA ILE H 130 -5.55 26.99 -22.90
C ILE H 130 -5.79 28.13 -21.90
N LEU H 131 -7.06 28.48 -21.66
CA LEU H 131 -7.37 29.52 -20.67
C LEU H 131 -6.95 29.12 -19.26
N ILE H 132 -7.27 27.89 -18.85
CA ILE H 132 -6.89 27.46 -17.51
C ILE H 132 -5.38 27.32 -17.39
N LEU H 133 -4.69 26.91 -18.46
CA LEU H 133 -3.23 26.82 -18.40
C LEU H 133 -2.56 28.18 -18.35
N ILE H 134 -3.17 29.21 -18.96
CA ILE H 134 -2.63 30.56 -18.83
C ILE H 134 -2.80 31.07 -17.40
N PHE H 135 -3.95 30.75 -16.77
CA PHE H 135 -4.12 31.07 -15.36
C PHE H 135 -3.15 30.31 -14.46
N ALA H 136 -2.68 29.14 -14.89
CA ALA H 136 -1.65 28.46 -14.14
C ALA H 136 -0.25 28.97 -14.45
N GLU H 137 -0.05 29.63 -15.58
CA GLU H 137 1.25 30.16 -15.96
C GLU H 137 1.58 31.48 -15.25
N VAL H 138 0.56 32.31 -14.99
CA VAL H 138 0.82 33.61 -14.37
C VAL H 138 1.28 33.52 -12.92
N LEU H 139 1.14 32.37 -12.26
CA LEU H 139 1.65 32.20 -10.91
C LEU H 139 3.17 32.18 -10.89
N GLY H 140 3.78 31.40 -11.77
CA GLY H 140 5.22 31.45 -11.93
C GLY H 140 5.70 32.79 -12.44
N LEU H 141 4.87 33.47 -13.23
CA LEU H 141 5.21 34.84 -13.64
C LEU H 141 5.24 35.80 -12.45
N TYR H 142 4.31 35.63 -11.50
CA TYR H 142 4.30 36.48 -10.31
C TYR H 142 5.50 36.22 -9.44
N GLY H 143 5.90 34.95 -9.31
CA GLY H 143 7.13 34.64 -8.60
C GLY H 143 8.36 35.24 -9.25
N LEU H 144 8.41 35.23 -10.59
CA LEU H 144 9.48 35.88 -11.32
C LEU H 144 9.53 37.38 -11.06
N ILE H 145 8.36 38.02 -10.98
CA ILE H 145 8.31 39.47 -10.73
C ILE H 145 8.80 39.81 -9.34
N VAL H 146 8.39 39.02 -8.33
CA VAL H 146 8.83 39.27 -6.96
C VAL H 146 10.34 39.04 -6.83
N ALA H 147 10.87 38.03 -7.54
CA ALA H 147 12.31 37.79 -7.52
C ALA H 147 13.09 38.91 -8.18
N LEU H 148 12.58 39.47 -9.29
CA LEU H 148 13.28 40.58 -9.93
C LEU H 148 13.22 41.85 -9.08
N LEU H 149 12.10 42.11 -8.42
CA LEU H 149 12.02 43.29 -7.56
C LEU H 149 12.86 43.15 -6.30
N LEU H 150 13.05 41.94 -5.80
CA LEU H 150 14.03 41.75 -4.72
C LEU H 150 15.46 41.97 -5.23
N ASN H 151 15.80 41.36 -6.37
CA ASN H 151 17.17 41.41 -6.87
C ASN H 151 17.58 42.81 -7.30
N SER H 152 16.62 43.67 -7.64
CA SER H 152 16.97 45.05 -7.97
C SER H 152 17.38 45.88 -6.76
N ARG H 153 17.17 45.38 -5.54
CA ARG H 153 17.50 46.10 -4.32
C ARG H 153 18.65 45.46 -3.55
N ALA H 154 19.32 44.46 -4.13
CA ALA H 154 20.32 43.72 -3.38
C ALA H 154 21.60 44.50 -3.18
N THR H 155 21.86 45.50 -4.02
CA THR H 155 23.12 46.22 -3.95
C THR H 155 22.95 47.74 -3.94
N GLN H 156 21.72 48.24 -3.88
CA GLN H 156 21.50 49.66 -3.67
C GLN H 156 21.93 50.03 -2.27
N ASP H 157 22.75 51.09 -2.17
CA ASP H 157 23.38 51.73 -1.01
C ASP H 157 23.75 50.78 0.12
N VAL H 158 24.43 49.69 -0.22
CA VAL H 158 24.92 48.71 0.75
C VAL H 158 26.37 49.04 1.06
N VAL H 159 26.68 49.19 2.34
CA VAL H 159 28.05 49.43 2.78
C VAL H 159 28.57 48.24 3.56
N MET I 1 25.80 45.95 14.82
CA MET I 1 25.47 47.31 14.43
C MET I 1 25.02 48.09 15.66
N THR I 2 23.73 47.95 15.96
CA THR I 2 23.08 48.59 17.08
C THR I 2 22.27 47.51 17.80
N GLU I 3 21.97 47.73 19.08
CA GLU I 3 21.18 46.75 19.81
C GLU I 3 19.73 46.74 19.32
N LEU I 4 19.19 47.89 18.91
CA LEU I 4 17.85 47.93 18.34
C LEU I 4 17.83 47.44 16.90
N CYS I 5 18.91 47.63 16.16
CA CYS I 5 18.97 47.30 14.74
C CYS I 5 20.16 46.38 14.50
N PRO I 6 20.01 45.08 14.75
CA PRO I 6 21.12 44.16 14.56
C PRO I 6 21.31 43.84 13.08
N VAL I 7 22.25 42.93 12.82
CA VAL I 7 22.61 42.63 11.44
C VAL I 7 21.71 41.54 10.84
N TYR I 8 21.19 40.64 11.67
CA TYR I 8 20.29 39.59 11.24
C TYR I 8 18.86 40.07 10.97
N ALA I 9 18.59 41.36 11.08
CA ALA I 9 17.24 41.91 10.93
C ALA I 9 16.59 41.80 9.55
N PRO I 10 17.27 41.93 8.40
CA PRO I 10 16.54 41.76 7.13
C PRO I 10 16.16 40.32 6.79
N PHE I 11 16.61 39.33 7.58
CA PHE I 11 16.25 37.94 7.30
C PHE I 11 14.76 37.71 7.43
N PHE I 12 14.15 38.28 8.47
CA PHE I 12 12.71 38.08 8.69
C PHE I 12 11.89 38.80 7.62
N GLY I 13 12.36 39.96 7.17
CA GLY I 13 11.68 40.66 6.10
C GLY I 13 11.75 39.92 4.77
N ALA I 14 12.91 39.34 4.46
CA ALA I 14 13.04 38.56 3.22
C ALA I 14 12.22 37.28 3.29
N ILE I 15 12.16 36.63 4.46
CA ILE I 15 11.33 35.43 4.61
C ILE I 15 9.85 35.76 4.48
N GLY I 16 9.41 36.90 5.03
CA GLY I 16 8.01 37.29 4.87
C GLY I 16 7.66 37.65 3.43
N CYS I 17 8.55 38.40 2.77
CA CYS I 17 8.34 38.78 1.38
C CYS I 17 8.33 37.58 0.45
N ALA I 18 9.08 36.52 0.79
CA ALA I 18 8.99 35.30 -0.01
C ALA I 18 7.72 34.53 0.30
N SER I 19 7.41 34.37 1.60
CA SER I 19 6.37 33.43 2.02
C SER I 19 4.99 33.90 1.62
N ALA I 20 4.79 35.22 1.47
CA ALA I 20 3.52 35.74 0.97
C ALA I 20 3.16 35.16 -0.40
N ILE I 21 4.04 35.36 -1.38
CA ILE I 21 3.76 34.89 -2.73
C ILE I 21 3.86 33.37 -2.83
N ILE I 22 4.66 32.74 -1.96
CA ILE I 22 4.76 31.28 -1.99
C ILE I 22 3.46 30.63 -1.55
N PHE I 23 2.92 31.01 -0.39
CA PHE I 23 1.71 30.33 0.07
C PHE I 23 0.48 30.75 -0.70
N THR I 24 0.43 32.00 -1.20
CA THR I 24 -0.70 32.34 -2.06
C THR I 24 -0.63 31.63 -3.42
N SER I 25 0.58 31.35 -3.92
CA SER I 25 0.70 30.59 -5.16
C SER I 25 0.31 29.13 -4.96
N LEU I 26 0.62 28.54 -3.79
CA LEU I 26 0.16 27.18 -3.52
C LEU I 26 -1.35 27.11 -3.41
N GLY I 27 -1.98 28.07 -2.75
CA GLY I 27 -3.44 28.08 -2.67
C GLY I 27 -4.11 28.27 -4.01
N ALA I 28 -3.59 29.21 -4.82
CA ALA I 28 -4.12 29.44 -6.16
C ALA I 28 -3.91 28.24 -7.07
N ALA I 29 -2.79 27.52 -6.91
CA ALA I 29 -2.53 26.35 -7.73
C ALA I 29 -3.47 25.20 -7.38
N TYR I 30 -3.75 25.01 -6.09
CA TYR I 30 -4.71 23.96 -5.71
C TYR I 30 -6.10 24.29 -6.23
N GLY I 31 -6.52 25.56 -6.10
CA GLY I 31 -7.83 25.94 -6.58
C GLY I 31 -7.97 25.80 -8.09
N THR I 32 -6.95 26.23 -8.83
CA THR I 32 -6.96 26.12 -10.29
C THR I 32 -6.95 24.68 -10.74
N ALA I 33 -6.16 23.82 -10.08
CA ALA I 33 -6.06 22.43 -10.48
C ALA I 33 -7.34 21.66 -10.22
N LYS I 34 -7.92 21.81 -9.02
CA LYS I 34 -9.15 21.09 -8.68
C LYS I 34 -10.33 21.57 -9.53
N SER I 35 -10.48 22.89 -9.68
CA SER I 35 -11.56 23.42 -10.50
C SER I 35 -11.38 23.08 -11.98
N GLY I 36 -10.14 23.02 -12.47
CA GLY I 36 -9.92 22.68 -13.86
C GLY I 36 -10.20 21.22 -14.17
N VAL I 37 -9.90 20.32 -13.23
CA VAL I 37 -10.31 18.92 -13.38
C VAL I 37 -11.83 18.81 -13.40
N GLY I 38 -12.50 19.60 -12.56
CA GLY I 38 -13.97 19.61 -12.58
C GLY I 38 -14.56 20.13 -13.88
N ILE I 39 -13.96 21.19 -14.44
CA ILE I 39 -14.43 21.75 -15.70
C ILE I 39 -14.19 20.78 -16.86
N CYS I 40 -13.01 20.15 -16.89
CA CYS I 40 -12.71 19.24 -18.00
C CYS I 40 -13.51 17.95 -17.92
N ALA I 41 -13.92 17.53 -16.72
CA ALA I 41 -14.82 16.40 -16.64
C ALA I 41 -16.25 16.78 -16.98
N THR I 42 -16.66 18.01 -16.67
CA THR I 42 -18.04 18.43 -16.93
C THR I 42 -18.27 18.71 -18.40
N CYS I 43 -17.41 19.51 -19.02
CA CYS I 43 -17.69 20.11 -20.32
C CYS I 43 -17.42 19.19 -21.50
N VAL I 44 -17.34 17.88 -21.28
CA VAL I 44 -17.37 16.94 -22.41
C VAL I 44 -18.79 16.85 -22.96
N LEU I 45 -19.79 16.85 -22.07
CA LEU I 45 -21.19 16.75 -22.44
C LEU I 45 -21.81 18.10 -22.76
N ARG I 46 -21.47 19.13 -22.01
CA ARG I 46 -22.06 20.46 -22.26
C ARG I 46 -20.95 21.47 -22.58
N PRO I 47 -20.43 21.47 -23.80
CA PRO I 47 -19.36 22.42 -24.17
C PRO I 47 -19.83 23.85 -24.22
N ASP I 48 -21.14 24.09 -24.20
CA ASP I 48 -21.69 25.44 -24.16
C ASP I 48 -21.62 26.07 -22.78
N LEU I 49 -21.38 25.27 -21.73
CA LEU I 49 -21.20 25.79 -20.38
C LEU I 49 -19.73 25.97 -20.03
N LEU I 50 -18.85 26.03 -21.03
CA LEU I 50 -17.42 26.04 -20.78
C LEU I 50 -16.95 27.39 -20.26
N PHE I 51 -17.39 28.47 -20.88
CA PHE I 51 -16.98 29.81 -20.47
C PHE I 51 -17.84 30.37 -19.36
N LYS I 52 -18.90 29.65 -18.98
CA LYS I 52 -19.69 30.02 -17.82
C LYS I 52 -19.08 29.47 -16.54
N ASN I 53 -18.44 28.31 -16.62
CA ASN I 53 -17.87 27.63 -15.45
C ASN I 53 -16.46 28.09 -15.13
N ILE I 54 -15.96 29.15 -15.77
CA ILE I 54 -14.56 29.54 -15.61
C ILE I 54 -14.33 30.37 -14.36
N VAL I 55 -15.39 30.71 -13.64
CA VAL I 55 -15.38 31.57 -12.44
C VAL I 55 -14.50 31.08 -11.28
N PRO I 56 -14.47 29.79 -10.89
CA PRO I 56 -13.58 29.42 -9.77
C PRO I 56 -12.09 29.57 -10.07
N VAL I 57 -11.70 29.46 -11.33
CA VAL I 57 -10.30 29.65 -11.70
C VAL I 57 -9.89 31.11 -11.56
N ILE I 58 -10.81 32.03 -11.90
CA ILE I 58 -10.56 33.45 -11.74
C ILE I 58 -10.51 33.83 -10.26
N MET I 59 -11.45 33.30 -9.47
CA MET I 59 -11.42 33.56 -8.04
C MET I 59 -10.24 32.90 -7.34
N ALA I 60 -9.63 31.89 -7.95
CA ALA I 60 -8.36 31.39 -7.44
C ALA I 60 -7.19 32.30 -7.83
N GLY I 61 -7.23 32.91 -9.01
CA GLY I 61 -6.15 33.80 -9.41
C GLY I 61 -6.11 35.11 -8.64
N ILE I 62 -7.26 35.55 -8.13
CA ILE I 62 -7.30 36.78 -7.33
C ILE I 62 -6.49 36.63 -6.04
N ILE I 63 -6.39 35.42 -5.51
CA ILE I 63 -5.59 35.17 -4.31
C ILE I 63 -4.10 35.37 -4.58
N ALA I 64 -3.63 34.90 -5.74
CA ALA I 64 -2.24 35.13 -6.12
C ALA I 64 -1.97 36.61 -6.37
N ILE I 65 -2.97 37.34 -6.85
CA ILE I 65 -2.83 38.79 -6.97
C ILE I 65 -2.70 39.45 -5.60
N TYR I 66 -3.43 38.97 -4.60
CA TYR I 66 -3.30 39.46 -3.22
C TYR I 66 -1.89 39.26 -2.69
N GLY I 67 -1.35 38.06 -2.89
CA GLY I 67 0.01 37.77 -2.45
C GLY I 67 1.06 38.61 -3.17
N LEU I 68 0.83 38.89 -4.46
CA LEU I 68 1.74 39.74 -5.23
C LEU I 68 1.73 41.18 -4.69
N VAL I 69 0.55 41.69 -4.31
CA VAL I 69 0.43 43.03 -3.75
C VAL I 69 1.19 43.13 -2.44
N VAL I 70 1.02 42.15 -1.56
CA VAL I 70 1.70 42.22 -0.26
C VAL I 70 3.21 42.02 -0.42
N SER I 71 3.64 41.20 -1.38
CA SER I 71 5.08 41.00 -1.58
C SER I 71 5.75 42.25 -2.13
N VAL I 72 5.08 42.98 -3.04
CA VAL I 72 5.66 44.23 -3.54
C VAL I 72 5.72 45.28 -2.43
N LEU I 73 4.66 45.40 -1.62
CA LEU I 73 4.66 46.41 -0.56
C LEU I 73 5.65 46.09 0.55
N VAL I 74 5.90 44.81 0.84
CA VAL I 74 6.95 44.47 1.80
C VAL I 74 8.33 44.71 1.19
N CYS I 75 8.50 44.35 -0.10
CA CYS I 75 9.79 44.44 -0.76
C CYS I 75 10.29 45.87 -0.89
N TYR I 76 9.38 46.85 -1.00
CA TYR I 76 9.80 48.24 -1.02
C TYR I 76 9.97 48.85 0.37
N SER I 77 10.24 48.03 1.39
CA SER I 77 10.55 48.53 2.72
C SER I 77 11.76 47.86 3.34
N LEU I 78 12.41 46.94 2.62
CA LEU I 78 13.63 46.31 3.12
C LEU I 78 14.78 47.32 3.13
N GLY I 79 15.74 47.08 4.01
CA GLY I 79 16.92 47.91 4.10
C GLY I 79 17.99 47.19 4.88
N GLN I 80 19.23 47.65 4.71
CA GLN I 80 20.34 47.01 5.38
C GLN I 80 20.34 47.34 6.87
N LYS I 81 19.89 48.53 7.22
CA LYS I 81 20.01 49.04 8.59
C LYS I 81 18.64 49.22 9.22
N GLN I 82 17.76 48.25 9.06
CA GLN I 82 16.45 48.33 9.67
C GLN I 82 16.46 47.63 11.04
N ALA I 83 15.38 47.81 11.78
CA ALA I 83 15.27 47.28 13.13
C ALA I 83 14.72 45.85 13.11
N LEU I 84 14.72 45.21 14.28
CA LEU I 84 14.02 43.94 14.40
C LEU I 84 12.52 44.11 14.41
N TYR I 85 12.03 45.27 14.86
CA TYR I 85 10.61 45.55 14.84
C TYR I 85 10.04 45.50 13.43
N THR I 86 10.76 46.11 12.48
CA THR I 86 10.31 46.11 11.09
C THR I 86 10.34 44.71 10.49
N GLY I 87 11.36 43.93 10.80
CA GLY I 87 11.43 42.57 10.28
C GLY I 87 10.37 41.65 10.85
N PHE I 88 10.05 41.81 12.14
CA PHE I 88 8.98 41.03 12.74
C PHE I 88 7.62 41.40 12.17
N ILE I 89 7.38 42.69 11.94
CA ILE I 89 6.13 43.13 11.32
C ILE I 89 6.00 42.59 9.90
N GLN I 90 7.09 42.62 9.13
CA GLN I 90 7.06 42.12 7.75
C GLN I 90 6.85 40.61 7.70
N LEU I 91 7.47 39.88 8.62
CA LEU I 91 7.27 38.43 8.72
C LEU I 91 5.83 38.09 9.10
N GLY I 92 5.25 38.85 10.03
CA GLY I 92 3.87 38.60 10.42
C GLY I 92 2.88 38.91 9.32
N ALA I 93 3.12 39.98 8.55
CA ALA I 93 2.25 40.32 7.43
C ALA I 93 2.33 39.27 6.32
N GLY I 94 3.54 38.79 6.03
CA GLY I 94 3.70 37.74 5.04
C GLY I 94 3.02 36.44 5.43
N LEU I 95 3.18 36.01 6.69
CA LEU I 95 2.53 34.79 7.15
C LEU I 95 1.02 34.92 7.16
N SER I 96 0.50 36.09 7.55
CA SER I 96 -0.93 36.35 7.56
C SER I 96 -1.55 36.17 6.18
N VAL I 97 -1.04 36.93 5.20
CA VAL I 97 -1.64 36.86 3.87
C VAL I 97 -1.39 35.51 3.21
N GLY I 98 -0.25 34.87 3.50
CA GLY I 98 0.05 33.60 2.85
C GLY I 98 -0.83 32.47 3.33
N LEU I 99 -0.98 32.33 4.64
CA LEU I 99 -1.77 31.20 5.12
C LEU I 99 -3.27 31.45 4.98
N SER I 100 -3.71 32.71 5.01
CA SER I 100 -5.10 33.00 4.68
C SER I 100 -5.40 32.69 3.22
N GLY I 101 -4.49 33.03 2.32
CA GLY I 101 -4.68 32.69 0.92
C GLY I 101 -4.63 31.20 0.65
N LEU I 102 -3.83 30.47 1.42
CA LEU I 102 -3.78 29.01 1.27
C LEU I 102 -5.10 28.36 1.67
N ALA I 103 -5.68 28.79 2.81
CA ALA I 103 -6.97 28.26 3.24
C ALA I 103 -8.09 28.62 2.26
N ALA I 104 -8.09 29.88 1.78
CA ALA I 104 -9.09 30.30 0.81
C ALA I 104 -8.96 29.55 -0.51
N GLY I 105 -7.72 29.24 -0.92
CA GLY I 105 -7.54 28.49 -2.16
C GLY I 105 -8.02 27.05 -2.06
N PHE I 106 -7.80 26.41 -0.91
CA PHE I 106 -8.33 25.06 -0.70
C PHE I 106 -9.86 25.05 -0.75
N ALA I 107 -10.49 26.02 -0.09
CA ALA I 107 -11.96 26.08 -0.08
C ALA I 107 -12.51 26.37 -1.47
N ILE I 108 -11.87 27.28 -2.21
CA ILE I 108 -12.34 27.62 -3.56
C ILE I 108 -12.20 26.43 -4.50
N GLY I 109 -11.11 25.66 -4.37
CA GLY I 109 -10.94 24.49 -5.22
C GLY I 109 -11.99 23.42 -4.98
N ILE I 110 -12.25 23.09 -3.71
CA ILE I 110 -13.21 22.02 -3.41
C ILE I 110 -14.64 22.44 -3.75
N VAL I 111 -15.03 23.66 -3.39
CA VAL I 111 -16.38 24.14 -3.68
C VAL I 111 -16.58 24.33 -5.18
N GLY I 112 -15.55 24.76 -5.90
CA GLY I 112 -15.69 24.95 -7.34
C GLY I 112 -15.83 23.65 -8.10
N ASP I 113 -15.08 22.62 -7.69
CA ASP I 113 -15.23 21.29 -8.28
C ASP I 113 -16.65 20.75 -8.07
N ALA I 114 -17.12 20.78 -6.82
CA ALA I 114 -18.45 20.26 -6.53
C ALA I 114 -19.54 21.08 -7.21
N GLY I 115 -19.34 22.39 -7.31
CA GLY I 115 -20.37 23.24 -7.88
C GLY I 115 -20.48 23.12 -9.38
N VAL I 116 -19.35 22.97 -10.08
CA VAL I 116 -19.39 22.77 -11.52
C VAL I 116 -20.01 21.42 -11.86
N ARG I 117 -19.61 20.36 -11.13
CA ARG I 117 -20.19 19.04 -11.38
C ARG I 117 -21.67 18.99 -11.03
N GLY I 118 -22.12 19.77 -10.05
CA GLY I 118 -23.54 19.82 -9.74
C GLY I 118 -24.34 20.67 -10.69
N SER I 119 -23.78 21.78 -11.14
CA SER I 119 -24.47 22.70 -12.04
C SER I 119 -24.47 22.23 -13.48
N SER I 120 -23.76 21.14 -13.79
CA SER I 120 -23.92 20.52 -15.11
C SER I 120 -25.33 19.98 -15.32
N GLN I 121 -26.01 19.57 -14.25
CA GLN I 121 -27.32 18.95 -14.34
C GLN I 121 -28.39 19.67 -13.53
N GLN I 122 -28.09 20.89 -13.08
CA GLN I 122 -29.04 21.73 -12.29
C GLN I 122 -28.69 23.19 -12.57
N PRO I 123 -29.43 23.86 -13.47
CA PRO I 123 -29.03 25.22 -13.83
C PRO I 123 -29.26 26.25 -12.74
N ARG I 124 -29.96 25.92 -11.67
CA ARG I 124 -30.23 26.92 -10.60
C ARG I 124 -29.15 26.84 -9.51
N LEU I 125 -28.16 25.98 -9.66
CA LEU I 125 -27.14 25.82 -8.64
C LEU I 125 -25.94 26.73 -8.87
N PHE I 126 -25.90 27.40 -10.03
CA PHE I 126 -24.75 28.24 -10.38
C PHE I 126 -24.66 29.47 -9.49
N VAL I 127 -25.80 30.08 -9.16
CA VAL I 127 -25.78 31.25 -8.29
C VAL I 127 -25.46 30.86 -6.85
N GLY I 128 -25.84 29.65 -6.42
CA GLY I 128 -25.44 29.18 -5.11
C GLY I 128 -23.95 28.88 -5.04
N MET I 129 -23.40 28.37 -6.13
CA MET I 129 -21.95 28.21 -6.23
C MET I 129 -21.24 29.54 -6.13
N ILE I 130 -21.78 30.58 -6.78
CA ILE I 130 -21.15 31.90 -6.73
C ILE I 130 -21.20 32.48 -5.31
N LEU I 131 -22.32 32.28 -4.61
CA LEU I 131 -22.42 32.75 -3.22
C LEU I 131 -21.41 32.07 -2.30
N ILE I 132 -21.30 30.74 -2.40
CA ILE I 132 -20.35 30.05 -1.53
C ILE I 132 -18.90 30.40 -1.90
N LEU I 133 -18.63 30.63 -3.20
CA LEU I 133 -17.27 31.03 -3.58
C LEU I 133 -16.93 32.45 -3.13
N ILE I 134 -17.92 33.34 -3.04
CA ILE I 134 -17.65 34.67 -2.49
C ILE I 134 -17.36 34.58 -1.00
N PHE I 135 -18.07 33.70 -0.28
CA PHE I 135 -17.74 33.44 1.11
C PHE I 135 -16.37 32.80 1.29
N ALA I 136 -15.88 32.09 0.28
CA ALA I 136 -14.51 31.58 0.34
C ALA I 136 -13.48 32.62 -0.08
N GLU I 137 -13.88 33.65 -0.82
CA GLU I 137 -12.96 34.69 -1.27
C GLU I 137 -12.66 35.71 -0.18
N VAL I 138 -13.65 36.00 0.68
CA VAL I 138 -13.42 37.02 1.71
C VAL I 138 -12.42 36.62 2.78
N LEU I 139 -12.08 35.34 2.89
CA LEU I 139 -11.05 34.91 3.83
C LEU I 139 -9.67 35.41 3.42
N GLY I 140 -9.31 35.22 2.16
CA GLY I 140 -8.09 35.82 1.65
C GLY I 140 -8.12 37.32 1.67
N LEU I 141 -9.31 37.90 1.51
CA LEU I 141 -9.45 39.36 1.66
C LEU I 141 -9.14 39.81 3.08
N TYR I 142 -9.57 39.04 4.08
CA TYR I 142 -9.29 39.37 5.48
C TYR I 142 -7.81 39.27 5.79
N GLY I 143 -7.15 38.25 5.23
CA GLY I 143 -5.70 38.15 5.37
C GLY I 143 -4.97 39.31 4.73
N LEU I 144 -5.45 39.77 3.57
CA LEU I 144 -4.90 40.96 2.92
C LEU I 144 -5.06 42.21 3.79
N ILE I 145 -6.21 42.35 4.46
CA ILE I 145 -6.46 43.51 5.32
C ILE I 145 -5.53 43.51 6.53
N VAL I 146 -5.36 42.35 7.16
CA VAL I 146 -4.47 42.25 8.32
C VAL I 146 -3.02 42.53 7.91
N ALA I 147 -2.62 42.05 6.73
CA ALA I 147 -1.27 42.33 6.23
C ALA I 147 -1.05 43.81 5.94
N LEU I 148 -2.06 44.49 5.38
CA LEU I 148 -1.90 45.92 5.12
C LEU I 148 -1.87 46.74 6.41
N LEU I 149 -2.68 46.36 7.40
CA LEU I 149 -2.65 47.07 8.67
C LEU I 149 -1.37 46.83 9.46
N LEU I 150 -0.75 45.65 9.32
CA LEU I 150 0.57 45.46 9.89
C LEU I 150 1.61 46.31 9.16
N ASN I 151 1.60 46.27 7.82
CA ASN I 151 2.62 46.95 7.03
C ASN I 151 2.55 48.46 7.16
N SER I 152 1.38 49.01 7.50
CA SER I 152 1.28 50.45 7.72
C SER I 152 1.96 50.91 9.00
N ARG I 153 2.35 49.99 9.89
CA ARG I 153 2.97 50.33 11.16
C ARG I 153 4.43 49.90 11.22
N ALA I 154 5.01 49.44 10.11
CA ALA I 154 6.36 48.88 10.15
C ALA I 154 7.42 49.95 10.32
N THR I 155 7.13 51.19 9.95
CA THR I 155 8.14 52.23 9.99
C THR I 155 7.69 53.50 10.70
N GLN I 156 6.50 53.49 11.32
CA GLN I 156 6.11 54.60 12.17
C GLN I 156 6.96 54.60 13.43
N ASP I 157 7.52 55.78 13.72
CA ASP I 157 8.42 56.18 14.83
C ASP I 157 9.39 55.09 15.30
N VAL I 158 10.08 54.47 14.34
CA VAL I 158 11.10 53.46 14.61
C VAL I 158 12.46 54.13 14.62
N VAL I 159 13.21 53.94 15.70
CA VAL I 159 14.55 54.48 15.80
C VAL I 159 15.56 53.35 15.80
N MET J 1 18.21 46.42 25.26
CA MET J 1 17.49 47.62 25.66
C MET J 1 17.44 47.69 27.18
N THR J 2 16.44 47.01 27.73
CA THR J 2 16.19 46.94 29.16
C THR J 2 15.98 45.46 29.49
N GLU J 3 16.18 45.09 30.75
CA GLU J 3 15.97 43.69 31.13
C GLU J 3 14.48 43.34 31.13
N LEU J 4 13.61 44.30 31.47
CA LEU J 4 12.18 44.06 31.38
C LEU J 4 11.66 44.14 29.95
N CYS J 5 12.29 44.96 29.11
CA CYS J 5 11.83 45.20 27.74
C CYS J 5 12.98 44.90 26.79
N PRO J 6 13.20 43.64 26.43
CA PRO J 6 14.30 43.30 25.53
C PRO J 6 13.92 43.62 24.09
N VAL J 7 14.83 43.27 23.19
CA VAL J 7 14.66 43.63 21.78
C VAL J 7 13.82 42.58 21.03
N TYR J 8 13.86 41.33 21.48
CA TYR J 8 13.09 40.24 20.88
C TYR J 8 11.63 40.24 21.27
N ALA J 9 11.16 41.22 22.04
CA ALA J 9 9.79 41.28 22.55
C ALA J 9 8.66 41.45 21.52
N PRO J 10 8.78 42.21 20.41
CA PRO J 10 7.65 42.26 19.47
C PRO J 10 7.46 41.00 18.64
N PHE J 11 8.37 40.02 18.71
CA PHE J 11 8.22 38.80 17.95
C PHE J 11 6.99 38.02 18.36
N PHE J 12 6.75 37.91 19.67
CA PHE J 12 5.60 37.17 20.17
C PHE J 12 4.29 37.87 19.85
N GLY J 13 4.30 39.20 19.85
CA GLY J 13 3.11 39.95 19.47
C GLY J 13 2.78 39.82 18.00
N ALA J 14 3.80 39.83 17.14
CA ALA J 14 3.57 39.64 15.71
C ALA J 14 3.11 38.22 15.40
N ILE J 15 3.66 37.23 16.10
CA ILE J 15 3.23 35.84 15.91
C ILE J 15 1.79 35.64 16.37
N GLY J 16 1.40 36.27 17.49
CA GLY J 16 0.01 36.19 17.92
C GLY J 16 -0.96 36.87 16.98
N CYS J 17 -0.59 38.07 16.52
CA CYS J 17 -1.43 38.83 15.57
C CYS J 17 -1.56 38.12 14.24
N ALA J 18 -0.55 37.35 13.83
CA ALA J 18 -0.71 36.54 12.62
C ALA J 18 -1.57 35.31 12.89
N SER J 19 -1.29 34.60 13.99
CA SER J 19 -1.86 33.28 14.21
C SER J 19 -3.35 33.32 14.48
N ALA J 20 -3.85 34.45 15.01
CA ALA J 20 -5.29 34.63 15.20
C ALA J 20 -6.05 34.49 13.87
N ILE J 21 -5.71 35.33 12.89
CA ILE J 21 -6.41 35.31 11.62
C ILE J 21 -6.06 34.06 10.82
N ILE J 22 -4.88 33.49 11.02
CA ILE J 22 -4.50 32.27 10.30
C ILE J 22 -5.36 31.09 10.73
N PHE J 23 -5.44 30.82 12.04
CA PHE J 23 -6.18 29.64 12.44
C PHE J 23 -7.70 29.84 12.34
N THR J 24 -8.19 31.07 12.51
CA THR J 24 -9.62 31.27 12.26
C THR J 24 -9.96 31.17 10.78
N SER J 25 -9.03 31.54 9.88
CA SER J 25 -9.29 31.36 8.46
C SER J 25 -9.26 29.89 8.06
N LEU J 26 -8.39 29.09 8.68
CA LEU J 26 -8.42 27.64 8.42
C LEU J 26 -9.71 27.00 8.89
N GLY J 27 -10.19 27.38 10.09
CA GLY J 27 -11.46 26.85 10.56
C GLY J 27 -12.64 27.26 9.71
N ALA J 28 -12.69 28.54 9.31
CA ALA J 28 -13.75 29.02 8.45
C ALA J 28 -13.70 28.39 7.06
N ALA J 29 -12.51 28.11 6.56
CA ALA J 29 -12.37 27.47 5.25
C ALA J 29 -12.84 26.03 5.28
N TYR J 30 -12.53 25.30 6.35
CA TYR J 30 -13.03 23.93 6.46
C TYR J 30 -14.53 23.89 6.57
N GLY J 31 -15.10 24.79 7.39
CA GLY J 31 -16.55 24.83 7.52
C GLY J 31 -17.26 25.19 6.23
N THR J 32 -16.74 26.20 5.52
CA THR J 32 -17.32 26.62 4.24
C THR J 32 -17.21 25.53 3.19
N ALA J 33 -16.07 24.84 3.13
CA ALA J 33 -15.87 23.81 2.12
C ALA J 33 -16.76 22.60 2.35
N LYS J 34 -16.81 22.09 3.58
CA LYS J 34 -17.62 20.92 3.88
C LYS J 34 -19.12 21.22 3.73
N SER J 35 -19.57 22.37 4.25
CA SER J 35 -20.98 22.73 4.11
C SER J 35 -21.35 23.02 2.67
N GLY J 36 -20.43 23.58 1.88
CA GLY J 36 -20.74 23.85 0.48
C GLY J 36 -20.82 22.61 -0.37
N VAL J 37 -19.99 21.60 -0.08
CA VAL J 37 -20.14 20.31 -0.73
C VAL J 37 -21.49 19.68 -0.37
N GLY J 38 -21.91 19.82 0.89
CA GLY J 38 -23.22 19.32 1.28
C GLY J 38 -24.38 20.02 0.60
N ILE J 39 -24.28 21.35 0.44
CA ILE J 39 -25.32 22.12 -0.22
C ILE J 39 -25.39 21.78 -1.71
N CYS J 40 -24.23 21.67 -2.36
CA CYS J 40 -24.22 21.38 -3.79
C CYS J 40 -24.66 19.95 -4.10
N ALA J 41 -24.45 19.01 -3.17
CA ALA J 41 -25.00 17.68 -3.37
C ALA J 41 -26.49 17.64 -3.08
N THR J 42 -26.97 18.44 -2.13
CA THR J 42 -28.38 18.41 -1.76
C THR J 42 -29.25 19.09 -2.81
N CYS J 43 -28.89 20.31 -3.21
CA CYS J 43 -29.79 21.19 -3.93
C CYS J 43 -29.85 20.92 -5.44
N VAL J 44 -29.43 19.73 -5.88
CA VAL J 44 -29.74 19.31 -7.25
C VAL J 44 -31.21 18.93 -7.36
N LEU J 45 -31.73 18.26 -6.33
CA LEU J 45 -33.11 17.81 -6.29
C LEU J 45 -34.07 18.87 -5.76
N ARG J 46 -33.66 19.61 -4.73
CA ARG J 46 -34.54 20.66 -4.15
C ARG J 46 -33.88 22.03 -4.28
N PRO J 47 -33.92 22.65 -5.47
CA PRO J 47 -33.31 23.98 -5.64
C PRO J 47 -34.02 25.07 -4.88
N ASP J 48 -35.24 24.80 -4.39
CA ASP J 48 -35.98 25.75 -3.57
C ASP J 48 -35.47 25.83 -2.14
N LEU J 49 -34.67 24.86 -1.70
CA LEU J 49 -34.07 24.88 -0.38
C LEU J 49 -32.65 25.43 -0.42
N LEU J 50 -32.28 26.15 -1.47
CA LEU J 50 -30.90 26.59 -1.66
C LEU J 50 -30.54 27.73 -0.73
N PHE J 51 -31.40 28.72 -0.63
CA PHE J 51 -31.13 29.88 0.21
C PHE J 51 -31.55 29.67 1.65
N LYS J 52 -32.20 28.54 1.94
CA LYS J 52 -32.51 28.17 3.31
C LYS J 52 -31.33 27.44 3.96
N ASN J 53 -30.56 26.70 3.18
CA ASN J 53 -29.45 25.90 3.67
C ASN J 53 -28.15 26.69 3.76
N ILE J 54 -28.17 28.01 3.58
CA ILE J 54 -26.94 28.78 3.50
C ILE J 54 -26.39 29.13 4.86
N VAL J 55 -27.10 28.80 5.93
CA VAL J 55 -26.78 29.11 7.33
C VAL J 55 -25.42 28.59 7.82
N PRO J 56 -24.98 27.34 7.55
CA PRO J 56 -23.66 26.94 8.07
C PRO J 56 -22.49 27.70 7.47
N VAL J 57 -22.63 28.21 6.24
CA VAL J 57 -21.56 28.99 5.62
C VAL J 57 -21.44 30.35 6.31
N ILE J 58 -22.57 30.93 6.71
CA ILE J 58 -22.56 32.20 7.42
C ILE J 58 -22.00 32.01 8.83
N MET J 59 -22.39 30.94 9.51
CA MET J 59 -21.85 30.67 10.83
C MET J 59 -20.38 30.26 10.78
N ALA J 60 -19.89 29.82 9.63
CA ALA J 60 -18.44 29.66 9.46
C ALA J 60 -17.75 31.00 9.23
N GLY J 61 -18.38 31.94 8.52
CA GLY J 61 -17.76 33.24 8.30
C GLY J 61 -17.66 34.10 9.54
N ILE J 62 -18.57 33.90 10.50
CA ILE J 62 -18.52 34.66 11.74
C ILE J 62 -17.24 34.37 12.55
N ILE J 63 -16.69 33.16 12.40
CA ILE J 63 -15.44 32.80 13.06
C ILE J 63 -14.26 33.60 12.51
N ALA J 64 -14.22 33.77 11.18
CA ALA J 64 -13.19 34.60 10.58
C ALA J 64 -13.34 36.05 10.98
N ILE J 65 -14.58 36.50 11.19
CA ILE J 65 -14.79 37.86 11.72
C ILE J 65 -14.23 37.98 13.14
N TYR J 66 -14.39 36.94 13.97
CA TYR J 66 -13.80 36.93 15.32
C TYR J 66 -12.28 37.06 15.27
N GLY J 67 -11.66 36.29 14.40
CA GLY J 67 -10.21 36.37 14.25
C GLY J 67 -9.73 37.72 13.74
N LEU J 68 -10.52 38.34 12.84
CA LEU J 68 -10.19 39.68 12.35
C LEU J 68 -10.26 40.72 13.45
N VAL J 69 -11.26 40.60 14.34
CA VAL J 69 -11.40 41.52 15.47
C VAL J 69 -10.21 41.42 16.41
N VAL J 70 -9.81 40.19 16.75
CA VAL J 70 -8.69 40.03 17.67
C VAL J 70 -7.37 40.46 17.02
N SER J 71 -7.20 40.23 15.72
CA SER J 71 -5.97 40.64 15.04
C SER J 71 -5.84 42.16 14.96
N VAL J 72 -6.95 42.88 14.74
CA VAL J 72 -6.89 44.34 14.73
C VAL J 72 -6.59 44.87 16.12
N LEU J 73 -7.23 44.30 17.15
CA LEU J 73 -7.00 44.80 18.52
C LEU J 73 -5.59 44.48 19.03
N VAL J 74 -5.00 43.36 18.60
CA VAL J 74 -3.61 43.10 18.96
C VAL J 74 -2.68 44.01 18.17
N CYS J 75 -2.97 44.22 16.88
CA CYS J 75 -2.11 45.00 15.99
C CYS J 75 -2.01 46.46 16.40
N TYR J 76 -3.05 47.02 17.02
CA TYR J 76 -2.96 48.38 17.52
C TYR J 76 -2.36 48.47 18.93
N SER J 77 -1.55 47.50 19.33
CA SER J 77 -0.82 47.56 20.59
C SER J 77 0.65 47.19 20.46
N LEU J 78 1.12 46.87 19.25
CA LEU J 78 2.53 46.59 19.04
C LEU J 78 3.35 47.86 19.18
N GLY J 79 4.61 47.67 19.54
CA GLY J 79 5.53 48.78 19.67
C GLY J 79 6.95 48.27 19.68
N GLN J 80 7.89 49.17 19.40
CA GLN J 80 9.29 48.75 19.36
C GLN J 80 9.84 48.52 20.75
N LYS J 81 9.35 49.26 21.74
CA LYS J 81 9.90 49.27 23.09
C LYS J 81 8.90 48.71 24.10
N GLN J 82 8.24 47.61 23.76
CA GLN J 82 7.31 47.00 24.68
C GLN J 82 8.02 45.92 25.50
N ALA J 83 7.31 45.42 26.51
CA ALA J 83 7.88 44.44 27.43
C ALA J 83 7.65 43.02 26.91
N LEU J 84 8.26 42.05 27.60
CA LEU J 84 7.94 40.65 27.31
C LEU J 84 6.57 40.28 27.82
N TYR J 85 6.09 40.94 28.86
CA TYR J 85 4.75 40.68 29.39
C TYR J 85 3.69 40.94 28.34
N THR J 86 3.82 42.05 27.62
CA THR J 86 2.86 42.40 26.58
C THR J 86 2.91 41.41 25.42
N GLY J 87 4.10 40.99 25.03
CA GLY J 87 4.22 40.03 23.94
C GLY J 87 3.69 38.65 24.29
N PHE J 88 3.90 38.22 25.54
CA PHE J 88 3.35 36.95 25.99
C PHE J 88 1.83 36.99 26.07
N ILE J 89 1.26 38.11 26.53
CA ILE J 89 -0.18 38.26 26.57
C ILE J 89 -0.78 38.26 25.17
N GLN J 90 -0.13 38.94 24.23
CA GLN J 90 -0.62 38.99 22.85
C GLN J 90 -0.53 37.63 22.16
N LEU J 91 0.55 36.88 22.43
CA LEU J 91 0.68 35.53 21.89
C LEU J 91 -0.37 34.59 22.47
N GLY J 92 -0.65 34.70 23.77
CA GLY J 92 -1.68 33.87 24.37
C GLY J 92 -3.07 34.18 23.85
N ALA J 93 -3.38 35.46 23.63
CA ALA J 93 -4.68 35.84 23.09
C ALA J 93 -4.86 35.35 21.67
N GLY J 94 -3.80 35.47 20.85
CA GLY J 94 -3.86 34.97 19.48
C GLY J 94 -4.05 33.47 19.41
N LEU J 95 -3.30 32.71 20.22
CA LEU J 95 -3.45 31.26 20.23
C LEU J 95 -4.83 30.83 20.72
N SER J 96 -5.36 31.53 21.73
CA SER J 96 -6.68 31.23 22.27
C SER J 96 -7.76 31.36 21.20
N VAL J 97 -7.85 32.54 20.58
CA VAL J 97 -8.92 32.75 19.61
C VAL J 97 -8.70 31.91 18.35
N GLY J 98 -7.44 31.64 17.98
CA GLY J 98 -7.19 30.89 16.77
C GLY J 98 -7.56 29.43 16.90
N LEU J 99 -7.12 28.78 17.98
CA LEU J 99 -7.41 27.35 18.08
C LEU J 99 -8.85 27.08 18.50
N SER J 100 -9.48 28.02 19.23
CA SER J 100 -10.91 27.89 19.49
C SER J 100 -11.73 28.03 18.20
N GLY J 101 -11.34 28.97 17.33
CA GLY J 101 -12.01 29.11 16.06
C GLY J 101 -11.78 27.95 15.13
N LEU J 102 -10.61 27.31 15.21
CA LEU J 102 -10.33 26.12 14.41
C LEU J 102 -11.22 24.95 14.81
N ALA J 103 -11.36 24.71 16.13
CA ALA J 103 -12.24 23.64 16.60
C ALA J 103 -13.70 23.92 16.27
N ALA J 104 -14.15 25.16 16.44
CA ALA J 104 -15.52 25.52 16.10
C ALA J 104 -15.79 25.39 14.61
N GLY J 105 -14.80 25.71 13.77
CA GLY J 105 -14.98 25.56 12.33
C GLY J 105 -15.09 24.11 11.89
N PHE J 106 -14.30 23.23 12.50
CA PHE J 106 -14.42 21.80 12.19
C PHE J 106 -15.80 21.26 12.57
N ALA J 107 -16.28 21.64 13.76
CA ALA J 107 -17.60 21.18 14.22
C ALA J 107 -18.72 21.72 13.34
N ILE J 108 -18.64 23.00 12.95
CA ILE J 108 -19.67 23.61 12.10
C ILE J 108 -19.69 22.96 10.72
N GLY J 109 -18.52 22.64 10.18
CA GLY J 109 -18.48 21.99 8.87
C GLY J 109 -19.11 20.61 8.87
N ILE J 110 -18.76 19.78 9.86
CA ILE J 110 -19.27 18.41 9.90
C ILE J 110 -20.78 18.38 10.20
N VAL J 111 -21.22 19.18 11.18
CA VAL J 111 -22.63 19.21 11.54
C VAL J 111 -23.46 19.84 10.43
N GLY J 112 -22.92 20.84 9.73
CA GLY J 112 -23.67 21.46 8.64
C GLY J 112 -23.84 20.56 7.44
N ASP J 113 -22.80 19.78 7.10
CA ASP J 113 -22.93 18.79 6.03
C ASP J 113 -23.99 17.76 6.36
N ALA J 114 -23.90 17.16 7.56
CA ALA J 114 -24.88 16.14 7.94
C ALA J 114 -26.29 16.70 8.04
N GLY J 115 -26.41 17.94 8.51
CA GLY J 115 -27.73 18.51 8.72
C GLY J 115 -28.41 18.91 7.43
N VAL J 116 -27.65 19.43 6.46
CA VAL J 116 -28.24 19.76 5.17
C VAL J 116 -28.67 18.48 4.43
N ARG J 117 -27.81 17.45 4.44
CA ARG J 117 -28.16 16.19 3.79
C ARG J 117 -29.34 15.50 4.47
N GLY J 118 -29.48 15.68 5.78
CA GLY J 118 -30.63 15.10 6.46
C GLY J 118 -31.90 15.89 6.29
N SER J 119 -31.81 17.22 6.27
CA SER J 119 -32.97 18.08 6.13
C SER J 119 -33.46 18.18 4.70
N SER J 120 -32.75 17.61 3.73
CA SER J 120 -33.31 17.49 2.39
C SER J 120 -34.54 16.59 2.37
N GLN J 121 -34.62 15.61 3.26
CA GLN J 121 -35.76 14.65 3.24
C GLN J 121 -36.56 14.68 4.54
N GLN J 122 -36.26 15.59 5.46
CA GLN J 122 -37.00 15.70 6.72
C GLN J 122 -37.06 17.17 7.07
N PRO J 123 -38.20 17.83 6.86
CA PRO J 123 -38.27 19.28 7.08
C PRO J 123 -38.22 19.71 8.54
N ARG J 124 -38.36 18.77 9.47
CA ARG J 124 -38.36 19.10 10.91
C ARG J 124 -36.95 18.99 11.51
N LEU J 125 -35.93 18.76 10.69
CA LEU J 125 -34.58 18.61 11.18
C LEU J 125 -33.79 19.91 11.07
N PHE J 126 -34.35 20.92 10.40
CA PHE J 126 -33.64 22.18 10.16
C PHE J 126 -33.44 22.95 11.46
N VAL J 127 -34.44 22.96 12.33
CA VAL J 127 -34.30 23.67 13.61
C VAL J 127 -33.34 22.93 14.55
N GLY J 128 -33.27 21.60 14.46
CA GLY J 128 -32.28 20.87 15.23
C GLY J 128 -30.87 21.11 14.73
N MET J 129 -30.72 21.25 13.41
CA MET J 129 -29.44 21.66 12.85
C MET J 129 -29.02 23.04 13.34
N ILE J 130 -29.97 23.98 13.44
CA ILE J 130 -29.65 25.32 13.91
C ILE J 130 -29.24 25.30 15.38
N LEU J 131 -29.90 24.48 16.20
CA LEU J 131 -29.53 24.35 17.61
C LEU J 131 -28.13 23.80 17.79
N ILE J 132 -27.79 22.72 17.06
CA ILE J 132 -26.45 22.15 17.19
C ILE J 132 -25.39 23.10 16.63
N LEU J 133 -25.72 23.85 15.59
CA LEU J 133 -24.75 24.82 15.06
C LEU J 133 -24.54 26.00 16.00
N ILE J 134 -25.56 26.39 16.76
CA ILE J 134 -25.36 27.43 17.76
C ILE J 134 -24.47 26.93 18.90
N PHE J 135 -24.64 25.66 19.29
CA PHE J 135 -23.72 25.06 20.26
C PHE J 135 -22.30 24.93 19.72
N ALA J 136 -22.13 24.85 18.40
CA ALA J 136 -20.79 24.87 17.83
C ALA J 136 -20.25 26.28 17.67
N GLU J 137 -21.11 27.30 17.64
CA GLU J 137 -20.68 28.68 17.48
C GLU J 137 -20.17 29.29 18.78
N VAL J 138 -20.76 28.89 19.92
CA VAL J 138 -20.34 29.48 21.19
C VAL J 138 -18.93 29.10 21.63
N LEU J 139 -18.32 28.08 21.01
CA LEU J 139 -16.94 27.73 21.33
C LEU J 139 -15.96 28.80 20.83
N GLY J 140 -16.13 29.23 19.58
CA GLY J 140 -15.36 30.35 19.08
C GLY J 140 -15.69 31.63 19.80
N LEU J 141 -16.93 31.77 20.28
CA LEU J 141 -17.28 32.93 21.10
C LEU J 141 -16.51 32.91 22.42
N TYR J 142 -16.34 31.74 23.03
CA TYR J 142 -15.58 31.63 24.28
C TYR J 142 -14.11 31.96 24.07
N GLY J 143 -13.55 31.50 22.95
CA GLY J 143 -12.19 31.89 22.61
C GLY J 143 -12.02 33.37 22.41
N LEU J 144 -13.02 34.02 21.78
CA LEU J 144 -13.03 35.47 21.63
C LEU J 144 -13.06 36.18 22.98
N ILE J 145 -13.85 35.66 23.93
CA ILE J 145 -13.94 36.27 25.25
C ILE J 145 -12.62 36.16 26.01
N VAL J 146 -11.98 35.00 25.95
CA VAL J 146 -10.69 34.81 26.63
C VAL J 146 -9.62 35.70 26.01
N ALA J 147 -9.66 35.86 24.68
CA ALA J 147 -8.71 36.76 24.02
C ALA J 147 -8.92 38.22 24.40
N LEU J 148 -10.18 38.65 24.52
CA LEU J 148 -10.43 40.04 24.92
C LEU J 148 -10.04 40.29 26.37
N LEU J 149 -10.28 39.33 27.26
CA LEU J 149 -9.88 39.50 28.66
C LEU J 149 -8.37 39.46 28.84
N LEU J 150 -7.64 38.71 27.99
CA LEU J 150 -6.19 38.82 28.02
C LEU J 150 -5.73 40.18 27.50
N ASN J 151 -6.28 40.61 26.36
CA ASN J 151 -5.82 41.85 25.72
C ASN J 151 -6.13 43.08 26.56
N SER J 152 -7.14 43.02 27.42
CA SER J 152 -7.43 44.16 28.30
C SER J 152 -6.38 44.33 29.40
N ARG J 153 -5.50 43.36 29.62
CA ARG J 153 -4.49 43.42 30.66
C ARG J 153 -3.08 43.54 30.11
N ALA J 154 -2.93 43.75 28.80
CA ALA J 154 -1.61 43.73 28.19
C ALA J 154 -0.79 44.96 28.51
N THR J 155 -1.44 46.07 28.87
CA THR J 155 -0.73 47.32 29.09
C THR J 155 -1.10 48.00 30.41
N GLN J 156 -1.91 47.36 31.26
CA GLN J 156 -2.13 47.87 32.60
C GLN J 156 -0.86 47.73 33.41
N ASP J 157 -0.47 48.83 34.06
CA ASP J 157 0.71 49.10 34.91
C ASP J 157 1.98 48.33 34.52
N VAL J 158 2.32 48.39 33.23
CA VAL J 158 3.54 47.77 32.71
C VAL J 158 4.62 48.84 32.64
N VAL J 159 5.77 48.56 33.26
CA VAL J 159 6.91 49.46 33.21
C VAL J 159 8.04 48.84 32.41
N MET K 1 15.59 40.22 36.28
CA MET K 1 14.86 40.88 37.36
C MET K 1 15.39 40.40 38.71
N THR K 2 14.85 39.27 39.14
CA THR K 2 15.21 38.62 40.40
C THR K 2 15.43 37.15 40.07
N GLU K 3 16.18 36.45 40.93
CA GLU K 3 16.41 35.03 40.69
C GLU K 3 15.15 34.22 40.94
N LEU K 4 14.31 34.65 41.90
CA LEU K 4 13.03 33.97 42.11
C LEU K 4 11.99 34.36 41.08
N CYS K 5 12.06 35.58 40.56
CA CYS K 5 11.07 36.11 39.63
C CYS K 5 11.77 36.57 38.36
N PRO K 6 12.08 35.67 37.44
CA PRO K 6 12.78 36.05 36.21
C PRO K 6 11.81 36.71 35.23
N VAL K 7 12.34 37.03 34.05
CA VAL K 7 11.56 37.76 33.07
C VAL K 7 10.71 36.82 32.20
N TYR K 8 11.18 35.59 32.00
CA TYR K 8 10.45 34.59 31.22
C TYR K 8 9.28 33.96 31.96
N ALA K 9 8.99 34.39 33.18
CA ALA K 9 7.95 33.79 34.03
C ALA K 9 6.49 33.91 33.54
N PRO K 10 6.02 35.00 32.91
CA PRO K 10 4.62 34.98 32.44
C PRO K 10 4.36 34.11 31.21
N PHE K 11 5.40 33.54 30.60
CA PHE K 11 5.20 32.68 29.43
C PHE K 11 4.41 31.43 29.79
N PHE K 12 4.73 30.82 30.92
CA PHE K 12 4.04 29.59 31.33
C PHE K 12 2.60 29.88 31.73
N GLY K 13 2.35 31.04 32.33
CA GLY K 13 0.99 31.42 32.67
C GLY K 13 0.14 31.70 31.45
N ALA K 14 0.72 32.35 30.43
CA ALA K 14 -0.03 32.61 29.21
C ALA K 14 -0.28 31.32 28.42
N ILE K 15 0.68 30.39 28.43
CA ILE K 15 0.49 29.10 27.77
C ILE K 15 -0.58 28.27 28.47
N GLY K 16 -0.63 28.31 29.81
CA GLY K 16 -1.68 27.60 30.52
C GLY K 16 -3.05 28.21 30.30
N CYS K 17 -3.14 29.55 30.34
CA CYS K 17 -4.40 30.24 30.11
C CYS K 17 -4.92 30.03 28.69
N ALA K 18 -4.03 29.85 27.72
CA ALA K 18 -4.48 29.51 26.39
C ALA K 18 -4.91 28.05 26.30
N SER K 19 -4.09 27.15 26.84
CA SER K 19 -4.25 25.72 26.60
C SER K 19 -5.50 25.16 27.26
N ALA K 20 -5.95 25.79 28.36
CA ALA K 20 -7.22 25.39 28.99
C ALA K 20 -8.39 25.47 28.02
N ILE K 21 -8.64 26.66 27.46
CA ILE K 21 -9.77 26.84 26.56
C ILE K 21 -9.53 26.15 25.22
N ILE K 22 -8.26 25.98 24.81
CA ILE K 22 -7.97 25.29 23.55
C ILE K 22 -8.35 23.82 23.63
N PHE K 23 -7.85 23.10 24.64
CA PHE K 23 -8.14 21.67 24.67
C PHE K 23 -9.58 21.37 25.09
N THR K 24 -10.19 22.22 25.93
CA THR K 24 -11.61 22.00 26.20
C THR K 24 -12.48 22.31 24.97
N SER K 25 -12.06 23.26 24.12
CA SER K 25 -12.82 23.50 22.91
C SER K 25 -12.67 22.37 21.90
N LEU K 26 -11.50 21.75 21.83
CA LEU K 26 -11.34 20.57 20.97
C LEU K 26 -12.20 19.40 21.45
N GLY K 27 -12.23 19.16 22.77
CA GLY K 27 -13.08 18.09 23.28
C GLY K 27 -14.56 18.35 23.07
N ALA K 28 -15.00 19.58 23.31
CA ALA K 28 -16.39 19.95 23.09
C ALA K 28 -16.76 19.89 21.62
N ALA K 29 -15.84 20.22 20.72
CA ALA K 29 -16.11 20.17 19.30
C ALA K 29 -16.24 18.74 18.81
N TYR K 30 -15.40 17.83 19.31
CA TYR K 30 -15.53 16.42 18.92
C TYR K 30 -16.84 15.84 19.43
N GLY K 31 -17.20 16.15 20.68
CA GLY K 31 -18.46 15.66 21.22
C GLY K 31 -19.68 16.18 20.47
N THR K 32 -19.68 17.48 20.17
CA THR K 32 -20.79 18.09 19.44
C THR K 32 -20.89 17.53 18.03
N ALA K 33 -19.76 17.34 17.34
CA ALA K 33 -19.77 16.86 15.96
C ALA K 33 -20.25 15.42 15.87
N LYS K 34 -19.71 14.53 16.72
CA LYS K 34 -20.10 13.13 16.67
C LYS K 34 -21.55 12.93 17.09
N SER K 35 -21.98 13.60 18.18
CA SER K 35 -23.37 13.49 18.61
C SER K 35 -24.33 14.12 17.61
N GLY K 36 -23.93 15.20 16.93
CA GLY K 36 -24.81 15.81 15.95
C GLY K 36 -24.98 15.00 14.70
N VAL K 37 -23.92 14.29 14.26
CA VAL K 37 -24.07 13.33 13.17
C VAL K 37 -25.01 12.20 13.57
N GLY K 38 -24.92 11.74 14.82
CA GLY K 38 -25.84 10.72 15.29
C GLY K 38 -27.29 11.18 15.34
N ILE K 39 -27.52 12.43 15.78
CA ILE K 39 -28.87 12.98 15.85
C ILE K 39 -29.44 13.17 14.45
N CYS K 40 -28.65 13.70 13.52
CA CYS K 40 -29.14 13.94 12.17
C CYS K 40 -29.37 12.66 11.40
N ALA K 41 -28.65 11.58 11.72
CA ALA K 41 -28.95 10.30 11.11
C ALA K 41 -30.18 9.65 11.75
N THR K 42 -30.38 9.87 13.04
CA THR K 42 -31.51 9.23 13.74
C THR K 42 -32.84 9.89 13.39
N CYS K 43 -32.90 11.21 13.49
CA CYS K 43 -34.16 11.93 13.51
C CYS K 43 -34.76 12.18 12.14
N VAL K 44 -34.33 11.45 11.11
CA VAL K 44 -35.06 11.46 9.85
C VAL K 44 -36.35 10.65 9.99
N LEU K 45 -36.28 9.53 10.72
CA LEU K 45 -37.42 8.65 10.93
C LEU K 45 -38.28 9.07 12.12
N ARG K 46 -37.64 9.51 13.20
CA ARG K 46 -38.40 9.92 14.40
C ARG K 46 -38.11 11.39 14.71
N PRO K 47 -38.76 12.33 14.01
CA PRO K 47 -38.53 13.75 14.28
C PRO K 47 -39.09 14.19 15.61
N ASP K 48 -39.93 13.39 16.25
CA ASP K 48 -40.46 13.68 17.57
C ASP K 48 -39.46 13.42 18.69
N LEU K 49 -38.38 12.70 18.41
CA LEU K 49 -37.31 12.47 19.38
C LEU K 49 -36.16 13.44 19.20
N LEU K 50 -36.39 14.56 18.52
CA LEU K 50 -35.31 15.47 18.16
C LEU K 50 -34.84 16.28 19.36
N PHE K 51 -35.77 16.82 20.14
CA PHE K 51 -35.41 17.63 21.29
C PHE K 51 -35.19 16.80 22.53
N LYS K 52 -35.44 15.50 22.46
CA LYS K 52 -35.11 14.58 23.54
C LYS K 52 -33.65 14.13 23.45
N ASN K 53 -33.12 14.02 22.24
CA ASN K 53 -31.77 13.53 22.00
C ASN K 53 -30.71 14.63 22.05
N ILE K 54 -31.07 15.83 22.50
CA ILE K 54 -30.14 16.96 22.43
C ILE K 54 -29.17 16.99 23.60
N VAL K 55 -29.33 16.08 24.56
CA VAL K 55 -28.56 15.98 25.79
C VAL K 55 -27.03 15.80 25.61
N PRO K 56 -26.50 14.96 24.70
CA PRO K 56 -25.03 14.89 24.59
C PRO K 56 -24.37 16.16 24.09
N VAL K 57 -25.08 16.97 23.31
CA VAL K 57 -24.52 18.23 22.84
C VAL K 57 -24.39 19.22 24.00
N ILE K 58 -25.37 19.21 24.91
CA ILE K 58 -25.32 20.07 26.09
C ILE K 58 -24.23 19.62 27.04
N MET K 59 -24.11 18.31 27.26
CA MET K 59 -23.04 17.80 28.10
C MET K 59 -21.66 17.96 27.47
N ALA K 60 -21.59 18.14 26.16
CA ALA K 60 -20.33 18.56 25.55
C ALA K 60 -20.06 20.04 25.75
N GLY K 61 -21.08 20.89 25.74
CA GLY K 61 -20.86 22.31 25.95
C GLY K 61 -20.46 22.68 27.37
N ILE K 62 -20.86 21.86 28.35
CA ILE K 62 -20.47 22.10 29.74
C ILE K 62 -18.94 22.00 29.93
N ILE K 63 -18.27 21.19 29.12
CA ILE K 63 -16.81 21.07 29.17
C ILE K 63 -16.14 22.36 28.73
N ALA K 64 -16.65 22.98 27.66
CA ALA K 64 -16.13 24.27 27.23
C ALA K 64 -16.39 25.36 28.26
N ILE K 65 -17.50 25.25 28.99
CA ILE K 65 -17.74 26.18 30.10
C ILE K 65 -16.71 25.99 31.21
N TYR K 66 -16.32 24.74 31.50
CA TYR K 66 -15.26 24.46 32.48
C TYR K 66 -13.94 25.11 32.08
N GLY K 67 -13.57 24.95 30.81
CA GLY K 67 -12.35 25.56 30.31
C GLY K 67 -12.38 27.09 30.36
N LEU K 68 -13.55 27.67 30.08
CA LEU K 68 -13.71 29.12 30.17
C LEU K 68 -13.54 29.62 31.60
N VAL K 69 -14.07 28.87 32.57
CA VAL K 69 -13.93 29.23 33.99
C VAL K 69 -12.46 29.23 34.41
N VAL K 70 -11.74 28.17 34.03
CA VAL K 70 -10.34 28.09 34.44
C VAL K 70 -9.49 29.15 33.71
N SER K 71 -9.81 29.46 32.45
CA SER K 71 -9.05 30.47 31.72
C SER K 71 -9.26 31.86 32.30
N VAL K 72 -10.48 32.19 32.72
CA VAL K 72 -10.72 33.49 33.36
C VAL K 72 -10.00 33.58 34.70
N LEU K 73 -10.06 32.51 35.51
CA LEU K 73 -9.41 32.55 36.81
C LEU K 73 -7.89 32.58 36.72
N VAL K 74 -7.30 31.95 35.70
CA VAL K 74 -5.86 32.07 35.50
C VAL K 74 -5.51 33.45 34.97
N CYS K 75 -6.33 33.98 34.05
CA CYS K 75 -6.06 35.26 33.40
C CYS K 75 -6.08 36.42 34.37
N TYR K 76 -6.88 36.35 35.44
CA TYR K 76 -6.86 37.39 36.45
C TYR K 76 -5.79 37.19 37.52
N SER K 77 -4.71 36.47 37.20
CA SER K 77 -3.57 36.34 38.10
C SER K 77 -2.23 36.57 37.41
N LEU K 78 -2.23 36.87 36.12
CA LEU K 78 -1.00 37.18 35.41
C LEU K 78 -0.44 38.52 35.88
N GLY K 79 0.87 38.67 35.76
CA GLY K 79 1.53 39.90 36.09
C GLY K 79 2.91 39.92 35.48
N GLN K 80 3.47 41.13 35.39
CA GLN K 80 4.78 41.26 34.78
C GLN K 80 5.87 40.76 35.71
N LYS K 81 5.68 40.89 37.02
CA LYS K 81 6.70 40.62 38.01
C LYS K 81 6.31 39.45 38.90
N GLN K 82 5.80 38.37 38.30
CA GLN K 82 5.45 37.20 39.08
C GLN K 82 6.61 36.22 39.09
N ALA K 83 6.48 35.19 39.93
CA ALA K 83 7.54 34.21 40.12
C ALA K 83 7.42 33.08 39.10
N LEU K 84 8.41 32.19 39.09
CA LEU K 84 8.28 30.96 38.31
C LEU K 84 7.32 29.98 38.95
N TYR K 85 7.17 30.05 40.28
CA TYR K 85 6.23 29.19 40.98
C TYR K 85 4.81 29.41 40.50
N THR K 86 4.43 30.68 40.34
CA THR K 86 3.09 31.02 39.88
C THR K 86 2.86 30.56 38.44
N GLY K 87 3.88 30.73 37.58
CA GLY K 87 3.74 30.32 36.19
C GLY K 87 3.66 28.81 36.04
N PHE K 88 4.42 28.07 36.84
CA PHE K 88 4.36 26.61 36.82
C PHE K 88 3.02 26.10 37.32
N ILE K 89 2.47 26.74 38.37
CA ILE K 89 1.15 26.36 38.88
C ILE K 89 0.06 26.64 37.84
N GLN K 90 0.15 27.78 37.16
CA GLN K 90 -0.85 28.13 36.14
C GLN K 90 -0.77 27.21 34.93
N LEU K 91 0.44 26.84 34.52
CA LEU K 91 0.61 25.89 33.42
C LEU K 91 0.08 24.51 33.80
N GLY K 92 0.32 24.06 35.03
CA GLY K 92 -0.20 22.77 35.46
C GLY K 92 -1.72 22.74 35.54
N ALA K 93 -2.33 23.84 36.01
CA ALA K 93 -3.78 23.92 36.08
C ALA K 93 -4.42 23.93 34.69
N GLY K 94 -3.81 24.67 33.76
CA GLY K 94 -4.30 24.69 32.40
C GLY K 94 -4.21 23.34 31.71
N LEU K 95 -3.08 22.65 31.85
CA LEU K 95 -2.93 21.33 31.26
C LEU K 95 -3.88 20.31 31.87
N SER K 96 -4.09 20.39 33.19
CA SER K 96 -5.02 19.49 33.88
C SER K 96 -6.43 19.60 33.32
N VAL K 97 -6.99 20.82 33.35
CA VAL K 97 -8.38 20.97 32.91
C VAL K 97 -8.50 20.75 31.41
N GLY K 98 -7.47 21.08 30.62
CA GLY K 98 -7.57 20.93 29.18
C GLY K 98 -7.57 19.48 28.75
N LEU K 99 -6.63 18.69 29.25
CA LEU K 99 -6.57 17.32 28.79
C LEU K 99 -7.64 16.45 29.42
N SER K 100 -8.11 16.78 30.64
CA SER K 100 -9.27 16.10 31.19
C SER K 100 -10.53 16.39 30.39
N GLY K 101 -10.71 17.65 29.96
CA GLY K 101 -11.84 17.98 29.13
C GLY K 101 -11.78 17.35 27.74
N LEU K 102 -10.57 17.18 27.21
CA LEU K 102 -10.41 16.51 25.93
C LEU K 102 -10.83 15.04 25.99
N ALA K 103 -10.39 14.34 27.04
CA ALA K 103 -10.77 12.93 27.21
C ALA K 103 -12.28 12.79 27.45
N ALA K 104 -12.85 13.66 28.29
CA ALA K 104 -14.28 13.63 28.53
C ALA K 104 -15.08 13.95 27.28
N GLY K 105 -14.59 14.85 26.44
CA GLY K 105 -15.29 15.15 25.21
C GLY K 105 -15.29 14.01 24.20
N PHE K 106 -14.16 13.29 24.11
CA PHE K 106 -14.12 12.10 23.25
C PHE K 106 -15.10 11.03 23.72
N ALA K 107 -15.14 10.79 25.03
CA ALA K 107 -16.05 9.78 25.57
C ALA K 107 -17.51 10.18 25.38
N ILE K 108 -17.84 11.46 25.60
CA ILE K 108 -19.21 11.94 25.43
C ILE K 108 -19.65 11.83 23.99
N GLY K 109 -18.75 12.14 23.04
CA GLY K 109 -19.10 12.03 21.63
C GLY K 109 -19.41 10.62 21.20
N ILE K 110 -18.54 9.67 21.57
CA ILE K 110 -18.72 8.28 21.13
C ILE K 110 -19.95 7.65 21.79
N VAL K 111 -20.10 7.85 23.11
CA VAL K 111 -21.24 7.27 23.81
C VAL K 111 -22.55 7.93 23.38
N GLY K 112 -22.54 9.23 23.07
CA GLY K 112 -23.75 9.90 22.64
C GLY K 112 -24.21 9.47 21.27
N ASP K 113 -23.27 9.26 20.35
CA ASP K 113 -23.60 8.72 19.02
C ASP K 113 -24.23 7.33 19.14
N ALA K 114 -23.56 6.43 19.87
CA ALA K 114 -24.09 5.06 20.01
C ALA K 114 -25.42 5.05 20.74
N GLY K 115 -25.59 5.93 21.73
CA GLY K 115 -26.80 5.91 22.52
C GLY K 115 -28.01 6.47 21.80
N VAL K 116 -27.80 7.51 20.99
CA VAL K 116 -28.90 8.04 20.19
C VAL K 116 -29.33 7.04 19.12
N ARG K 117 -28.35 6.44 18.43
CA ARG K 117 -28.68 5.44 17.42
C ARG K 117 -29.34 4.20 18.02
N GLY K 118 -29.00 3.84 19.25
CA GLY K 118 -29.64 2.71 19.88
C GLY K 118 -31.01 3.03 20.45
N SER K 119 -31.18 4.23 20.99
CA SER K 119 -32.45 4.64 21.58
C SER K 119 -33.48 5.05 20.55
N SER K 120 -33.10 5.13 19.27
CA SER K 120 -34.11 5.30 18.22
C SER K 120 -35.06 4.12 18.15
N GLN K 121 -34.60 2.92 18.50
CA GLN K 121 -35.38 1.69 18.38
C GLN K 121 -35.53 0.94 19.70
N GLN K 122 -35.20 1.58 20.81
CA GLN K 122 -35.33 0.99 22.16
C GLN K 122 -35.57 2.13 23.15
N PRO K 123 -36.81 2.38 23.54
CA PRO K 123 -37.07 3.56 24.40
C PRO K 123 -36.53 3.44 25.81
N ARG K 124 -36.10 2.26 26.24
CA ARG K 124 -35.60 2.09 27.63
C ARG K 124 -34.08 2.26 27.68
N LEU K 125 -33.44 2.64 26.58
CA LEU K 125 -32.01 2.81 26.57
C LEU K 125 -31.59 4.25 26.82
N PHE K 126 -32.55 5.17 26.86
CA PHE K 126 -32.26 6.60 27.03
C PHE K 126 -31.71 6.90 28.42
N VAL K 127 -32.26 6.25 29.44
CA VAL K 127 -31.78 6.48 30.80
C VAL K 127 -30.40 5.83 31.00
N GLY K 128 -30.12 4.73 30.32
CA GLY K 128 -28.78 4.16 30.37
C GLY K 128 -27.76 5.02 29.68
N MET K 129 -28.17 5.65 28.57
CA MET K 129 -27.32 6.64 27.91
C MET K 129 -27.02 7.82 28.84
N ILE K 130 -28.02 8.28 29.59
CA ILE K 130 -27.80 9.40 30.51
C ILE K 130 -26.85 9.01 31.63
N LEU K 131 -26.96 7.78 32.15
CA LEU K 131 -26.05 7.31 33.19
C LEU K 131 -24.60 7.25 32.70
N ILE K 132 -24.38 6.67 31.51
CA ILE K 132 -23.02 6.58 31.00
C ILE K 132 -22.47 7.97 30.65
N LEU K 133 -23.32 8.88 30.19
CA LEU K 133 -22.85 10.23 29.90
C LEU K 133 -22.51 11.02 31.17
N ILE K 134 -23.21 10.75 32.27
CA ILE K 134 -22.83 11.37 33.54
C ILE K 134 -21.49 10.85 34.03
N PHE K 135 -21.24 9.54 33.85
CA PHE K 135 -19.92 9.00 34.15
C PHE K 135 -18.84 9.56 33.24
N ALA K 136 -19.19 9.99 32.03
CA ALA K 136 -18.21 10.67 31.18
C ALA K 136 -18.06 12.14 31.52
N GLU K 137 -19.04 12.74 32.19
CA GLU K 137 -18.99 14.16 32.55
C GLU K 137 -18.13 14.40 33.79
N VAL K 138 -18.13 13.47 34.74
CA VAL K 138 -17.37 13.68 35.97
C VAL K 138 -15.86 13.69 35.78
N LEU K 139 -15.35 13.21 34.65
CA LEU K 139 -13.92 13.27 34.37
C LEU K 139 -13.46 14.71 34.15
N GLY K 140 -14.17 15.45 33.32
CA GLY K 140 -13.90 16.87 33.18
C GLY K 140 -14.16 17.64 34.46
N LEU K 141 -15.12 17.17 35.26
CA LEU K 141 -15.32 17.77 36.58
C LEU K 141 -14.11 17.56 37.49
N TYR K 142 -13.49 16.39 37.44
CA TYR K 142 -12.29 16.11 38.24
C TYR K 142 -11.12 16.97 37.80
N GLY K 143 -10.97 17.15 36.48
CA GLY K 143 -9.95 18.07 35.99
C GLY K 143 -10.18 19.51 36.44
N LEU K 144 -11.44 19.93 36.46
CA LEU K 144 -11.79 21.26 36.98
C LEU K 144 -11.43 21.41 38.46
N ILE K 145 -11.65 20.35 39.25
CA ILE K 145 -11.33 20.40 40.68
C ILE K 145 -9.83 20.49 40.91
N VAL K 146 -9.05 19.70 40.17
CA VAL K 146 -7.59 19.75 40.31
C VAL K 146 -7.04 21.11 39.87
N ALA K 147 -7.63 21.70 38.83
CA ALA K 147 -7.22 23.03 38.39
C ALA K 147 -7.54 24.10 39.42
N LEU K 148 -8.70 24.01 40.07
CA LEU K 148 -9.04 25.00 41.10
C LEU K 148 -8.16 24.85 42.34
N LEU K 149 -7.85 23.61 42.73
CA LEU K 149 -6.97 23.42 43.89
C LEU K 149 -5.54 23.83 43.60
N LEU K 150 -5.08 23.72 42.35
CA LEU K 150 -3.78 24.30 42.01
C LEU K 150 -3.83 25.82 42.05
N ASN K 151 -4.86 26.41 41.43
CA ASN K 151 -4.94 27.87 41.31
C ASN K 151 -5.13 28.55 42.66
N SER K 152 -5.67 27.85 43.65
CA SER K 152 -5.81 28.45 44.97
C SER K 152 -4.47 28.58 45.70
N ARG K 153 -3.40 27.95 45.21
CA ARG K 153 -2.10 27.98 45.83
C ARG K 153 -1.07 28.77 45.03
N ALA K 154 -1.49 29.45 43.97
CA ALA K 154 -0.55 30.09 43.07
C ALA K 154 0.08 31.34 43.68
N THR K 155 -0.58 31.97 44.66
CA THR K 155 -0.10 33.23 45.21
C THR K 155 -0.04 33.22 46.73
N GLN K 156 -0.31 32.10 47.39
CA GLN K 156 -0.08 32.00 48.82
C GLN K 156 1.41 32.04 49.10
N ASP K 157 1.80 32.92 50.03
CA ASP K 157 3.15 33.24 50.54
C ASP K 157 4.28 33.14 49.52
N VAL K 158 4.07 33.75 48.35
CA VAL K 158 5.07 33.82 47.31
C VAL K 158 5.82 35.15 47.42
N VAL K 159 7.14 35.07 47.49
CA VAL K 159 7.97 36.26 47.54
C VAL K 159 8.79 36.38 46.27
N MET L 1 18.64 30.21 44.04
CA MET L 1 18.31 30.13 45.46
C MET L 1 19.42 29.42 46.20
N THR L 2 19.34 28.10 46.19
CA THR L 2 20.30 27.21 46.84
C THR L 2 20.66 26.15 45.82
N GLU L 3 21.81 25.51 45.99
CA GLU L 3 22.21 24.44 45.07
C GLU L 3 21.34 23.20 45.25
N LEU L 4 20.90 22.92 46.48
CA LEU L 4 19.98 21.82 46.71
C LEU L 4 18.56 22.16 46.32
N CYS L 5 18.16 23.42 46.43
CA CYS L 5 16.80 23.85 46.18
C CYS L 5 16.81 24.96 45.14
N PRO L 6 16.89 24.63 43.85
CA PRO L 6 16.93 25.65 42.82
C PRO L 6 15.54 26.23 42.57
N VAL L 7 15.46 27.11 41.59
CA VAL L 7 14.22 27.83 41.32
C VAL L 7 13.31 27.03 40.39
N TYR L 8 13.87 26.21 39.52
CA TYR L 8 13.11 25.37 38.60
C TYR L 8 12.50 24.14 39.25
N ALA L 9 12.65 23.96 40.56
CA ALA L 9 12.18 22.78 41.28
C ALA L 9 10.66 22.54 41.34
N PRO L 10 9.77 23.53 41.45
CA PRO L 10 8.33 23.19 41.44
C PRO L 10 7.77 22.79 40.08
N PHE L 11 8.55 22.89 39.00
CA PHE L 11 8.08 22.49 37.68
C PHE L 11 7.76 21.01 37.62
N PHE L 12 8.63 20.18 38.19
CA PHE L 12 8.43 18.74 38.15
C PHE L 12 7.25 18.33 39.02
N GLY L 13 7.04 19.02 40.14
CA GLY L 13 5.89 18.73 40.98
C GLY L 13 4.58 19.12 40.32
N ALA L 14 4.55 20.26 39.62
CA ALA L 14 3.34 20.66 38.93
C ALA L 14 3.04 19.73 37.74
N ILE L 15 4.09 19.28 37.04
CA ILE L 15 3.90 18.34 35.94
C ILE L 15 3.39 16.99 36.44
N GLY L 16 3.90 16.52 37.59
CA GLY L 16 3.39 15.28 38.15
C GLY L 16 1.96 15.38 38.64
N CYS L 17 1.63 16.49 39.31
CA CYS L 17 0.27 16.72 39.80
C CYS L 17 -0.72 16.87 38.67
N ALA L 18 -0.29 17.39 37.51
CA ALA L 18 -1.18 17.42 36.36
C ALA L 18 -1.31 16.04 35.73
N SER L 19 -0.18 15.35 35.52
CA SER L 19 -0.14 14.16 34.70
C SER L 19 -0.86 12.99 35.34
N ALA L 20 -0.95 12.98 36.68
CA ALA L 20 -1.73 11.95 37.38
C ALA L 20 -3.19 11.96 36.93
N ILE L 21 -3.87 13.09 37.08
CA ILE L 21 -5.29 13.17 36.74
C ILE L 21 -5.48 13.15 35.23
N ILE L 22 -4.49 13.60 34.45
CA ILE L 22 -4.62 13.57 32.99
C ILE L 22 -4.63 12.14 32.47
N PHE L 23 -3.62 11.33 32.84
CA PHE L 23 -3.59 9.99 32.27
C PHE L 23 -4.63 9.06 32.89
N THR L 24 -5.01 9.27 34.16
CA THR L 24 -6.12 8.48 34.69
C THR L 24 -7.46 8.87 34.05
N SER L 25 -7.63 10.14 33.67
CA SER L 25 -8.85 10.52 32.98
C SER L 25 -8.90 9.96 31.56
N LEU L 26 -7.75 9.88 30.88
CA LEU L 26 -7.73 9.23 29.56
C LEU L 26 -8.07 7.74 29.66
N GLY L 27 -7.52 7.04 30.65
CA GLY L 27 -7.85 5.64 30.82
C GLY L 27 -9.30 5.41 31.18
N ALA L 28 -9.85 6.22 32.09
CA ALA L 28 -11.25 6.12 32.46
C ALA L 28 -12.17 6.47 31.31
N ALA L 29 -11.77 7.42 30.46
CA ALA L 29 -12.59 7.79 29.31
C ALA L 29 -12.63 6.69 28.26
N TYR L 30 -11.49 6.02 28.03
CA TYR L 30 -11.49 4.91 27.08
C TYR L 30 -12.34 3.76 27.59
N GLY L 31 -12.22 3.44 28.89
CA GLY L 31 -13.01 2.37 29.46
C GLY L 31 -14.50 2.65 29.43
N THR L 32 -14.89 3.88 29.79
CA THR L 32 -16.29 4.27 29.76
C THR L 32 -16.86 4.27 28.35
N ALA L 33 -16.07 4.76 27.37
CA ALA L 33 -16.56 4.84 26.01
C ALA L 33 -16.74 3.46 25.38
N LYS L 34 -15.74 2.59 25.52
CA LYS L 34 -15.83 1.25 24.93
C LYS L 34 -16.92 0.42 25.60
N SER L 35 -16.99 0.44 26.94
CA SER L 35 -18.02 -0.31 27.63
C SER L 35 -19.42 0.25 27.37
N GLY L 36 -19.54 1.57 27.19
CA GLY L 36 -20.85 2.14 26.91
C GLY L 36 -21.35 1.83 25.52
N VAL L 37 -20.45 1.76 24.54
CA VAL L 37 -20.84 1.28 23.21
C VAL L 37 -21.29 -0.17 23.28
N GLY L 38 -20.60 -0.98 24.09
CA GLY L 38 -21.03 -2.37 24.27
C GLY L 38 -22.39 -2.51 24.93
N ILE L 39 -22.66 -1.68 25.94
CA ILE L 39 -23.95 -1.71 26.64
C ILE L 39 -25.07 -1.25 25.72
N CYS L 40 -24.84 -0.16 24.95
CA CYS L 40 -25.89 0.35 24.09
C CYS L 40 -26.16 -0.56 22.90
N ALA L 41 -25.16 -1.33 22.45
CA ALA L 41 -25.43 -2.33 21.44
C ALA L 41 -26.14 -3.55 22.01
N THR L 42 -25.83 -3.92 23.26
CA THR L 42 -26.42 -5.11 23.85
C THR L 42 -27.88 -4.90 24.25
N CYS L 43 -28.15 -3.81 24.97
CA CYS L 43 -29.42 -3.65 25.68
C CYS L 43 -30.56 -3.15 24.80
N VAL L 44 -30.45 -3.26 23.48
CA VAL L 44 -31.62 -3.06 22.63
C VAL L 44 -32.55 -4.26 22.73
N LEU L 45 -31.97 -5.46 22.81
CA LEU L 45 -32.73 -6.71 22.89
C LEU L 45 -33.08 -7.08 24.32
N ARG L 46 -32.15 -6.92 25.26
CA ARG L 46 -32.38 -7.19 26.67
C ARG L 46 -32.29 -5.89 27.47
N PRO L 47 -33.39 -5.13 27.56
CA PRO L 47 -33.36 -3.93 28.40
C PRO L 47 -33.39 -4.22 29.88
N ASP L 48 -33.72 -5.45 30.27
CA ASP L 48 -33.71 -5.86 31.66
C ASP L 48 -32.31 -6.13 32.19
N LEU L 49 -31.32 -6.27 31.32
CA LEU L 49 -29.93 -6.44 31.72
C LEU L 49 -29.17 -5.13 31.70
N LEU L 50 -29.88 -4.00 31.72
CA LEU L 50 -29.24 -2.70 31.55
C LEU L 50 -28.49 -2.28 32.80
N PHE L 51 -29.09 -2.41 33.96
CA PHE L 51 -28.47 -2.01 35.21
C PHE L 51 -27.60 -3.10 35.80
N LYS L 52 -27.60 -4.28 35.19
CA LYS L 52 -26.68 -5.33 35.58
C LYS L 52 -25.33 -5.18 34.89
N ASN L 53 -25.33 -4.64 33.67
CA ASN L 53 -24.12 -4.50 32.86
C ASN L 53 -23.38 -3.21 33.12
N ILE L 54 -23.75 -2.45 34.16
CA ILE L 54 -23.18 -1.12 34.37
C ILE L 54 -21.84 -1.17 35.10
N VAL L 55 -21.42 -2.36 35.51
CA VAL L 55 -20.19 -2.62 36.28
C VAL L 55 -18.88 -2.15 35.62
N PRO L 56 -18.61 -2.36 34.31
CA PRO L 56 -17.33 -1.86 33.78
C PRO L 56 -17.19 -0.35 33.77
N VAL L 57 -18.30 0.38 33.70
CA VAL L 57 -18.25 1.83 33.74
C VAL L 57 -17.86 2.31 35.13
N ILE L 58 -18.36 1.63 36.16
CA ILE L 58 -18.00 1.96 37.54
C ILE L 58 -16.54 1.62 37.82
N MET L 59 -16.09 0.45 37.35
CA MET L 59 -14.69 0.08 37.52
C MET L 59 -13.76 0.94 36.69
N ALA L 60 -14.27 1.61 35.65
CA ALA L 60 -13.47 2.63 34.97
C ALA L 60 -13.44 3.94 35.77
N GLY L 61 -14.53 4.30 36.45
CA GLY L 61 -14.52 5.53 37.22
C GLY L 61 -13.66 5.48 38.47
N ILE L 62 -13.45 4.28 39.02
CA ILE L 62 -12.59 4.11 40.19
C ILE L 62 -11.13 4.50 39.87
N ILE L 63 -10.70 4.34 38.62
CA ILE L 63 -9.36 4.73 38.20
C ILE L 63 -9.19 6.26 38.25
N ALA L 64 -10.21 6.99 37.79
CA ALA L 64 -10.17 8.45 37.88
C ALA L 64 -10.20 8.91 39.33
N ILE L 65 -10.87 8.15 40.20
CA ILE L 65 -10.81 8.47 41.64
C ILE L 65 -9.39 8.27 42.19
N TYR L 66 -8.69 7.23 41.73
CA TYR L 66 -7.29 7.01 42.13
C TYR L 66 -6.41 8.19 41.73
N GLY L 67 -6.56 8.65 40.49
CA GLY L 67 -5.79 9.79 40.01
C GLY L 67 -6.11 11.07 40.76
N LEU L 68 -7.38 11.25 41.14
CA LEU L 68 -7.78 12.42 41.93
C LEU L 68 -7.14 12.38 43.32
N VAL L 69 -7.06 11.20 43.94
CA VAL L 69 -6.43 11.05 45.26
C VAL L 69 -4.96 11.42 45.18
N VAL L 70 -4.25 10.91 44.17
CA VAL L 70 -2.81 11.20 44.09
C VAL L 70 -2.57 12.66 43.73
N SER L 71 -3.43 13.26 42.91
CA SER L 71 -3.26 14.68 42.56
C SER L 71 -3.48 15.59 43.76
N VAL L 72 -4.46 15.29 44.62
CA VAL L 72 -4.67 16.09 45.82
C VAL L 72 -3.49 15.94 46.79
N LEU L 73 -3.00 14.71 46.98
CA LEU L 73 -1.90 14.50 47.91
C LEU L 73 -0.59 15.10 47.41
N VAL L 74 -0.35 15.13 46.10
CA VAL L 74 0.82 15.82 45.58
C VAL L 74 0.64 17.34 45.68
N CYS L 75 -0.57 17.82 45.39
CA CYS L 75 -0.85 19.27 45.37
C CYS L 75 -0.69 19.91 46.74
N TYR L 76 -0.96 19.17 47.82
CA TYR L 76 -0.73 19.72 49.15
C TYR L 76 0.69 19.54 49.65
N SER L 77 1.67 19.42 48.75
CA SER L 77 3.07 19.39 49.12
C SER L 77 3.94 20.29 48.27
N LEU L 78 3.36 21.03 47.33
CA LEU L 78 4.11 22.00 46.54
C LEU L 78 4.53 23.18 47.40
N GLY L 79 5.62 23.82 46.99
CA GLY L 79 6.11 25.00 47.68
C GLY L 79 7.08 25.73 46.79
N GLN L 80 7.30 27.00 47.11
CA GLN L 80 8.20 27.80 46.29
C GLN L 80 9.65 27.42 46.54
N LYS L 81 9.98 27.00 47.75
CA LYS L 81 11.36 26.76 48.17
C LYS L 81 11.60 25.29 48.47
N GLN L 82 11.11 24.41 47.61
CA GLN L 82 11.35 22.99 47.81
C GLN L 82 12.58 22.55 47.04
N ALA L 83 13.01 21.31 47.29
CA ALA L 83 14.22 20.78 46.69
C ALA L 83 13.92 20.12 45.35
N LEU L 84 14.99 19.73 44.63
CA LEU L 84 14.78 18.90 43.45
C LEU L 84 14.39 17.49 43.80
N TYR L 85 14.79 17.01 44.98
CA TYR L 85 14.40 15.67 45.42
C TYR L 85 12.90 15.55 45.54
N THR L 86 12.24 16.55 46.10
CA THR L 86 10.79 16.53 46.24
C THR L 86 10.09 16.59 44.89
N GLY L 87 10.60 17.40 43.97
CA GLY L 87 10.00 17.49 42.65
C GLY L 87 10.16 16.23 41.83
N PHE L 88 11.32 15.57 41.96
CA PHE L 88 11.54 14.30 41.26
C PHE L 88 10.65 13.20 41.83
N ILE L 89 10.47 13.16 43.14
CA ILE L 89 9.57 12.19 43.76
C ILE L 89 8.12 12.42 43.34
N GLN L 90 7.70 13.68 43.29
CA GLN L 90 6.33 14.00 42.87
C GLN L 90 6.08 13.67 41.40
N LEU L 91 7.07 13.93 40.54
CA LEU L 91 6.97 13.57 39.14
C LEU L 91 6.91 12.06 38.94
N GLY L 92 7.71 11.31 39.70
CA GLY L 92 7.67 9.86 39.60
C GLY L 92 6.36 9.26 40.09
N ALA L 93 5.80 9.82 41.16
CA ALA L 93 4.51 9.34 41.67
C ALA L 93 3.38 9.63 40.69
N GLY L 94 3.39 10.82 40.08
CA GLY L 94 2.39 11.15 39.09
C GLY L 94 2.45 10.27 37.85
N LEU L 95 3.67 10.03 37.34
CA LEU L 95 3.82 9.16 36.18
C LEU L 95 3.42 7.72 36.47
N SER L 96 3.75 7.24 37.68
CA SER L 96 3.39 5.88 38.09
C SER L 96 1.89 5.68 38.08
N VAL L 97 1.15 6.52 38.83
CA VAL L 97 -0.29 6.31 38.92
C VAL L 97 -0.98 6.63 37.59
N GLY L 98 -0.44 7.55 36.81
CA GLY L 98 -1.09 7.91 35.55
C GLY L 98 -0.98 6.82 34.51
N LEU L 99 0.22 6.29 34.30
CA LEU L 99 0.36 5.29 33.25
C LEU L 99 -0.18 3.93 33.67
N SER L 100 -0.15 3.62 34.98
CA SER L 100 -0.83 2.42 35.45
C SER L 100 -2.34 2.52 35.28
N GLY L 101 -2.92 3.68 35.56
CA GLY L 101 -4.33 3.87 35.32
C GLY L 101 -4.72 3.85 33.85
N LEU L 102 -3.83 4.32 32.98
CA LEU L 102 -4.08 4.27 31.54
C LEU L 102 -4.14 2.83 31.04
N ALA L 103 -3.17 2.01 31.46
CA ALA L 103 -3.17 0.60 31.05
C ALA L 103 -4.38 -0.16 31.61
N ALA L 104 -4.72 0.09 32.88
CA ALA L 104 -5.90 -0.54 33.48
C ALA L 104 -7.18 -0.10 32.80
N GLY L 105 -7.26 1.17 32.37
CA GLY L 105 -8.46 1.62 31.68
C GLY L 105 -8.63 1.00 30.31
N PHE L 106 -7.52 0.82 29.58
CA PHE L 106 -7.61 0.12 28.28
C PHE L 106 -8.08 -1.32 28.45
N ALA L 107 -7.52 -2.03 29.45
CA ALA L 107 -7.92 -3.40 29.69
C ALA L 107 -9.38 -3.52 30.12
N ILE L 108 -9.83 -2.61 31.00
CA ILE L 108 -11.22 -2.63 31.47
C ILE L 108 -12.18 -2.35 30.32
N GLY L 109 -11.83 -1.42 29.44
CA GLY L 109 -12.70 -1.13 28.30
C GLY L 109 -12.87 -2.30 27.36
N ILE L 110 -11.75 -2.94 26.98
CA ILE L 110 -11.83 -4.04 26.01
C ILE L 110 -12.52 -5.27 26.62
N VAL L 111 -12.17 -5.63 27.85
CA VAL L 111 -12.78 -6.78 28.50
C VAL L 111 -14.25 -6.53 28.80
N GLY L 112 -14.61 -5.30 29.16
CA GLY L 112 -16.01 -5.00 29.45
C GLY L 112 -16.89 -5.04 28.22
N ASP L 113 -16.38 -4.54 27.08
CA ASP L 113 -17.12 -4.65 25.82
C ASP L 113 -17.36 -6.11 25.44
N ALA L 114 -16.29 -6.92 25.45
CA ALA L 114 -16.43 -8.32 25.07
C ALA L 114 -17.31 -9.08 26.06
N GLY L 115 -17.23 -8.73 27.34
CA GLY L 115 -17.98 -9.47 28.34
C GLY L 115 -19.46 -9.16 28.33
N VAL L 116 -19.82 -7.89 28.08
CA VAL L 116 -21.23 -7.55 27.97
C VAL L 116 -21.86 -8.17 26.73
N ARG L 117 -21.15 -8.09 25.59
CA ARG L 117 -21.65 -8.70 24.36
C ARG L 117 -21.75 -10.22 24.47
N GLY L 118 -20.87 -10.85 25.23
CA GLY L 118 -20.96 -12.29 25.43
C GLY L 118 -22.01 -12.70 26.43
N SER L 119 -22.18 -11.93 27.49
CA SER L 119 -23.14 -12.24 28.54
C SER L 119 -24.57 -11.87 28.15
N SER L 120 -24.78 -11.21 27.01
CA SER L 120 -26.14 -11.05 26.49
C SER L 120 -26.78 -12.39 26.14
N GLN L 121 -25.96 -13.36 25.73
CA GLN L 121 -26.47 -14.67 25.24
C GLN L 121 -25.93 -15.85 26.09
N GLN L 122 -25.30 -15.58 27.22
CA GLN L 122 -24.81 -16.64 28.12
C GLN L 122 -24.81 -16.08 29.52
N PRO L 123 -25.79 -16.45 30.35
CA PRO L 123 -25.90 -15.84 31.69
C PRO L 123 -24.82 -16.27 32.66
N ARG L 124 -24.04 -17.29 32.36
CA ARG L 124 -22.99 -17.73 33.27
C ARG L 124 -21.68 -17.00 33.06
N LEU L 125 -21.60 -16.13 32.07
CA LEU L 125 -20.35 -15.46 31.73
C LEU L 125 -20.16 -14.17 32.51
N PHE L 126 -21.19 -13.73 33.24
CA PHE L 126 -21.14 -12.46 33.96
C PHE L 126 -20.14 -12.51 35.11
N VAL L 127 -20.09 -13.64 35.83
CA VAL L 127 -19.15 -13.75 36.92
C VAL L 127 -17.71 -13.90 36.42
N GLY L 128 -17.52 -14.50 35.24
CA GLY L 128 -16.19 -14.53 34.64
C GLY L 128 -15.74 -13.16 34.18
N MET L 129 -16.68 -12.37 33.66
CA MET L 129 -16.39 -10.97 33.34
C MET L 129 -15.97 -10.20 34.57
N ILE L 130 -16.64 -10.42 35.71
CA ILE L 130 -16.30 -9.71 36.94
C ILE L 130 -14.91 -10.12 37.44
N LEU L 131 -14.56 -11.41 37.33
CA LEU L 131 -13.22 -11.86 37.72
C LEU L 131 -12.12 -11.23 36.87
N ILE L 132 -12.31 -11.21 35.55
CA ILE L 132 -11.28 -10.62 34.69
C ILE L 132 -11.21 -9.10 34.89
N LEU L 133 -12.34 -8.45 35.17
CA LEU L 133 -12.29 -7.01 35.43
C LEU L 133 -11.64 -6.68 36.76
N ILE L 134 -11.75 -7.56 37.76
CA ILE L 134 -11.02 -7.35 39.01
C ILE L 134 -9.51 -7.49 38.80
N PHE L 135 -9.12 -8.47 37.97
CA PHE L 135 -7.71 -8.56 37.59
C PHE L 135 -7.23 -7.37 36.79
N ALA L 136 -8.12 -6.69 36.07
CA ALA L 136 -7.73 -5.45 35.41
C ALA L 136 -7.74 -4.24 36.35
N GLU L 137 -8.47 -4.32 37.46
CA GLU L 137 -8.55 -3.21 38.41
C GLU L 137 -7.33 -3.14 39.32
N VAL L 138 -6.75 -4.29 39.67
CA VAL L 138 -5.61 -4.28 40.59
C VAL L 138 -4.34 -3.67 40.01
N LEU L 139 -4.27 -3.49 38.70
CA LEU L 139 -3.12 -2.82 38.09
C LEU L 139 -3.07 -1.35 38.45
N GLY L 140 -4.20 -0.66 38.30
CA GLY L 140 -4.30 0.71 38.77
C GLY L 140 -4.15 0.81 40.28
N LEU L 141 -4.58 -0.22 41.00
CA LEU L 141 -4.35 -0.26 42.45
C LEU L 141 -2.86 -0.33 42.77
N TYR L 142 -2.09 -1.10 42.00
CA TYR L 142 -0.64 -1.20 42.21
C TYR L 142 0.05 0.11 41.92
N GLY L 143 -0.38 0.80 40.85
CA GLY L 143 0.13 2.13 40.58
C GLY L 143 -0.16 3.13 41.69
N LEU L 144 -1.37 3.05 42.27
CA LEU L 144 -1.72 3.87 43.43
C LEU L 144 -0.82 3.58 44.63
N ILE L 145 -0.50 2.31 44.86
CA ILE L 145 0.36 1.94 45.99
C ILE L 145 1.77 2.48 45.80
N VAL L 146 2.33 2.36 44.58
CA VAL L 146 3.68 2.86 44.32
C VAL L 146 3.72 4.39 44.44
N ALA L 147 2.65 5.06 44.01
CA ALA L 147 2.58 6.52 44.15
C ALA L 147 2.50 6.95 45.61
N LEU L 148 1.74 6.22 46.44
CA LEU L 148 1.67 6.58 47.86
C LEU L 148 2.99 6.31 48.58
N LEU L 149 3.67 5.22 48.24
CA LEU L 149 4.97 4.95 48.86
C LEU L 149 6.04 5.92 48.42
N LEU L 150 5.97 6.44 47.19
CA LEU L 150 6.87 7.52 46.82
C LEU L 150 6.54 8.79 47.58
N ASN L 151 5.25 9.17 47.63
CA ASN L 151 4.85 10.43 48.23
C ASN L 151 5.09 10.47 49.73
N SER L 152 5.15 9.31 50.39
CA SER L 152 5.45 9.29 51.81
C SER L 152 6.91 9.61 52.10
N ARG L 153 7.78 9.65 51.10
CA ARG L 153 9.20 9.92 51.27
C ARG L 153 9.63 11.25 50.68
N ALA L 154 8.68 12.07 50.22
CA ALA L 154 9.04 13.29 49.51
C ALA L 154 9.59 14.36 50.43
N THR L 155 9.29 14.31 51.72
CA THR L 155 9.70 15.37 52.64
C THR L 155 10.36 14.83 53.90
N GLN L 156 10.62 13.53 53.99
CA GLN L 156 11.43 13.02 55.09
C GLN L 156 12.86 13.47 54.92
N ASP L 157 13.43 14.03 56.00
CA ASP L 157 14.76 14.61 56.20
C ASP L 157 15.37 15.29 54.99
N VAL L 158 14.60 16.17 54.35
CA VAL L 158 15.05 16.96 53.22
C VAL L 158 15.49 18.33 53.72
N VAL L 159 16.72 18.71 53.39
CA VAL L 159 17.24 20.02 53.76
C VAL L 159 17.42 20.87 52.52
N MET M 1 26.55 19.53 45.44
CA MET M 1 26.78 18.86 46.71
C MET M 1 28.21 18.34 46.76
N THR M 2 28.39 17.16 46.18
CA THR M 2 29.67 16.48 46.12
C THR M 2 29.84 16.02 44.67
N GLU M 3 31.08 15.78 44.25
CA GLU M 3 31.29 15.32 42.89
C GLU M 3 30.83 13.87 42.72
N LEU M 4 30.94 13.06 43.76
CA LEU M 4 30.40 11.70 43.70
C LEU M 4 28.90 11.65 43.88
N CYS M 5 28.33 12.59 44.63
CA CYS M 5 26.91 12.61 44.95
C CYS M 5 26.33 13.94 44.53
N PRO M 6 25.99 14.13 43.26
CA PRO M 6 25.44 15.41 42.81
C PRO M 6 23.98 15.53 43.20
N VAL M 7 23.37 16.63 42.76
CA VAL M 7 22.01 16.93 43.16
C VAL M 7 20.99 16.26 42.24
N TYR M 8 21.35 16.03 40.98
CA TYR M 8 20.48 15.37 40.01
C TYR M 8 20.41 13.85 40.19
N ALA M 9 21.06 13.30 41.19
CA ALA M 9 21.14 11.86 41.41
C ALA M 9 19.82 11.12 41.73
N PRO M 10 18.85 11.64 42.50
CA PRO M 10 17.61 10.87 42.70
C PRO M 10 16.68 10.82 41.49
N PHE M 11 16.98 11.55 40.41
CA PHE M 11 16.14 11.50 39.22
C PHE M 11 16.12 10.12 38.59
N PHE M 12 17.28 9.49 38.49
CA PHE M 12 17.37 8.17 37.87
C PHE M 12 16.70 7.11 38.74
N GLY M 13 16.79 7.26 40.06
CA GLY M 13 16.10 6.33 40.94
C GLY M 13 14.59 6.46 40.88
N ALA M 14 14.09 7.69 40.79
CA ALA M 14 12.65 7.89 40.67
C ALA M 14 12.13 7.40 39.32
N ILE M 15 12.91 7.59 38.25
CA ILE M 15 12.53 7.10 36.92
C ILE M 15 12.51 5.57 36.90
N GLY M 16 13.49 4.92 37.55
CA GLY M 16 13.48 3.46 37.61
C GLY M 16 12.33 2.91 38.44
N CYS M 17 12.06 3.54 39.60
CA CYS M 17 10.97 3.12 40.46
C CYS M 17 9.61 3.31 39.80
N ALA M 18 9.48 4.31 38.92
CA ALA M 18 8.25 4.44 38.17
C ALA M 18 8.16 3.42 37.03
N SER M 19 9.26 3.28 36.28
CA SER M 19 9.22 2.52 35.03
C SER M 19 9.04 1.04 35.25
N ALA M 20 9.45 0.52 36.43
CA ALA M 20 9.19 -0.87 36.77
C ALA M 20 7.70 -1.19 36.75
N ILE M 21 6.92 -0.48 37.56
CA ILE M 21 5.50 -0.76 37.65
C ILE M 21 4.76 -0.33 36.39
N ILE M 22 5.29 0.68 35.67
CA ILE M 22 4.64 1.13 34.43
C ILE M 22 4.73 0.05 33.35
N PHE M 23 5.93 -0.46 33.06
CA PHE M 23 6.02 -1.43 31.97
C PHE M 23 5.49 -2.79 32.36
N THR M 24 5.57 -3.18 33.65
CA THR M 24 4.91 -4.43 34.02
C THR M 24 3.39 -4.31 33.99
N SER M 25 2.83 -3.12 34.26
CA SER M 25 1.40 -2.93 34.14
C SER M 25 0.95 -2.96 32.69
N LEU M 26 1.75 -2.41 31.77
CA LEU M 26 1.41 -2.50 30.34
C LEU M 26 1.43 -3.95 29.85
N GLY M 27 2.44 -4.73 30.27
CA GLY M 27 2.48 -6.13 29.88
C GLY M 27 1.34 -6.94 30.45
N ALA M 28 1.02 -6.73 31.73
CA ALA M 28 -0.10 -7.42 32.36
C ALA M 28 -1.44 -7.01 31.75
N ALA M 29 -1.56 -5.75 31.33
CA ALA M 29 -2.81 -5.30 30.71
C ALA M 29 -3.00 -5.90 29.34
N TYR M 30 -1.93 -6.01 28.55
CA TYR M 30 -2.06 -6.66 27.25
C TYR M 30 -2.41 -8.14 27.40
N GLY M 31 -1.75 -8.82 28.34
CA GLY M 31 -2.06 -10.23 28.56
C GLY M 31 -3.48 -10.47 29.02
N THR M 32 -3.95 -9.65 29.98
CA THR M 32 -5.31 -9.76 30.48
C THR M 32 -6.34 -9.45 29.41
N ALA M 33 -6.09 -8.43 28.58
CA ALA M 33 -7.05 -8.03 27.57
C ALA M 33 -7.17 -9.08 26.47
N LYS M 34 -6.03 -9.56 25.95
CA LYS M 34 -6.06 -10.55 24.87
C LYS M 34 -6.64 -11.88 25.35
N SER M 35 -6.23 -12.35 26.53
CA SER M 35 -6.76 -13.59 27.07
C SER M 35 -8.23 -13.47 27.43
N GLY M 36 -8.68 -12.30 27.89
CA GLY M 36 -10.08 -12.14 28.23
C GLY M 36 -10.99 -12.09 27.02
N VAL M 37 -10.51 -11.50 25.92
CA VAL M 37 -11.25 -11.59 24.66
C VAL M 37 -11.36 -13.04 24.19
N GLY M 38 -10.27 -13.80 24.36
CA GLY M 38 -10.33 -15.22 24.01
C GLY M 38 -11.29 -16.03 24.86
N ILE M 39 -11.33 -15.75 26.17
CA ILE M 39 -12.24 -16.44 27.07
C ILE M 39 -13.69 -16.09 26.77
N CYS M 40 -13.96 -14.79 26.53
CA CYS M 40 -15.34 -14.39 26.28
C CYS M 40 -15.84 -14.86 24.92
N ALA M 41 -14.95 -15.04 23.95
CA ALA M 41 -15.38 -15.65 22.69
C ALA M 41 -15.56 -17.16 22.81
N THR M 42 -14.75 -17.81 23.66
CA THR M 42 -14.83 -19.26 23.79
C THR M 42 -16.05 -19.69 24.60
N CYS M 43 -16.25 -19.10 25.77
CA CYS M 43 -17.17 -19.63 26.76
C CYS M 43 -18.63 -19.25 26.52
N VAL M 44 -19.00 -18.85 25.30
CA VAL M 44 -20.41 -18.76 24.96
C VAL M 44 -20.98 -20.16 24.75
N LEU M 45 -20.19 -21.04 24.14
CA LEU M 45 -20.60 -22.42 23.85
C LEU M 45 -20.32 -23.36 25.01
N ARG M 46 -19.16 -23.24 25.65
CA ARG M 46 -18.80 -24.05 26.80
C ARG M 46 -18.69 -23.17 28.04
N PRO M 47 -19.79 -22.89 28.73
CA PRO M 47 -19.71 -22.12 29.98
C PRO M 47 -19.13 -22.92 31.13
N ASP M 48 -19.05 -24.24 31.00
CA ASP M 48 -18.45 -25.08 32.03
C ASP M 48 -16.92 -25.04 32.01
N LEU M 49 -16.32 -24.53 30.95
CA LEU M 49 -14.88 -24.36 30.87
C LEU M 49 -14.44 -22.94 31.25
N LEU M 50 -15.31 -22.20 31.94
CA LEU M 50 -15.04 -20.79 32.21
C LEU M 50 -13.99 -20.61 33.27
N PHE M 51 -14.09 -21.35 34.37
CA PHE M 51 -13.14 -21.22 35.47
C PHE M 51 -11.92 -22.09 35.28
N LYS M 52 -11.90 -22.92 34.23
CA LYS M 52 -10.72 -23.67 33.86
C LYS M 52 -9.78 -22.84 33.00
N ASN M 53 -10.33 -21.94 32.19
CA ASN M 53 -9.56 -21.12 31.25
C ASN M 53 -9.04 -19.83 31.86
N ILE M 54 -9.15 -19.67 33.18
CA ILE M 54 -8.82 -18.39 33.81
C ILE M 54 -7.33 -18.25 34.06
N VAL M 55 -6.54 -19.29 33.79
CA VAL M 55 -5.10 -19.37 34.04
C VAL M 55 -4.25 -18.31 33.35
N PRO M 56 -4.44 -17.94 32.06
CA PRO M 56 -3.57 -16.89 31.49
C PRO M 56 -3.75 -15.52 32.12
N VAL M 57 -4.93 -15.22 32.65
CA VAL M 57 -5.15 -13.94 33.32
C VAL M 57 -4.38 -13.89 34.64
N ILE M 58 -4.31 -15.01 35.34
CA ILE M 58 -3.56 -15.08 36.59
C ILE M 58 -2.06 -15.00 36.32
N MET M 59 -1.60 -15.71 35.29
CA MET M 59 -0.18 -15.62 34.92
C MET M 59 0.19 -14.26 34.33
N ALA M 60 -0.79 -13.49 33.87
CA ALA M 60 -0.52 -12.10 33.54
C ALA M 60 -0.45 -11.21 34.78
N GLY M 61 -1.26 -11.50 35.80
CA GLY M 61 -1.22 -10.69 37.01
C GLY M 61 0.04 -10.89 37.85
N ILE M 62 0.67 -12.07 37.73
CA ILE M 62 1.92 -12.33 38.46
C ILE M 62 3.04 -11.40 38.00
N ILE M 63 3.00 -10.96 36.73
CA ILE M 63 3.99 -10.02 36.22
C ILE M 63 3.86 -8.65 36.88
N ALA M 64 2.63 -8.19 37.06
CA ALA M 64 2.41 -6.93 37.77
C ALA M 64 2.82 -7.03 39.23
N ILE M 65 2.68 -8.22 39.83
CA ILE M 65 3.19 -8.44 41.19
C ILE M 65 4.73 -8.33 41.22
N TYR M 66 5.40 -8.85 40.19
CA TYR M 66 6.86 -8.72 40.08
C TYR M 66 7.28 -7.25 40.03
N GLY M 67 6.60 -6.47 39.20
CA GLY M 67 6.90 -5.05 39.10
C GLY M 67 6.63 -4.29 40.40
N LEU M 68 5.59 -4.69 41.13
CA LEU M 68 5.28 -4.08 42.42
C LEU M 68 6.38 -4.38 43.44
N VAL M 69 6.90 -5.61 43.43
CA VAL M 69 7.99 -5.99 44.34
C VAL M 69 9.23 -5.16 44.07
N VAL M 70 9.60 -5.02 42.80
CA VAL M 70 10.82 -4.26 42.49
C VAL M 70 10.63 -2.77 42.76
N SER M 71 9.42 -2.23 42.55
CA SER M 71 9.17 -0.82 42.82
C SER M 71 9.23 -0.51 44.31
N VAL M 72 8.71 -1.41 45.16
CA VAL M 72 8.80 -1.19 46.61
C VAL M 72 10.26 -1.27 47.08
N LEU M 73 11.01 -2.26 46.57
CA LEU M 73 12.40 -2.40 47.01
C LEU M 73 13.29 -1.26 46.51
N VAL M 74 13.02 -0.70 45.34
CA VAL M 74 13.76 0.48 44.90
C VAL M 74 13.33 1.70 45.70
N CYS M 75 12.03 1.84 45.98
CA CYS M 75 11.49 3.01 46.66
C CYS M 75 12.00 3.14 48.08
N TYR M 76 12.30 2.03 48.75
CA TYR M 76 12.88 2.12 50.08
C TYR M 76 14.40 2.25 50.07
N SER M 77 14.98 2.79 49.00
CA SER M 77 16.40 3.10 48.96
C SER M 77 16.69 4.48 48.41
N LEU M 78 15.67 5.27 48.07
CA LEU M 78 15.88 6.63 47.62
C LEU M 78 16.34 7.51 48.78
N GLY M 79 17.06 8.57 48.44
CA GLY M 79 17.52 9.52 49.43
C GLY M 79 17.93 10.80 48.74
N GLN M 80 18.00 11.87 49.52
CA GLN M 80 18.36 13.16 48.96
C GLN M 80 19.84 13.23 48.62
N LYS M 81 20.67 12.54 49.40
CA LYS M 81 22.12 12.65 49.30
C LYS M 81 22.74 11.34 48.86
N GLN M 82 22.16 10.70 47.85
CA GLN M 82 22.73 9.47 47.34
C GLN M 82 23.66 9.76 46.16
N ALA M 83 24.38 8.74 45.73
CA ALA M 83 25.37 8.89 44.68
C ALA M 83 24.73 8.67 43.31
N LEU M 84 25.51 8.93 42.25
CA LEU M 84 25.07 8.57 40.92
C LEU M 84 25.11 7.07 40.69
N TYR M 85 26.00 6.37 41.40
CA TYR M 85 26.07 4.92 41.28
C TYR M 85 24.77 4.26 41.70
N THR M 86 24.18 4.73 42.80
CA THR M 86 22.92 4.18 43.27
C THR M 86 21.78 4.47 42.31
N GLY M 87 21.75 5.68 41.75
CA GLY M 87 20.70 6.02 40.81
C GLY M 87 20.80 5.25 39.50
N PHE M 88 22.02 5.02 39.02
CA PHE M 88 22.22 4.23 37.82
C PHE M 88 21.83 2.77 38.04
N ILE M 89 22.15 2.22 39.21
CA ILE M 89 21.77 0.84 39.53
C ILE M 89 20.25 0.72 39.63
N GLN M 90 19.59 1.70 40.24
CA GLN M 90 18.13 1.66 40.38
C GLN M 90 17.44 1.82 39.03
N LEU M 91 17.97 2.67 38.16
CA LEU M 91 17.43 2.82 36.81
C LEU M 91 17.61 1.54 35.99
N GLY M 92 18.76 0.89 36.12
CA GLY M 92 18.98 -0.37 35.40
C GLY M 92 18.08 -1.49 35.88
N ALA M 93 17.85 -1.57 37.19
CA ALA M 93 16.96 -2.59 37.74
C ALA M 93 15.52 -2.37 37.30
N GLY M 94 15.07 -1.12 37.31
CA GLY M 94 13.73 -0.80 36.85
C GLY M 94 13.51 -1.12 35.39
N LEU M 95 14.47 -0.75 34.53
CA LEU M 95 14.35 -1.05 33.10
C LEU M 95 14.38 -2.55 32.83
N SER M 96 15.22 -3.29 33.57
CA SER M 96 15.32 -4.74 33.42
C SER M 96 13.98 -5.41 33.70
N VAL M 97 13.43 -5.18 34.90
CA VAL M 97 12.19 -5.87 35.24
C VAL M 97 11.01 -5.36 34.42
N GLY M 98 11.03 -4.09 34.01
CA GLY M 98 9.91 -3.56 33.25
C GLY M 98 9.84 -4.11 31.84
N LEU M 99 10.97 -4.10 31.13
CA LEU M 99 10.90 -4.56 29.75
C LEU M 99 10.84 -6.07 29.65
N SER M 100 11.41 -6.79 30.63
CA SER M 100 11.21 -8.24 30.67
C SER M 100 9.74 -8.59 30.94
N GLY M 101 9.08 -7.86 31.85
CA GLY M 101 7.67 -8.10 32.08
C GLY M 101 6.79 -7.72 30.91
N LEU M 102 7.19 -6.70 30.15
CA LEU M 102 6.44 -6.33 28.94
C LEU M 102 6.49 -7.43 27.89
N ALA M 103 7.69 -7.98 27.64
CA ALA M 103 7.82 -9.07 26.67
C ALA M 103 7.08 -10.32 27.12
N ALA M 104 7.18 -10.66 28.42
CA ALA M 104 6.46 -11.82 28.94
C ALA M 104 4.95 -11.62 28.88
N GLY M 105 4.47 -10.40 29.09
CA GLY M 105 3.04 -10.16 28.99
C GLY M 105 2.50 -10.27 27.58
N PHE M 106 3.26 -9.80 26.59
CA PHE M 106 2.86 -9.98 25.20
C PHE M 106 2.78 -11.46 24.82
N ALA M 107 3.79 -12.24 25.23
CA ALA M 107 3.78 -13.67 24.92
C ALA M 107 2.65 -14.41 25.62
N ILE M 108 2.37 -14.07 26.89
CA ILE M 108 1.29 -14.72 27.63
C ILE M 108 -0.06 -14.38 27.01
N GLY M 109 -0.25 -13.14 26.56
CA GLY M 109 -1.52 -12.78 25.93
C GLY M 109 -1.79 -13.53 24.64
N ILE M 110 -0.78 -13.58 23.75
CA ILE M 110 -0.98 -14.23 22.45
C ILE M 110 -1.15 -15.74 22.61
N VAL M 111 -0.30 -16.38 23.44
CA VAL M 111 -0.39 -17.83 23.63
C VAL M 111 -1.67 -18.20 24.37
N GLY M 112 -2.11 -17.37 25.32
CA GLY M 112 -3.33 -17.67 26.04
C GLY M 112 -4.58 -17.56 25.19
N ASP M 113 -4.63 -16.57 24.30
CA ASP M 113 -5.74 -16.46 23.36
C ASP M 113 -5.81 -17.68 22.45
N ALA M 114 -4.68 -18.03 21.82
CA ALA M 114 -4.67 -19.18 20.92
C ALA M 114 -4.95 -20.48 21.65
N GLY M 115 -4.48 -20.60 22.89
CA GLY M 115 -4.65 -21.85 23.61
C GLY M 115 -6.07 -22.07 24.12
N VAL M 116 -6.74 -20.99 24.55
CA VAL M 116 -8.13 -21.11 24.96
C VAL M 116 -9.02 -21.44 23.77
N ARG M 117 -8.81 -20.73 22.65
CA ARG M 117 -9.60 -21.00 21.46
C ARG M 117 -9.35 -22.39 20.90
N GLY M 118 -8.14 -22.92 21.06
CA GLY M 118 -7.87 -24.28 20.61
C GLY M 118 -8.37 -25.34 21.56
N SER M 119 -8.29 -25.10 22.86
CA SER M 119 -8.73 -26.06 23.86
C SER M 119 -10.23 -26.08 24.05
N SER M 120 -10.97 -25.17 23.42
CA SER M 120 -12.42 -25.30 23.38
C SER M 120 -12.88 -26.55 22.65
N GLN M 121 -12.10 -27.01 21.67
CA GLN M 121 -12.47 -28.16 20.85
C GLN M 121 -11.45 -29.28 20.87
N GLN M 122 -10.50 -29.24 21.80
CA GLN M 122 -9.52 -30.32 21.97
C GLN M 122 -9.12 -30.32 23.43
N PRO M 123 -9.63 -31.26 24.22
CA PRO M 123 -9.36 -31.24 25.67
C PRO M 123 -7.93 -31.59 26.06
N ARG M 124 -7.12 -32.13 25.16
CA ARG M 124 -5.75 -32.48 25.47
C ARG M 124 -4.79 -31.33 25.29
N LEU M 125 -5.25 -30.19 24.80
CA LEU M 125 -4.38 -29.07 24.49
C LEU M 125 -4.18 -28.16 25.68
N PHE M 126 -4.93 -28.36 26.76
CA PHE M 126 -4.86 -27.49 27.93
C PHE M 126 -3.52 -27.60 28.65
N VAL M 127 -3.00 -28.83 28.76
CA VAL M 127 -1.71 -29.01 29.42
C VAL M 127 -0.57 -28.47 28.55
N GLY M 128 -0.70 -28.52 27.23
CA GLY M 128 0.29 -27.90 26.37
C GLY M 128 0.26 -26.39 26.45
N MET M 129 -0.94 -25.83 26.59
CA MET M 129 -1.07 -24.40 26.86
C MET M 129 -0.39 -24.01 28.16
N ILE M 130 -0.55 -24.83 29.20
CA ILE M 130 0.08 -24.53 30.50
C ILE M 130 1.61 -24.59 30.39
N LEU M 131 2.14 -25.57 29.64
CA LEU M 131 3.59 -25.65 29.45
C LEU M 131 4.15 -24.43 28.71
N ILE M 132 3.50 -24.01 27.62
CA ILE M 132 4.00 -22.86 26.89
C ILE M 132 3.84 -21.57 27.72
N LEU M 133 2.78 -21.48 28.53
CA LEU M 133 2.64 -20.30 29.38
C LEU M 133 3.65 -20.26 30.51
N ILE M 134 4.10 -21.41 31.01
CA ILE M 134 5.17 -21.42 32.00
C ILE M 134 6.49 -20.98 31.37
N PHE M 135 6.74 -21.40 30.12
CA PHE M 135 7.90 -20.90 29.40
C PHE M 135 7.81 -19.41 29.11
N ALA M 136 6.60 -18.85 29.02
CA ALA M 136 6.47 -17.41 28.90
C ALA M 136 6.56 -16.68 30.24
N GLU M 137 6.32 -17.38 31.35
CA GLU M 137 6.38 -16.78 32.68
C GLU M 137 7.81 -16.63 33.19
N VAL M 138 8.69 -17.57 32.84
CA VAL M 138 10.07 -17.50 33.35
C VAL M 138 10.88 -16.34 32.80
N LEU M 139 10.43 -15.70 31.72
CA LEU M 139 11.12 -14.53 31.21
C LEU M 139 11.00 -13.34 32.16
N GLY M 140 9.79 -13.06 32.62
CA GLY M 140 9.61 -12.06 33.66
C GLY M 140 10.26 -12.45 34.96
N LEU M 141 10.35 -13.76 35.23
CA LEU M 141 11.10 -14.21 36.41
C LEU M 141 12.58 -13.89 36.28
N TYR M 142 13.15 -14.05 35.08
CA TYR M 142 14.56 -13.72 34.85
C TYR M 142 14.82 -12.23 35.00
N GLY M 143 13.90 -11.41 34.50
CA GLY M 143 14.01 -9.97 34.73
C GLY M 143 13.95 -9.59 36.20
N LEU M 144 13.09 -10.27 36.96
CA LEU M 144 13.02 -10.07 38.41
C LEU M 144 14.33 -10.45 39.09
N ILE M 145 14.97 -11.53 38.64
CA ILE M 145 16.24 -11.96 39.25
C ILE M 145 17.35 -10.96 38.96
N VAL M 146 17.43 -10.47 37.72
CA VAL M 146 18.46 -9.48 37.38
C VAL M 146 18.23 -8.17 38.14
N ALA M 147 16.98 -7.78 38.34
CA ALA M 147 16.67 -6.58 39.12
C ALA M 147 17.05 -6.74 40.59
N LEU M 148 16.81 -7.92 41.16
CA LEU M 148 17.20 -8.14 42.56
C LEU M 148 18.71 -8.17 42.74
N LEU M 149 19.42 -8.79 41.79
CA LEU M 149 20.88 -8.81 41.89
C LEU M 149 21.51 -7.45 41.66
N LEU M 150 20.89 -6.59 40.85
CA LEU M 150 21.35 -5.21 40.78
C LEU M 150 21.08 -4.48 42.08
N ASN M 151 19.86 -4.59 42.61
CA ASN M 151 19.45 -3.83 43.79
C ASN M 151 20.23 -4.25 45.04
N SER M 152 20.74 -5.47 45.07
CA SER M 152 21.55 -5.88 46.21
C SER M 152 22.92 -5.22 46.25
N ARG M 153 23.34 -4.56 45.17
CA ARG M 153 24.64 -3.91 45.08
C ARG M 153 24.54 -2.39 45.05
N ALA M 154 23.35 -1.83 45.26
CA ALA M 154 23.18 -0.39 45.09
C ALA M 154 23.81 0.41 46.22
N THR M 155 24.01 -0.19 47.39
CA THR M 155 24.50 0.55 48.54
C THR M 155 25.68 -0.13 49.23
N GLN M 156 26.20 -1.23 48.67
CA GLN M 156 27.44 -1.79 49.18
C GLN M 156 28.60 -0.86 48.87
N ASP M 157 29.39 -0.56 49.92
CA ASP M 157 30.57 0.31 50.01
C ASP M 157 30.54 1.55 49.11
N VAL M 158 29.43 2.28 49.15
CA VAL M 158 29.27 3.52 48.41
C VAL M 158 29.59 4.69 49.33
N VAL M 159 30.50 5.54 48.90
CA VAL M 159 30.86 6.73 49.67
C VAL M 159 30.40 7.98 48.93
N MET N 1 36.25 12.55 39.67
CA MET N 1 37.09 11.58 40.39
C MET N 1 38.50 11.62 39.81
N THR N 2 38.68 10.86 38.74
CA THR N 2 39.93 10.74 38.02
C THR N 2 39.61 10.90 36.54
N GLU N 3 40.61 11.28 35.74
CA GLU N 3 40.37 11.43 34.31
C GLU N 3 40.16 10.08 33.64
N LEU N 4 40.83 9.03 34.12
CA LEU N 4 40.60 7.69 33.60
C LEU N 4 39.32 7.07 34.13
N CYS N 5 38.91 7.42 35.34
CA CYS N 5 37.76 6.83 36.01
C CYS N 5 36.80 7.94 36.42
N PRO N 6 35.98 8.43 35.52
CA PRO N 6 35.05 9.51 35.86
C PRO N 6 33.86 8.98 36.65
N VAL N 7 32.93 9.88 36.94
CA VAL N 7 31.80 9.52 37.78
C VAL N 7 30.65 8.92 36.97
N TYR N 8 30.52 9.29 35.70
CA TYR N 8 29.50 8.76 34.81
C TYR N 8 29.80 7.36 34.28
N ALA N 9 30.89 6.73 34.71
CA ALA N 9 31.33 5.44 34.22
C ALA N 9 30.43 4.23 34.51
N PRO N 10 29.74 4.08 35.66
CA PRO N 10 28.86 2.90 35.80
C PRO N 10 27.56 2.96 35.01
N PHE N 11 27.26 4.09 34.35
CA PHE N 11 26.05 4.19 33.55
C PHE N 11 26.07 3.20 32.38
N PHE N 12 27.19 3.09 31.70
CA PHE N 12 27.30 2.19 30.56
C PHE N 12 27.24 0.73 30.99
N GLY N 13 27.81 0.42 32.15
CA GLY N 13 27.72 -0.93 32.67
C GLY N 13 26.32 -1.32 33.08
N ALA N 14 25.59 -0.39 33.70
CA ALA N 14 24.20 -0.68 34.07
C ALA N 14 23.30 -0.80 32.84
N ILE N 15 23.55 0.01 31.81
CA ILE N 15 22.79 -0.08 30.57
C ILE N 15 23.06 -1.39 29.85
N GLY N 16 24.32 -1.85 29.85
CA GLY N 16 24.63 -3.15 29.24
C GLY N 16 24.02 -4.31 29.99
N CYS N 17 24.12 -4.27 31.34
CA CYS N 17 23.55 -5.33 32.18
C CYS N 17 22.03 -5.38 32.07
N ALA N 18 21.38 -4.25 31.81
CA ALA N 18 19.94 -4.29 31.57
C ALA N 18 19.64 -4.82 30.17
N SER N 19 20.35 -4.30 29.16
CA SER N 19 19.98 -4.52 27.76
C SER N 19 20.19 -5.95 27.33
N ALA N 20 21.12 -6.67 27.98
CA ALA N 20 21.30 -8.09 27.70
C ALA N 20 20.02 -8.88 27.94
N ILE N 21 19.49 -8.82 29.17
CA ILE N 21 18.30 -9.60 29.50
C ILE N 21 17.07 -9.01 28.82
N ILE N 22 17.05 -7.71 28.53
CA ILE N 22 15.91 -7.10 27.85
C ILE N 22 15.77 -7.62 26.42
N PHE N 23 16.84 -7.54 25.63
CA PHE N 23 16.69 -7.96 24.24
C PHE N 23 16.63 -9.47 24.08
N THR N 24 17.28 -10.24 24.97
CA THR N 24 17.08 -11.68 24.91
C THR N 24 15.68 -12.09 25.34
N SER N 25 15.05 -11.34 26.26
CA SER N 25 13.68 -11.64 26.63
C SER N 25 12.70 -11.29 25.51
N LEU N 26 12.95 -10.22 24.77
CA LEU N 26 12.12 -9.92 23.60
C LEU N 26 12.24 -10.99 22.52
N GLY N 27 13.45 -11.46 22.25
CA GLY N 27 13.62 -12.53 21.27
C GLY N 27 12.97 -13.83 21.69
N ALA N 28 13.14 -14.21 22.97
CA ALA N 28 12.52 -15.42 23.49
C ALA N 28 11.00 -15.31 23.51
N ALA N 29 10.47 -14.11 23.76
CA ALA N 29 9.02 -13.93 23.78
C ALA N 29 8.43 -14.03 22.39
N TYR N 30 9.11 -13.48 21.38
CA TYR N 30 8.62 -13.62 20.01
C TYR N 30 8.64 -15.08 19.56
N GLY N 31 9.74 -15.79 19.87
CA GLY N 31 9.83 -17.20 19.50
C GLY N 31 8.78 -18.05 20.18
N THR N 32 8.57 -17.84 21.49
CA THR N 32 7.57 -18.59 22.23
C THR N 32 6.16 -18.29 21.73
N ALA N 33 5.86 -17.02 21.43
CA ALA N 33 4.52 -16.65 21.00
C ALA N 33 4.18 -17.21 19.63
N LYS N 34 5.10 -17.05 18.66
CA LYS N 34 4.85 -17.54 17.31
C LYS N 34 4.78 -19.07 17.26
N SER N 35 5.71 -19.74 17.95
CA SER N 35 5.68 -21.20 17.97
C SER N 35 4.48 -21.74 18.74
N GLY N 36 4.03 -21.04 19.78
CA GLY N 36 2.87 -21.49 20.52
C GLY N 36 1.58 -21.34 19.76
N VAL N 37 1.45 -20.28 18.96
CA VAL N 37 0.30 -20.16 18.06
C VAL N 37 0.32 -21.29 17.03
N GLY N 38 1.51 -21.64 16.53
CA GLY N 38 1.61 -22.76 15.59
C GLY N 38 1.23 -24.09 16.21
N ILE N 39 1.66 -24.33 17.46
CA ILE N 39 1.33 -25.57 18.15
C ILE N 39 -0.17 -25.65 18.45
N CYS N 40 -0.76 -24.54 18.91
CA CYS N 40 -2.18 -24.58 19.26
C CYS N 40 -3.07 -24.67 18.02
N ALA N 41 -2.61 -24.19 16.86
CA ALA N 41 -3.36 -24.41 15.64
C ALA N 41 -3.18 -25.83 15.12
N THR N 42 -2.00 -26.42 15.31
CA THR N 42 -1.73 -27.75 14.79
C THR N 42 -2.42 -28.83 15.60
N CYS N 43 -2.27 -28.80 16.92
CA CYS N 43 -2.59 -29.93 17.78
C CYS N 43 -4.08 -30.03 18.13
N VAL N 44 -4.97 -29.38 17.39
CA VAL N 44 -6.39 -29.66 17.51
C VAL N 44 -6.70 -31.01 16.85
N LEU N 45 -6.06 -31.28 15.71
CA LEU N 45 -6.27 -32.50 14.95
C LEU N 45 -5.38 -33.65 15.43
N ARG N 46 -4.11 -33.37 15.72
CA ARG N 46 -3.17 -34.35 16.24
C ARG N 46 -2.77 -33.99 17.66
N PRO N 47 -3.55 -34.38 18.67
CA PRO N 47 -3.12 -34.12 20.05
C PRO N 47 -2.00 -35.03 20.52
N ASP N 48 -1.71 -36.10 19.78
CA ASP N 48 -0.61 -36.98 20.10
C ASP N 48 0.75 -36.42 19.70
N LEU N 49 0.78 -35.39 18.86
CA LEU N 49 2.01 -34.71 18.49
C LEU N 49 2.26 -33.47 19.34
N LEU N 50 1.61 -33.36 20.49
CA LEU N 50 1.67 -32.15 21.29
C LEU N 50 3.01 -32.00 22.00
N PHE N 51 3.49 -33.06 22.62
CA PHE N 51 4.74 -33.02 23.36
C PHE N 51 5.93 -33.28 22.47
N LYS N 52 5.71 -33.62 21.21
CA LYS N 52 6.78 -33.73 20.23
C LYS N 52 7.12 -32.38 19.62
N ASN N 53 6.13 -31.51 19.48
CA ASN N 53 6.29 -30.20 18.85
C ASN N 53 6.74 -29.12 19.82
N ILE N 54 7.12 -29.48 21.04
CA ILE N 54 7.42 -28.47 22.07
C ILE N 54 8.83 -27.92 21.94
N VAL N 55 9.63 -28.47 21.04
CA VAL N 55 11.04 -28.13 20.82
C VAL N 55 11.33 -26.66 20.48
N PRO N 56 10.58 -25.94 19.61
CA PRO N 56 10.93 -24.53 19.37
C PRO N 56 10.75 -23.62 20.57
N VAL N 57 9.84 -23.97 21.49
CA VAL N 57 9.64 -23.17 22.69
C VAL N 57 10.84 -23.33 23.63
N ILE N 58 11.40 -24.53 23.70
CA ILE N 58 12.58 -24.77 24.52
C ILE N 58 13.80 -24.09 23.92
N MET N 59 13.96 -24.17 22.60
CA MET N 59 15.07 -23.48 21.95
C MET N 59 14.91 -21.97 21.97
N ALA N 60 13.69 -21.46 22.19
CA ALA N 60 13.54 -20.04 22.47
C ALA N 60 13.90 -19.70 23.91
N GLY N 61 13.63 -20.59 24.87
CA GLY N 61 13.98 -20.32 26.25
C GLY N 61 15.48 -20.34 26.52
N ILE N 62 16.23 -21.10 25.73
CA ILE N 62 17.68 -21.15 25.89
C ILE N 62 18.34 -19.79 25.62
N ILE N 63 17.72 -18.98 24.75
CA ILE N 63 18.22 -17.63 24.47
C ILE N 63 18.09 -16.72 25.69
N ALA N 64 16.97 -16.81 26.40
CA ALA N 64 16.80 -16.06 27.63
C ALA N 64 17.76 -16.52 28.71
N ILE N 65 18.10 -17.82 28.72
CA ILE N 65 19.13 -18.30 29.63
C ILE N 65 20.50 -17.70 29.30
N TYR N 66 20.81 -17.55 28.00
CA TYR N 66 22.06 -16.89 27.57
C TYR N 66 22.13 -15.45 28.08
N GLY N 67 21.03 -14.71 27.92
CA GLY N 67 20.98 -13.35 28.40
C GLY N 67 21.10 -13.24 29.91
N LEU N 68 20.52 -14.20 30.63
CA LEU N 68 20.64 -14.24 32.09
C LEU N 68 22.07 -14.48 32.53
N VAL N 69 22.78 -15.36 31.83
CA VAL N 69 24.19 -15.65 32.13
C VAL N 69 25.04 -14.40 31.95
N VAL N 70 24.85 -13.69 30.82
CA VAL N 70 25.67 -12.50 30.58
C VAL N 70 25.31 -11.37 31.55
N SER N 71 24.04 -11.25 31.93
CA SER N 71 23.64 -10.20 32.87
C SER N 71 24.21 -10.45 34.26
N VAL N 72 24.26 -11.70 34.71
CA VAL N 72 24.87 -12.00 36.02
C VAL N 72 26.38 -11.74 35.98
N LEU N 73 27.05 -12.15 34.90
CA LEU N 73 28.50 -11.95 34.83
C LEU N 73 28.88 -10.49 34.69
N VAL N 74 28.05 -9.67 34.03
CA VAL N 74 28.32 -8.23 34.00
C VAL N 74 28.01 -7.60 35.35
N CYS N 75 26.91 -8.03 35.99
CA CYS N 75 26.47 -7.45 37.25
C CYS N 75 27.45 -7.66 38.38
N TYR N 76 28.20 -8.76 38.36
CA TYR N 76 29.23 -8.96 39.38
C TYR N 76 30.57 -8.31 39.02
N SER N 77 30.57 -7.26 38.20
CA SER N 77 31.77 -6.49 37.92
C SER N 77 31.54 -4.99 38.01
N LEU N 78 30.33 -4.54 38.35
CA LEU N 78 30.07 -3.13 38.53
C LEU N 78 30.77 -2.61 39.79
N GLY N 79 31.07 -1.33 39.79
CA GLY N 79 31.68 -0.68 40.94
C GLY N 79 31.53 0.80 40.82
N GLN N 80 31.68 1.49 41.96
CA GLN N 80 31.53 2.93 41.97
C GLN N 80 32.72 3.61 41.31
N LYS N 81 33.90 3.03 41.43
CA LYS N 81 35.14 3.66 41.02
C LYS N 81 35.80 2.90 39.87
N GLN N 82 35.00 2.50 38.89
CA GLN N 82 35.56 1.81 37.74
C GLN N 82 35.87 2.80 36.63
N ALA N 83 36.56 2.32 35.59
CA ALA N 83 37.00 3.16 34.50
C ALA N 83 35.94 3.25 33.42
N LEU N 84 36.17 4.12 32.43
CA LEU N 84 35.32 4.12 31.25
C LEU N 84 35.57 2.92 30.36
N TYR N 85 36.79 2.36 30.41
CA TYR N 85 37.10 1.17 29.63
C TYR N 85 36.22 0.00 30.03
N THR N 86 36.02 -0.19 31.34
CA THR N 86 35.19 -1.28 31.83
C THR N 86 33.73 -1.07 31.45
N GLY N 87 33.24 0.16 31.53
CA GLY N 87 31.85 0.44 31.17
C GLY N 87 31.59 0.27 29.69
N PHE N 88 32.55 0.66 28.85
CA PHE N 88 32.41 0.47 27.40
C PHE N 88 32.44 -1.01 27.03
N ILE N 89 33.30 -1.79 27.69
CA ILE N 89 33.35 -3.24 27.44
C ILE N 89 32.05 -3.91 27.88
N GLN N 90 31.49 -3.50 29.03
CA GLN N 90 30.25 -4.08 29.51
C GLN N 90 29.07 -3.71 28.62
N LEU N 91 29.03 -2.47 28.13
CA LEU N 91 27.99 -2.06 27.20
C LEU N 91 28.08 -2.81 25.87
N GLY N 92 29.30 -3.02 25.37
CA GLY N 92 29.46 -3.78 24.13
C GLY N 92 29.06 -5.24 24.28
N ALA N 93 29.39 -5.86 25.42
CA ALA N 93 29.01 -7.24 25.65
C ALA N 93 27.50 -7.40 25.77
N GLY N 94 26.85 -6.46 26.48
CA GLY N 94 25.40 -6.50 26.59
C GLY N 94 24.70 -6.33 25.25
N LEU N 95 25.14 -5.36 24.43
CA LEU N 95 24.55 -5.16 23.11
C LEU N 95 24.76 -6.35 22.20
N SER N 96 25.95 -6.97 22.27
CA SER N 96 26.26 -8.14 21.46
C SER N 96 25.30 -9.29 21.74
N VAL N 97 25.22 -9.70 23.01
CA VAL N 97 24.39 -10.86 23.32
C VAL N 97 22.90 -10.53 23.17
N GLY N 98 22.51 -9.27 23.41
CA GLY N 98 21.10 -8.92 23.30
C GLY N 98 20.60 -8.92 21.88
N LEU N 99 21.33 -8.27 20.97
CA LEU N 99 20.82 -8.20 19.61
C LEU N 99 21.03 -9.51 18.85
N SER N 100 22.06 -10.29 19.20
CA SER N 100 22.18 -11.63 18.63
C SER N 100 21.04 -12.53 19.09
N GLY N 101 20.66 -12.45 20.38
CA GLY N 101 19.53 -13.22 20.85
C GLY N 101 18.20 -12.78 20.26
N LEU N 102 18.07 -11.49 19.96
CA LEU N 102 16.85 -11.00 19.32
C LEU N 102 16.70 -11.56 17.91
N ALA N 103 17.79 -11.53 17.13
CA ALA N 103 17.74 -12.10 15.78
C ALA N 103 17.49 -13.60 15.79
N ALA N 104 18.16 -14.31 16.70
CA ALA N 104 17.94 -15.75 16.81
C ALA N 104 16.52 -16.09 17.26
N GLY N 105 15.94 -15.27 18.12
CA GLY N 105 14.56 -15.52 18.54
C GLY N 105 13.55 -15.30 17.43
N PHE N 106 13.76 -14.27 16.60
CA PHE N 106 12.89 -14.08 15.43
C PHE N 106 12.96 -15.26 14.47
N ALA N 107 14.18 -15.73 14.18
CA ALA N 107 14.34 -16.86 13.28
C ALA N 107 13.73 -18.14 13.84
N ILE N 108 13.91 -18.39 15.14
CA ILE N 108 13.36 -19.60 15.77
C ILE N 108 11.84 -19.56 15.77
N GLY N 109 11.25 -18.38 16.00
CA GLY N 109 9.80 -18.27 15.97
C GLY N 109 9.20 -18.56 14.61
N ILE N 110 9.76 -17.95 13.57
CA ILE N 110 9.20 -18.12 12.22
C ILE N 110 9.41 -19.55 11.70
N VAL N 111 10.62 -20.09 11.88
CA VAL N 111 10.90 -21.45 11.42
C VAL N 111 10.13 -22.48 12.23
N GLY N 112 9.92 -22.25 13.53
CA GLY N 112 9.18 -23.19 14.33
C GLY N 112 7.70 -23.23 13.99
N ASP N 113 7.11 -22.07 13.70
CA ASP N 113 5.71 -22.01 13.25
C ASP N 113 5.54 -22.78 11.94
N ALA N 114 6.38 -22.48 10.94
CA ALA N 114 6.27 -23.14 9.65
C ALA N 114 6.55 -24.63 9.76
N GLY N 115 7.49 -25.02 10.63
CA GLY N 115 7.86 -26.42 10.72
C GLY N 115 6.83 -27.26 11.43
N VAL N 116 6.19 -26.72 12.46
CA VAL N 116 5.13 -27.46 13.14
C VAL N 116 3.92 -27.62 12.23
N ARG N 117 3.52 -26.53 11.53
CA ARG N 117 2.40 -26.63 10.61
C ARG N 117 2.69 -27.54 9.43
N GLY N 118 3.94 -27.64 9.00
CA GLY N 118 4.28 -28.57 7.94
C GLY N 118 4.40 -30.01 8.39
N SER N 119 4.94 -30.22 9.58
CA SER N 119 5.13 -31.57 10.11
C SER N 119 3.85 -32.17 10.66
N SER N 120 2.76 -31.40 10.74
CA SER N 120 1.47 -32.01 11.05
C SER N 120 1.03 -33.00 9.97
N GLN N 121 1.43 -32.78 8.72
CA GLN N 121 0.99 -33.61 7.61
C GLN N 121 2.15 -34.23 6.84
N GLN N 122 3.36 -34.21 7.39
CA GLN N 122 4.51 -34.86 6.79
C GLN N 122 5.45 -35.25 7.92
N PRO N 123 5.48 -36.52 8.30
CA PRO N 123 6.29 -36.92 9.47
C PRO N 123 7.79 -36.88 9.25
N ARG N 124 8.27 -36.74 8.02
CA ARG N 124 9.70 -36.69 7.76
C ARG N 124 10.27 -35.29 7.87
N LEU N 125 9.43 -34.28 8.10
CA LEU N 125 9.88 -32.90 8.10
C LEU N 125 10.35 -32.45 9.48
N PHE N 126 10.13 -33.28 10.50
CA PHE N 126 10.48 -32.91 11.87
C PHE N 126 11.98 -32.81 12.08
N VAL N 127 12.74 -33.73 11.47
CA VAL N 127 14.19 -33.67 11.60
C VAL N 127 14.78 -32.51 10.80
N GLY N 128 14.15 -32.13 9.69
CA GLY N 128 14.58 -30.94 8.97
C GLY N 128 14.28 -29.67 9.74
N MET N 129 13.15 -29.64 10.44
CA MET N 129 12.85 -28.54 11.35
C MET N 129 13.90 -28.44 12.46
N ILE N 130 14.33 -29.57 13.00
CA ILE N 130 15.34 -29.54 14.07
C ILE N 130 16.68 -29.04 13.54
N LEU N 131 17.06 -29.43 12.32
CA LEU N 131 18.30 -28.94 11.72
C LEU N 131 18.29 -27.43 11.51
N ILE N 132 17.19 -26.91 10.94
CA ILE N 132 17.12 -25.47 10.71
C ILE N 132 17.04 -24.70 12.04
N LEU N 133 16.40 -25.27 13.06
CA LEU N 133 16.36 -24.60 14.36
C LEU N 133 17.71 -24.62 15.06
N ILE N 134 18.52 -25.64 14.84
CA ILE N 134 19.88 -25.63 15.39
C ILE N 134 20.73 -24.56 14.70
N PHE N 135 20.56 -24.41 13.38
CA PHE N 135 21.22 -23.30 12.69
C PHE N 135 20.73 -21.94 13.15
N ALA N 136 19.50 -21.84 13.64
CA ALA N 136 19.06 -20.59 14.24
C ALA N 136 19.51 -20.42 15.67
N GLU N 137 19.87 -21.49 16.37
CA GLU N 137 20.32 -21.42 17.75
C GLU N 137 21.78 -20.97 17.87
N VAL N 138 22.62 -21.36 16.91
CA VAL N 138 24.04 -21.02 17.00
C VAL N 138 24.33 -19.53 16.83
N LEU N 139 23.37 -18.75 16.35
CA LEU N 139 23.56 -17.30 16.25
C LEU N 139 23.60 -16.64 17.63
N GLY N 140 22.62 -16.99 18.48
CA GLY N 140 22.67 -16.56 19.86
C GLY N 140 23.85 -17.13 20.62
N LEU N 141 24.29 -18.33 20.23
CA LEU N 141 25.51 -18.88 20.81
C LEU N 141 26.73 -18.05 20.45
N TYR N 142 26.80 -17.56 19.21
CA TYR N 142 27.91 -16.71 18.78
C TYR N 142 27.92 -15.38 19.52
N GLY N 143 26.73 -14.80 19.72
CA GLY N 143 26.63 -13.60 20.53
C GLY N 143 27.08 -13.81 21.96
N LEU N 144 26.73 -14.97 22.54
CA LEU N 144 27.21 -15.34 23.88
C LEU N 144 28.73 -15.46 23.93
N ILE N 145 29.34 -16.01 22.89
CA ILE N 145 30.80 -16.17 22.86
C ILE N 145 31.49 -14.81 22.78
N VAL N 146 30.98 -13.91 21.93
CA VAL N 146 31.57 -12.57 21.82
C VAL N 146 31.41 -11.79 23.12
N ALA N 147 30.27 -11.96 23.80
CA ALA N 147 30.07 -11.29 25.09
C ALA N 147 31.02 -11.83 26.16
N LEU N 148 31.27 -13.14 26.18
CA LEU N 148 32.20 -13.69 27.16
C LEU N 148 33.64 -13.27 26.88
N LEU N 149 34.03 -13.22 25.61
CA LEU N 149 35.38 -12.77 25.29
C LEU N 149 35.59 -11.28 25.55
N LEU N 150 34.54 -10.46 25.42
CA LEU N 150 34.67 -9.08 25.86
C LEU N 150 34.77 -9.00 27.38
N ASN N 151 33.91 -9.71 28.09
CA ASN N 151 33.85 -9.61 29.56
C ASN N 151 35.12 -10.15 30.22
N SER N 152 35.84 -11.05 29.56
CA SER N 152 37.09 -11.53 30.12
C SER N 152 38.21 -10.49 30.07
N ARG N 153 38.03 -9.38 29.35
CA ARG N 153 39.04 -8.34 29.23
C ARG N 153 38.64 -7.05 29.91
N ALA N 154 37.54 -7.05 30.67
CA ALA N 154 37.04 -5.80 31.23
C ALA N 154 37.88 -5.29 32.38
N THR N 155 38.64 -6.15 33.04
CA THR N 155 39.38 -5.76 34.22
C THR N 155 40.85 -6.18 34.18
N GLN N 156 41.32 -6.75 33.07
CA GLN N 156 42.74 -7.00 32.91
C GLN N 156 43.48 -5.67 32.76
N ASP N 157 44.53 -5.51 33.56
CA ASP N 157 45.46 -4.38 33.73
C ASP N 157 44.84 -3.00 33.54
N VAL N 158 43.71 -2.76 34.20
CA VAL N 158 43.03 -1.47 34.18
C VAL N 158 43.45 -0.69 35.41
N VAL N 159 43.93 0.53 35.18
CA VAL N 159 44.31 1.41 36.28
C VAL N 159 43.36 2.60 36.34
N MET O 1 44.30 11.79 29.21
CA MET O 1 45.51 10.99 29.19
C MET O 1 46.57 11.69 28.34
N THR O 2 46.47 11.47 27.03
CA THR O 2 47.37 12.03 26.04
C THR O 2 46.49 12.59 24.94
N GLU O 3 47.02 13.54 24.16
CA GLU O 3 46.24 14.09 23.05
C GLU O 3 46.06 13.08 21.93
N LEU O 4 47.06 12.21 21.70
CA LEU O 4 46.91 11.15 20.72
C LEU O 4 46.07 9.99 21.24
N CYS O 5 46.08 9.74 22.53
CA CYS O 5 45.40 8.60 23.14
C CYS O 5 44.48 9.10 24.24
N PRO O 6 43.29 9.58 23.88
CA PRO O 6 42.38 10.10 24.91
C PRO O 6 41.69 8.95 25.65
N VAL O 7 40.78 9.32 26.54
CA VAL O 7 40.14 8.34 27.40
C VAL O 7 38.91 7.72 26.72
N TYR O 8 38.25 8.46 25.84
CA TYR O 8 37.09 7.96 25.10
C TYR O 8 37.45 7.02 23.95
N ALA O 9 38.72 6.70 23.76
CA ALA O 9 39.18 5.87 22.64
C ALA O 9 38.70 4.41 22.59
N PRO O 10 38.55 3.65 23.68
CA PRO O 10 38.03 2.28 23.52
C PRO O 10 36.54 2.18 23.19
N PHE O 11 35.80 3.29 23.19
CA PHE O 11 34.38 3.26 22.86
C PHE O 11 34.15 2.82 21.43
N PHE O 12 34.95 3.34 20.50
CA PHE O 12 34.78 2.98 19.10
C PHE O 12 35.18 1.54 18.84
N GLY O 13 36.19 1.04 19.54
CA GLY O 13 36.57 -0.35 19.41
C GLY O 13 35.52 -1.30 19.95
N ALA O 14 34.91 -0.95 21.08
CA ALA O 14 33.85 -1.79 21.62
C ALA O 14 32.60 -1.77 20.75
N ILE O 15 32.27 -0.60 20.17
CA ILE O 15 31.13 -0.50 19.26
C ILE O 15 31.38 -1.31 17.99
N GLY O 16 32.60 -1.29 17.46
CA GLY O 16 32.90 -2.10 16.28
C GLY O 16 32.88 -3.59 16.57
N CYS O 17 33.45 -4.00 17.70
CA CYS O 17 33.46 -5.40 18.10
C CYS O 17 32.06 -5.93 18.37
N ALA O 18 31.15 -5.06 18.83
CA ALA O 18 29.76 -5.49 18.97
C ALA O 18 29.06 -5.55 17.62
N SER O 19 29.22 -4.51 16.81
CA SER O 19 28.41 -4.32 15.61
C SER O 19 28.72 -5.36 14.53
N ALA O 20 29.95 -5.90 14.53
CA ALA O 20 30.29 -6.99 13.61
C ALA O 20 29.37 -8.20 13.80
N ILE O 21 29.33 -8.75 15.01
CA ILE O 21 28.52 -9.94 15.26
C ILE O 21 27.04 -9.60 15.26
N ILE O 22 26.66 -8.36 15.59
CA ILE O 22 25.25 -7.97 15.57
C ILE O 22 24.70 -7.96 14.15
N PHE O 23 25.35 -7.26 13.23
CA PHE O 23 24.77 -7.19 11.89
C PHE O 23 24.96 -8.48 11.10
N THR O 24 26.03 -9.24 11.36
CA THR O 24 26.10 -10.55 10.71
C THR O 24 25.08 -11.52 11.27
N SER O 25 24.71 -11.41 12.55
CA SER O 25 23.65 -12.26 13.08
C SER O 25 22.28 -11.88 12.53
N LEU O 26 22.03 -10.59 12.30
CA LEU O 26 20.77 -10.20 11.65
C LEU O 26 20.69 -10.71 10.22
N GLY O 27 21.78 -10.62 9.47
CA GLY O 27 21.77 -11.15 8.11
C GLY O 27 21.60 -12.66 8.05
N ALA O 28 22.31 -13.38 8.93
CA ALA O 28 22.16 -14.83 9.01
C ALA O 28 20.77 -15.25 9.47
N ALA O 29 20.15 -14.47 10.36
CA ALA O 29 18.82 -14.80 10.83
C ALA O 29 17.77 -14.60 9.74
N TYR O 30 17.91 -13.53 8.94
CA TYR O 30 16.98 -13.33 7.83
C TYR O 30 17.12 -14.43 6.79
N GLY O 31 18.36 -14.81 6.46
CA GLY O 31 18.58 -15.87 5.49
C GLY O 31 18.05 -17.21 5.96
N THR O 32 18.31 -17.55 7.22
CA THR O 32 17.83 -18.81 7.79
C THR O 32 16.31 -18.84 7.86
N ALA O 33 15.67 -17.73 8.25
CA ALA O 33 14.22 -17.70 8.39
C ALA O 33 13.52 -17.81 7.04
N LYS O 34 13.96 -17.02 6.05
CA LYS O 34 13.32 -17.06 4.74
C LYS O 34 13.53 -18.41 4.05
N SER O 35 14.77 -18.93 4.07
CA SER O 35 15.04 -20.22 3.46
C SER O 35 14.33 -21.35 4.19
N GLY O 36 14.18 -21.27 5.51
CA GLY O 36 13.49 -22.32 6.25
C GLY O 36 12.00 -22.34 5.99
N VAL O 37 11.39 -21.17 5.81
CA VAL O 37 9.99 -21.13 5.39
C VAL O 37 9.83 -21.73 4.00
N GLY O 38 10.80 -21.47 3.11
CA GLY O 38 10.75 -22.09 1.79
C GLY O 38 10.90 -23.61 1.82
N ILE O 39 11.80 -24.11 2.67
CA ILE O 39 12.00 -25.56 2.81
C ILE O 39 10.77 -26.23 3.41
N CYS O 40 10.19 -25.63 4.44
CA CYS O 40 9.04 -26.24 5.09
C CYS O 40 7.79 -26.19 4.21
N ALA O 41 7.69 -25.20 3.33
CA ALA O 41 6.59 -25.21 2.37
C ALA O 41 6.83 -26.20 1.24
N THR O 42 8.09 -26.39 0.85
CA THR O 42 8.40 -27.29 -0.27
C THR O 42 8.29 -28.75 0.12
N CYS O 43 8.90 -29.13 1.23
CA CYS O 43 9.15 -30.53 1.54
C CYS O 43 7.97 -31.24 2.19
N VAL O 44 6.75 -30.70 2.06
CA VAL O 44 5.56 -31.46 2.41
C VAL O 44 5.29 -32.50 1.33
N LEU O 45 5.50 -32.13 0.07
CA LEU O 45 5.27 -33.01 -1.07
C LEU O 45 6.48 -33.88 -1.40
N ARG O 46 7.68 -33.31 -1.36
CA ARG O 46 8.92 -34.05 -1.59
C ARG O 46 9.74 -34.09 -0.32
N PRO O 47 9.50 -35.05 0.57
CA PRO O 47 10.33 -35.18 1.77
C PRO O 47 11.71 -35.76 1.47
N ASP O 48 11.90 -36.35 0.29
CA ASP O 48 13.20 -36.86 -0.11
C ASP O 48 14.17 -35.77 -0.55
N LEU O 49 13.68 -34.56 -0.82
CA LEU O 49 14.53 -33.42 -1.16
C LEU O 49 14.83 -32.56 0.06
N LEU O 50 14.65 -33.10 1.27
CA LEU O 50 14.76 -32.29 2.47
C LEU O 50 16.21 -31.97 2.80
N PHE O 51 17.09 -32.96 2.73
CA PHE O 51 18.49 -32.76 3.06
C PHE O 51 19.30 -32.28 1.88
N LYS O 52 18.68 -32.20 0.70
CA LYS O 52 19.31 -31.60 -0.46
C LYS O 52 19.13 -30.10 -0.47
N ASN O 53 18.00 -29.60 0.06
CA ASN O 53 17.67 -28.18 0.05
C ASN O 53 18.22 -27.44 1.25
N ILE O 54 19.11 -28.05 2.04
CA ILE O 54 19.56 -27.44 3.29
C ILE O 54 20.68 -26.45 3.07
N VAL O 55 21.17 -26.34 1.84
CA VAL O 55 22.30 -25.48 1.43
C VAL O 55 22.16 -23.99 1.73
N PRO O 56 21.02 -23.31 1.49
CA PRO O 56 20.96 -21.87 1.83
C PRO O 56 21.07 -21.57 3.32
N VAL O 57 20.65 -22.49 4.18
CA VAL O 57 20.77 -22.29 5.62
C VAL O 57 22.24 -22.35 6.04
N ILE O 58 23.01 -23.25 5.43
CA ILE O 58 24.43 -23.35 5.71
C ILE O 58 25.19 -22.14 5.19
N MET O 59 24.85 -21.69 3.97
CA MET O 59 25.47 -20.48 3.44
C MET O 59 25.04 -19.23 4.17
N ALA O 60 23.92 -19.26 4.90
CA ALA O 60 23.61 -18.17 5.80
C ALA O 60 24.42 -18.26 7.10
N GLY O 61 24.69 -19.46 7.59
CA GLY O 61 25.48 -19.60 8.82
C GLY O 61 26.94 -19.22 8.65
N ILE O 62 27.48 -19.36 7.43
CA ILE O 62 28.87 -18.98 7.17
C ILE O 62 29.09 -17.47 7.39
N ILE O 63 28.05 -16.65 7.16
CA ILE O 63 28.14 -15.21 7.39
C ILE O 63 28.30 -14.90 8.88
N ALA O 64 27.56 -15.60 9.73
CA ALA O 64 27.72 -15.43 11.17
C ALA O 64 29.09 -15.90 11.64
N ILE O 65 29.65 -16.91 10.98
CA ILE O 65 31.02 -17.32 11.28
C ILE O 65 32.02 -16.22 10.91
N TYR O 66 31.79 -15.52 9.79
CA TYR O 66 32.63 -14.38 9.39
C TYR O 66 32.60 -13.28 10.46
N GLY O 67 31.40 -12.95 10.92
CA GLY O 67 31.28 -11.93 11.97
C GLY O 67 31.93 -12.34 13.27
N LEU O 68 31.86 -13.63 13.61
CA LEU O 68 32.51 -14.14 14.82
C LEU O 68 34.04 -14.03 14.71
N VAL O 69 34.58 -14.31 13.53
CA VAL O 69 36.03 -14.19 13.30
C VAL O 69 36.49 -12.75 13.49
N VAL O 70 35.76 -11.80 12.88
CA VAL O 70 36.18 -10.41 12.99
C VAL O 70 35.99 -9.88 14.43
N SER O 71 34.95 -10.34 15.13
CA SER O 71 34.75 -9.88 16.50
C SER O 71 35.84 -10.39 17.44
N VAL O 72 36.28 -11.65 17.26
CA VAL O 72 37.38 -12.16 18.09
C VAL O 72 38.68 -11.42 17.78
N LEU O 73 38.97 -11.17 16.50
CA LEU O 73 40.22 -10.49 16.17
C LEU O 73 40.23 -9.03 16.59
N VAL O 74 39.08 -8.36 16.59
CA VAL O 74 39.02 -7.00 17.14
C VAL O 74 39.13 -7.02 18.66
N CYS O 75 38.46 -8.00 19.30
CA CYS O 75 38.41 -8.08 20.75
C CYS O 75 39.78 -8.34 21.38
N TYR O 76 40.65 -9.04 20.68
CA TYR O 76 42.01 -9.23 21.19
C TYR O 76 42.96 -8.09 20.83
N SER O 77 42.45 -6.89 20.59
CA SER O 77 43.28 -5.71 20.39
C SER O 77 42.81 -4.51 21.20
N LEU O 78 41.76 -4.64 21.99
CA LEU O 78 41.32 -3.56 22.86
C LEU O 78 42.32 -3.33 23.98
N GLY O 79 42.34 -2.10 24.48
CA GLY O 79 43.20 -1.75 25.59
C GLY O 79 42.72 -0.45 26.20
N GLN O 80 43.16 -0.21 27.43
CA GLN O 80 42.74 1.01 28.12
C GLN O 80 43.45 2.24 27.56
N LYS O 81 44.67 2.08 27.09
CA LYS O 81 45.52 3.19 26.69
C LYS O 81 45.84 3.15 25.20
N GLN O 82 44.83 2.88 24.39
CA GLN O 82 45.03 2.86 22.95
C GLN O 82 44.71 4.24 22.36
N ALA O 83 45.04 4.40 21.08
CA ALA O 83 44.87 5.67 20.40
C ALA O 83 43.48 5.78 19.79
N LEU O 84 43.16 6.96 19.27
CA LEU O 84 41.94 7.10 18.47
C LEU O 84 42.07 6.44 17.11
N TYR O 85 43.30 6.36 16.60
CA TYR O 85 43.52 5.69 15.32
C TYR O 85 43.11 4.23 15.37
N THR O 86 43.45 3.54 16.45
CA THR O 86 43.09 2.14 16.61
C THR O 86 41.59 1.97 16.75
N GLY O 87 40.93 2.86 17.50
CA GLY O 87 39.49 2.76 17.67
C GLY O 87 38.72 3.05 16.39
N PHE O 88 39.21 4.00 15.60
CA PHE O 88 38.58 4.30 14.30
C PHE O 88 38.75 3.15 13.32
N ILE O 89 39.93 2.52 13.31
CA ILE O 89 40.16 1.36 12.45
C ILE O 89 39.28 0.19 12.86
N GLN O 90 39.13 -0.05 14.17
CA GLN O 90 38.30 -1.15 14.65
C GLN O 90 36.81 -0.90 14.35
N LEU O 91 36.36 0.35 14.48
CA LEU O 91 34.98 0.69 14.15
C LEU O 91 34.71 0.53 12.65
N GLY O 92 35.67 0.93 11.81
CA GLY O 92 35.51 0.76 10.38
C GLY O 92 35.48 -0.70 9.95
N ALA O 93 36.33 -1.53 10.56
CA ALA O 93 36.35 -2.95 10.25
C ALA O 93 35.05 -3.64 10.67
N GLY O 94 34.53 -3.27 11.86
CA GLY O 94 33.26 -3.84 12.31
C GLY O 94 32.10 -3.45 11.42
N LEU O 95 32.02 -2.17 11.04
CA LEU O 95 30.93 -1.73 10.16
C LEU O 95 31.02 -2.37 8.78
N SER O 96 32.25 -2.53 8.25
CA SER O 96 32.45 -3.16 6.96
C SER O 96 31.91 -4.59 6.94
N VAL O 97 32.40 -5.43 7.87
CA VAL O 97 31.98 -6.83 7.84
C VAL O 97 30.52 -6.98 8.23
N GLY O 98 30.00 -6.09 9.09
CA GLY O 98 28.62 -6.23 9.52
C GLY O 98 27.63 -5.89 8.43
N LEU O 99 27.83 -4.76 7.76
CA LEU O 99 26.84 -4.38 6.75
C LEU O 99 27.00 -5.20 5.46
N SER O 100 28.22 -5.65 5.15
CA SER O 100 28.37 -6.58 4.04
C SER O 100 27.69 -7.92 4.33
N GLY O 101 27.81 -8.42 5.56
CA GLY O 101 27.11 -9.65 5.91
C GLY O 101 25.60 -9.49 5.95
N LEU O 102 25.12 -8.30 6.30
CA LEU O 102 23.67 -8.05 6.29
C LEU O 102 23.11 -8.09 4.86
N ALA O 103 23.81 -7.43 3.92
CA ALA O 103 23.37 -7.46 2.53
C ALA O 103 23.45 -8.87 1.93
N ALA O 104 24.53 -9.59 2.22
CA ALA O 104 24.66 -10.96 1.74
C ALA O 104 23.61 -11.88 2.33
N GLY O 105 23.23 -11.66 3.59
CA GLY O 105 22.19 -12.48 4.19
C GLY O 105 20.82 -12.24 3.60
N PHE O 106 20.50 -10.98 3.28
CA PHE O 106 19.23 -10.69 2.61
C PHE O 106 19.16 -11.35 1.23
N ALA O 107 20.26 -11.26 0.47
CA ALA O 107 20.28 -11.88 -0.86
C ALA O 107 20.19 -13.40 -0.79
N ILE O 108 20.90 -14.02 0.17
CA ILE O 108 20.87 -15.47 0.32
C ILE O 108 19.47 -15.94 0.72
N GLY O 109 18.79 -15.20 1.59
CA GLY O 109 17.45 -15.57 1.99
C GLY O 109 16.45 -15.54 0.84
N ILE O 110 16.45 -14.45 0.08
CA ILE O 110 15.47 -14.32 -1.01
C ILE O 110 15.75 -15.31 -2.14
N VAL O 111 17.02 -15.45 -2.54
CA VAL O 111 17.36 -16.37 -3.61
C VAL O 111 17.16 -17.82 -3.18
N GLY O 112 17.41 -18.14 -1.91
CA GLY O 112 17.22 -19.51 -1.45
C GLY O 112 15.77 -19.91 -1.37
N ASP O 113 14.90 -18.99 -0.94
CA ASP O 113 13.45 -19.25 -0.96
C ASP O 113 12.95 -19.51 -2.37
N ALA O 114 13.29 -18.61 -3.31
CA ALA O 114 12.83 -18.77 -4.69
C ALA O 114 13.42 -20.02 -5.33
N GLY O 115 14.66 -20.36 -5.00
CA GLY O 115 15.31 -21.48 -5.64
C GLY O 115 14.81 -22.82 -5.14
N VAL O 116 14.51 -22.93 -3.84
CA VAL O 116 13.94 -24.15 -3.32
C VAL O 116 12.53 -24.37 -3.87
N ARG O 117 11.71 -23.32 -3.88
CA ARG O 117 10.35 -23.44 -4.43
C ARG O 117 10.36 -23.74 -5.91
N GLY O 118 11.36 -23.25 -6.65
CA GLY O 118 11.44 -23.58 -8.07
C GLY O 118 12.00 -24.94 -8.35
N SER O 119 12.98 -25.39 -7.56
CA SER O 119 13.61 -26.68 -7.74
C SER O 119 12.78 -27.82 -7.21
N SER O 120 11.66 -27.55 -6.52
CA SER O 120 10.73 -28.62 -6.20
C SER O 120 10.11 -29.25 -7.44
N GLN O 121 9.98 -28.49 -8.52
CA GLN O 121 9.33 -28.96 -9.74
C GLN O 121 10.20 -28.85 -10.97
N GLN O 122 11.49 -28.62 -10.80
CA GLN O 122 12.46 -28.60 -11.91
C GLN O 122 13.80 -29.01 -11.34
N PRO O 123 14.22 -30.25 -11.60
CA PRO O 123 15.47 -30.74 -10.99
C PRO O 123 16.74 -30.13 -11.54
N ARG O 124 16.68 -29.41 -12.66
CA ARG O 124 17.88 -28.80 -13.22
C ARG O 124 18.16 -27.42 -12.66
N LEU O 125 17.29 -26.90 -11.80
CA LEU O 125 17.43 -25.55 -11.29
C LEU O 125 18.28 -25.49 -10.03
N PHE O 126 18.62 -26.65 -9.47
CA PHE O 126 19.38 -26.70 -8.22
C PHE O 126 20.81 -26.18 -8.39
N VAL O 127 21.45 -26.51 -9.51
CA VAL O 127 22.79 -26.02 -9.74
C VAL O 127 22.80 -24.52 -10.07
N GLY O 128 21.74 -24.02 -10.69
CA GLY O 128 21.63 -22.57 -10.88
C GLY O 128 21.40 -21.83 -9.59
N MET O 129 20.63 -22.43 -8.68
CA MET O 129 20.49 -21.90 -7.33
C MET O 129 21.82 -21.85 -6.60
N ILE O 130 22.65 -22.89 -6.75
CA ILE O 130 23.95 -22.91 -6.09
C ILE O 130 24.87 -21.83 -6.66
N LEU O 131 24.84 -21.62 -7.98
CA LEU O 131 25.64 -20.56 -8.59
C LEU O 131 25.25 -19.17 -8.10
N ILE O 132 23.95 -18.89 -8.07
CA ILE O 132 23.52 -17.56 -7.61
C ILE O 132 23.80 -17.39 -6.11
N LEU O 133 23.71 -18.46 -5.32
CA LEU O 133 24.03 -18.35 -3.90
C LEU O 133 25.52 -18.16 -3.65
N ILE O 134 26.37 -18.70 -4.51
CA ILE O 134 27.80 -18.44 -4.38
C ILE O 134 28.11 -16.98 -4.72
N PHE O 135 27.43 -16.44 -5.74
CA PHE O 135 27.56 -15.01 -6.01
C PHE O 135 27.02 -14.13 -4.88
N ALA O 136 26.07 -14.64 -4.09
CA ALA O 136 25.65 -13.90 -2.91
C ALA O 136 26.55 -14.10 -1.72
N GLU O 137 27.36 -15.15 -1.72
CA GLU O 137 28.25 -15.46 -0.57
C GLU O 137 29.56 -14.67 -0.69
N VAL O 138 30.03 -14.34 -1.89
CA VAL O 138 31.28 -13.59 -2.02
C VAL O 138 31.19 -12.14 -1.57
N LEU O 139 29.99 -11.60 -1.40
CA LEU O 139 29.85 -10.24 -0.88
C LEU O 139 30.26 -10.15 0.59
N GLY O 140 29.76 -11.07 1.41
CA GLY O 140 30.24 -11.16 2.77
C GLY O 140 31.70 -11.53 2.86
N LEU O 141 32.19 -12.30 1.88
CA LEU O 141 33.62 -12.59 1.82
C LEU O 141 34.44 -11.32 1.56
N TYR O 142 33.94 -10.43 0.70
CA TYR O 142 34.63 -9.16 0.42
C TYR O 142 34.64 -8.26 1.65
N GLY O 143 33.53 -8.23 2.38
CA GLY O 143 33.51 -7.50 3.64
C GLY O 143 34.49 -8.04 4.66
N LEU O 144 34.62 -9.37 4.72
CA LEU O 144 35.62 -10.00 5.59
C LEU O 144 37.04 -9.61 5.19
N ILE O 145 37.32 -9.53 3.89
CA ILE O 145 38.65 -9.17 3.42
C ILE O 145 38.99 -7.73 3.78
N VAL O 146 38.03 -6.81 3.58
CA VAL O 146 38.26 -5.41 3.92
C VAL O 146 38.46 -5.24 5.42
N ALA O 147 37.71 -6.00 6.23
CA ALA O 147 37.88 -5.94 7.69
C ALA O 147 39.24 -6.47 8.13
N LEU O 148 39.73 -7.54 7.50
CA LEU O 148 41.05 -8.06 7.85
C LEU O 148 42.16 -7.11 7.43
N LEU O 149 42.04 -6.49 6.26
CA LEU O 149 43.06 -5.53 5.83
C LEU O 149 43.06 -4.25 6.66
N LEU O 150 41.89 -3.84 7.19
CA LEU O 150 41.90 -2.75 8.15
C LEU O 150 42.56 -3.17 9.45
N ASN O 151 42.18 -4.34 9.98
CA ASN O 151 42.65 -4.78 11.29
C ASN O 151 44.16 -5.07 11.30
N SER O 152 44.73 -5.38 10.14
CA SER O 152 46.17 -5.58 10.09
C SER O 152 46.96 -4.29 10.22
N ARG O 153 46.32 -3.13 10.14
CA ARG O 153 46.99 -1.84 10.23
C ARG O 153 46.63 -1.08 11.50
N ALA O 154 45.92 -1.71 12.43
CA ALA O 154 45.42 -0.99 13.60
C ALA O 154 46.52 -0.66 14.61
N THR O 155 47.62 -1.40 14.58
CA THR O 155 48.66 -1.22 15.58
C THR O 155 50.06 -1.09 14.98
N GLN O 156 50.18 -1.04 13.65
CA GLN O 156 51.46 -0.72 13.04
C GLN O 156 51.81 0.73 13.32
N ASP O 157 53.04 0.94 13.80
CA ASP O 157 53.72 2.17 14.21
C ASP O 157 52.81 3.24 14.82
N VAL O 158 51.99 2.84 15.78
CA VAL O 158 51.12 3.75 16.51
C VAL O 158 51.80 4.15 17.81
N VAL O 159 51.92 5.45 18.04
CA VAL O 159 52.51 5.96 19.27
C VAL O 159 51.43 6.66 20.10
N ALA P 71 -62.53 3.60 6.61
CA ALA P 71 -63.92 3.15 6.62
C ALA P 71 -64.82 4.18 7.29
N SER P 72 -64.20 5.16 7.96
CA SER P 72 -64.95 6.18 8.67
C SER P 72 -64.44 7.60 8.45
N VAL P 73 -63.25 7.78 7.88
CA VAL P 73 -62.70 9.12 7.68
C VAL P 73 -61.84 9.14 6.44
N SER P 74 -61.97 10.21 5.64
CA SER P 74 -61.15 10.42 4.46
C SER P 74 -61.08 11.92 4.20
N GLU P 75 -59.97 12.54 4.59
CA GLU P 75 -59.78 13.96 4.43
C GLU P 75 -59.00 14.23 3.15
N GLY P 76 -58.65 15.50 2.92
CA GLY P 76 -57.90 15.90 1.73
C GLY P 76 -57.15 17.19 2.05
N VAL P 77 -56.42 17.69 1.05
CA VAL P 77 -55.74 18.98 1.17
C VAL P 77 -55.85 19.80 -0.11
N LEU P 78 -56.88 19.55 -0.93
CA LEU P 78 -57.03 20.24 -2.21
C LEU P 78 -57.65 21.61 -1.98
N ARG P 79 -56.81 22.64 -1.99
CA ARG P 79 -57.26 24.03 -1.89
C ARG P 79 -57.57 24.63 -3.24
N LYS P 80 -57.54 23.83 -4.31
CA LYS P 80 -57.85 24.31 -5.66
C LYS P 80 -59.16 23.74 -6.20
N LYS P 81 -59.78 22.79 -5.51
CA LYS P 81 -61.05 22.24 -5.96
C LYS P 81 -62.20 23.19 -5.68
N TYR P 82 -62.19 23.82 -4.50
CA TYR P 82 -63.21 24.79 -4.13
C TYR P 82 -62.56 26.14 -3.84
N THR P 83 -61.69 26.58 -4.73
CA THR P 83 -60.90 27.80 -4.52
C THR P 83 -61.70 29.08 -4.71
N LYS P 84 -62.97 29.00 -5.12
CA LYS P 84 -63.79 30.20 -5.26
C LYS P 84 -64.15 30.78 -3.90
N PHE P 85 -64.22 29.95 -2.86
CA PHE P 85 -64.53 30.43 -1.52
C PHE P 85 -63.34 31.11 -0.86
N PHE P 86 -62.13 30.93 -1.39
CA PHE P 86 -60.93 31.53 -0.82
C PHE P 86 -60.22 32.45 -1.79
N GLN P 87 -60.82 32.75 -2.94
CA GLN P 87 -60.17 33.60 -3.93
C GLN P 87 -60.26 35.07 -3.53
N GLU P 88 -61.47 35.60 -3.38
CA GLU P 88 -61.66 36.99 -3.01
C GLU P 88 -61.32 37.21 -1.54
N ASN P 89 -61.14 38.47 -1.18
CA ASN P 89 -60.79 38.84 0.19
C ASN P 89 -62.06 38.96 1.04
N ILE P 90 -62.63 37.80 1.35
CA ILE P 90 -63.80 37.70 2.20
C ILE P 90 -63.36 37.89 3.65
N LYS P 91 -63.73 39.03 4.24
CA LYS P 91 -63.31 39.37 5.60
C LYS P 91 -64.49 39.67 6.51
N THR P 92 -65.67 39.16 6.20
CA THR P 92 -66.86 39.42 7.00
C THR P 92 -67.59 38.11 7.26
N HIS P 93 -67.89 37.84 8.53
CA HIS P 93 -68.70 36.68 8.88
C HIS P 93 -70.14 36.87 8.41
N LEU P 94 -70.68 38.07 8.57
CA LEU P 94 -71.95 38.40 7.95
C LEU P 94 -71.78 38.52 6.44
N ASP P 95 -72.89 38.34 5.72
CA ASP P 95 -72.95 38.31 4.25
C ASP P 95 -71.99 37.28 3.65
N LEU P 96 -71.77 36.17 4.34
CA LEU P 96 -70.98 35.07 3.83
C LEU P 96 -71.81 33.83 3.57
N LYS P 97 -73.01 33.73 4.15
CA LYS P 97 -73.87 32.58 3.92
C LYS P 97 -74.42 32.57 2.50
N GLN P 98 -74.63 33.75 1.91
CA GLN P 98 -75.04 33.81 0.51
C GLN P 98 -73.90 33.42 -0.41
N ALA P 99 -72.67 33.76 -0.04
CA ALA P 99 -71.50 33.33 -0.81
C ALA P 99 -71.15 31.88 -0.54
N LEU P 100 -71.58 31.32 0.59
CA LEU P 100 -71.31 29.91 0.87
C LEU P 100 -72.33 28.97 0.26
N LEU P 101 -73.47 29.48 -0.22
CA LEU P 101 -74.46 28.66 -0.90
C LEU P 101 -73.89 28.09 -2.19
N LYS P 102 -73.63 28.97 -3.17
CA LYS P 102 -72.88 28.69 -4.40
C LYS P 102 -73.46 27.55 -5.25
N GLU P 103 -74.69 27.14 -5.01
CA GLU P 103 -75.30 25.98 -5.66
C GLU P 103 -76.81 26.08 -5.51
N GLU P 104 -77.49 24.99 -5.83
CA GLU P 104 -78.93 24.87 -5.61
C GLU P 104 -79.27 24.21 -4.27
N LYS P 105 -78.29 24.10 -3.37
CA LYS P 105 -78.49 23.53 -2.05
C LYS P 105 -78.42 24.65 -1.00
N PRO P 106 -79.42 24.71 -0.14
CA PRO P 106 -79.54 25.79 0.84
C PRO P 106 -79.48 25.29 2.28
N GLU P 107 -80.24 24.24 2.60
CA GLU P 107 -80.32 23.77 3.98
C GLU P 107 -79.06 23.04 4.43
N THR P 108 -78.29 22.47 3.50
CA THR P 108 -77.06 21.80 3.87
C THR P 108 -75.84 22.69 3.76
N ALA P 109 -75.93 23.82 3.07
CA ALA P 109 -74.85 24.80 3.08
C ALA P 109 -74.87 25.66 4.33
N LEU P 110 -76.02 25.75 5.00
CA LEU P 110 -76.10 26.43 6.29
C LEU P 110 -75.48 25.58 7.40
N LEU P 111 -75.39 24.27 7.20
CA LEU P 111 -74.86 23.40 8.25
C LEU P 111 -73.34 23.53 8.34
N ALA P 112 -72.68 23.73 7.21
CA ALA P 112 -71.24 24.02 7.22
C ALA P 112 -70.94 25.43 7.73
N TYR P 113 -71.91 26.33 7.66
CA TYR P 113 -71.75 27.67 8.22
C TYR P 113 -72.00 27.69 9.72
N SER P 114 -72.59 26.63 10.26
CA SER P 114 -72.93 26.58 11.68
C SER P 114 -71.71 26.40 12.58
N LEU P 115 -70.52 26.18 12.01
CA LEU P 115 -69.32 26.00 12.81
C LEU P 115 -68.86 27.32 13.42
N VAL P 116 -68.96 28.43 12.68
CA VAL P 116 -68.45 29.71 13.10
C VAL P 116 -69.54 30.74 13.35
N SER P 117 -70.81 30.37 13.17
CA SER P 117 -71.90 31.34 13.26
C SER P 117 -72.31 31.80 14.67
N PRO P 118 -72.30 30.98 15.74
CA PRO P 118 -72.59 31.57 17.07
C PRO P 118 -71.46 32.42 17.61
N SER P 119 -70.24 32.26 17.12
CA SER P 119 -69.12 33.11 17.50
C SER P 119 -68.74 34.10 16.40
N GLY P 120 -69.62 34.28 15.41
CA GLY P 120 -69.33 35.15 14.29
C GLY P 120 -69.47 36.63 14.58
N TYR P 121 -70.01 37.00 15.73
CA TYR P 121 -70.17 38.42 16.03
C TYR P 121 -69.61 38.82 17.39
N ARG P 122 -69.75 37.97 18.41
CA ARG P 122 -69.41 38.36 19.78
C ARG P 122 -68.01 37.89 20.12
N GLY P 123 -67.19 38.83 20.62
CA GLY P 123 -65.86 38.57 21.15
C GLY P 123 -64.87 37.81 20.29
N GLU P 124 -64.42 38.41 19.18
CA GLU P 124 -63.38 37.79 18.38
C GLU P 124 -62.59 38.89 17.68
N PRO P 125 -61.30 38.66 17.39
CA PRO P 125 -60.56 39.62 16.57
C PRO P 125 -60.68 39.31 15.07
N LEU P 126 -61.17 40.29 14.30
CA LEU P 126 -61.09 40.39 12.84
C LEU P 126 -61.99 39.39 12.10
N THR P 127 -62.55 38.43 12.84
CA THR P 127 -63.71 37.57 12.60
C THR P 127 -63.53 36.57 11.46
N GLU P 128 -62.46 36.70 10.68
CA GLU P 128 -62.15 35.74 9.62
C GLU P 128 -60.63 35.60 9.62
N ARG P 129 -60.13 34.67 10.42
CA ARG P 129 -58.73 34.30 10.34
C ARG P 129 -58.59 33.25 9.24
N LYS P 130 -57.39 33.16 8.68
CA LYS P 130 -57.17 32.42 7.44
C LYS P 130 -57.32 30.92 7.60
N ILE P 131 -57.30 30.39 8.82
CA ILE P 131 -57.57 28.98 9.07
C ILE P 131 -59.02 28.72 9.43
N LEU P 132 -59.81 29.76 9.72
CA LEU P 132 -61.22 29.58 10.02
C LEU P 132 -62.07 29.34 8.79
N GLU P 133 -61.55 29.55 7.59
CA GLU P 133 -62.30 29.18 6.39
C GLU P 133 -62.01 27.76 5.96
N VAL P 134 -60.77 27.30 6.12
CA VAL P 134 -60.43 25.96 5.69
C VAL P 134 -61.02 24.92 6.64
N VAL P 135 -61.34 25.32 7.87
CA VAL P 135 -62.09 24.44 8.75
C VAL P 135 -63.59 24.51 8.42
N SER P 136 -64.00 25.51 7.66
CA SER P 136 -65.39 25.65 7.22
C SER P 136 -65.59 25.24 5.77
N LEU P 137 -64.56 25.35 4.93
CA LEU P 137 -64.65 24.85 3.56
C LEU P 137 -64.59 23.33 3.55
N LEU P 138 -63.64 22.75 4.27
CA LEU P 138 -63.45 21.31 4.30
C LEU P 138 -64.34 20.63 5.34
N ASP P 139 -65.33 21.33 5.88
CA ASP P 139 -66.44 20.72 6.61
C ASP P 139 -67.34 20.08 5.55
N GLU P 140 -66.96 18.89 5.12
CA GLU P 140 -67.57 18.26 3.95
C GLU P 140 -68.86 17.58 4.39
N VAL P 141 -69.97 18.28 4.18
CA VAL P 141 -71.28 17.71 4.43
C VAL P 141 -72.01 17.42 3.12
N LYS P 142 -71.30 17.52 1.99
CA LYS P 142 -71.92 17.42 0.67
C LYS P 142 -72.36 16.00 0.35
N VAL P 143 -71.54 15.01 0.70
CA VAL P 143 -71.90 13.61 0.47
C VAL P 143 -72.73 13.09 1.63
N ASP P 144 -72.20 13.18 2.85
CA ASP P 144 -72.85 12.65 4.04
C ASP P 144 -73.31 13.80 4.92
N GLY P 145 -74.55 13.74 5.38
CA GLY P 145 -75.09 14.75 6.27
C GLY P 145 -75.63 14.16 7.55
N ASP P 146 -75.17 12.95 7.89
CA ASP P 146 -75.68 12.22 9.04
C ASP P 146 -74.70 12.12 10.19
N THR P 147 -73.42 11.85 9.90
CA THR P 147 -72.46 11.65 10.98
C THR P 147 -72.07 12.97 11.64
N TYR P 148 -71.97 14.05 10.86
CA TYR P 148 -71.67 15.34 11.46
C TYR P 148 -72.88 15.93 12.17
N GLN P 149 -74.09 15.65 11.67
CA GLN P 149 -75.29 16.12 12.34
C GLN P 149 -75.49 15.43 13.69
N GLN P 150 -75.13 14.14 13.77
CA GLN P 150 -75.18 13.42 15.03
C GLN P 150 -74.17 13.98 16.03
N LEU P 151 -73.01 14.42 15.54
CA LEU P 151 -72.07 15.11 16.41
C LEU P 151 -72.55 16.51 16.77
N LYS P 152 -73.32 17.15 15.89
CA LYS P 152 -73.86 18.46 16.21
C LYS P 152 -75.12 18.36 17.06
N ASN P 153 -75.86 17.26 16.98
CA ASN P 153 -76.94 17.05 17.94
C ASN P 153 -76.42 16.73 19.33
N THR P 154 -75.19 16.23 19.45
CA THR P 154 -74.64 15.82 20.73
C THR P 154 -73.90 16.95 21.42
N PHE P 155 -73.02 17.65 20.70
CA PHE P 155 -72.48 18.90 21.20
C PHE P 155 -73.58 19.96 21.21
N ASP P 156 -73.49 20.88 22.18
CA ASP P 156 -74.49 21.88 22.61
C ASP P 156 -75.71 21.25 23.28
N SER P 157 -75.79 19.92 23.29
CA SER P 157 -76.60 19.17 24.23
C SER P 157 -75.77 18.66 25.39
N ILE P 158 -74.46 18.50 25.15
CA ILE P 158 -73.51 18.25 26.22
C ILE P 158 -73.17 19.54 26.95
N SER P 159 -73.45 20.69 26.35
CA SER P 159 -73.05 21.99 26.89
C SER P 159 -74.15 22.61 27.75
N LYS P 160 -74.64 21.85 28.70
CA LYS P 160 -75.71 22.35 29.55
C LYS P 160 -75.44 22.19 31.04
N ASP P 161 -74.80 21.09 31.44
CA ASP P 161 -74.51 20.86 32.85
C ASP P 161 -73.29 21.63 33.31
N PRO P 162 -73.19 21.93 34.61
CA PRO P 162 -71.93 22.48 35.14
C PRO P 162 -70.79 21.48 35.13
N ARG P 163 -71.09 20.18 35.00
CA ARG P 163 -70.06 19.15 35.07
C ARG P 163 -69.12 19.22 33.87
N MET P 164 -69.64 19.59 32.71
CA MET P 164 -68.76 19.91 31.59
C MET P 164 -68.04 21.23 31.82
N GLN P 165 -68.69 22.17 32.48
CA GLN P 165 -68.11 23.49 32.68
C GLN P 165 -67.03 23.50 33.76
N VAL P 166 -67.17 22.67 34.80
CA VAL P 166 -66.10 22.58 35.79
C VAL P 166 -64.92 21.77 35.26
N SER P 167 -65.11 20.98 34.21
CA SER P 167 -63.98 20.37 33.54
C SER P 167 -63.27 21.37 32.65
N LEU P 168 -63.99 22.36 32.13
CA LEU P 168 -63.43 23.45 31.34
C LEU P 168 -62.97 24.62 32.21
N GLU P 169 -62.72 24.37 33.49
CA GLU P 169 -62.08 25.35 34.36
C GLU P 169 -60.88 24.78 35.10
N ASN P 170 -60.66 23.46 35.05
CA ASN P 170 -59.49 22.86 35.67
C ASN P 170 -58.27 22.91 34.76
N GLN P 171 -58.47 22.90 33.45
CA GLN P 171 -57.38 22.99 32.49
C GLN P 171 -57.03 24.43 32.15
N TYR P 172 -57.67 25.40 32.79
CA TYR P 172 -57.56 26.81 32.47
C TYR P 172 -57.29 27.64 33.71
N PRO P 173 -56.75 28.83 33.56
CA PRO P 173 -56.91 29.86 34.59
C PRO P 173 -58.28 30.51 34.48
N GLY P 174 -58.51 31.59 35.23
CA GLY P 174 -59.78 32.30 35.16
C GLY P 174 -60.06 32.91 33.80
N LYS P 175 -61.00 32.31 33.07
CA LYS P 175 -61.35 32.78 31.72
C LYS P 175 -62.85 33.00 31.59
N GLY P 206 -23.30 28.91 37.34
CA GLY P 206 -23.34 28.31 38.65
C GLY P 206 -24.18 27.04 38.69
N VAL P 207 -24.56 26.62 39.89
CA VAL P 207 -25.41 25.44 40.03
C VAL P 207 -26.85 25.72 39.63
N GLY P 208 -27.29 26.98 39.67
CA GLY P 208 -28.63 27.32 39.24
C GLY P 208 -28.83 27.27 37.75
N LEU P 209 -27.76 27.23 36.97
CA LEU P 209 -27.88 27.04 35.53
C LEU P 209 -28.01 25.57 35.18
N LEU P 210 -27.45 24.67 36.01
CA LEU P 210 -27.64 23.25 35.79
C LEU P 210 -29.05 22.80 36.18
N VAL P 211 -29.69 23.52 37.10
CA VAL P 211 -31.05 23.16 37.49
C VAL P 211 -32.06 23.60 36.44
N ALA P 212 -31.96 24.85 35.99
CA ALA P 212 -32.92 25.40 35.04
C ALA P 212 -32.78 24.78 33.65
N THR P 213 -31.61 24.22 33.32
CA THR P 213 -31.48 23.47 32.08
C THR P 213 -32.12 22.09 32.20
N GLY P 214 -31.96 21.44 33.35
CA GLY P 214 -32.57 20.13 33.56
C GLY P 214 -34.07 20.16 33.69
N ARG P 215 -34.65 21.29 34.12
CA ARG P 215 -36.10 21.44 34.14
C ARG P 215 -36.68 21.53 32.74
N GLU P 216 -35.89 21.92 31.75
CA GLU P 216 -36.36 22.06 30.38
C GLU P 216 -35.86 20.96 29.45
N LEU P 217 -34.88 20.16 29.87
CA LEU P 217 -34.63 18.91 29.20
C LEU P 217 -35.57 17.81 29.67
N HIS P 218 -36.15 17.97 30.86
CA HIS P 218 -37.23 17.09 31.27
C HIS P 218 -38.49 17.40 30.50
N LYS P 219 -38.72 18.69 30.21
CA LYS P 219 -39.91 19.10 29.45
C LYS P 219 -39.83 18.64 28.01
N ALA P 220 -38.64 18.59 27.43
CA ALA P 220 -38.50 18.18 26.04
C ALA P 220 -38.56 16.67 25.86
N SER P 221 -38.38 15.89 26.93
CA SER P 221 -38.36 14.44 26.82
C SER P 221 -39.69 13.80 27.20
N VAL P 222 -40.42 14.40 28.14
CA VAL P 222 -41.76 13.92 28.46
C VAL P 222 -42.72 14.17 27.31
N ASN P 223 -42.63 15.34 26.71
CA ASN P 223 -43.49 15.68 25.58
C ASN P 223 -43.03 15.04 24.28
N GLY P 224 -41.79 14.55 24.23
CA GLY P 224 -41.36 13.79 23.07
C GLY P 224 -41.77 12.34 23.13
N ASP P 225 -41.92 11.79 24.33
CA ASP P 225 -42.49 10.46 24.48
C ASP P 225 -43.99 10.50 24.18
N ALA P 226 -44.70 11.46 24.78
CA ALA P 226 -46.15 11.49 24.71
C ALA P 226 -46.66 11.84 23.32
N GLU P 227 -45.80 12.44 22.50
CA GLU P 227 -46.15 12.74 21.09
C GLU P 227 -46.08 11.43 20.31
N ALA P 228 -45.10 10.58 20.61
CA ALA P 228 -44.98 9.28 19.96
C ALA P 228 -46.07 8.32 20.38
N TYR P 229 -46.66 8.53 21.57
CA TYR P 229 -47.72 7.66 22.04
C TYR P 229 -49.03 7.90 21.30
N HIS P 230 -49.19 9.05 20.66
CA HIS P 230 -50.37 9.30 19.83
C HIS P 230 -50.16 8.95 18.37
N HIS P 231 -48.92 8.75 17.93
CA HIS P 231 -48.70 8.34 16.55
C HIS P 231 -48.99 6.86 16.36
N GLN P 232 -48.64 6.02 17.34
CA GLN P 232 -49.02 4.61 17.31
C GLN P 232 -50.41 4.39 17.90
N LEU P 233 -51.14 5.47 18.18
CA LEU P 233 -52.50 5.39 18.64
C LEU P 233 -53.49 5.80 17.57
N GLU P 234 -53.05 6.52 16.55
CA GLU P 234 -53.86 6.80 15.37
C GLU P 234 -53.75 5.72 14.32
N GLN P 235 -53.04 4.63 14.61
CA GLN P 235 -53.08 3.43 13.81
C GLN P 235 -53.66 2.25 14.57
N ILE P 236 -54.10 2.46 15.81
CA ILE P 236 -54.95 1.50 16.49
C ILE P 236 -56.41 1.73 16.11
N SER P 237 -56.81 2.98 15.96
CA SER P 237 -58.16 3.28 15.47
C SER P 237 -58.28 3.14 13.95
N GLN P 238 -57.21 2.72 13.28
CA GLN P 238 -57.25 2.30 11.89
C GLN P 238 -57.67 0.85 11.75
N LEU P 239 -57.56 0.06 12.82
CA LEU P 239 -57.92 -1.35 12.82
C LEU P 239 -59.44 -1.52 12.67
N PRO P 240 -59.89 -2.67 12.16
CA PRO P 240 -61.33 -2.90 12.05
C PRO P 240 -61.99 -3.08 13.40
N GLY P 241 -63.16 -2.48 13.55
CA GLY P 241 -63.91 -2.49 14.79
C GLY P 241 -63.93 -1.15 15.50
N ARG P 242 -63.01 -0.25 15.17
CA ARG P 242 -62.93 1.06 15.77
C ARG P 242 -63.76 2.04 14.94
N ASP P 243 -63.63 3.33 15.25
CA ASP P 243 -64.15 4.38 14.38
C ASP P 243 -63.14 5.52 14.34
N GLN P 244 -63.26 6.36 13.31
CA GLN P 244 -62.25 7.36 13.03
C GLN P 244 -62.79 8.78 12.99
N ARG P 245 -64.10 8.99 13.12
CA ARG P 245 -64.62 10.35 13.04
C ARG P 245 -64.33 11.14 14.31
N LEU P 246 -64.49 10.52 15.47
CA LEU P 246 -64.20 11.19 16.74
C LEU P 246 -62.82 10.84 17.28
N SER P 247 -62.30 9.66 16.94
CA SER P 247 -61.03 9.23 17.53
C SER P 247 -59.83 9.90 16.88
N MET P 248 -59.85 10.06 15.54
CA MET P 248 -58.68 10.60 14.85
C MET P 248 -58.40 12.08 15.18
N PRO P 249 -59.33 13.04 14.97
CA PRO P 249 -58.93 14.44 15.17
C PRO P 249 -58.78 14.83 16.62
N MET P 250 -59.31 14.04 17.54
CA MET P 250 -59.13 14.30 18.96
C MET P 250 -57.70 14.08 19.39
N GLN P 251 -57.02 13.09 18.79
CA GLN P 251 -55.67 12.74 19.16
C GLN P 251 -54.64 13.18 18.12
N GLN P 252 -55.07 13.70 16.97
CA GLN P 252 -54.18 14.47 16.12
C GLN P 252 -53.96 15.86 16.68
N THR P 253 -54.94 16.38 17.42
CA THR P 253 -54.79 17.68 18.08
C THR P 253 -53.75 17.60 19.19
N LEU P 254 -53.75 16.51 19.95
CA LEU P 254 -52.83 16.36 21.06
C LEU P 254 -51.40 16.13 20.58
N ALA P 255 -51.21 15.43 19.47
CA ALA P 255 -49.85 15.16 18.99
C ALA P 255 -49.21 16.42 18.42
N ILE P 256 -50.00 17.36 17.92
CA ILE P 256 -49.46 18.67 17.55
C ILE P 256 -49.12 19.47 18.80
N GLY P 257 -49.95 19.34 19.84
CA GLY P 257 -49.73 20.09 21.06
C GLY P 257 -48.54 19.63 21.87
N HIS P 258 -48.17 18.35 21.75
CA HIS P 258 -46.97 17.87 22.41
C HIS P 258 -45.72 18.14 21.58
N ALA P 259 -45.86 18.34 20.27
CA ALA P 259 -44.70 18.67 19.45
C ALA P 259 -44.25 20.10 19.66
N MET P 260 -45.16 20.98 20.08
CA MET P 260 -44.78 22.36 20.35
C MET P 260 -44.19 22.52 21.74
N LEU P 261 -44.71 21.78 22.72
CA LEU P 261 -44.14 21.83 24.07
C LEU P 261 -42.78 21.16 24.13
N SER P 262 -42.55 20.14 23.29
CA SER P 262 -41.23 19.54 23.22
C SER P 262 -40.23 20.44 22.52
N ALA P 263 -40.70 21.26 21.58
CA ALA P 263 -39.80 22.20 20.91
C ALA P 263 -39.42 23.35 21.82
N GLU P 264 -40.36 23.80 22.66
CA GLU P 264 -40.05 24.86 23.61
C GLU P 264 -39.15 24.41 24.75
N GLY P 265 -38.94 23.11 24.91
CA GLY P 265 -38.10 22.63 25.98
C GLY P 265 -36.63 22.75 25.65
N ALA P 266 -36.23 22.39 24.44
CA ALA P 266 -34.82 22.43 24.09
C ALA P 266 -34.41 23.68 23.33
N VAL P 267 -35.35 24.47 22.83
CA VAL P 267 -35.03 25.82 22.40
C VAL P 267 -34.71 26.68 23.61
N GLY P 268 -35.47 26.51 24.68
CA GLY P 268 -35.17 27.22 25.92
C GLY P 268 -33.91 26.72 26.60
N ALA P 269 -33.61 25.42 26.46
CA ALA P 269 -32.39 24.89 27.03
C ALA P 269 -31.16 25.28 26.23
N THR P 270 -31.32 25.61 24.95
CA THR P 270 -30.20 26.09 24.16
C THR P 270 -29.88 27.55 24.47
N LEU P 271 -30.91 28.38 24.56
CA LEU P 271 -30.71 29.80 24.82
C LEU P 271 -30.38 30.11 26.27
N GLY P 272 -30.41 29.13 27.16
CA GLY P 272 -29.99 29.35 28.52
C GLY P 272 -28.58 28.86 28.75
N MET P 273 -28.21 27.81 28.02
CA MET P 273 -26.85 27.27 28.10
C MET P 273 -25.86 28.13 27.34
N ALA P 274 -26.28 28.72 26.22
CA ALA P 274 -25.41 29.56 25.41
C ALA P 274 -25.45 31.02 25.83
N THR P 275 -26.09 31.35 26.95
CA THR P 275 -26.11 32.70 27.49
C THR P 275 -25.53 32.76 28.88
N GLY P 276 -25.92 31.87 29.78
CA GLY P 276 -25.38 31.85 31.12
C GLY P 276 -24.00 31.24 31.21
N TYR P 321 -38.84 32.96 20.81
CA TYR P 321 -38.04 33.65 19.81
C TYR P 321 -38.59 33.40 18.40
N GLY P 322 -37.73 33.56 17.39
CA GLY P 322 -38.10 33.23 16.04
C GLY P 322 -38.06 31.75 15.72
N LEU P 323 -37.46 30.95 16.59
CA LEU P 323 -37.42 29.50 16.40
C LEU P 323 -38.72 28.83 16.80
N ASN P 324 -39.45 29.42 17.76
CA ASN P 324 -40.73 28.85 18.15
C ASN P 324 -41.82 29.12 17.12
N ASN P 325 -41.67 30.20 16.34
CA ASN P 325 -42.60 30.45 15.26
C ASN P 325 -42.21 29.71 13.98
N GLU P 326 -40.96 29.28 13.86
CA GLU P 326 -40.55 28.47 12.73
C GLU P 326 -41.07 27.04 12.87
N VAL P 327 -41.11 26.52 14.10
CA VAL P 327 -41.65 25.19 14.33
C VAL P 327 -43.19 25.23 14.39
N GLN P 328 -43.78 26.38 14.73
CA GLN P 328 -45.24 26.47 14.72
C GLN P 328 -45.76 26.53 13.29
N ASP P 329 -45.01 27.19 12.40
CA ASP P 329 -45.36 27.18 10.98
C ASP P 329 -45.09 25.83 10.34
N GLN P 330 -44.16 25.07 10.91
CA GLN P 330 -43.78 23.75 10.31
C GLN P 330 -44.81 22.66 10.63
N LEU P 331 -45.39 22.66 11.82
CA LEU P 331 -46.36 21.63 12.22
C LEU P 331 -47.74 21.83 11.62
N LYS P 332 -48.00 22.93 10.93
CA LYS P 332 -49.24 23.11 10.21
C LYS P 332 -49.15 22.64 8.76
N GLN P 333 -48.00 22.08 8.36
CA GLN P 333 -47.86 21.52 7.03
C GLN P 333 -48.38 20.08 7.00
N GLY P 334 -48.54 19.56 5.78
CA GLY P 334 -49.00 18.21 5.59
C GLY P 334 -50.49 18.07 5.86
N PRO P 335 -50.86 17.09 6.67
CA PRO P 335 -52.27 16.85 6.95
C PRO P 335 -52.82 17.88 7.94
N MET P 336 -54.12 17.75 8.20
CA MET P 336 -54.82 18.65 9.11
C MET P 336 -55.99 17.90 9.72
N SER P 337 -56.39 18.34 10.91
CA SER P 337 -57.37 17.61 11.71
C SER P 337 -58.77 17.70 11.11
N GLY P 338 -59.55 16.64 11.31
CA GLY P 338 -60.93 16.65 10.89
C GLY P 338 -61.76 17.61 11.72
N VAL P 339 -62.90 18.01 11.16
CA VAL P 339 -63.72 19.07 11.75
C VAL P 339 -64.65 18.45 12.78
N LEU P 340 -64.58 18.94 14.00
CA LEU P 340 -65.50 18.68 15.09
C LEU P 340 -66.29 19.95 15.40
N PRO P 341 -67.50 19.83 15.94
CA PRO P 341 -68.31 21.02 16.22
C PRO P 341 -67.73 21.86 17.35
N ARG P 342 -68.34 23.02 17.54
CA ARG P 342 -67.66 24.17 18.13
C ARG P 342 -67.64 24.16 19.66
N LEU P 343 -68.63 23.55 20.31
CA LEU P 343 -68.77 23.48 21.78
C LEU P 343 -68.84 24.88 22.40
N GLU P 344 -69.97 25.55 22.12
CA GLU P 344 -70.27 26.82 22.76
C GLU P 344 -70.75 26.62 24.18
N ILE P 345 -70.41 27.57 25.05
CA ILE P 345 -70.83 27.54 26.45
C ILE P 345 -71.48 28.86 26.80
N SER P 346 -72.70 28.79 27.35
CA SER P 346 -73.44 29.97 27.81
C SER P 346 -73.89 29.75 29.24
N ASN P 347 -73.50 30.65 30.13
CA ASN P 347 -73.85 30.54 31.54
C ASN P 347 -73.96 31.94 32.13
N VAL P 348 -73.95 32.02 33.46
CA VAL P 348 -74.06 33.32 34.13
C VAL P 348 -72.74 34.09 34.14
N LYS P 349 -71.63 33.41 33.87
CA LYS P 349 -70.32 34.06 33.82
C LYS P 349 -70.02 34.68 32.47
N GLY P 350 -70.87 34.47 31.47
CA GLY P 350 -70.70 35.04 30.16
C GLY P 350 -71.12 34.06 29.09
N ASP P 351 -70.72 34.35 27.86
CA ASP P 351 -70.95 33.47 26.72
C ASP P 351 -69.60 33.16 26.09
N PHE P 352 -69.08 31.97 26.36
CA PHE P 352 -67.75 31.56 25.93
C PHE P 352 -67.85 30.64 24.72
N THR P 353 -66.73 30.49 24.03
CA THR P 353 -66.65 29.63 22.86
C THR P 353 -65.23 29.11 22.74
N PHE P 354 -65.06 27.79 22.78
CA PHE P 354 -63.76 27.16 22.61
C PHE P 354 -63.70 26.51 21.24
N SER P 355 -62.59 25.81 20.95
CA SER P 355 -62.25 25.55 19.56
C SER P 355 -62.16 24.09 19.17
N MET P 356 -61.79 23.18 20.10
CA MET P 356 -61.71 21.72 19.94
C MET P 356 -60.56 21.29 19.02
N GLN P 357 -59.87 22.23 18.38
CA GLN P 357 -58.56 21.98 17.80
C GLN P 357 -57.46 22.63 18.64
N GLU P 358 -57.79 23.05 19.84
CA GLU P 358 -56.87 23.43 20.90
C GLU P 358 -56.60 22.22 21.78
N PRO P 359 -55.35 21.97 22.18
CA PRO P 359 -55.05 20.77 22.97
C PRO P 359 -55.56 20.82 24.40
N ALA P 360 -56.03 21.98 24.86
CA ALA P 360 -56.53 22.10 26.23
C ALA P 360 -58.03 21.88 26.33
N ALA P 361 -58.78 22.09 25.24
CA ALA P 361 -60.20 21.78 25.25
C ALA P 361 -60.46 20.31 24.93
N VAL P 362 -59.59 19.70 24.13
CA VAL P 362 -59.61 18.25 23.95
C VAL P 362 -59.30 17.54 25.27
N ARG P 363 -58.33 18.06 26.02
CA ARG P 363 -57.89 17.45 27.26
C ARG P 363 -58.95 17.55 28.35
N ALA P 364 -59.88 18.49 28.24
CA ALA P 364 -60.99 18.59 29.19
C ALA P 364 -62.24 17.88 28.71
N LEU P 365 -62.33 17.55 27.41
CA LEU P 365 -63.48 16.78 26.92
C LEU P 365 -63.36 15.33 27.35
N MET P 366 -62.16 14.76 27.30
CA MET P 366 -62.00 13.36 27.67
C MET P 366 -62.06 13.16 29.17
N ALA P 367 -61.77 14.20 29.96
CA ALA P 367 -61.98 14.11 31.41
C ALA P 367 -63.46 14.11 31.76
N TYR P 368 -64.31 14.66 30.88
CA TYR P 368 -65.74 14.61 31.09
C TYR P 368 -66.32 13.25 30.74
N LEU P 369 -65.80 12.62 29.69
CA LEU P 369 -66.28 11.32 29.26
C LEU P 369 -65.79 10.17 30.11
N GLY P 370 -65.00 10.44 31.14
CA GLY P 370 -64.45 9.41 31.98
C GLY P 370 -65.46 8.65 32.81
N PRO P 371 -66.00 9.27 33.87
CA PRO P 371 -66.72 8.51 34.90
C PRO P 371 -68.02 7.87 34.42
N LYS P 372 -68.38 6.78 35.09
CA LYS P 372 -69.57 6.02 34.75
C LYS P 372 -70.83 6.78 35.15
N GLU P 373 -71.95 6.34 34.61
CA GLU P 373 -73.24 6.87 35.02
C GLU P 373 -73.58 6.41 36.43
N ASP P 374 -74.44 7.17 37.09
CA ASP P 374 -74.90 6.85 38.43
C ASP P 374 -76.33 6.32 38.39
N THR P 375 -76.86 6.03 39.58
CA THR P 375 -78.24 5.56 39.69
C THR P 375 -79.24 6.62 39.26
N SER P 376 -78.90 7.89 39.47
CA SER P 376 -79.72 9.00 38.99
C SER P 376 -79.34 9.32 37.55
N MET P 377 -79.99 10.36 37.02
CA MET P 377 -79.71 11.04 35.75
C MET P 377 -79.95 10.20 34.50
N SER P 378 -80.31 8.92 34.62
CA SER P 378 -80.68 8.11 33.48
C SER P 378 -81.94 7.31 33.73
N SER P 379 -82.39 7.20 34.97
CA SER P 379 -83.67 6.60 35.28
C SER P 379 -84.80 7.52 34.79
N PRO P 380 -85.96 6.96 34.46
CA PRO P 380 -87.14 7.80 34.18
C PRO P 380 -87.75 8.42 35.43
N GLN P 381 -87.20 8.19 36.62
CA GLN P 381 -87.65 8.87 37.84
C GLN P 381 -87.35 10.36 37.77
N ALA P 382 -86.30 10.77 37.06
CA ALA P 382 -85.91 12.17 36.91
C ALA P 382 -85.95 12.57 35.45
N PRO P 383 -87.13 12.97 34.92
CA PRO P 383 -87.18 13.43 33.52
C PRO P 383 -86.89 14.92 33.36
N LYS P 384 -86.31 15.55 34.38
CA LYS P 384 -86.21 17.00 34.46
C LYS P 384 -85.36 17.62 33.35
N GLU P 385 -84.05 17.36 33.37
CA GLU P 385 -83.16 17.87 32.32
C GLU P 385 -82.07 16.87 31.99
N ALA P 386 -82.14 15.65 32.51
CA ALA P 386 -80.99 14.77 32.56
C ALA P 386 -80.81 13.92 31.32
N GLN P 387 -81.90 13.35 30.80
CA GLN P 387 -81.83 12.34 29.74
C GLN P 387 -81.38 12.89 28.40
N GLU P 388 -81.42 14.20 28.20
CA GLU P 388 -80.86 14.75 26.97
C GLU P 388 -79.39 15.13 27.11
N MET P 389 -78.87 15.26 28.32
CA MET P 389 -77.45 15.50 28.53
C MET P 389 -76.69 14.28 29.04
N GLU P 390 -77.40 13.23 29.45
CA GLU P 390 -76.76 11.99 29.88
C GLU P 390 -76.67 10.98 28.74
N ALA P 391 -77.72 10.87 27.93
CA ALA P 391 -77.65 10.03 26.74
C ALA P 391 -76.78 10.66 25.66
N ALA P 392 -76.60 11.98 25.68
CA ALA P 392 -75.59 12.60 24.84
C ALA P 392 -74.19 12.35 25.39
N ARG P 393 -74.07 12.19 26.70
CA ARG P 393 -72.77 11.87 27.29
C ARG P 393 -72.38 10.44 26.99
N LEU P 394 -73.33 9.51 27.09
CA LEU P 394 -73.03 8.11 26.86
C LEU P 394 -72.87 7.76 25.40
N THR P 395 -73.42 8.56 24.48
CA THR P 395 -73.26 8.24 23.07
C THR P 395 -71.92 8.69 22.52
N LEU P 396 -71.16 9.49 23.28
CA LEU P 396 -69.78 9.78 22.94
C LEU P 396 -68.82 8.83 23.64
N LYS P 397 -69.16 8.43 24.87
CA LYS P 397 -68.35 7.48 25.61
C LYS P 397 -68.39 6.10 24.95
N GLN P 398 -69.53 5.74 24.37
CA GLN P 398 -69.60 4.53 23.55
C GLN P 398 -68.93 4.74 22.21
N MET P 399 -68.89 5.99 21.73
CA MET P 399 -68.30 6.26 20.43
C MET P 399 -66.78 6.14 20.46
N LEU P 400 -66.16 6.35 21.63
CA LEU P 400 -64.77 5.96 21.77
C LEU P 400 -64.64 4.46 21.86
N GLY P 401 -65.50 3.81 22.63
CA GLY P 401 -65.45 2.37 22.79
C GLY P 401 -65.59 1.95 24.22
N SER P 402 -65.91 2.91 25.10
CA SER P 402 -66.00 2.65 26.53
C SER P 402 -67.44 2.30 26.90
N SER P 403 -67.63 1.12 27.48
CA SER P 403 -68.93 0.74 28.00
C SER P 403 -69.25 1.55 29.26
N PRO P 404 -70.54 1.74 29.58
CA PRO P 404 -70.89 2.50 30.78
C PRO P 404 -70.51 1.85 32.11
N ASN P 405 -69.98 0.62 32.12
CA ASN P 405 -69.41 0.06 33.34
C ASN P 405 -68.04 0.65 33.65
N GLU P 406 -67.32 1.12 32.63
CA GLU P 406 -65.93 1.51 32.76
C GLU P 406 -65.81 2.88 33.43
N HIS P 407 -64.95 2.98 34.46
CA HIS P 407 -64.94 4.18 35.28
C HIS P 407 -63.90 5.21 34.84
N LEU P 408 -62.61 4.87 34.89
CA LEU P 408 -61.49 5.66 34.34
C LEU P 408 -61.43 7.08 34.94
N VAL P 409 -61.13 7.14 36.23
CA VAL P 409 -60.92 8.42 36.90
C VAL P 409 -59.46 8.84 36.72
N PRO P 410 -59.17 10.12 36.40
CA PRO P 410 -57.77 10.57 36.25
C PRO P 410 -56.95 10.54 37.53
N ASP P 411 -55.67 10.89 37.43
CA ASP P 411 -54.72 10.62 38.50
C ASP P 411 -53.92 11.85 38.90
N VAL P 412 -53.72 12.78 37.97
CA VAL P 412 -52.75 13.86 38.15
C VAL P 412 -53.27 14.87 39.17
N ASP P 413 -52.39 15.26 40.10
CA ASP P 413 -52.75 16.08 41.26
C ASP P 413 -51.47 16.62 41.88
N SER P 414 -51.63 17.22 43.06
CA SER P 414 -50.52 17.57 43.94
C SER P 414 -50.61 16.83 45.27
N LEU P 415 -51.43 15.78 45.35
CA LEU P 415 -51.67 15.04 46.56
C LEU P 415 -50.94 13.69 46.51
N LEU P 416 -51.07 12.92 47.59
CA LEU P 416 -50.45 11.60 47.65
C LEU P 416 -51.29 10.57 46.91
N LYS P 417 -52.51 10.34 47.36
CA LYS P 417 -53.41 9.36 46.78
C LYS P 417 -54.62 10.08 46.18
N LEU P 418 -55.53 9.29 45.59
CA LEU P 418 -56.68 9.84 44.89
C LEU P 418 -57.95 9.78 45.74
N SER P 419 -58.40 8.58 46.08
CA SER P 419 -59.60 8.33 46.87
C SER P 419 -59.61 6.85 47.26
N ASP P 420 -60.75 6.38 47.74
CA ASP P 420 -60.92 4.98 48.13
C ASP P 420 -61.87 4.21 47.23
N GLU P 421 -62.98 4.81 46.79
CA GLU P 421 -64.07 4.06 46.17
C GLU P 421 -63.99 4.00 44.66
N ASP P 422 -63.24 4.89 44.01
CA ASP P 422 -63.11 4.91 42.56
C ASP P 422 -61.82 4.24 42.08
N MET P 423 -61.24 3.38 42.90
CA MET P 423 -59.99 2.72 42.53
C MET P 423 -60.24 1.66 41.45
N PRO P 424 -59.25 1.42 40.60
CA PRO P 424 -59.34 0.28 39.67
C PRO P 424 -59.28 -1.03 40.44
N SER P 425 -59.99 -2.02 39.91
CA SER P 425 -60.39 -3.20 40.67
C SER P 425 -59.49 -4.40 40.46
N GLN P 426 -58.17 -4.18 40.29
CA GLN P 426 -57.09 -5.17 40.37
C GLN P 426 -57.07 -6.13 39.17
N THR P 427 -58.12 -6.11 38.35
CA THR P 427 -58.11 -6.82 37.08
C THR P 427 -57.62 -5.90 35.98
N GLU P 428 -58.00 -4.63 36.05
CA GLU P 428 -57.45 -3.62 35.16
C GLU P 428 -56.20 -2.95 35.72
N SER P 429 -55.99 -3.00 37.03
CA SER P 429 -54.71 -2.54 37.59
C SER P 429 -53.57 -3.43 37.15
N THR P 430 -53.81 -4.73 37.08
CA THR P 430 -52.81 -5.63 36.53
C THR P 430 -52.70 -5.45 35.03
N ALA P 431 -53.79 -5.08 34.38
CA ALA P 431 -53.78 -4.88 32.94
C ALA P 431 -53.15 -3.55 32.54
N ASN P 432 -53.32 -2.50 33.35
CA ASN P 432 -52.70 -1.21 33.03
C ASN P 432 -51.18 -1.27 33.17
N GLY P 433 -50.66 -2.12 34.06
CA GLY P 433 -49.23 -2.33 34.10
C GLY P 433 -48.69 -3.12 32.92
N ALA P 434 -49.57 -3.87 32.25
CA ALA P 434 -49.16 -4.58 31.05
C ALA P 434 -49.14 -3.67 29.82
N PHE P 435 -50.03 -2.68 29.76
CA PHE P 435 -50.00 -1.74 28.66
C PHE P 435 -48.83 -0.78 28.78
N LYS P 436 -48.51 -0.35 30.01
CA LYS P 436 -47.35 0.50 30.23
C LYS P 436 -46.05 -0.23 29.91
N LYS P 437 -46.04 -1.56 30.06
CA LYS P 437 -44.91 -2.34 29.60
C LYS P 437 -44.82 -2.33 28.09
N LEU P 438 -45.96 -2.36 27.39
CA LEU P 438 -45.91 -2.37 25.93
C LEU P 438 -45.54 -1.00 25.36
N LEU P 439 -45.82 0.08 26.08
CA LEU P 439 -45.42 1.41 25.60
C LEU P 439 -43.93 1.63 25.78
N SER P 440 -43.35 1.05 26.82
CA SER P 440 -41.97 1.35 27.16
C SER P 440 -41.10 0.10 27.10
N GLU P 441 -41.12 -0.55 25.95
CA GLU P 441 -40.30 -1.75 25.68
C GLU P 441 -40.03 -1.75 24.18
N ASP P 442 -40.79 -0.93 23.45
CA ASP P 442 -40.63 -0.86 22.01
C ASP P 442 -41.51 0.28 21.51
N TRP P 443 -41.20 0.77 20.32
CA TRP P 443 -42.02 1.80 19.72
C TRP P 443 -43.13 1.24 18.85
N ASP P 444 -43.27 -0.08 18.77
CA ASP P 444 -44.18 -0.68 17.80
C ASP P 444 -44.97 -1.85 18.37
N TRP P 445 -45.16 -1.93 19.68
CA TRP P 445 -45.81 -3.10 20.27
C TRP P 445 -47.23 -2.87 20.75
N LEU P 446 -47.70 -1.62 20.81
CA LEU P 446 -49.05 -1.41 21.31
C LEU P 446 -50.11 -1.74 20.24
N MET P 447 -49.81 -1.47 18.96
CA MET P 447 -50.79 -1.74 17.92
C MET P 447 -51.00 -3.23 17.63
N PRO P 448 -49.97 -4.07 17.45
CA PRO P 448 -50.26 -5.50 17.24
C PRO P 448 -50.67 -6.26 18.49
N ALA P 449 -50.68 -5.64 19.65
CA ALA P 449 -51.22 -6.29 20.85
C ALA P 449 -52.70 -5.99 21.04
N VAL P 450 -53.15 -4.80 20.67
CA VAL P 450 -54.58 -4.51 20.63
C VAL P 450 -55.23 -5.26 19.49
N ARG P 451 -54.52 -5.38 18.36
CA ARG P 451 -55.02 -6.16 17.22
C ARG P 451 -55.14 -7.64 17.56
N ALA P 452 -54.24 -8.15 18.40
CA ALA P 452 -54.33 -9.53 18.86
C ALA P 452 -55.38 -9.72 19.94
N MET P 453 -55.86 -8.64 20.54
CA MET P 453 -56.82 -8.73 21.63
C MET P 453 -58.26 -8.57 21.16
N ASP P 454 -58.47 -7.89 20.02
CA ASP P 454 -59.81 -7.81 19.45
C ASP P 454 -60.25 -9.13 18.86
N LYS P 455 -59.31 -9.99 18.48
CA LYS P 455 -59.62 -11.33 18.00
C LYS P 455 -59.81 -12.33 19.14
N GLY P 456 -59.69 -11.89 20.39
CA GLY P 456 -59.74 -12.81 21.51
C GLY P 456 -58.52 -13.67 21.66
N GLU P 457 -57.39 -13.29 21.07
CA GLU P 457 -56.17 -14.08 21.04
C GLU P 457 -55.10 -13.46 21.92
N ALA P 458 -55.49 -12.96 23.09
CA ALA P 458 -54.57 -12.24 23.96
C ALA P 458 -53.76 -13.14 24.88
N GLY P 459 -53.58 -14.40 24.51
CA GLY P 459 -52.71 -15.29 25.25
C GLY P 459 -51.48 -15.62 24.43
N LYS P 460 -51.55 -15.32 23.13
CA LYS P 460 -50.43 -15.50 22.21
C LYS P 460 -49.64 -14.22 21.99
N ILE P 461 -49.66 -13.32 22.98
CA ILE P 461 -48.97 -12.03 22.83
C ILE P 461 -47.47 -12.21 22.92
N ASN P 462 -46.99 -13.14 23.75
CA ASN P 462 -45.56 -13.36 23.92
C ASN P 462 -44.90 -13.94 22.66
N GLU P 463 -45.67 -14.57 21.78
CA GLU P 463 -45.12 -15.21 20.60
C GLU P 463 -45.38 -14.44 19.32
N LYS P 464 -46.46 -13.68 19.24
CA LYS P 464 -46.73 -12.90 18.04
C LYS P 464 -45.97 -11.59 17.99
N LEU P 465 -45.29 -11.21 19.05
CA LEU P 465 -44.52 -9.97 19.06
C LEU P 465 -43.02 -10.19 19.04
N THR P 466 -42.55 -11.44 19.14
CA THR P 466 -41.12 -11.71 19.18
C THR P 466 -40.52 -11.56 17.79
N TYR P 467 -39.41 -10.83 17.70
CA TYR P 467 -38.65 -10.74 16.46
C TYR P 467 -37.17 -10.69 16.80
N LYS P 468 -36.35 -10.87 15.78
CA LYS P 468 -34.91 -11.06 15.96
C LYS P 468 -34.13 -9.91 15.34
N LEU P 469 -33.15 -9.42 16.09
CA LEU P 469 -32.22 -8.40 15.65
C LEU P 469 -30.79 -8.93 15.77
N PRO P 470 -29.89 -8.49 14.90
CA PRO P 470 -28.50 -8.98 14.96
C PRO P 470 -27.73 -8.35 16.12
N LEU P 471 -26.56 -8.94 16.38
CA LEU P 471 -25.67 -8.45 17.43
C LEU P 471 -24.25 -8.89 17.11
N ASP P 472 -23.37 -7.92 16.88
CA ASP P 472 -21.95 -8.19 16.72
C ASP P 472 -21.38 -8.65 18.05
N ALA P 473 -20.97 -9.91 18.13
CA ALA P 473 -20.34 -10.43 19.33
C ALA P 473 -18.89 -10.79 19.02
N ALA P 474 -18.21 -11.40 19.98
CA ALA P 474 -16.84 -11.86 19.76
C ALA P 474 -16.76 -13.17 18.97
N ASN P 475 -17.91 -13.69 18.56
CA ASN P 475 -17.95 -14.95 17.76
C ASN P 475 -18.69 -14.70 16.43
N GLY P 476 -19.23 -13.51 16.20
CA GLY P 476 -19.92 -13.20 14.97
C GLY P 476 -21.34 -12.72 15.20
N ARG P 477 -22.07 -12.61 14.10
CA ARG P 477 -23.50 -12.31 14.17
C ARG P 477 -24.24 -13.48 14.81
N VAL P 478 -25.17 -13.16 15.72
CA VAL P 478 -25.78 -14.21 16.52
C VAL P 478 -27.29 -14.29 16.35
N TYR P 479 -27.93 -13.15 16.03
CA TYR P 479 -29.37 -13.04 15.75
C TYR P 479 -30.23 -13.54 16.91
N LEU P 480 -30.10 -12.81 18.02
CA LEU P 480 -30.93 -13.01 19.20
C LEU P 480 -32.27 -12.30 19.03
N ASP P 481 -33.24 -12.68 19.85
CA ASP P 481 -34.58 -12.11 19.75
C ASP P 481 -35.07 -11.32 20.95
N LYS P 482 -35.98 -10.38 20.68
CA LYS P 482 -36.56 -9.49 21.67
C LYS P 482 -38.02 -9.83 21.83
N SER P 483 -38.42 -10.23 23.04
CA SER P 483 -39.80 -10.60 23.29
C SER P 483 -40.35 -9.80 24.46
N PRO P 484 -41.62 -9.45 24.43
CA PRO P 484 -42.24 -8.84 25.61
C PRO P 484 -42.49 -9.89 26.69
N ASN P 485 -41.71 -9.84 27.77
CA ASN P 485 -41.82 -10.88 28.80
C ASN P 485 -42.99 -10.56 29.72
N LEU P 486 -44.19 -10.71 29.16
CA LEU P 486 -45.41 -10.62 29.95
C LEU P 486 -45.53 -11.84 30.83
N SER P 487 -45.68 -11.63 32.13
CA SER P 487 -45.88 -12.74 33.04
C SER P 487 -47.29 -13.30 32.87
N ASP P 488 -47.49 -14.50 33.40
CA ASP P 488 -48.79 -15.17 33.29
C ASP P 488 -49.88 -14.46 34.07
N ALA P 489 -49.52 -13.73 35.13
CA ALA P 489 -50.51 -13.02 35.93
C ALA P 489 -51.12 -11.85 35.15
N GLN P 490 -50.29 -11.11 34.42
CA GLN P 490 -50.75 -9.99 33.61
C GLN P 490 -51.07 -10.40 32.18
N LEU P 491 -50.85 -11.66 31.82
CA LEU P 491 -51.35 -12.16 30.55
C LEU P 491 -52.79 -12.64 30.69
N ASP P 492 -53.18 -13.01 31.92
CA ASP P 492 -54.57 -13.36 32.21
C ASP P 492 -55.43 -12.11 32.34
N ALA P 493 -54.86 -11.03 32.88
CA ALA P 493 -55.62 -9.80 33.06
C ALA P 493 -55.92 -9.10 31.74
N LEU P 494 -55.16 -9.38 30.70
CA LEU P 494 -55.49 -8.88 29.37
C LEU P 494 -56.60 -9.67 28.70
N ASP P 495 -56.96 -10.84 29.25
CA ASP P 495 -58.07 -11.60 28.70
C ASP P 495 -59.41 -11.10 29.23
N LYS P 496 -59.46 -10.72 30.51
CA LYS P 496 -60.71 -10.29 31.10
C LYS P 496 -61.15 -8.91 30.61
N LEU P 497 -60.22 -8.10 30.11
CA LEU P 497 -60.60 -7.00 29.23
C LEU P 497 -60.83 -7.58 27.84
N GLY P 498 -62.07 -7.45 27.34
CA GLY P 498 -62.39 -8.00 26.03
C GLY P 498 -61.69 -7.24 24.92
N SER P 499 -61.81 -5.92 24.93
CA SER P 499 -61.11 -5.07 24.00
C SER P 499 -60.79 -3.78 24.72
N PRO P 500 -59.59 -3.22 24.53
CA PRO P 500 -59.26 -1.95 25.18
C PRO P 500 -60.07 -0.82 24.55
N SER P 501 -60.77 -0.07 25.39
CA SER P 501 -61.49 1.09 24.89
C SER P 501 -60.50 2.16 24.46
N GLN P 502 -60.89 2.94 23.45
CA GLN P 502 -60.03 4.00 22.96
C GLN P 502 -59.86 5.11 23.99
N LEU P 503 -60.85 5.28 24.88
CA LEU P 503 -60.71 6.23 25.97
C LEU P 503 -59.68 5.77 26.99
N ARG P 504 -59.54 4.46 27.20
CA ARG P 504 -58.54 3.95 28.13
C ARG P 504 -57.13 4.16 27.58
N LEU P 505 -56.96 3.96 26.27
CA LEU P 505 -55.65 4.12 25.67
C LEU P 505 -55.22 5.57 25.57
N MET P 506 -56.16 6.51 25.54
CA MET P 506 -55.82 7.92 25.48
C MET P 506 -55.52 8.52 26.85
N TYR P 507 -56.08 7.95 27.93
CA TYR P 507 -55.61 8.34 29.25
C TYR P 507 -54.22 7.81 29.51
N LEU P 508 -53.90 6.66 28.94
CA LEU P 508 -52.59 6.06 29.10
C LEU P 508 -51.51 6.85 28.38
N ALA P 509 -51.84 7.42 27.23
CA ALA P 509 -50.91 8.22 26.45
C ALA P 509 -50.68 9.60 27.04
N GLU P 510 -51.51 10.04 27.98
CA GLU P 510 -51.34 11.31 28.66
C GLU P 510 -50.77 11.16 30.06
N GLY P 511 -50.50 9.93 30.49
CA GLY P 511 -50.00 9.71 31.83
C GLY P 511 -51.04 9.80 32.92
N TRP P 512 -52.32 9.71 32.57
CA TRP P 512 -53.37 9.78 33.56
C TRP P 512 -53.71 8.43 34.16
N ILE P 513 -53.15 7.35 33.63
CA ILE P 513 -53.24 6.06 34.27
C ILE P 513 -51.83 5.71 34.69
N ALA Q 71 -38.35 14.10 -41.39
CA ALA Q 71 -39.51 14.08 -42.27
C ALA Q 71 -39.55 15.31 -43.17
N SER Q 72 -38.71 16.30 -42.85
CA SER Q 72 -38.68 17.55 -43.59
C SER Q 72 -37.28 18.04 -43.93
N VAL Q 73 -36.23 17.49 -43.32
CA VAL Q 73 -34.88 17.95 -43.60
C VAL Q 73 -33.90 16.79 -43.46
N SER Q 74 -32.95 16.72 -44.39
CA SER Q 74 -31.89 15.71 -44.34
C SER Q 74 -30.68 16.29 -45.09
N GLU Q 75 -29.70 16.78 -44.34
CA GLU Q 75 -28.50 17.37 -44.91
C GLU Q 75 -27.39 16.33 -44.97
N GLY Q 76 -26.20 16.76 -45.38
CA GLY Q 76 -25.05 15.87 -45.48
C GLY Q 76 -23.78 16.71 -45.34
N VAL Q 77 -22.64 16.04 -45.42
CA VAL Q 77 -21.34 16.72 -45.43
C VAL Q 77 -20.38 16.10 -46.44
N LEU Q 78 -20.89 15.45 -47.48
CA LEU Q 78 -20.05 14.75 -48.45
C LEU Q 78 -19.52 15.77 -49.46
N ARG Q 79 -18.27 16.18 -49.28
CA ARG Q 79 -17.60 17.06 -50.22
C ARG Q 79 -16.87 16.30 -51.31
N LYS Q 80 -17.06 14.98 -51.39
CA LYS Q 80 -16.45 14.16 -52.42
C LYS Q 80 -17.45 13.59 -53.42
N LYS Q 81 -18.75 13.75 -53.17
CA LYS Q 81 -19.75 13.26 -54.11
C LYS Q 81 -19.86 14.18 -55.31
N TYR Q 82 -19.82 15.49 -55.09
CA TYR Q 82 -19.88 16.47 -56.17
C TYR Q 82 -18.62 17.33 -56.16
N THR Q 83 -17.46 16.69 -56.05
CA THR Q 83 -16.19 17.40 -55.91
C THR Q 83 -15.70 18.04 -57.20
N LYS Q 84 -16.37 17.83 -58.33
CA LYS Q 84 -15.97 18.47 -59.57
C LYS Q 84 -16.25 19.97 -59.55
N PHE Q 85 -17.25 20.41 -58.78
CA PHE Q 85 -17.56 21.82 -58.66
C PHE Q 85 -16.57 22.57 -57.77
N PHE Q 86 -15.79 21.85 -56.97
CA PHE Q 86 -14.84 22.47 -56.06
C PHE Q 86 -13.40 22.04 -56.34
N GLN Q 87 -13.15 21.33 -57.44
CA GLN Q 87 -11.80 20.86 -57.74
C GLN Q 87 -10.94 21.99 -58.30
N GLU Q 88 -11.36 22.57 -59.43
CA GLU Q 88 -10.60 23.63 -60.05
C GLU Q 88 -10.77 24.93 -59.27
N ASN Q 89 -9.88 25.88 -59.54
CA ASN Q 89 -9.87 27.18 -58.85
C ASN Q 89 -10.85 28.13 -59.53
N ILE Q 90 -12.13 27.85 -59.32
CA ILE Q 90 -13.21 28.69 -59.83
C ILE Q 90 -13.31 29.94 -58.97
N LYS Q 91 -12.94 31.08 -59.51
CA LYS Q 91 -12.90 32.34 -58.76
C LYS Q 91 -13.72 33.44 -59.44
N THR Q 92 -14.69 33.07 -60.26
CA THR Q 92 -15.51 34.04 -60.96
C THR Q 92 -16.98 33.67 -60.83
N HIS Q 93 -17.79 34.64 -60.39
CA HIS Q 93 -19.24 34.44 -60.35
C HIS Q 93 -19.82 34.35 -61.76
N LEU Q 94 -19.34 35.19 -62.66
CA LEU Q 94 -19.65 35.04 -64.07
C LEU Q 94 -18.94 33.82 -64.63
N ASP Q 95 -19.50 33.28 -65.72
CA ASP Q 95 -19.04 32.05 -66.39
C ASP Q 95 -18.98 30.86 -65.43
N LEU Q 96 -19.88 30.82 -64.45
CA LEU Q 96 -20.02 29.69 -63.55
C LEU Q 96 -21.32 28.93 -63.74
N LYS Q 97 -22.32 29.54 -64.38
CA LYS Q 97 -23.59 28.86 -64.63
C LYS Q 97 -23.43 27.76 -65.66
N GLN Q 98 -22.51 27.92 -66.62
CA GLN Q 98 -22.23 26.85 -67.56
C GLN Q 98 -21.49 25.70 -66.89
N ALA Q 99 -20.63 26.01 -65.92
CA ALA Q 99 -19.97 24.98 -65.14
C ALA Q 99 -20.88 24.38 -64.08
N LEU Q 100 -21.93 25.08 -63.68
CA LEU Q 100 -22.88 24.54 -62.71
C LEU Q 100 -23.96 23.68 -63.34
N LEU Q 101 -24.11 23.72 -64.66
CA LEU Q 101 -25.06 22.85 -65.35
C LEU Q 101 -24.68 21.38 -65.19
N LYS Q 102 -23.55 21.00 -65.81
CA LYS Q 102 -22.86 19.70 -65.62
C LYS Q 102 -23.73 18.48 -65.91
N GLU Q 103 -24.86 18.65 -66.60
CA GLU Q 103 -25.82 17.57 -66.82
C GLU Q 103 -26.74 17.98 -67.97
N GLU Q 104 -27.82 17.23 -68.15
CA GLU Q 104 -28.85 17.56 -69.13
C GLU Q 104 -29.98 18.38 -68.51
N LYS Q 105 -29.78 18.93 -67.32
CA LYS Q 105 -30.78 19.76 -66.66
C LYS Q 105 -30.30 21.20 -66.67
N PRO Q 106 -31.16 22.11 -67.11
CA PRO Q 106 -30.80 23.52 -67.27
C PRO Q 106 -31.63 24.44 -66.38
N GLU Q 107 -32.95 24.27 -66.37
CA GLU Q 107 -33.82 25.18 -65.62
C GLU Q 107 -33.72 25.00 -64.12
N THR Q 108 -33.34 23.80 -63.65
CA THR Q 108 -33.20 23.56 -62.23
C THR Q 108 -31.79 23.78 -61.72
N ALA Q 109 -30.80 23.81 -62.61
CA ALA Q 109 -29.44 24.18 -62.20
C ALA Q 109 -29.27 25.69 -62.09
N LEU Q 110 -30.15 26.46 -62.73
CA LEU Q 110 -30.15 27.91 -62.55
C LEU Q 110 -30.76 28.30 -61.22
N LEU Q 111 -31.59 27.43 -60.63
CA LEU Q 111 -32.24 27.76 -59.37
C LEU Q 111 -31.27 27.69 -58.20
N ALA Q 112 -30.32 26.75 -58.26
CA ALA Q 112 -29.25 26.71 -57.27
C ALA Q 112 -28.25 27.84 -57.45
N TYR Q 113 -28.16 28.40 -58.66
CA TYR Q 113 -27.29 29.54 -58.90
C TYR Q 113 -27.95 30.84 -58.47
N SER Q 114 -29.26 30.83 -58.22
CA SER Q 114 -29.99 32.04 -57.85
C SER Q 114 -29.69 32.51 -56.43
N LEU Q 115 -28.93 31.74 -55.65
CA LEU Q 115 -28.61 32.14 -54.29
C LEU Q 115 -27.61 33.29 -54.27
N VAL Q 116 -26.62 33.26 -55.17
CA VAL Q 116 -25.52 34.22 -55.18
C VAL Q 116 -25.56 35.14 -56.39
N SER Q 117 -26.51 34.97 -57.29
CA SER Q 117 -26.52 35.73 -58.55
C SER Q 117 -26.94 37.21 -58.48
N PRO Q 118 -27.89 37.67 -57.64
CA PRO Q 118 -28.10 39.13 -57.57
C PRO Q 118 -27.00 39.87 -56.84
N SER Q 119 -26.19 39.20 -56.03
CA SER Q 119 -25.04 39.80 -55.38
C SER Q 119 -23.73 39.35 -56.01
N GLY Q 120 -23.79 38.75 -57.19
CA GLY Q 120 -22.60 38.24 -57.84
C GLY Q 120 -21.73 39.28 -58.50
N TYR Q 121 -22.20 40.51 -58.60
CA TYR Q 121 -21.39 41.54 -59.24
C TYR Q 121 -21.23 42.81 -58.41
N ARG Q 122 -22.27 43.23 -57.70
CA ARG Q 122 -22.27 44.53 -57.03
C ARG Q 122 -21.87 44.37 -55.57
N GLY Q 123 -20.87 45.15 -55.15
CA GLY Q 123 -20.44 45.28 -53.77
C GLY Q 123 -20.07 44.01 -53.02
N GLU Q 124 -19.00 43.34 -53.41
CA GLU Q 124 -18.52 42.18 -52.66
C GLU Q 124 -17.01 42.07 -52.84
N PRO Q 125 -16.30 41.52 -51.86
CA PRO Q 125 -14.87 41.22 -52.06
C PRO Q 125 -14.65 39.83 -52.65
N LEU Q 126 -13.98 39.78 -53.81
CA LEU Q 126 -13.34 38.60 -54.42
C LEU Q 126 -14.35 37.58 -54.98
N THR Q 127 -15.64 37.78 -54.66
CA THR Q 127 -16.87 37.28 -55.29
C THR Q 127 -17.08 35.78 -55.17
N GLU Q 128 -16.07 35.04 -54.72
CA GLU Q 128 -16.18 33.60 -54.48
C GLU Q 128 -15.37 33.31 -53.23
N ARG Q 129 -16.02 33.41 -52.08
CA ARG Q 129 -15.40 32.93 -50.86
C ARG Q 129 -15.68 31.45 -50.73
N LYS Q 130 -14.82 30.75 -49.99
CA LYS Q 130 -14.78 29.30 -50.01
C LYS Q 130 -16.01 28.65 -49.38
N ILE Q 131 -16.79 29.40 -48.59
CA ILE Q 131 -18.05 28.88 -48.06
C ILE Q 131 -19.24 29.26 -48.91
N LEU Q 132 -19.07 30.17 -49.88
CA LEU Q 132 -20.17 30.53 -50.78
C LEU Q 132 -20.43 29.50 -51.86
N GLU Q 133 -19.53 28.53 -52.06
CA GLU Q 133 -19.84 27.45 -52.99
C GLU Q 133 -20.54 26.29 -52.30
N VAL Q 134 -20.16 25.99 -51.06
CA VAL Q 134 -20.77 24.88 -50.34
C VAL Q 134 -22.20 25.21 -49.93
N VAL Q 135 -22.54 26.50 -49.84
CA VAL Q 135 -23.94 26.88 -49.66
C VAL Q 135 -24.68 26.84 -50.99
N SER Q 136 -23.95 26.81 -52.11
CA SER Q 136 -24.54 26.72 -53.44
C SER Q 136 -24.44 25.32 -54.03
N LEU Q 137 -23.45 24.53 -53.63
CA LEU Q 137 -23.39 23.13 -54.05
C LEU Q 137 -24.43 22.30 -53.32
N LEU Q 138 -24.51 22.46 -52.00
CA LEU Q 138 -25.45 21.69 -51.19
C LEU Q 138 -26.83 22.34 -51.12
N ASP Q 139 -27.12 23.30 -51.99
CA ASP Q 139 -28.48 23.73 -52.27
C ASP Q 139 -29.11 22.66 -53.13
N GLU Q 140 -29.60 21.61 -52.47
CA GLU Q 140 -30.00 20.38 -53.15
C GLU Q 140 -31.42 20.58 -53.67
N VAL Q 141 -31.53 20.93 -54.94
CA VAL Q 141 -32.82 21.03 -55.60
C VAL Q 141 -33.01 19.89 -56.60
N LYS Q 142 -32.11 18.90 -56.58
CA LYS Q 142 -32.10 17.83 -57.58
C LYS Q 142 -33.27 16.89 -57.40
N VAL Q 143 -33.61 16.52 -56.16
CA VAL Q 143 -34.74 15.65 -55.89
C VAL Q 143 -36.02 16.46 -55.82
N ASP Q 144 -36.05 17.44 -54.93
CA ASP Q 144 -37.24 18.25 -54.69
C ASP Q 144 -37.01 19.67 -55.19
N GLY Q 145 -37.97 20.19 -55.94
CA GLY Q 145 -37.89 21.55 -56.44
C GLY Q 145 -39.08 22.38 -56.05
N ASP Q 146 -39.78 21.97 -55.00
CA ASP Q 146 -41.01 22.61 -54.58
C ASP Q 146 -40.89 23.38 -53.27
N THR Q 147 -40.21 22.81 -52.27
CA THR Q 147 -40.13 23.47 -50.97
C THR Q 147 -39.20 24.66 -50.99
N TYR Q 148 -38.08 24.56 -51.73
CA TYR Q 148 -37.19 25.71 -51.83
C TYR Q 148 -37.75 26.79 -52.74
N GLN Q 149 -38.51 26.40 -53.77
CA GLN Q 149 -39.14 27.39 -54.64
C GLN Q 149 -40.21 28.17 -53.90
N GLN Q 150 -40.95 27.50 -53.01
CA GLN Q 150 -41.94 28.19 -52.18
C GLN Q 150 -41.27 29.17 -51.22
N LEU Q 151 -40.07 28.82 -50.72
CA LEU Q 151 -39.31 29.77 -49.93
C LEU Q 151 -38.74 30.89 -50.80
N LYS Q 152 -38.45 30.60 -52.06
CA LYS Q 152 -37.94 31.64 -52.95
C LYS Q 152 -39.08 32.50 -53.52
N ASN Q 153 -40.28 31.94 -53.63
CA ASN Q 153 -41.41 32.79 -53.98
C ASN Q 153 -41.82 33.71 -52.82
N THR Q 154 -41.46 33.36 -51.59
CA THR Q 154 -41.87 34.13 -50.43
C THR Q 154 -40.85 35.21 -50.07
N PHE Q 155 -39.57 34.84 -50.01
CA PHE Q 155 -38.53 35.85 -49.95
C PHE Q 155 -38.43 36.58 -51.28
N ASP Q 156 -38.07 37.87 -51.21
CA ASP Q 156 -38.11 38.90 -52.27
C ASP Q 156 -39.53 39.29 -52.65
N SER Q 157 -40.53 38.62 -52.10
CA SER Q 157 -41.89 39.12 -51.99
C SER Q 157 -42.15 39.70 -50.62
N ILE Q 158 -41.40 39.22 -49.63
CA ILE Q 158 -41.36 39.84 -48.31
C ILE Q 158 -40.48 41.09 -48.33
N SER Q 159 -39.62 41.23 -49.33
CA SER Q 159 -38.64 42.32 -49.37
C SER Q 159 -39.17 43.52 -50.14
N LYS Q 160 -40.33 44.00 -49.79
CA LYS Q 160 -40.93 45.13 -50.49
C LYS Q 160 -41.39 46.24 -49.57
N ASP Q 161 -41.92 45.91 -48.39
CA ASP Q 161 -42.41 46.91 -47.46
C ASP Q 161 -41.28 47.53 -46.67
N PRO Q 162 -41.45 48.75 -46.17
CA PRO Q 162 -40.48 49.31 -45.22
C PRO Q 162 -40.50 48.60 -43.87
N ARG Q 163 -41.57 47.85 -43.56
CA ARG Q 163 -41.71 47.21 -42.26
C ARG Q 163 -40.66 46.12 -42.07
N MET Q 164 -40.31 45.41 -43.14
CA MET Q 164 -39.16 44.52 -43.08
C MET Q 164 -37.85 45.30 -43.02
N GLN Q 165 -37.81 46.46 -43.68
CA GLN Q 165 -36.58 47.23 -43.74
C GLN Q 165 -36.30 47.97 -42.44
N VAL Q 166 -37.34 48.43 -41.72
CA VAL Q 166 -37.10 49.05 -40.44
C VAL Q 166 -36.78 48.02 -39.36
N SER Q 167 -37.09 46.75 -39.60
CA SER Q 167 -36.61 45.69 -38.73
C SER Q 167 -35.14 45.38 -38.99
N LEU Q 168 -34.70 45.57 -40.24
CA LEU Q 168 -33.31 45.41 -40.62
C LEU Q 168 -32.50 46.69 -40.44
N GLU Q 169 -32.96 47.59 -39.58
CA GLU Q 169 -32.19 48.75 -39.16
C GLU Q 169 -32.12 48.89 -37.65
N ASN Q 170 -32.90 48.12 -36.89
CA ASN Q 170 -32.85 48.14 -35.44
C ASN Q 170 -31.75 47.23 -34.90
N GLN Q 171 -31.42 46.17 -35.61
CA GLN Q 171 -30.36 45.25 -35.21
C GLN Q 171 -29.00 45.68 -35.73
N TYR Q 172 -28.91 46.82 -36.40
CA TYR Q 172 -27.73 47.28 -37.10
C TYR Q 172 -27.42 48.72 -36.74
N PRO Q 173 -26.18 49.15 -36.92
CA PRO Q 173 -25.90 50.59 -37.09
C PRO Q 173 -26.22 51.03 -38.50
N GLY Q 174 -25.86 52.27 -38.84
CA GLY Q 174 -26.09 52.76 -40.20
C GLY Q 174 -25.36 51.99 -41.27
N LYS Q 175 -26.09 51.21 -42.04
CA LYS Q 175 -25.51 50.39 -43.10
C LYS Q 175 -26.22 50.61 -44.43
N GLY Q 206 -7.13 47.48 -9.21
CA GLY Q 206 -8.05 48.27 -8.42
C GLY Q 206 -9.47 47.75 -8.48
N VAL Q 207 -10.42 48.59 -8.09
CA VAL Q 207 -11.82 48.20 -8.13
C VAL Q 207 -12.36 48.22 -9.56
N GLY Q 208 -11.74 48.98 -10.46
CA GLY Q 208 -12.16 49.01 -11.84
C GLY Q 208 -11.81 47.76 -12.62
N LEU Q 209 -10.91 46.93 -12.10
CA LEU Q 209 -10.62 45.65 -12.72
C LEU Q 209 -11.63 44.59 -12.29
N LEU Q 210 -12.22 44.73 -11.10
CA LEU Q 210 -13.28 43.82 -10.69
C LEU Q 210 -14.58 44.11 -11.41
N VAL Q 211 -14.78 45.35 -11.85
CA VAL Q 211 -16.00 45.68 -12.58
C VAL Q 211 -15.93 45.19 -14.02
N ALA Q 212 -14.82 45.47 -14.70
CA ALA Q 212 -14.68 45.09 -16.10
C ALA Q 212 -14.55 43.59 -16.31
N THR Q 213 -14.14 42.85 -15.29
CA THR Q 213 -14.15 41.40 -15.37
C THR Q 213 -15.56 40.86 -15.19
N GLY Q 214 -16.34 41.46 -14.28
CA GLY Q 214 -17.71 41.02 -14.06
C GLY Q 214 -18.66 41.37 -15.20
N ARG Q 215 -18.35 42.41 -15.98
CA ARG Q 215 -19.14 42.71 -17.17
C ARG Q 215 -18.94 41.67 -18.27
N GLU Q 216 -17.82 40.95 -18.24
CA GLU Q 216 -17.54 39.95 -19.25
C GLU Q 216 -17.70 38.52 -18.76
N LEU Q 217 -17.81 38.30 -17.46
CA LEU Q 217 -18.33 37.03 -16.97
C LEU Q 217 -19.84 36.98 -17.00
N HIS Q 218 -20.50 38.13 -17.02
CA HIS Q 218 -21.93 38.17 -17.29
C HIS Q 218 -22.21 37.88 -18.75
N LYS Q 219 -21.32 38.34 -19.63
CA LYS Q 219 -21.47 38.11 -21.06
C LYS Q 219 -21.26 36.65 -21.42
N ALA Q 220 -20.37 35.96 -20.72
CA ALA Q 220 -20.10 34.56 -21.00
C ALA Q 220 -21.15 33.63 -20.43
N SER Q 221 -21.97 34.08 -19.49
CA SER Q 221 -22.96 33.22 -18.85
C SER Q 221 -24.35 33.39 -19.43
N VAL Q 222 -24.70 34.60 -19.89
CA VAL Q 222 -25.97 34.81 -20.57
C VAL Q 222 -25.96 34.11 -21.92
N ASN Q 223 -24.86 34.22 -22.66
CA ASN Q 223 -24.75 33.58 -23.96
C ASN Q 223 -24.48 32.09 -23.85
N GLY Q 224 -24.06 31.60 -22.69
CA GLY Q 224 -23.94 30.18 -22.50
C GLY Q 224 -25.25 29.52 -22.14
N ASP Q 225 -26.14 30.25 -21.48
CA ASP Q 225 -27.49 29.75 -21.27
C ASP Q 225 -28.27 29.74 -22.58
N ALA Q 226 -28.23 30.85 -23.31
CA ALA Q 226 -29.06 31.02 -24.50
C ALA Q 226 -28.63 30.11 -25.64
N GLU Q 227 -27.36 29.69 -25.67
CA GLU Q 227 -26.94 28.67 -26.61
C GLU Q 227 -27.58 27.32 -26.30
N ALA Q 228 -27.63 26.96 -25.00
CA ALA Q 228 -28.27 25.72 -24.59
C ALA Q 228 -29.77 25.71 -24.83
N TYR Q 229 -30.39 26.90 -24.88
CA TYR Q 229 -31.82 26.98 -25.12
C TYR Q 229 -32.19 26.69 -26.56
N HIS Q 230 -31.24 26.78 -27.49
CA HIS Q 230 -31.49 26.40 -28.87
C HIS Q 230 -31.10 24.96 -29.17
N HIS Q 231 -30.32 24.31 -28.30
CA HIS Q 231 -30.01 22.90 -28.52
C HIS Q 231 -31.19 22.00 -28.15
N GLN Q 232 -31.91 22.32 -27.08
CA GLN Q 232 -33.14 21.62 -26.76
C GLN Q 232 -34.34 22.18 -27.49
N LEU Q 233 -34.12 23.10 -28.43
CA LEU Q 233 -35.16 23.63 -29.26
C LEU Q 233 -35.10 23.11 -30.68
N GLU Q 234 -33.96 22.58 -31.09
CA GLU Q 234 -33.84 21.86 -32.36
C GLU Q 234 -34.17 20.38 -32.22
N GLN Q 235 -34.63 19.96 -31.04
CA GLN Q 235 -35.23 18.65 -30.87
C GLN Q 235 -36.70 18.74 -30.47
N ILE Q 236 -37.24 19.95 -30.37
CA ILE Q 236 -38.68 20.14 -30.31
C ILE Q 236 -39.26 20.15 -31.71
N SER Q 237 -38.57 20.76 -32.67
CA SER Q 237 -38.99 20.70 -34.06
C SER Q 237 -38.64 19.38 -34.73
N GLN Q 238 -38.06 18.43 -34.00
CA GLN Q 238 -37.90 17.05 -34.43
C GLN Q 238 -39.15 16.22 -34.16
N LEU Q 239 -40.02 16.69 -33.25
CA LEU Q 239 -41.24 16.00 -32.89
C LEU Q 239 -42.23 16.00 -34.06
N PRO Q 240 -43.15 15.03 -34.10
CA PRO Q 240 -44.15 15.02 -35.18
C PRO Q 240 -45.14 16.16 -35.04
N GLY Q 241 -45.47 16.77 -36.16
CA GLY Q 241 -46.36 17.91 -36.22
C GLY Q 241 -45.68 19.21 -36.54
N ARG Q 242 -44.36 19.27 -36.37
CA ARG Q 242 -43.58 20.46 -36.65
C ARG Q 242 -43.10 20.42 -38.10
N ASP Q 243 -42.21 21.34 -38.46
CA ASP Q 243 -41.47 21.25 -39.71
C ASP Q 243 -40.03 21.67 -39.45
N GLN Q 244 -39.15 21.27 -40.37
CA GLN Q 244 -37.72 21.40 -40.17
C GLN Q 244 -37.02 22.21 -41.24
N ARG Q 245 -37.70 22.63 -42.31
CA ARG Q 245 -37.03 23.36 -43.37
C ARG Q 245 -36.72 24.79 -42.96
N LEU Q 246 -37.67 25.46 -42.31
CA LEU Q 246 -37.45 26.83 -41.85
C LEU Q 246 -37.05 26.89 -40.39
N SER Q 247 -37.46 25.92 -39.58
CA SER Q 247 -37.21 25.98 -38.14
C SER Q 247 -35.78 25.63 -37.79
N MET Q 248 -35.20 24.60 -38.45
CA MET Q 248 -33.87 24.14 -38.08
C MET Q 248 -32.77 25.16 -38.39
N PRO Q 249 -32.57 25.62 -39.64
CA PRO Q 249 -31.38 26.47 -39.89
C PRO Q 249 -31.52 27.88 -39.33
N MET Q 250 -32.73 28.30 -38.99
CA MET Q 250 -32.93 29.60 -38.37
C MET Q 250 -32.36 29.62 -36.96
N GLN Q 251 -32.45 28.50 -36.24
CA GLN Q 251 -32.01 28.44 -34.86
C GLN Q 251 -30.71 27.65 -34.70
N GLN Q 252 -30.21 27.03 -35.78
CA GLN Q 252 -28.82 26.59 -35.79
C GLN Q 252 -27.88 27.76 -36.02
N THR Q 253 -28.35 28.80 -36.70
CA THR Q 253 -27.57 30.02 -36.89
C THR Q 253 -27.38 30.76 -35.57
N LEU Q 254 -28.43 30.81 -34.76
CA LEU Q 254 -28.35 31.53 -33.49
C LEU Q 254 -27.50 30.80 -32.47
N ALA Q 255 -27.50 29.46 -32.48
CA ALA Q 255 -26.70 28.74 -31.51
C ALA Q 255 -25.20 28.83 -31.81
N ILE Q 256 -24.84 29.02 -33.08
CA ILE Q 256 -23.45 29.32 -33.40
C ILE Q 256 -23.11 30.75 -32.99
N GLY Q 257 -24.07 31.67 -33.12
CA GLY Q 257 -23.81 33.05 -32.77
C GLY Q 257 -23.71 33.31 -31.29
N HIS Q 258 -24.36 32.48 -30.47
CA HIS Q 258 -24.19 32.60 -29.03
C HIS Q 258 -22.96 31.87 -28.53
N ALA Q 259 -22.45 30.90 -29.28
CA ALA Q 259 -21.22 30.22 -28.88
C ALA Q 259 -20.00 31.10 -29.10
N MET Q 260 -20.06 32.05 -30.02
CA MET Q 260 -18.94 32.94 -30.24
C MET Q 260 -18.96 34.11 -29.26
N LEU Q 261 -20.14 34.61 -28.91
CA LEU Q 261 -20.23 35.67 -27.92
C LEU Q 261 -19.91 35.17 -26.53
N SER Q 262 -20.20 33.91 -26.24
CA SER Q 262 -19.81 33.33 -24.96
C SER Q 262 -18.31 33.07 -24.89
N ALA Q 263 -17.68 32.79 -26.03
CA ALA Q 263 -16.24 32.60 -26.04
C ALA Q 263 -15.50 33.91 -25.89
N GLU Q 264 -16.03 35.00 -26.46
CA GLU Q 264 -15.42 36.31 -26.31
C GLU Q 264 -15.58 36.89 -24.91
N GLY Q 265 -16.45 36.31 -24.09
CA GLY Q 265 -16.66 36.81 -22.74
C GLY Q 265 -15.56 36.39 -21.79
N ALA Q 266 -15.15 35.13 -21.84
CA ALA Q 266 -14.15 34.65 -20.90
C ALA Q 266 -12.75 34.62 -21.47
N VAL Q 267 -12.58 34.75 -22.78
CA VAL Q 267 -11.26 35.07 -23.33
C VAL Q 267 -10.87 36.49 -22.97
N GLY Q 268 -11.83 37.42 -23.02
CA GLY Q 268 -11.56 38.78 -22.58
C GLY Q 268 -11.40 38.89 -21.08
N ALA Q 269 -12.09 38.05 -20.32
CA ALA Q 269 -11.94 38.06 -18.86
C ALA Q 269 -10.63 37.42 -18.43
N THR Q 270 -10.05 36.56 -19.25
CA THR Q 270 -8.75 35.98 -18.93
C THR Q 270 -7.63 36.97 -19.22
N LEU Q 271 -7.69 37.64 -20.37
CA LEU Q 271 -6.64 38.57 -20.74
C LEU Q 271 -6.72 39.90 -20.01
N GLY Q 272 -7.76 40.13 -19.21
CA GLY Q 272 -7.81 41.32 -18.40
C GLY Q 272 -7.39 41.04 -16.98
N MET Q 273 -7.65 39.82 -16.52
CA MET Q 273 -7.24 39.42 -15.19
C MET Q 273 -5.77 39.09 -15.12
N ALA Q 274 -5.22 38.53 -16.19
CA ALA Q 274 -3.80 38.17 -16.25
C ALA Q 274 -2.93 39.31 -16.76
N THR Q 275 -3.48 40.49 -16.93
CA THR Q 275 -2.71 41.67 -17.34
C THR Q 275 -2.79 42.79 -16.32
N GLY Q 276 -3.98 43.12 -15.83
CA GLY Q 276 -4.13 44.15 -14.84
C GLY Q 276 -3.77 43.71 -13.43
N TYR Q 321 -7.93 38.09 -30.26
CA TYR Q 321 -6.59 37.49 -30.36
C TYR Q 321 -6.62 36.28 -31.27
N GLY Q 322 -5.63 35.39 -31.10
CA GLY Q 322 -5.63 34.13 -31.82
C GLY Q 322 -6.54 33.08 -31.25
N LEU Q 323 -7.05 33.30 -30.04
CA LEU Q 323 -7.99 32.36 -29.43
C LEU Q 323 -9.40 32.53 -29.99
N ASN Q 324 -9.76 33.75 -30.40
CA ASN Q 324 -11.09 33.96 -30.98
C ASN Q 324 -11.19 33.41 -32.39
N ASN Q 325 -10.06 33.30 -33.10
CA ASN Q 325 -10.07 32.65 -34.41
C ASN Q 325 -9.92 31.15 -34.31
N GLU Q 326 -9.42 30.64 -33.18
CA GLU Q 326 -9.36 29.20 -32.97
C GLU Q 326 -10.74 28.63 -32.66
N VAL Q 327 -11.56 29.39 -31.94
CA VAL Q 327 -12.93 28.96 -31.66
C VAL Q 327 -13.85 29.26 -32.84
N GLN Q 328 -13.51 30.23 -33.68
CA GLN Q 328 -14.32 30.49 -34.88
C GLN Q 328 -14.10 29.41 -35.92
N ASP Q 329 -12.86 28.89 -36.01
CA ASP Q 329 -12.59 27.76 -36.88
C ASP Q 329 -13.16 26.46 -36.33
N GLN Q 330 -13.35 26.39 -35.02
CA GLN Q 330 -13.86 25.12 -34.42
C GLN Q 330 -15.38 24.99 -34.63
N LEU Q 331 -16.13 26.07 -34.50
CA LEU Q 331 -17.59 25.99 -34.60
C LEU Q 331 -18.08 25.81 -36.03
N LYS Q 332 -17.20 25.85 -37.03
CA LYS Q 332 -17.59 25.51 -38.39
C LYS Q 332 -17.36 24.04 -38.72
N GLN Q 333 -16.93 23.25 -37.74
CA GLN Q 333 -16.78 21.82 -37.93
C GLN Q 333 -18.10 21.11 -37.70
N GLY Q 334 -18.15 19.84 -38.11
CA GLY Q 334 -19.34 19.03 -37.94
C GLY Q 334 -20.43 19.39 -38.91
N PRO Q 335 -21.64 19.61 -38.41
CA PRO Q 335 -22.77 19.92 -39.29
C PRO Q 335 -22.71 21.37 -39.77
N MET Q 336 -23.68 21.71 -40.61
CA MET Q 336 -23.78 23.04 -41.18
C MET Q 336 -25.25 23.33 -41.49
N SER Q 337 -25.59 24.62 -41.49
CA SER Q 337 -26.98 25.04 -41.59
C SER Q 337 -27.55 24.78 -42.98
N GLY Q 338 -28.85 24.51 -43.02
CA GLY Q 338 -29.54 24.37 -44.28
C GLY Q 338 -29.65 25.69 -45.02
N VAL Q 339 -29.85 25.60 -46.32
CA VAL Q 339 -29.80 26.76 -47.19
C VAL Q 339 -31.17 27.44 -47.22
N LEU Q 340 -31.20 28.71 -46.85
CA LEU Q 340 -32.33 29.61 -46.99
C LEU Q 340 -32.01 30.66 -48.05
N PRO Q 341 -33.01 31.22 -48.72
CA PRO Q 341 -32.74 32.22 -49.77
C PRO Q 341 -32.18 33.51 -49.21
N ARG Q 342 -31.79 34.38 -50.14
CA ARG Q 342 -30.76 35.38 -49.88
C ARG Q 342 -31.28 36.65 -49.22
N LEU Q 343 -32.55 37.02 -49.44
CA LEU Q 343 -33.20 38.21 -48.88
C LEU Q 343 -32.46 39.49 -49.32
N GLU Q 344 -32.58 39.77 -50.62
CA GLU Q 344 -32.06 41.02 -51.17
C GLU Q 344 -32.99 42.18 -50.85
N ILE Q 345 -32.42 43.37 -50.65
CA ILE Q 345 -33.18 44.58 -50.36
C ILE Q 345 -32.76 45.66 -51.34
N SER Q 346 -33.73 46.27 -52.01
CA SER Q 346 -33.50 47.37 -52.94
C SER Q 346 -34.43 48.52 -52.57
N ASN Q 347 -33.85 49.69 -52.30
CA ASN Q 347 -34.64 50.86 -51.91
C ASN Q 347 -33.90 52.11 -52.40
N VAL Q 348 -34.31 53.27 -51.86
CA VAL Q 348 -33.68 54.53 -52.25
C VAL Q 348 -32.34 54.74 -51.57
N LYS Q 349 -32.04 54.00 -50.50
CA LYS Q 349 -30.77 54.12 -49.80
C LYS Q 349 -29.67 53.27 -50.43
N GLY Q 350 -30.00 52.45 -51.41
CA GLY Q 350 -29.03 51.63 -52.11
C GLY Q 350 -29.62 50.28 -52.44
N ASP Q 351 -28.73 49.35 -52.79
CA ASP Q 351 -29.10 47.95 -53.05
C ASP Q 351 -28.29 47.08 -52.11
N PHE Q 352 -28.92 46.60 -51.05
CA PHE Q 352 -28.25 45.82 -50.01
C PHE Q 352 -28.56 44.34 -50.18
N THR Q 353 -27.73 43.52 -49.54
CA THR Q 353 -27.90 42.06 -49.58
C THR Q 353 -27.36 41.48 -48.28
N PHE Q 354 -28.22 40.80 -47.53
CA PHE Q 354 -27.82 40.14 -46.30
C PHE Q 354 -27.77 38.64 -46.53
N SER Q 355 -27.50 37.87 -45.48
CA SER Q 355 -26.99 36.51 -45.68
C SER Q 355 -27.84 35.40 -45.10
N MET Q 356 -28.59 35.65 -44.02
CA MET Q 356 -29.53 34.73 -43.35
C MET Q 356 -28.83 33.56 -42.65
N GLN Q 357 -27.52 33.43 -42.81
CA GLN Q 357 -26.70 32.63 -41.92
C GLN Q 357 -25.86 33.50 -41.00
N GLU Q 358 -26.17 34.78 -40.94
CA GLU Q 358 -25.71 35.73 -39.95
C GLU Q 358 -26.72 35.79 -38.80
N PRO Q 359 -26.27 35.80 -37.54
CA PRO Q 359 -27.23 35.78 -36.43
C PRO Q 359 -27.99 37.08 -36.24
N ALA Q 360 -27.61 38.15 -36.93
CA ALA Q 360 -28.31 39.42 -36.80
C ALA Q 360 -29.41 39.61 -37.84
N ALA Q 361 -29.34 38.92 -38.98
CA ALA Q 361 -30.43 38.97 -39.95
C ALA Q 361 -31.52 37.97 -39.61
N VAL Q 362 -31.15 36.84 -38.99
CA VAL Q 362 -32.13 35.93 -38.42
C VAL Q 362 -32.91 36.62 -37.30
N ARG Q 363 -32.21 37.37 -36.45
CA ARG Q 363 -32.81 38.02 -35.31
C ARG Q 363 -33.77 39.14 -35.71
N ALA Q 364 -33.62 39.68 -36.92
CA ALA Q 364 -34.55 40.67 -37.43
C ALA Q 364 -35.65 40.08 -38.28
N LEU Q 365 -35.49 38.85 -38.75
CA LEU Q 365 -36.56 38.20 -39.50
C LEU Q 365 -37.68 37.76 -38.57
N MET Q 366 -37.34 37.24 -37.39
CA MET Q 366 -38.38 36.79 -36.47
C MET Q 366 -39.08 37.95 -35.79
N ALA Q 367 -38.43 39.12 -35.70
CA ALA Q 367 -39.13 40.30 -35.21
C ALA Q 367 -40.13 40.81 -36.22
N TYR Q 368 -39.96 40.49 -37.49
CA TYR Q 368 -40.93 40.86 -38.51
C TYR Q 368 -42.14 39.92 -38.49
N LEU Q 369 -41.91 38.64 -38.24
CA LEU Q 369 -42.99 37.66 -38.21
C LEU Q 369 -43.80 37.69 -36.94
N GLY Q 370 -43.49 38.58 -36.00
CA GLY Q 370 -44.19 38.65 -34.75
C GLY Q 370 -45.64 39.09 -34.83
N PRO Q 371 -45.88 40.39 -35.09
CA PRO Q 371 -47.23 40.94 -34.86
C PRO Q 371 -48.30 40.40 -35.79
N LYS Q 372 -49.53 40.42 -35.29
CA LYS Q 372 -50.67 39.91 -36.02
C LYS Q 372 -51.04 40.84 -37.17
N GLU Q 373 -51.85 40.31 -38.09
CA GLU Q 373 -52.39 41.12 -39.16
C GLU Q 373 -53.41 42.10 -38.61
N ASP Q 374 -53.62 43.19 -39.35
CA ASP Q 374 -54.60 44.21 -39.00
C ASP Q 374 -55.83 44.10 -39.89
N THR Q 375 -56.77 45.02 -39.67
CA THR Q 375 -57.99 45.06 -40.48
C THR Q 375 -57.68 45.41 -41.93
N SER Q 376 -56.65 46.21 -42.16
CA SER Q 376 -56.18 46.51 -43.50
C SER Q 376 -55.22 45.42 -43.97
N MET Q 377 -54.68 45.62 -45.19
CA MET Q 377 -53.59 44.89 -45.82
C MET Q 377 -53.90 43.42 -46.14
N SER Q 378 -55.07 42.91 -45.79
CA SER Q 378 -55.48 41.58 -46.20
C SER Q 378 -56.91 41.54 -46.71
N SER Q 379 -57.69 42.59 -46.47
CA SER Q 379 -59.00 42.72 -47.08
C SER Q 379 -58.86 42.96 -48.58
N PRO Q 380 -59.85 42.55 -49.38
CA PRO Q 380 -59.87 42.94 -50.79
C PRO Q 380 -60.24 44.40 -51.03
N GLN Q 381 -60.47 45.19 -49.99
CA GLN Q 381 -60.68 46.63 -50.14
C GLN Q 381 -59.41 47.33 -50.61
N ALA Q 382 -58.24 46.79 -50.27
CA ALA Q 382 -56.95 47.36 -50.68
C ALA Q 382 -56.18 46.35 -51.52
N PRO Q 383 -56.41 46.29 -52.84
CA PRO Q 383 -55.64 45.38 -53.68
C PRO Q 383 -54.35 45.99 -54.20
N LYS Q 384 -53.90 47.08 -53.60
CA LYS Q 384 -52.83 47.91 -54.15
C LYS Q 384 -51.49 47.19 -54.25
N GLU Q 385 -50.88 46.88 -53.10
CA GLU Q 385 -49.62 46.15 -53.09
C GLU Q 385 -49.55 45.18 -51.92
N ALA Q 386 -50.64 44.97 -51.20
CA ALA Q 386 -50.60 44.38 -49.86
C ALA Q 386 -50.66 42.86 -49.88
N GLN Q 387 -51.55 42.29 -50.69
CA GLN Q 387 -51.86 40.86 -50.61
C GLN Q 387 -50.72 39.97 -51.09
N GLU Q 388 -49.74 40.51 -51.81
CA GLU Q 388 -48.58 39.69 -52.15
C GLU Q 388 -47.47 39.78 -51.11
N MET Q 389 -47.50 40.80 -50.24
CA MET Q 389 -46.53 40.89 -49.16
C MET Q 389 -47.11 40.57 -47.79
N GLU Q 390 -48.43 40.44 -47.68
CA GLU Q 390 -49.08 40.05 -46.44
C GLU Q 390 -49.35 38.56 -46.39
N ALA Q 391 -49.78 37.97 -47.52
CA ALA Q 391 -49.93 36.53 -47.58
C ALA Q 391 -48.58 35.83 -47.65
N ALA Q 392 -47.53 36.52 -48.09
CA ALA Q 392 -46.18 36.00 -47.94
C ALA Q 392 -45.69 36.12 -46.50
N ARG Q 393 -46.19 37.12 -45.78
CA ARG Q 393 -45.84 37.24 -44.37
C ARG Q 393 -46.53 36.18 -43.53
N LEU Q 394 -47.80 35.92 -43.81
CA LEU Q 394 -48.54 34.93 -43.03
C LEU Q 394 -48.19 33.50 -43.38
N THR Q 395 -47.63 33.25 -44.56
CA THR Q 395 -47.27 31.88 -44.89
C THR Q 395 -45.94 31.45 -44.28
N LEU Q 396 -45.17 32.39 -43.73
CA LEU Q 396 -44.00 32.07 -42.92
C LEU Q 396 -44.35 32.01 -41.45
N LYS Q 397 -45.27 32.88 -41.01
CA LYS Q 397 -45.72 32.87 -39.62
C LYS Q 397 -46.49 31.60 -39.31
N GLN Q 398 -47.25 31.09 -40.28
CA GLN Q 398 -47.86 29.78 -40.14
C GLN Q 398 -46.83 28.67 -40.28
N MET Q 399 -45.75 28.92 -41.01
CA MET Q 399 -44.74 27.89 -41.24
C MET Q 399 -43.93 27.64 -39.98
N LEU Q 400 -43.81 28.64 -39.10
CA LEU Q 400 -43.29 28.35 -37.77
C LEU Q 400 -44.32 27.60 -36.95
N GLY Q 401 -45.57 28.03 -37.00
CA GLY Q 401 -46.62 27.38 -36.23
C GLY Q 401 -47.52 28.39 -35.54
N SER Q 402 -47.33 29.67 -35.85
CA SER Q 402 -48.05 30.74 -35.19
C SER Q 402 -49.31 31.08 -36.00
N SER Q 403 -50.46 30.96 -35.37
CA SER Q 403 -51.71 31.38 -35.99
C SER Q 403 -51.76 32.91 -36.07
N PRO Q 404 -52.52 33.47 -37.02
CA PRO Q 404 -52.61 34.94 -37.13
C PRO Q 404 -53.31 35.63 -35.97
N ASN Q 405 -53.86 34.91 -34.99
CA ASN Q 405 -54.35 35.55 -33.78
C ASN Q 405 -53.20 35.92 -32.84
N GLU Q 406 -52.07 35.21 -32.93
CA GLU Q 406 -50.99 35.33 -31.96
C GLU Q 406 -50.17 36.60 -32.20
N HIS Q 407 -49.94 37.39 -31.15
CA HIS Q 407 -49.36 38.71 -31.35
C HIS Q 407 -47.84 38.74 -31.19
N LEU Q 408 -47.32 38.41 -30.00
CA LEU Q 408 -45.89 38.21 -29.73
C LEU Q 408 -45.04 39.44 -30.07
N VAL Q 409 -45.27 40.51 -29.31
CA VAL Q 409 -44.45 41.72 -29.44
C VAL Q 409 -43.21 41.58 -28.56
N PRO Q 410 -42.00 41.97 -29.07
CA PRO Q 410 -40.79 41.87 -28.24
C PRO Q 410 -40.75 42.80 -27.04
N ASP Q 411 -39.68 42.71 -26.24
CA ASP Q 411 -39.68 43.32 -24.92
C ASP Q 411 -38.45 44.19 -24.69
N VAL Q 412 -37.34 43.87 -25.36
CA VAL Q 412 -36.05 44.47 -25.02
C VAL Q 412 -36.00 45.93 -25.44
N ASP Q 413 -35.51 46.78 -24.54
CA ASP Q 413 -35.54 48.23 -24.70
C ASP Q 413 -34.59 48.87 -23.68
N SER Q 414 -34.67 50.19 -23.57
CA SER Q 414 -34.05 50.94 -22.50
C SER Q 414 -35.10 51.67 -21.65
N LEU Q 415 -36.37 51.30 -21.79
CA LEU Q 415 -37.48 51.95 -21.12
C LEU Q 415 -37.98 51.09 -19.96
N LEU Q 416 -38.99 51.60 -19.25
CA LEU Q 416 -39.57 50.86 -18.14
C LEU Q 416 -40.56 49.81 -18.64
N LYS Q 417 -41.63 50.25 -19.29
CA LYS Q 417 -42.67 49.39 -19.80
C LYS Q 417 -42.68 49.44 -21.33
N LEU Q 418 -43.58 48.66 -21.92
CA LEU Q 418 -43.65 48.54 -23.38
C LEU Q 418 -44.75 49.39 -23.98
N SER Q 419 -46.00 49.11 -23.64
CA SER Q 419 -47.19 49.82 -24.13
C SER Q 419 -48.38 49.36 -23.29
N ASP Q 420 -49.59 49.68 -23.75
CA ASP Q 420 -50.82 49.27 -23.09
C ASP Q 420 -51.64 48.25 -23.86
N GLU Q 421 -51.73 48.38 -25.20
CA GLU Q 421 -52.70 47.61 -25.95
C GLU Q 421 -52.17 46.30 -26.53
N ASP Q 422 -50.86 46.13 -26.62
CA ASP Q 422 -50.27 44.91 -27.14
C ASP Q 422 -49.79 43.96 -26.04
N MET Q 423 -50.34 44.11 -24.83
CA MET Q 423 -49.93 43.27 -23.72
C MET Q 423 -50.46 41.85 -23.89
N PRO Q 424 -49.73 40.86 -23.37
CA PRO Q 424 -50.27 39.50 -23.32
C PRO Q 424 -51.45 39.43 -22.35
N SER Q 425 -52.40 38.56 -22.67
CA SER Q 425 -53.76 38.64 -22.12
C SER Q 425 -53.99 37.69 -20.96
N GLN Q 426 -52.97 37.47 -20.10
CA GLN Q 426 -53.05 36.85 -18.77
C GLN Q 426 -53.30 35.34 -18.82
N THR Q 427 -53.65 34.83 -20.01
CA THR Q 427 -53.71 33.39 -20.22
C THR Q 427 -52.37 32.88 -20.72
N GLU Q 428 -51.71 33.67 -21.57
CA GLU Q 428 -50.35 33.38 -21.97
C GLU Q 428 -49.31 34.02 -21.08
N SER Q 429 -49.67 35.07 -20.32
CA SER Q 429 -48.76 35.59 -19.30
C SER Q 429 -48.54 34.59 -18.19
N THR Q 430 -49.60 33.87 -17.80
CA THR Q 430 -49.45 32.79 -16.84
C THR Q 430 -48.73 31.61 -17.48
N ALA Q 431 -48.90 31.42 -18.79
CA ALA Q 431 -48.24 30.32 -19.47
C ALA Q 431 -46.77 30.61 -19.76
N ASN Q 432 -46.41 31.86 -20.03
CA ASN Q 432 -45.00 32.19 -20.28
C ASN Q 432 -44.17 32.05 -19.00
N GLY Q 433 -44.76 32.27 -17.83
CA GLY Q 433 -44.06 31.99 -16.60
C GLY Q 433 -43.90 30.51 -16.32
N ALA Q 434 -44.73 29.67 -16.93
CA ALA Q 434 -44.58 28.23 -16.82
C ALA Q 434 -43.48 27.70 -17.73
N PHE Q 435 -43.30 28.29 -18.91
CA PHE Q 435 -42.22 27.87 -19.79
C PHE Q 435 -40.86 28.31 -19.26
N LYS Q 436 -40.80 29.51 -18.68
CA LYS Q 436 -39.55 29.98 -18.06
C LYS Q 436 -39.18 29.13 -16.86
N LYS Q 437 -40.18 28.55 -16.18
CA LYS Q 437 -39.89 27.60 -15.13
C LYS Q 437 -39.30 26.33 -15.71
N LEU Q 438 -39.77 25.89 -16.88
CA LEU Q 438 -39.23 24.66 -17.46
C LEU Q 438 -37.83 24.85 -18.04
N LEU Q 439 -37.48 26.07 -18.45
CA LEU Q 439 -36.13 26.31 -18.94
C LEU Q 439 -35.13 26.37 -17.80
N SER Q 440 -35.55 26.84 -16.65
CA SER Q 440 -34.62 27.08 -15.56
C SER Q 440 -34.96 26.25 -14.34
N GLU Q 441 -35.20 24.95 -14.53
CA GLU Q 441 -35.18 24.00 -13.43
C GLU Q 441 -34.38 22.78 -13.86
N ASP Q 442 -34.23 22.60 -15.17
CA ASP Q 442 -33.58 21.41 -15.70
C ASP Q 442 -33.14 21.72 -17.12
N TRP Q 443 -32.18 20.95 -17.60
CA TRP Q 443 -31.73 21.12 -18.97
C TRP Q 443 -32.50 20.25 -19.96
N ASP Q 444 -33.51 19.51 -19.49
CA ASP Q 444 -34.16 18.51 -20.34
C ASP Q 444 -35.67 18.48 -20.19
N TRP Q 445 -36.30 19.56 -19.73
CA TRP Q 445 -37.73 19.53 -19.46
C TRP Q 445 -38.59 20.26 -20.47
N LEU Q 446 -38.01 21.03 -21.38
CA LEU Q 446 -38.85 21.76 -22.34
C LEU Q 446 -39.35 20.85 -23.45
N MET Q 447 -38.54 19.89 -23.88
CA MET Q 447 -38.96 19.01 -24.97
C MET Q 447 -40.05 18.00 -24.58
N PRO Q 448 -39.96 17.26 -23.47
CA PRO Q 448 -41.09 16.37 -23.14
C PRO Q 448 -42.31 17.07 -22.57
N ALA Q 449 -42.28 18.38 -22.37
CA ALA Q 449 -43.49 19.10 -21.99
C ALA Q 449 -44.25 19.64 -23.19
N VAL Q 450 -43.53 20.03 -24.26
CA VAL Q 450 -44.19 20.36 -25.51
C VAL Q 450 -44.72 19.10 -26.17
N ARG Q 451 -43.99 17.99 -26.04
CA ARG Q 451 -44.45 16.71 -26.56
C ARG Q 451 -45.69 16.22 -25.83
N ALA Q 452 -45.81 16.52 -24.54
CA ALA Q 452 -47.00 16.18 -23.78
C ALA Q 452 -48.16 17.12 -24.06
N MET Q 453 -47.89 18.27 -24.67
CA MET Q 453 -48.91 19.28 -24.92
C MET Q 453 -49.50 19.19 -26.31
N ASP Q 454 -48.75 18.62 -27.27
CA ASP Q 454 -49.30 18.38 -28.60
C ASP Q 454 -50.32 17.26 -28.59
N LYS Q 455 -50.23 16.35 -27.62
CA LYS Q 455 -51.20 15.29 -27.46
C LYS Q 455 -52.42 15.73 -26.66
N GLY Q 456 -52.48 16.98 -26.23
CA GLY Q 456 -53.55 17.44 -25.39
C GLY Q 456 -53.49 16.93 -23.97
N GLU Q 457 -52.32 16.47 -23.54
CA GLU Q 457 -52.14 15.86 -22.22
C GLU Q 457 -51.35 16.76 -21.28
N ALA Q 458 -51.64 18.06 -21.31
CA ALA Q 458 -50.86 19.05 -20.56
C ALA Q 458 -51.33 19.21 -19.13
N GLY Q 459 -52.00 18.21 -18.57
CA GLY Q 459 -52.36 18.22 -17.16
C GLY Q 459 -51.57 17.19 -16.41
N LYS Q 460 -50.94 16.28 -17.14
CA LYS Q 460 -50.07 15.25 -16.58
C LYS Q 460 -48.60 15.63 -16.64
N ILE Q 461 -48.31 16.93 -16.65
CA ILE Q 461 -46.93 17.38 -16.76
C ILE Q 461 -46.17 17.14 -15.47
N ASN Q 462 -46.83 17.28 -14.32
CA ASN Q 462 -46.18 17.09 -13.03
C ASN Q 462 -45.76 15.65 -12.78
N GLU Q 463 -46.36 14.68 -13.47
CA GLU Q 463 -46.08 13.28 -13.26
C GLU Q 463 -45.24 12.65 -14.35
N LYS Q 464 -45.32 13.15 -15.58
CA LYS Q 464 -44.51 12.59 -16.66
C LYS Q 464 -43.10 13.15 -16.69
N LEU Q 465 -42.79 14.14 -15.87
CA LEU Q 465 -41.44 14.68 -15.83
C LEU Q 465 -40.68 14.33 -14.57
N THR Q 466 -41.31 13.69 -13.59
CA THR Q 466 -40.66 13.37 -12.33
C THR Q 466 -39.70 12.20 -12.52
N TYR Q 467 -38.48 12.35 -12.03
CA TYR Q 467 -37.52 11.26 -12.01
C TYR Q 467 -36.70 11.35 -10.73
N LYS Q 468 -36.07 10.25 -10.38
CA LYS Q 468 -35.33 10.18 -9.08
C LYS Q 468 -33.81 10.10 -9.29
N LEU Q 469 -33.11 10.84 -8.46
CA LEU Q 469 -31.66 10.89 -8.39
C LEU Q 469 -31.21 10.50 -6.98
N PRO Q 470 -30.04 9.87 -6.84
CA PRO Q 470 -29.58 9.47 -5.51
C PRO Q 470 -29.06 10.64 -4.70
N LEU Q 471 -28.87 10.38 -3.41
CA LEU Q 471 -28.34 11.39 -2.50
C LEU Q 471 -27.69 10.67 -1.32
N ASP Q 472 -26.37 10.87 -1.17
CA ASP Q 472 -25.65 10.40 0.00
C ASP Q 472 -26.10 11.17 1.21
N ALA Q 473 -26.79 10.52 2.15
CA ALA Q 473 -27.18 11.16 3.38
C ALA Q 473 -26.45 10.49 4.55
N ALA Q 474 -26.81 10.86 5.77
CA ALA Q 474 -26.23 10.25 6.95
C ALA Q 474 -26.84 8.88 7.27
N ASN Q 475 -27.78 8.44 6.44
CA ASN Q 475 -28.45 7.13 6.63
C ASN Q 475 -28.31 6.27 5.36
N GLY Q 476 -27.62 6.74 4.33
CA GLY Q 476 -27.39 5.98 3.12
C GLY Q 476 -27.99 6.64 1.90
N ARG Q 477 -27.99 5.86 0.81
CA ARG Q 477 -28.63 6.29 -0.45
C ARG Q 477 -30.12 6.41 -0.14
N VAL Q 478 -30.80 7.38 -0.69
CA VAL Q 478 -32.20 7.60 -0.33
C VAL Q 478 -33.12 7.63 -1.55
N TYR Q 479 -32.59 8.05 -2.71
CA TYR Q 479 -33.28 8.08 -4.00
C TYR Q 479 -34.56 8.92 -3.95
N LEU Q 480 -34.35 10.21 -3.71
CA LEU Q 480 -35.40 11.21 -3.77
C LEU Q 480 -35.66 11.64 -5.21
N ASP Q 481 -36.79 12.29 -5.44
CA ASP Q 481 -37.15 12.70 -6.79
C ASP Q 481 -37.24 14.20 -7.02
N LYS Q 482 -37.10 14.58 -8.28
CA LYS Q 482 -37.17 15.97 -8.72
C LYS Q 482 -38.37 16.13 -9.64
N SER Q 483 -39.30 16.99 -9.26
CA SER Q 483 -40.49 17.20 -10.06
C SER Q 483 -40.66 18.69 -10.35
N PRO Q 484 -41.17 19.03 -11.53
CA PRO Q 484 -41.52 20.43 -11.78
C PRO Q 484 -42.79 20.81 -11.03
N ASN Q 485 -42.67 21.61 -9.99
CA ASN Q 485 -43.84 21.95 -9.16
C ASN Q 485 -44.65 23.06 -9.83
N LEU Q 486 -45.28 22.68 -10.93
CA LEU Q 486 -46.22 23.57 -11.60
C LEU Q 486 -47.48 23.67 -10.75
N SER Q 487 -47.87 24.89 -10.41
CA SER Q 487 -49.10 25.09 -9.68
C SER Q 487 -50.30 24.85 -10.60
N ASP Q 488 -51.47 24.69 -9.99
CA ASP Q 488 -52.69 24.43 -10.74
C ASP Q 488 -53.12 25.62 -11.58
N ALA Q 489 -52.74 26.84 -11.18
CA ALA Q 489 -53.12 28.03 -11.94
C ALA Q 489 -52.38 28.09 -13.28
N GLN Q 490 -51.09 27.75 -13.28
CA GLN Q 490 -50.31 27.73 -14.50
C GLN Q 490 -50.28 26.37 -15.17
N LEU Q 491 -50.92 25.36 -14.56
CA LEU Q 491 -51.14 24.11 -15.28
C LEU Q 491 -52.41 24.20 -16.13
N ASP Q 492 -53.34 25.08 -15.74
CA ASP Q 492 -54.53 25.34 -16.54
C ASP Q 492 -54.21 26.23 -17.73
N ALA Q 493 -53.28 27.17 -17.55
CA ALA Q 493 -52.92 28.09 -18.64
C ALA Q 493 -52.14 27.41 -19.74
N LEU Q 494 -51.52 26.26 -19.46
CA LEU Q 494 -50.89 25.47 -20.51
C LEU Q 494 -51.90 24.65 -21.30
N ASP Q 495 -53.15 24.54 -20.82
CA ASP Q 495 -54.18 23.85 -21.57
C ASP Q 495 -54.82 24.74 -22.62
N LYS Q 496 -55.02 26.03 -22.29
CA LYS Q 496 -55.69 26.93 -23.22
C LYS Q 496 -54.79 27.31 -24.39
N LEU Q 497 -53.48 27.19 -24.25
CA LEU Q 497 -52.61 27.10 -25.42
C LEU Q 497 -52.69 25.66 -25.94
N GLY Q 498 -53.17 25.49 -27.16
CA GLY Q 498 -53.30 24.15 -27.72
C GLY Q 498 -51.95 23.53 -28.00
N SER Q 499 -51.08 24.25 -28.69
CA SER Q 499 -49.72 23.83 -28.92
C SER Q 499 -48.86 25.08 -28.95
N PRO Q 500 -47.66 25.02 -28.36
CA PRO Q 500 -46.78 26.20 -28.41
C PRO Q 500 -46.25 26.39 -29.82
N SER Q 501 -46.42 27.59 -30.36
CA SER Q 501 -45.86 27.89 -31.65
C SER Q 501 -44.35 27.95 -31.55
N GLN Q 502 -43.68 27.58 -32.64
CA GLN Q 502 -42.22 27.60 -32.67
C GLN Q 502 -41.69 29.03 -32.60
N LEU Q 503 -42.48 30.00 -33.07
CA LEU Q 503 -42.09 31.40 -32.94
C LEU Q 503 -42.15 31.86 -31.49
N ARG Q 504 -43.08 31.32 -30.69
CA ARG Q 504 -43.15 31.68 -29.28
C ARG Q 504 -41.96 31.12 -28.51
N LEU Q 505 -41.54 29.90 -28.84
CA LEU Q 505 -40.42 29.30 -28.14
C LEU Q 505 -39.09 29.92 -28.52
N MET Q 506 -38.99 30.53 -29.69
CA MET Q 506 -37.75 31.18 -30.09
C MET Q 506 -37.62 32.59 -29.56
N TYR Q 507 -38.73 33.28 -29.27
CA TYR Q 507 -38.63 34.53 -28.52
C TYR Q 507 -38.25 34.25 -27.08
N LEU Q 508 -38.69 33.12 -26.54
CA LEU Q 508 -38.37 32.75 -25.18
C LEU Q 508 -36.90 32.41 -25.01
N ALA Q 509 -36.30 31.79 -26.02
CA ALA Q 509 -34.88 31.43 -25.98
C ALA Q 509 -33.96 32.62 -26.18
N GLU Q 510 -34.48 33.76 -26.62
CA GLU Q 510 -33.71 34.98 -26.79
C GLU Q 510 -33.97 35.98 -25.68
N GLY Q 511 -34.82 35.66 -24.72
CA GLY Q 511 -35.14 36.58 -23.65
C GLY Q 511 -36.08 37.69 -24.05
N TRP Q 512 -36.80 37.54 -25.16
CA TRP Q 512 -37.74 38.56 -25.59
C TRP Q 512 -39.13 38.39 -24.98
N ILE Q 513 -39.37 37.30 -24.28
CA ILE Q 513 -40.56 37.15 -23.49
C ILE Q 513 -40.11 37.12 -22.04
#